data_1XN6
#
_entry.id   1XN6
#
_entity_poly.entity_id   1
_entity_poly.type   'polypeptide(L)'
_entity_poly.pdbx_seq_one_letter_code
;MEQQNTLNDIKQTIVFNASIQKVWSVVSTAEGIASWFMPNDFVLEVGHEFHVQSPFGPSPCKVLEIDEPNHLSFSWDTDG
WVVSFDLKDLGDNKTEFTLIHGGWKHPDEILPKANAKSSIIRDRMSGGWVAIVNEKLKKVVEG
;
_entity_poly.pdbx_strand_id   A
#
# COMPACT_ATOMS: atom_id res chain seq x y z
N MET A 1 29.06 -12.02 8.28
CA MET A 1 28.42 -13.18 7.68
C MET A 1 27.98 -12.90 6.24
N GLU A 2 27.20 -11.84 6.10
CA GLU A 2 26.71 -11.45 4.79
C GLU A 2 25.82 -10.21 4.90
N GLN A 3 25.60 -9.58 3.76
CA GLN A 3 24.78 -8.38 3.71
C GLN A 3 23.59 -8.58 2.78
N GLN A 4 22.60 -7.71 2.92
CA GLN A 4 21.42 -7.78 2.10
C GLN A 4 21.71 -7.26 0.69
N ASN A 5 20.97 -7.80 -0.27
CA ASN A 5 21.15 -7.39 -1.66
C ASN A 5 19.80 -6.93 -2.22
N THR A 6 19.87 -6.20 -3.33
CA THR A 6 18.67 -5.69 -3.97
C THR A 6 17.85 -4.86 -2.99
N LEU A 7 16.78 -4.28 -3.50
CA LEU A 7 15.90 -3.47 -2.68
C LEU A 7 14.76 -4.33 -2.13
N ASN A 8 14.67 -4.37 -0.80
CA ASN A 8 13.63 -5.15 -0.15
C ASN A 8 12.29 -4.46 -0.33
N ASP A 9 11.25 -5.27 -0.45
CA ASP A 9 9.90 -4.75 -0.62
C ASP A 9 9.35 -4.31 0.74
N ILE A 10 9.15 -3.00 0.86
CA ILE A 10 8.62 -2.45 2.09
C ILE A 10 7.52 -3.36 2.64
N LYS A 11 7.91 -4.20 3.58
CA LYS A 11 6.97 -5.13 4.19
C LYS A 11 6.60 -4.63 5.59
N GLN A 12 5.30 -4.63 5.85
CA GLN A 12 4.81 -4.18 7.15
C GLN A 12 3.86 -5.23 7.74
N THR A 13 4.45 -6.22 8.39
CA THR A 13 3.66 -7.27 9.01
C THR A 13 3.19 -6.85 10.40
N ILE A 14 1.87 -6.81 10.56
CA ILE A 14 1.28 -6.42 11.82
C ILE A 14 -0.03 -7.19 12.03
N VAL A 15 -0.38 -7.38 13.29
CA VAL A 15 -1.60 -8.09 13.64
C VAL A 15 -2.58 -7.13 14.30
N PHE A 16 -3.73 -6.96 13.66
CA PHE A 16 -4.75 -6.06 14.18
C PHE A 16 -5.92 -6.86 14.79
N ASN A 17 -6.72 -6.16 15.57
CA ASN A 17 -7.87 -6.78 16.21
C ASN A 17 -9.09 -6.65 15.30
N ALA A 18 -9.07 -7.40 14.22
CA ALA A 18 -10.17 -7.39 13.26
C ALA A 18 -10.12 -8.65 12.41
N SER A 19 -11.07 -8.74 11.49
CA SER A 19 -11.15 -9.90 10.61
C SER A 19 -10.66 -9.53 9.21
N ILE A 20 -10.28 -10.55 8.46
CA ILE A 20 -9.78 -10.34 7.10
C ILE A 20 -10.82 -9.56 6.30
N GLN A 21 -12.09 -9.76 6.66
CA GLN A 21 -13.18 -9.09 5.98
C GLN A 21 -13.18 -7.59 6.33
N LYS A 22 -12.99 -7.32 7.61
CA LYS A 22 -12.97 -5.94 8.08
C LYS A 22 -11.70 -5.27 7.59
N VAL A 23 -10.57 -5.92 7.85
CA VAL A 23 -9.28 -5.38 7.43
C VAL A 23 -9.31 -5.11 5.93
N TRP A 24 -10.01 -5.97 5.21
CA TRP A 24 -10.12 -5.84 3.77
C TRP A 24 -10.97 -4.59 3.48
N SER A 25 -12.05 -4.46 4.24
CA SER A 25 -12.94 -3.33 4.07
C SER A 25 -12.15 -2.02 4.16
N VAL A 26 -11.09 -2.06 4.95
CA VAL A 26 -10.24 -0.90 5.14
C VAL A 26 -9.37 -0.70 3.90
N VAL A 27 -9.23 -1.78 3.15
CA VAL A 27 -8.41 -1.75 1.94
C VAL A 27 -9.27 -2.21 0.75
N SER A 28 -10.43 -1.58 0.61
CA SER A 28 -11.33 -1.92 -0.47
C SER A 28 -12.47 -0.90 -0.53
N THR A 29 -12.13 0.33 -0.16
CA THR A 29 -13.11 1.40 -0.17
C THR A 29 -12.47 2.71 -0.66
N ALA A 30 -13.28 3.75 -0.67
CA ALA A 30 -12.80 5.06 -1.11
C ALA A 30 -12.62 5.97 0.11
N GLU A 31 -13.58 5.88 1.02
CA GLU A 31 -13.54 6.68 2.23
C GLU A 31 -12.60 6.06 3.26
N GLY A 32 -12.68 4.74 3.36
CA GLY A 32 -11.83 4.02 4.30
C GLY A 32 -10.35 4.26 4.00
N ILE A 33 -10.00 4.11 2.73
CA ILE A 33 -8.62 4.31 2.31
C ILE A 33 -8.26 5.78 2.46
N ALA A 34 -9.14 6.64 1.97
CA ALA A 34 -8.93 8.07 2.04
C ALA A 34 -8.67 8.47 3.50
N SER A 35 -9.08 7.60 4.40
CA SER A 35 -8.91 7.84 5.83
C SER A 35 -7.47 7.50 6.23
N TRP A 36 -6.69 7.11 5.24
CA TRP A 36 -5.30 6.76 5.49
C TRP A 36 -4.63 6.51 4.13
N PHE A 37 -4.63 7.55 3.31
CA PHE A 37 -4.04 7.48 1.99
C PHE A 37 -4.18 8.80 1.24
N MET A 38 -5.41 9.06 0.81
CA MET A 38 -5.70 10.28 0.08
C MET A 38 -7.12 10.27 -0.47
N PRO A 39 -7.64 11.49 -0.76
CA PRO A 39 -8.99 11.63 -1.29
C PRO A 39 -9.05 11.23 -2.76
N ASN A 40 -9.87 10.22 -3.02
CA ASN A 40 -10.02 9.72 -4.38
C ASN A 40 -11.30 8.89 -4.47
N ASP A 41 -11.63 8.50 -5.70
CA ASP A 41 -12.82 7.70 -5.93
C ASP A 41 -12.41 6.28 -6.28
N PHE A 42 -11.94 5.56 -5.27
CA PHE A 42 -11.51 4.19 -5.46
C PHE A 42 -12.50 3.42 -6.33
N VAL A 43 -11.96 2.47 -7.08
CA VAL A 43 -12.79 1.65 -7.96
C VAL A 43 -12.32 0.19 -7.88
N LEU A 44 -13.20 -0.64 -7.35
CA LEU A 44 -12.90 -2.06 -7.22
C LEU A 44 -13.14 -2.76 -8.56
N GLU A 45 -12.21 -2.53 -9.48
CA GLU A 45 -12.30 -3.13 -10.80
C GLU A 45 -10.91 -3.49 -11.32
N VAL A 46 -10.86 -4.60 -12.04
CA VAL A 46 -9.60 -5.06 -12.60
C VAL A 46 -9.24 -4.21 -13.83
N GLY A 47 -8.00 -3.74 -13.83
CA GLY A 47 -7.52 -2.91 -14.92
C GLY A 47 -8.20 -1.54 -14.91
N HIS A 48 -8.84 -1.24 -13.79
CA HIS A 48 -9.52 0.03 -13.64
C HIS A 48 -8.58 1.06 -13.03
N GLU A 49 -8.46 2.19 -13.70
CA GLU A 49 -7.59 3.26 -13.23
C GLU A 49 -8.42 4.49 -12.84
N PHE A 50 -7.91 5.21 -11.85
CA PHE A 50 -8.59 6.40 -11.37
C PHE A 50 -7.59 7.52 -11.06
N HIS A 51 -8.11 8.58 -10.47
CA HIS A 51 -7.28 9.72 -10.13
C HIS A 51 -7.62 10.20 -8.71
N VAL A 52 -6.58 10.52 -7.95
CA VAL A 52 -6.76 10.98 -6.59
C VAL A 52 -6.50 12.48 -6.53
N GLN A 53 -6.84 13.07 -5.39
CA GLN A 53 -6.65 14.50 -5.20
C GLN A 53 -5.60 14.75 -4.12
N SER A 54 -4.39 15.08 -4.58
CA SER A 54 -3.29 15.34 -3.67
C SER A 54 -2.88 16.81 -3.75
N PRO A 55 -2.42 17.34 -2.59
CA PRO A 55 -1.99 18.74 -2.53
C PRO A 55 -0.64 18.93 -3.21
N PHE A 56 -0.08 17.81 -3.66
CA PHE A 56 1.22 17.84 -4.33
C PHE A 56 1.11 17.28 -5.76
N GLY A 57 -0.05 17.51 -6.36
CA GLY A 57 -0.29 17.02 -7.71
C GLY A 57 -1.13 15.75 -7.69
N PRO A 58 -1.85 15.52 -8.83
CA PRO A 58 -2.70 14.35 -8.95
C PRO A 58 -1.86 13.09 -9.20
N SER A 59 -2.28 12.01 -8.56
CA SER A 59 -1.57 10.75 -8.70
C SER A 59 -2.57 9.61 -8.92
N PRO A 60 -2.79 9.26 -10.22
CA PRO A 60 -3.71 8.20 -10.56
C PRO A 60 -3.12 6.83 -10.26
N CYS A 61 -3.98 5.83 -10.28
CA CYS A 61 -3.56 4.46 -10.01
C CYS A 61 -4.27 3.53 -10.99
N LYS A 62 -3.81 2.28 -11.01
CA LYS A 62 -4.39 1.29 -11.89
C LYS A 62 -4.38 -0.08 -11.21
N VAL A 63 -5.57 -0.59 -10.93
CA VAL A 63 -5.71 -1.87 -10.28
C VAL A 63 -5.10 -2.95 -11.17
N LEU A 64 -4.41 -3.89 -10.52
CA LEU A 64 -3.78 -4.99 -11.23
C LEU A 64 -4.59 -6.27 -11.03
N GLU A 65 -4.81 -6.60 -9.76
CA GLU A 65 -5.56 -7.80 -9.42
C GLU A 65 -6.55 -7.49 -8.29
N ILE A 66 -7.65 -8.21 -8.30
CA ILE A 66 -8.67 -8.04 -7.28
C ILE A 66 -9.04 -9.40 -6.69
N ASP A 67 -8.91 -9.49 -5.36
CA ASP A 67 -9.23 -10.72 -4.66
C ASP A 67 -9.53 -10.41 -3.20
N GLU A 68 -10.74 -9.91 -2.98
CA GLU A 68 -11.17 -9.56 -1.64
C GLU A 68 -10.80 -10.67 -0.66
N PRO A 69 -11.19 -11.92 -1.02
CA PRO A 69 -10.91 -13.07 -0.19
C PRO A 69 -9.43 -13.47 -0.29
N ASN A 70 -8.57 -12.50 -0.03
CA ASN A 70 -7.14 -12.74 -0.09
C ASN A 70 -6.40 -11.39 -0.05
N HIS A 71 -6.46 -10.68 -1.16
CA HIS A 71 -5.82 -9.39 -1.27
C HIS A 71 -6.00 -8.83 -2.68
N LEU A 72 -5.35 -7.70 -2.93
CA LEU A 72 -5.43 -7.06 -4.23
C LEU A 72 -4.13 -6.33 -4.52
N SER A 73 -3.97 -5.93 -5.77
CA SER A 73 -2.77 -5.22 -6.20
C SER A 73 -3.14 -4.09 -7.16
N PHE A 74 -2.35 -3.03 -7.11
CA PHE A 74 -2.57 -1.88 -7.97
C PHE A 74 -1.29 -1.08 -8.16
N SER A 75 -1.16 -0.52 -9.36
CA SER A 75 0.02 0.26 -9.69
C SER A 75 -0.24 1.73 -9.37
N TRP A 76 0.84 2.50 -9.35
CA TRP A 76 0.74 3.93 -9.07
C TRP A 76 1.28 4.69 -10.28
N ASP A 77 0.37 5.41 -10.94
CA ASP A 77 0.74 6.18 -12.10
C ASP A 77 1.41 7.49 -11.66
N THR A 78 1.81 8.27 -12.64
CA THR A 78 2.46 9.55 -12.37
C THR A 78 3.43 9.40 -11.19
N ASP A 79 4.10 8.26 -11.16
CA ASP A 79 5.06 7.98 -10.09
C ASP A 79 5.89 6.75 -10.47
N GLY A 80 5.20 5.64 -10.62
CA GLY A 80 5.86 4.39 -10.97
C GLY A 80 6.16 3.57 -9.72
N TRP A 81 5.11 3.29 -8.96
CA TRP A 81 5.25 2.52 -7.74
C TRP A 81 4.11 1.51 -7.69
N VAL A 82 4.22 0.57 -6.76
CA VAL A 82 3.20 -0.45 -6.60
C VAL A 82 2.95 -0.68 -5.11
N VAL A 83 1.67 -0.75 -4.75
CA VAL A 83 1.29 -0.97 -3.37
C VAL A 83 0.27 -2.11 -3.29
N SER A 84 0.67 -3.19 -2.63
CA SER A 84 -0.19 -4.34 -2.48
C SER A 84 -0.39 -4.66 -1.00
N PHE A 85 -1.65 -4.83 -0.63
CA PHE A 85 -1.99 -5.14 0.75
C PHE A 85 -2.45 -6.59 0.88
N ASP A 86 -1.63 -7.37 1.57
CA ASP A 86 -1.95 -8.77 1.78
C ASP A 86 -2.81 -8.92 3.04
N LEU A 87 -3.58 -10.00 3.08
CA LEU A 87 -4.45 -10.26 4.20
C LEU A 87 -4.40 -11.76 4.54
N LYS A 88 -4.38 -12.04 5.83
CA LYS A 88 -4.34 -13.42 6.30
C LYS A 88 -5.38 -13.62 7.39
N ASP A 89 -6.23 -14.62 7.18
CA ASP A 89 -7.27 -14.92 8.14
C ASP A 89 -6.68 -15.68 9.32
N LEU A 90 -6.59 -14.99 10.45
CA LEU A 90 -6.04 -15.58 11.65
C LEU A 90 -7.19 -16.13 12.51
N GLY A 91 -8.22 -15.32 12.66
CA GLY A 91 -9.37 -15.70 13.44
C GLY A 91 -9.44 -14.91 14.75
N ASP A 92 -10.33 -15.34 15.63
CA ASP A 92 -10.50 -14.68 16.91
C ASP A 92 -10.67 -13.17 16.70
N ASN A 93 -11.20 -12.83 15.52
CA ASN A 93 -11.41 -11.43 15.18
C ASN A 93 -10.06 -10.76 14.97
N LYS A 94 -9.11 -11.54 14.49
CA LYS A 94 -7.76 -11.02 14.24
C LYS A 94 -7.35 -11.37 12.81
N THR A 95 -6.49 -10.53 12.26
CA THR A 95 -6.00 -10.73 10.91
C THR A 95 -4.60 -10.16 10.75
N GLU A 96 -3.81 -10.84 9.94
CA GLU A 96 -2.43 -10.42 9.69
C GLU A 96 -2.37 -9.46 8.50
N PHE A 97 -1.82 -8.29 8.74
CA PHE A 97 -1.70 -7.28 7.70
C PHE A 97 -0.25 -7.16 7.23
N THR A 98 -0.07 -7.23 5.93
CA THR A 98 1.26 -7.12 5.34
C THR A 98 1.25 -6.13 4.17
N LEU A 99 1.80 -4.96 4.42
CA LEU A 99 1.87 -3.93 3.41
C LEU A 99 3.15 -4.10 2.58
N ILE A 100 2.96 -4.36 1.29
CA ILE A 100 4.07 -4.55 0.39
C ILE A 100 4.10 -3.42 -0.63
N HIS A 101 5.15 -2.61 -0.56
CA HIS A 101 5.30 -1.50 -1.47
C HIS A 101 6.72 -1.48 -2.04
N GLY A 102 6.80 -1.73 -3.34
CA GLY A 102 8.09 -1.75 -4.01
C GLY A 102 8.18 -0.63 -5.05
N GLY A 103 8.76 -0.97 -6.19
CA GLY A 103 8.92 0.00 -7.27
C GLY A 103 10.29 -0.14 -7.93
N TRP A 104 11.32 -0.09 -7.09
CA TRP A 104 12.68 -0.21 -7.58
C TRP A 104 13.15 -1.64 -7.34
N LYS A 105 14.31 -1.95 -7.90
CA LYS A 105 14.88 -3.28 -7.76
C LYS A 105 16.25 -3.18 -7.10
N HIS A 106 17.20 -2.65 -7.87
CA HIS A 106 18.56 -2.49 -7.37
C HIS A 106 18.70 -1.11 -6.71
N PRO A 107 19.47 -1.09 -5.58
CA PRO A 107 19.69 0.14 -4.86
C PRO A 107 20.70 1.04 -5.59
N ASP A 108 20.15 1.94 -6.41
CA ASP A 108 20.99 2.85 -7.17
C ASP A 108 20.13 3.59 -8.20
N GLU A 109 19.28 2.83 -8.87
CA GLU A 109 18.40 3.39 -9.87
C GLU A 109 17.65 4.60 -9.30
N ILE A 110 17.13 5.41 -10.21
CA ILE A 110 16.38 6.59 -9.80
C ILE A 110 15.14 6.73 -10.69
N LEU A 111 14.06 7.18 -10.08
CA LEU A 111 12.82 7.37 -10.80
C LEU A 111 12.62 8.86 -11.10
N PRO A 112 11.76 9.14 -12.12
CA PRO A 112 11.48 10.51 -12.50
C PRO A 112 10.56 11.20 -11.49
N LYS A 113 10.32 12.47 -11.73
CA LYS A 113 9.46 13.24 -10.85
C LYS A 113 10.14 13.40 -9.48
N ALA A 114 10.19 12.30 -8.75
CA ALA A 114 10.81 12.29 -7.45
C ALA A 114 12.29 12.62 -7.58
N ASN A 115 12.97 11.84 -8.42
CA ASN A 115 14.38 12.03 -8.65
C ASN A 115 15.13 12.02 -7.31
N ALA A 116 15.42 10.81 -6.84
CA ALA A 116 16.11 10.66 -5.58
C ALA A 116 16.46 9.17 -5.37
N LYS A 117 17.47 8.94 -4.55
CA LYS A 117 17.91 7.59 -4.27
C LYS A 117 16.70 6.75 -3.85
N SER A 118 16.51 5.64 -4.55
CA SER A 118 15.41 4.75 -4.26
C SER A 118 15.45 4.31 -2.80
N SER A 119 16.67 4.16 -2.29
CA SER A 119 16.87 3.76 -0.91
C SER A 119 16.39 4.86 0.04
N ILE A 120 16.43 6.08 -0.46
CA ILE A 120 16.01 7.22 0.33
C ILE A 120 14.48 7.24 0.42
N ILE A 121 13.85 7.11 -0.74
CA ILE A 121 12.39 7.11 -0.81
C ILE A 121 11.86 5.89 -0.05
N ARG A 122 12.58 4.79 -0.17
CA ARG A 122 12.20 3.56 0.49
C ARG A 122 12.02 3.79 1.99
N ASP A 123 13.01 4.47 2.57
CA ASP A 123 12.98 4.76 3.99
C ASP A 123 11.94 5.86 4.26
N ARG A 124 11.98 6.90 3.44
CA ARG A 124 11.05 8.01 3.58
C ARG A 124 9.62 7.50 3.52
N MET A 125 9.32 6.73 2.47
CA MET A 125 8.00 6.18 2.30
C MET A 125 7.68 5.13 3.36
N SER A 126 8.67 4.27 3.60
CA SER A 126 8.51 3.21 4.58
C SER A 126 8.14 3.82 5.94
N GLY A 127 8.95 4.78 6.37
CA GLY A 127 8.72 5.44 7.63
C GLY A 127 7.27 5.94 7.73
N GLY A 128 6.92 6.85 6.84
CA GLY A 128 5.59 7.41 6.82
C GLY A 128 4.53 6.30 6.73
N TRP A 129 4.90 5.24 6.04
CA TRP A 129 4.00 4.12 5.86
C TRP A 129 3.89 3.38 7.21
N VAL A 130 5.04 3.24 7.86
CA VAL A 130 5.09 2.57 9.14
C VAL A 130 4.14 3.27 10.12
N ALA A 131 4.30 4.58 10.20
CA ALA A 131 3.47 5.38 11.09
C ALA A 131 2.01 5.28 10.64
N ILE A 132 1.80 5.57 9.36
CA ILE A 132 0.47 5.51 8.79
C ILE A 132 -0.15 4.15 9.07
N VAL A 133 0.68 3.12 8.92
CA VAL A 133 0.23 1.76 9.15
C VAL A 133 -0.12 1.58 10.63
N ASN A 134 0.57 2.36 11.46
CA ASN A 134 0.34 2.29 12.90
C ASN A 134 -0.11 3.67 13.40
N GLU A 135 -0.97 4.29 12.60
CA GLU A 135 -1.48 5.60 12.96
C GLU A 135 -2.96 5.72 12.57
N LYS A 136 -3.18 5.90 11.27
CA LYS A 136 -4.54 6.02 10.77
C LYS A 136 -5.13 4.63 10.55
N LEU A 137 -4.46 3.86 9.71
CA LEU A 137 -4.90 2.51 9.41
C LEU A 137 -5.40 1.85 10.69
N LYS A 138 -4.51 1.75 11.66
CA LYS A 138 -4.85 1.14 12.93
C LYS A 138 -6.15 1.74 13.45
N LYS A 139 -6.26 3.06 13.31
CA LYS A 139 -7.45 3.76 13.75
C LYS A 139 -8.62 3.41 12.84
N VAL A 140 -8.28 3.10 11.59
CA VAL A 140 -9.30 2.73 10.62
C VAL A 140 -9.86 1.35 10.95
N VAL A 141 -8.95 0.40 11.08
CA VAL A 141 -9.34 -0.96 11.40
C VAL A 141 -9.98 -0.99 12.79
N GLU A 142 -9.25 -0.46 13.75
CA GLU A 142 -9.74 -0.42 15.13
C GLU A 142 -11.01 0.44 15.21
N GLY A 143 -10.91 1.63 14.66
CA GLY A 143 -12.03 2.56 14.68
C GLY A 143 -13.34 1.83 14.38
N MET A 1 17.86 -16.82 4.10
CA MET A 1 16.91 -17.58 3.31
C MET A 1 17.55 -18.04 1.99
N GLU A 2 18.06 -17.07 1.24
CA GLU A 2 18.69 -17.36 -0.03
C GLU A 2 19.16 -16.06 -0.69
N GLN A 3 20.00 -15.34 0.03
CA GLN A 3 20.53 -14.08 -0.47
C GLN A 3 19.39 -13.12 -0.82
N GLN A 4 19.76 -11.86 -1.00
CA GLN A 4 18.79 -10.84 -1.34
C GLN A 4 19.15 -10.17 -2.66
N ASN A 5 18.13 -9.70 -3.35
CA ASN A 5 18.32 -9.04 -4.62
C ASN A 5 17.38 -7.83 -4.73
N THR A 6 17.69 -6.96 -5.68
CA THR A 6 16.88 -5.77 -5.88
C THR A 6 16.60 -5.07 -4.55
N LEU A 7 15.77 -4.04 -4.62
CA LEU A 7 15.42 -3.29 -3.42
C LEU A 7 14.35 -4.06 -2.64
N ASN A 8 14.71 -4.42 -1.42
CA ASN A 8 13.80 -5.15 -0.56
C ASN A 8 12.39 -4.56 -0.68
N ASP A 9 11.41 -5.39 -0.42
CA ASP A 9 10.01 -4.96 -0.50
C ASP A 9 9.58 -4.43 0.87
N ILE A 10 9.06 -3.20 0.85
CA ILE A 10 8.60 -2.57 2.08
C ILE A 10 7.49 -3.42 2.69
N LYS A 11 7.91 -4.39 3.48
CA LYS A 11 6.96 -5.28 4.14
C LYS A 11 6.63 -4.73 5.53
N GLN A 12 5.35 -4.70 5.83
CA GLN A 12 4.89 -4.20 7.12
C GLN A 12 3.86 -5.15 7.72
N THR A 13 4.37 -6.23 8.30
CA THR A 13 3.51 -7.22 8.92
C THR A 13 3.02 -6.73 10.29
N ILE A 14 1.71 -6.69 10.45
CA ILE A 14 1.11 -6.25 11.70
C ILE A 14 -0.20 -6.99 11.92
N VAL A 15 -0.54 -7.14 13.19
CA VAL A 15 -1.77 -7.83 13.56
C VAL A 15 -2.75 -6.83 14.17
N PHE A 16 -3.95 -6.81 13.62
CA PHE A 16 -4.98 -5.91 14.10
C PHE A 16 -6.14 -6.68 14.73
N ASN A 17 -6.96 -5.96 15.47
CA ASN A 17 -8.11 -6.56 16.12
C ASN A 17 -9.34 -6.45 15.22
N ALA A 18 -9.25 -7.08 14.06
CA ALA A 18 -10.34 -7.05 13.11
C ALA A 18 -10.37 -8.37 12.32
N SER A 19 -11.30 -8.44 11.39
CA SER A 19 -11.44 -9.63 10.57
C SER A 19 -10.92 -9.36 9.16
N ILE A 20 -10.48 -10.42 8.50
CA ILE A 20 -9.96 -10.31 7.15
C ILE A 20 -10.98 -9.55 6.28
N GLN A 21 -12.25 -9.76 6.60
CA GLN A 21 -13.32 -9.12 5.86
C GLN A 21 -13.36 -7.62 6.19
N LYS A 22 -13.07 -7.32 7.45
CA LYS A 22 -13.07 -5.94 7.91
C LYS A 22 -11.83 -5.23 7.38
N VAL A 23 -10.68 -5.80 7.68
CA VAL A 23 -9.42 -5.23 7.25
C VAL A 23 -9.45 -5.03 5.73
N TRP A 24 -10.06 -6.00 5.06
CA TRP A 24 -10.16 -5.93 3.61
C TRP A 24 -10.96 -4.68 3.24
N SER A 25 -12.06 -4.48 3.97
CA SER A 25 -12.91 -3.34 3.72
C SER A 25 -12.08 -2.04 3.82
N VAL A 26 -11.08 -2.08 4.68
CA VAL A 26 -10.22 -0.94 4.87
C VAL A 26 -9.31 -0.77 3.65
N VAL A 27 -9.30 -1.81 2.82
CA VAL A 27 -8.48 -1.80 1.62
C VAL A 27 -9.31 -2.26 0.43
N SER A 28 -10.51 -1.69 0.33
CA SER A 28 -11.42 -2.03 -0.74
C SER A 28 -12.64 -1.09 -0.72
N THR A 29 -12.37 0.16 -0.39
CA THR A 29 -13.43 1.15 -0.33
C THR A 29 -12.90 2.52 -0.75
N ALA A 30 -13.81 3.47 -0.83
CA ALA A 30 -13.45 4.83 -1.23
C ALA A 30 -13.19 5.66 0.03
N GLU A 31 -14.10 5.53 0.99
CA GLU A 31 -13.98 6.27 2.23
C GLU A 31 -12.96 5.60 3.15
N GLY A 32 -12.99 4.27 3.14
CA GLY A 32 -12.07 3.50 3.98
C GLY A 32 -10.62 3.87 3.66
N ILE A 33 -10.28 3.78 2.39
CA ILE A 33 -8.94 4.10 1.94
C ILE A 33 -8.66 5.60 2.16
N ALA A 34 -9.63 6.40 1.74
CA ALA A 34 -9.50 7.84 1.89
C ALA A 34 -9.24 8.18 3.36
N SER A 35 -9.58 7.24 4.23
CA SER A 35 -9.38 7.43 5.65
C SER A 35 -7.89 7.28 6.00
N TRP A 36 -7.11 6.94 4.97
CA TRP A 36 -5.68 6.77 5.16
C TRP A 36 -5.05 6.59 3.78
N PHE A 37 -5.12 7.66 2.99
CA PHE A 37 -4.55 7.64 1.65
C PHE A 37 -4.81 8.96 0.93
N MET A 38 -6.08 9.24 0.68
CA MET A 38 -6.46 10.47 0.00
C MET A 38 -7.89 10.37 -0.53
N PRO A 39 -8.50 11.57 -0.77
CA PRO A 39 -9.85 11.63 -1.27
C PRO A 39 -9.90 11.27 -2.76
N ASN A 40 -10.71 10.27 -3.07
CA ASN A 40 -10.85 9.82 -4.44
C ASN A 40 -12.11 8.97 -4.57
N ASP A 41 -12.25 8.33 -5.73
CA ASP A 41 -13.40 7.49 -5.98
C ASP A 41 -12.93 6.06 -6.28
N PHE A 42 -12.24 5.49 -5.31
CA PHE A 42 -11.73 4.13 -5.45
C PHE A 42 -12.73 3.24 -6.20
N VAL A 43 -12.18 2.39 -7.05
CA VAL A 43 -13.00 1.48 -7.83
C VAL A 43 -12.40 0.07 -7.77
N LEU A 44 -13.24 -0.87 -7.37
CA LEU A 44 -12.81 -2.25 -7.27
C LEU A 44 -13.00 -2.94 -8.62
N GLU A 45 -12.19 -2.53 -9.58
CA GLU A 45 -12.27 -3.11 -10.92
C GLU A 45 -10.86 -3.22 -11.52
N VAL A 46 -10.57 -4.42 -12.02
CA VAL A 46 -9.28 -4.68 -12.62
C VAL A 46 -9.07 -3.73 -13.81
N GLY A 47 -7.84 -3.25 -13.93
CA GLY A 47 -7.50 -2.34 -15.01
C GLY A 47 -8.53 -1.21 -15.12
N HIS A 48 -9.10 -0.87 -13.98
CA HIS A 48 -10.11 0.19 -13.94
C HIS A 48 -9.50 1.43 -13.28
N GLU A 49 -8.55 2.02 -13.98
CA GLU A 49 -7.89 3.22 -13.47
C GLU A 49 -8.93 4.27 -13.08
N PHE A 50 -8.53 5.12 -12.14
CA PHE A 50 -9.41 6.17 -11.68
C PHE A 50 -8.63 7.46 -11.35
N HIS A 51 -9.33 8.42 -10.79
CA HIS A 51 -8.71 9.69 -10.44
C HIS A 51 -8.65 9.82 -8.91
N VAL A 52 -7.58 10.42 -8.45
CA VAL A 52 -7.39 10.62 -7.02
C VAL A 52 -7.02 12.09 -6.76
N GLN A 53 -7.15 12.48 -5.50
CA GLN A 53 -6.83 13.84 -5.11
C GLN A 53 -5.69 13.85 -4.09
N SER A 54 -4.67 14.64 -4.40
CA SER A 54 -3.51 14.74 -3.52
C SER A 54 -3.26 16.21 -3.17
N PRO A 55 -2.46 16.40 -2.08
CA PRO A 55 -2.13 17.75 -1.64
C PRO A 55 -1.10 18.39 -2.56
N PHE A 56 -0.26 17.54 -3.14
CA PHE A 56 0.78 18.02 -4.04
C PHE A 56 0.24 18.18 -5.47
N GLY A 57 -0.25 17.07 -6.00
CA GLY A 57 -0.80 17.07 -7.34
C GLY A 57 -1.68 15.84 -7.58
N PRO A 58 -2.27 15.78 -8.81
CA PRO A 58 -3.13 14.67 -9.17
C PRO A 58 -2.31 13.40 -9.46
N SER A 59 -2.67 12.34 -8.78
CA SER A 59 -1.99 11.06 -8.95
C SER A 59 -3.01 9.92 -9.02
N PRO A 60 -3.34 9.54 -10.29
CA PRO A 60 -4.29 8.46 -10.51
C PRO A 60 -3.66 7.10 -10.21
N CYS A 61 -4.53 6.13 -9.94
CA CYS A 61 -4.06 4.79 -9.65
C CYS A 61 -4.78 3.81 -10.59
N LYS A 62 -4.18 2.64 -10.73
CA LYS A 62 -4.75 1.61 -11.61
C LYS A 62 -4.62 0.25 -10.93
N VAL A 63 -5.77 -0.34 -10.65
CA VAL A 63 -5.80 -1.65 -10.01
C VAL A 63 -5.07 -2.66 -10.89
N LEU A 64 -4.38 -3.58 -10.22
CA LEU A 64 -3.63 -4.61 -10.94
C LEU A 64 -4.36 -5.94 -10.79
N GLU A 65 -4.57 -6.34 -9.55
CA GLU A 65 -5.25 -7.60 -9.27
C GLU A 65 -6.31 -7.39 -8.17
N ILE A 66 -7.37 -8.17 -8.26
CA ILE A 66 -8.44 -8.10 -7.28
C ILE A 66 -8.67 -9.48 -6.67
N ASP A 67 -8.68 -9.51 -5.35
CA ASP A 67 -8.89 -10.76 -4.64
C ASP A 67 -9.31 -10.46 -3.20
N GLU A 68 -10.57 -10.04 -3.07
CA GLU A 68 -11.12 -9.71 -1.76
C GLU A 68 -10.73 -10.79 -0.74
N PRO A 69 -10.99 -12.07 -1.13
CA PRO A 69 -10.67 -13.19 -0.26
C PRO A 69 -9.17 -13.46 -0.24
N ASN A 70 -8.41 -12.42 0.07
CA ASN A 70 -6.96 -12.54 0.12
C ASN A 70 -6.34 -11.14 0.19
N HIS A 71 -6.37 -10.46 -0.94
CA HIS A 71 -5.81 -9.12 -1.03
C HIS A 71 -6.02 -8.56 -2.43
N LEU A 72 -5.29 -7.49 -2.72
CA LEU A 72 -5.38 -6.86 -4.02
C LEU A 72 -4.10 -6.06 -4.29
N SER A 73 -3.94 -5.66 -5.55
CA SER A 73 -2.77 -4.90 -5.94
C SER A 73 -3.18 -3.72 -6.83
N PHE A 74 -2.39 -2.67 -6.77
CA PHE A 74 -2.67 -1.48 -7.56
C PHE A 74 -1.39 -0.66 -7.78
N SER A 75 -1.29 -0.11 -8.99
CA SER A 75 -0.13 0.71 -9.34
C SER A 75 -0.37 2.16 -8.94
N TRP A 76 0.72 2.92 -8.92
CA TRP A 76 0.64 4.33 -8.56
C TRP A 76 1.26 5.14 -9.70
N ASP A 77 0.46 6.05 -10.25
CA ASP A 77 0.92 6.89 -11.34
C ASP A 77 1.82 8.00 -10.78
N THR A 78 2.27 8.86 -11.67
CA THR A 78 3.12 9.97 -11.28
C THR A 78 4.13 9.51 -10.23
N ASP A 79 4.53 8.24 -10.33
CA ASP A 79 5.47 7.67 -9.40
C ASP A 79 6.14 6.46 -10.04
N GLY A 80 5.36 5.41 -10.21
CA GLY A 80 5.86 4.18 -10.81
C GLY A 80 5.91 3.05 -9.77
N TRP A 81 5.96 3.44 -8.51
CA TRP A 81 6.00 2.48 -7.43
C TRP A 81 4.67 1.72 -7.41
N VAL A 82 4.65 0.63 -6.66
CA VAL A 82 3.45 -0.18 -6.55
C VAL A 82 3.15 -0.43 -5.07
N VAL A 83 1.88 -0.28 -4.71
CA VAL A 83 1.46 -0.48 -3.35
C VAL A 83 0.42 -1.61 -3.31
N SER A 84 0.77 -2.67 -2.58
CA SER A 84 -0.12 -3.80 -2.44
C SER A 84 -0.19 -4.25 -0.99
N PHE A 85 -1.39 -4.66 -0.59
CA PHE A 85 -1.61 -5.11 0.78
C PHE A 85 -1.84 -6.63 0.82
N ASP A 86 -1.89 -7.14 2.04
CA ASP A 86 -2.10 -8.57 2.24
C ASP A 86 -2.96 -8.78 3.50
N LEU A 87 -3.67 -9.89 3.49
CA LEU A 87 -4.54 -10.23 4.61
C LEU A 87 -4.42 -11.72 4.92
N LYS A 88 -4.35 -12.02 6.21
CA LYS A 88 -4.24 -13.41 6.65
C LYS A 88 -5.28 -13.68 7.74
N ASP A 89 -6.15 -14.64 7.46
CA ASP A 89 -7.19 -15.01 8.41
C ASP A 89 -6.57 -15.82 9.55
N LEU A 90 -6.52 -15.18 10.71
CA LEU A 90 -5.97 -15.82 11.89
C LEU A 90 -7.10 -16.29 12.80
N GLY A 91 -8.13 -15.46 12.89
CA GLY A 91 -9.28 -15.78 13.72
C GLY A 91 -9.38 -14.84 14.92
N ASP A 92 -10.24 -15.20 15.85
CA ASP A 92 -10.43 -14.40 17.04
C ASP A 92 -10.65 -12.93 16.64
N ASN A 93 -11.28 -12.76 15.50
CA ASN A 93 -11.55 -11.41 14.98
C ASN A 93 -10.22 -10.69 14.77
N LYS A 94 -9.21 -11.46 14.39
CA LYS A 94 -7.89 -10.90 14.15
C LYS A 94 -7.44 -11.27 12.73
N THR A 95 -6.48 -10.49 12.23
CA THR A 95 -5.95 -10.73 10.90
C THR A 95 -4.54 -10.16 10.78
N GLU A 96 -3.73 -10.83 9.97
CA GLU A 96 -2.35 -10.40 9.76
C GLU A 96 -2.28 -9.46 8.55
N PHE A 97 -1.92 -8.22 8.83
CA PHE A 97 -1.80 -7.22 7.78
C PHE A 97 -0.34 -7.01 7.38
N THR A 98 -0.08 -7.15 6.09
CA THR A 98 1.27 -6.97 5.57
C THR A 98 1.25 -6.08 4.33
N LEU A 99 1.78 -4.87 4.52
CA LEU A 99 1.82 -3.91 3.43
C LEU A 99 3.13 -4.10 2.64
N ILE A 100 2.98 -4.25 1.34
CA ILE A 100 4.13 -4.43 0.47
C ILE A 100 4.13 -3.34 -0.60
N HIS A 101 5.20 -2.55 -0.59
CA HIS A 101 5.34 -1.46 -1.55
C HIS A 101 6.70 -1.56 -2.23
N GLY A 102 6.66 -1.69 -3.55
CA GLY A 102 7.88 -1.79 -4.34
C GLY A 102 7.74 -1.06 -5.66
N GLY A 103 8.63 -1.39 -6.59
CA GLY A 103 8.63 -0.77 -7.90
C GLY A 103 10.04 -0.58 -8.43
N TRP A 104 10.94 -0.24 -7.53
CA TRP A 104 12.33 -0.03 -7.89
C TRP A 104 12.82 -1.28 -8.62
N LYS A 105 14.10 -1.25 -8.99
CA LYS A 105 14.69 -2.36 -9.70
C LYS A 105 16.04 -2.70 -9.07
N HIS A 106 16.86 -1.66 -8.88
CA HIS A 106 18.16 -1.83 -8.29
C HIS A 106 18.49 -0.63 -7.39
N PRO A 107 19.06 -0.95 -6.20
CA PRO A 107 19.42 0.10 -5.26
C PRO A 107 20.67 0.85 -5.71
N ASP A 108 20.45 1.95 -6.41
CA ASP A 108 21.54 2.76 -6.91
C ASP A 108 21.01 3.71 -7.99
N GLU A 109 20.06 3.21 -8.75
CA GLU A 109 19.47 4.00 -9.82
C GLU A 109 18.40 4.93 -9.26
N ILE A 110 18.37 6.14 -9.80
CA ILE A 110 17.41 7.14 -9.37
C ILE A 110 16.22 7.14 -10.32
N LEU A 111 15.03 7.07 -9.74
CA LEU A 111 13.81 7.07 -10.53
C LEU A 111 13.58 8.46 -11.11
N PRO A 112 13.05 8.48 -12.36
CA PRO A 112 12.77 9.75 -13.04
C PRO A 112 11.53 10.41 -12.46
N LYS A 113 10.45 9.64 -12.40
CA LYS A 113 9.20 10.14 -11.87
C LYS A 113 9.21 10.03 -10.34
N ALA A 114 10.23 10.62 -9.74
CA ALA A 114 10.37 10.60 -8.30
C ALA A 114 11.69 11.26 -7.90
N ASN A 115 12.77 10.74 -8.47
CA ASN A 115 14.10 11.26 -8.20
C ASN A 115 14.49 10.90 -6.75
N ALA A 116 15.63 11.43 -6.34
CA ALA A 116 16.13 11.17 -5.00
C ALA A 116 16.58 9.71 -4.90
N LYS A 117 17.59 9.49 -4.08
CA LYS A 117 18.11 8.15 -3.88
C LYS A 117 16.97 7.20 -3.50
N SER A 118 16.79 6.19 -4.33
CA SER A 118 15.74 5.21 -4.10
C SER A 118 15.83 4.69 -2.66
N SER A 119 16.98 4.13 -2.33
CA SER A 119 17.20 3.59 -0.99
C SER A 119 16.70 4.58 0.06
N ILE A 120 16.97 5.85 -0.19
CA ILE A 120 16.55 6.91 0.72
C ILE A 120 15.03 6.98 0.73
N ILE A 121 14.45 6.97 -0.46
CA ILE A 121 13.00 7.04 -0.61
C ILE A 121 12.37 5.86 0.13
N ARG A 122 12.91 4.68 -0.13
CA ARG A 122 12.41 3.47 0.49
C ARG A 122 12.31 3.64 2.00
N ASP A 123 13.39 4.19 2.56
CA ASP A 123 13.45 4.42 4.00
C ASP A 123 12.39 5.45 4.39
N ARG A 124 12.43 6.57 3.69
CA ARG A 124 11.48 7.65 3.95
C ARG A 124 10.05 7.12 3.87
N MET A 125 9.75 6.46 2.76
CA MET A 125 8.43 5.90 2.54
C MET A 125 8.10 4.83 3.60
N SER A 126 9.02 3.89 3.74
CA SER A 126 8.84 2.81 4.69
C SER A 126 8.54 3.39 6.07
N GLY A 127 9.37 4.34 6.49
CA GLY A 127 9.19 4.97 7.78
C GLY A 127 7.76 5.48 7.96
N GLY A 128 7.35 6.35 7.05
CA GLY A 128 6.01 6.91 7.09
C GLY A 128 4.96 5.81 6.91
N TRP A 129 5.29 4.85 6.07
CA TRP A 129 4.37 3.75 5.81
C TRP A 129 4.19 2.96 7.11
N VAL A 130 5.29 2.81 7.84
CA VAL A 130 5.25 2.10 9.10
C VAL A 130 4.40 2.88 10.11
N ALA A 131 4.50 4.20 10.02
CA ALA A 131 3.75 5.06 10.91
C ALA A 131 2.29 5.09 10.48
N ILE A 132 2.10 5.37 9.20
CA ILE A 132 0.75 5.43 8.63
C ILE A 132 0.03 4.12 8.92
N VAL A 133 0.75 3.02 8.74
CA VAL A 133 0.19 1.71 8.98
C VAL A 133 -0.17 1.57 10.47
N ASN A 134 0.61 2.24 11.29
CA ASN A 134 0.39 2.21 12.72
C ASN A 134 -0.04 3.59 13.21
N GLU A 135 -0.83 4.25 12.38
CA GLU A 135 -1.33 5.57 12.70
C GLU A 135 -2.78 5.74 12.23
N LYS A 136 -2.92 5.88 10.92
CA LYS A 136 -4.24 6.04 10.32
C LYS A 136 -4.90 4.67 10.19
N LEU A 137 -4.31 3.83 9.35
CA LEU A 137 -4.83 2.50 9.12
C LEU A 137 -5.33 1.92 10.45
N LYS A 138 -4.44 1.92 11.42
CA LYS A 138 -4.78 1.40 12.74
C LYS A 138 -6.09 2.01 13.20
N LYS A 139 -6.17 3.33 13.09
CA LYS A 139 -7.36 4.05 13.48
C LYS A 139 -8.51 3.70 12.53
N VAL A 140 -8.14 3.39 11.30
CA VAL A 140 -9.12 3.04 10.29
C VAL A 140 -9.75 1.69 10.64
N VAL A 141 -8.88 0.70 10.81
CA VAL A 141 -9.35 -0.64 11.15
C VAL A 141 -9.97 -0.62 12.55
N GLU A 142 -9.17 -0.18 13.51
CA GLU A 142 -9.63 -0.10 14.88
C GLU A 142 -10.89 0.77 14.99
N GLY A 143 -10.95 1.76 14.12
CA GLY A 143 -12.08 2.68 14.08
C GLY A 143 -13.40 1.91 14.05
N MET A 1 25.46 -14.51 0.16
CA MET A 1 26.67 -14.85 0.89
C MET A 1 27.58 -13.64 1.04
N GLU A 2 27.10 -12.51 0.55
CA GLU A 2 27.86 -11.27 0.61
C GLU A 2 26.99 -10.14 1.14
N GLN A 3 27.63 -9.02 1.44
CA GLN A 3 26.92 -7.86 1.96
C GLN A 3 25.62 -7.65 1.18
N GLN A 4 24.61 -7.17 1.90
CA GLN A 4 23.31 -6.94 1.30
C GLN A 4 23.48 -6.34 -0.10
N ASN A 5 22.49 -6.60 -0.95
CA ASN A 5 22.52 -6.10 -2.31
C ASN A 5 21.09 -5.88 -2.80
N THR A 6 20.97 -5.08 -3.85
CA THR A 6 19.67 -4.77 -4.42
C THR A 6 18.74 -4.21 -3.34
N LEU A 7 17.57 -3.77 -3.79
CA LEU A 7 16.59 -3.20 -2.89
C LEU A 7 15.58 -4.29 -2.49
N ASN A 8 14.91 -4.05 -1.38
CA ASN A 8 13.93 -5.00 -0.88
C ASN A 8 12.53 -4.37 -0.97
N ASP A 9 11.54 -5.19 -0.71
CA ASP A 9 10.16 -4.74 -0.75
C ASP A 9 9.72 -4.28 0.64
N ILE A 10 9.30 -3.02 0.70
CA ILE A 10 8.86 -2.44 1.96
C ILE A 10 7.71 -3.29 2.52
N LYS A 11 8.07 -4.30 3.31
CA LYS A 11 7.09 -5.18 3.90
C LYS A 11 6.75 -4.66 5.31
N GLN A 12 5.45 -4.62 5.58
CA GLN A 12 4.98 -4.15 6.88
C GLN A 12 3.97 -5.14 7.45
N THR A 13 4.49 -6.12 8.18
CA THR A 13 3.65 -7.14 8.79
C THR A 13 3.18 -6.68 10.18
N ILE A 14 1.88 -6.57 10.33
CA ILE A 14 1.29 -6.14 11.59
C ILE A 14 -0.03 -6.89 11.81
N VAL A 15 -0.35 -7.08 13.08
CA VAL A 15 -1.58 -7.77 13.44
C VAL A 15 -2.60 -6.74 13.95
N PHE A 16 -3.85 -6.96 13.57
CA PHE A 16 -4.93 -6.07 13.98
C PHE A 16 -6.04 -6.85 14.68
N ASN A 17 -6.80 -6.13 15.50
CA ASN A 17 -7.90 -6.74 16.22
C ASN A 17 -9.17 -6.65 15.38
N ALA A 18 -9.17 -7.38 14.27
CA ALA A 18 -10.31 -7.39 13.38
C ALA A 18 -10.21 -8.62 12.45
N SER A 19 -11.22 -8.76 11.61
CA SER A 19 -11.27 -9.87 10.67
C SER A 19 -10.75 -9.42 9.30
N ILE A 20 -10.28 -10.39 8.53
CA ILE A 20 -9.76 -10.11 7.20
C ILE A 20 -10.82 -9.33 6.40
N GLN A 21 -12.06 -9.72 6.59
CA GLN A 21 -13.16 -9.07 5.90
C GLN A 21 -13.26 -7.61 6.32
N LYS A 22 -12.90 -7.35 7.56
CA LYS A 22 -12.95 -6.00 8.10
C LYS A 22 -11.74 -5.22 7.60
N VAL A 23 -10.57 -5.84 7.72
CA VAL A 23 -9.34 -5.22 7.29
C VAL A 23 -9.39 -4.99 5.77
N TRP A 24 -10.01 -5.94 5.09
CA TRP A 24 -10.14 -5.85 3.64
C TRP A 24 -10.94 -4.58 3.31
N SER A 25 -12.03 -4.41 4.03
CA SER A 25 -12.89 -3.25 3.83
C SER A 25 -12.06 -1.96 3.95
N VAL A 26 -11.04 -2.03 4.79
CA VAL A 26 -10.17 -0.89 5.00
C VAL A 26 -9.25 -0.70 3.79
N VAL A 27 -9.30 -1.70 2.91
CA VAL A 27 -8.48 -1.67 1.72
C VAL A 27 -9.33 -2.10 0.51
N SER A 28 -10.51 -1.53 0.43
CA SER A 28 -11.43 -1.83 -0.66
C SER A 28 -12.59 -0.85 -0.66
N THR A 29 -12.28 0.39 -0.31
CA THR A 29 -13.29 1.43 -0.28
C THR A 29 -12.66 2.79 -0.63
N ALA A 30 -13.52 3.80 -0.72
CA ALA A 30 -13.07 5.14 -1.06
C ALA A 30 -12.89 5.95 0.23
N GLU A 31 -13.85 5.79 1.14
CA GLU A 31 -13.80 6.49 2.40
C GLU A 31 -12.88 5.77 3.38
N GLY A 32 -13.00 4.45 3.40
CA GLY A 32 -12.18 3.63 4.27
C GLY A 32 -10.69 3.87 4.03
N ILE A 33 -10.32 3.86 2.75
CA ILE A 33 -8.94 4.07 2.36
C ILE A 33 -8.58 5.54 2.58
N ALA A 34 -9.50 6.41 2.18
CA ALA A 34 -9.29 7.84 2.33
C ALA A 34 -9.05 8.16 3.81
N SER A 35 -9.48 7.25 4.66
CA SER A 35 -9.32 7.43 6.10
C SER A 35 -7.88 7.16 6.50
N TRP A 36 -7.10 6.73 5.51
CA TRP A 36 -5.69 6.44 5.75
C TRP A 36 -5.02 6.25 4.40
N PHE A 37 -4.99 7.32 3.62
CA PHE A 37 -4.38 7.28 2.30
C PHE A 37 -4.48 8.65 1.61
N MET A 38 -5.71 9.03 1.29
CA MET A 38 -5.95 10.30 0.63
C MET A 38 -7.36 10.35 0.04
N PRO A 39 -7.78 11.59 -0.34
CA PRO A 39 -9.10 11.78 -0.92
C PRO A 39 -9.14 11.29 -2.37
N ASN A 40 -10.02 10.34 -2.61
CA ASN A 40 -10.17 9.78 -3.94
C ASN A 40 -11.43 8.91 -3.98
N ASP A 41 -11.73 8.41 -5.18
CA ASP A 41 -12.90 7.58 -5.37
C ASP A 41 -12.45 6.17 -5.79
N PHE A 42 -11.95 5.43 -4.81
CA PHE A 42 -11.48 4.08 -5.05
C PHE A 42 -12.45 3.32 -5.96
N VAL A 43 -11.91 2.33 -6.65
CA VAL A 43 -12.73 1.52 -7.55
C VAL A 43 -12.28 0.06 -7.46
N LEU A 44 -13.26 -0.82 -7.34
CA LEU A 44 -12.99 -2.24 -7.23
C LEU A 44 -13.30 -2.92 -8.57
N GLU A 45 -12.47 -2.61 -9.55
CA GLU A 45 -12.65 -3.18 -10.88
C GLU A 45 -11.30 -3.39 -11.55
N VAL A 46 -11.12 -4.59 -12.08
CA VAL A 46 -9.88 -4.94 -12.74
C VAL A 46 -9.68 -4.02 -13.95
N GLY A 47 -8.45 -3.55 -14.10
CA GLY A 47 -8.11 -2.66 -15.20
C GLY A 47 -8.93 -1.38 -15.13
N HIS A 48 -9.48 -1.12 -13.96
CA HIS A 48 -10.29 0.06 -13.75
C HIS A 48 -9.48 1.10 -12.97
N GLU A 49 -8.90 2.04 -13.71
CA GLU A 49 -8.10 3.09 -13.12
C GLU A 49 -8.99 4.27 -12.72
N PHE A 50 -8.56 4.97 -11.67
CA PHE A 50 -9.30 6.12 -11.20
C PHE A 50 -8.39 7.34 -11.05
N HIS A 51 -8.95 8.39 -10.46
CA HIS A 51 -8.20 9.61 -10.24
C HIS A 51 -8.30 10.03 -8.78
N VAL A 52 -7.16 10.45 -8.23
CA VAL A 52 -7.11 10.88 -6.85
C VAL A 52 -6.61 12.32 -6.79
N GLN A 53 -6.78 12.92 -5.62
CA GLN A 53 -6.35 14.30 -5.41
C GLN A 53 -5.05 14.33 -4.61
N SER A 54 -4.01 14.86 -5.25
CA SER A 54 -2.72 14.96 -4.59
C SER A 54 -2.31 16.43 -4.45
N PRO A 55 -1.42 16.67 -3.46
CA PRO A 55 -0.95 18.03 -3.20
C PRO A 55 0.05 18.48 -4.27
N PHE A 56 0.44 17.53 -5.10
CA PHE A 56 1.39 17.80 -6.16
C PHE A 56 0.99 17.10 -7.46
N GLY A 57 -0.10 17.60 -8.04
CA GLY A 57 -0.60 17.03 -9.28
C GLY A 57 -1.41 15.75 -9.02
N PRO A 58 -2.29 15.42 -9.99
CA PRO A 58 -3.13 14.25 -9.88
C PRO A 58 -2.32 12.97 -10.12
N SER A 59 -2.54 12.00 -9.24
CA SER A 59 -1.84 10.73 -9.34
C SER A 59 -2.85 9.58 -9.40
N PRO A 60 -3.14 9.14 -10.65
CA PRO A 60 -4.08 8.04 -10.86
C PRO A 60 -3.46 6.69 -10.49
N CYS A 61 -4.32 5.72 -10.27
CA CYS A 61 -3.87 4.38 -9.92
C CYS A 61 -4.69 3.36 -10.71
N LYS A 62 -4.00 2.44 -11.34
CA LYS A 62 -4.66 1.41 -12.13
C LYS A 62 -4.58 0.08 -11.38
N VAL A 63 -5.76 -0.43 -11.03
CA VAL A 63 -5.84 -1.69 -10.31
C VAL A 63 -5.19 -2.79 -11.14
N LEU A 64 -4.30 -3.53 -10.50
CA LEU A 64 -3.60 -4.61 -11.17
C LEU A 64 -4.38 -5.92 -10.96
N GLU A 65 -4.61 -6.24 -9.70
CA GLU A 65 -5.33 -7.44 -9.35
C GLU A 65 -6.35 -7.15 -8.25
N ILE A 66 -7.44 -7.92 -8.26
CA ILE A 66 -8.48 -7.75 -7.26
C ILE A 66 -8.88 -9.12 -6.71
N ASP A 67 -8.60 -9.31 -5.43
CA ASP A 67 -8.93 -10.56 -4.77
C ASP A 67 -9.31 -10.29 -3.31
N GLU A 68 -10.54 -9.85 -3.13
CA GLU A 68 -11.04 -9.55 -1.80
C GLU A 68 -10.67 -10.66 -0.83
N PRO A 69 -10.98 -11.92 -1.24
CA PRO A 69 -10.69 -13.08 -0.41
C PRO A 69 -9.20 -13.41 -0.45
N ASN A 70 -8.39 -12.40 -0.14
CA ASN A 70 -6.95 -12.57 -0.13
C ASN A 70 -6.28 -11.20 -0.02
N HIS A 71 -6.34 -10.47 -1.13
CA HIS A 71 -5.74 -9.15 -1.18
C HIS A 71 -5.91 -8.56 -2.58
N LEU A 72 -5.37 -7.36 -2.75
CA LEU A 72 -5.46 -6.68 -4.04
C LEU A 72 -4.15 -5.91 -4.29
N SER A 73 -3.91 -5.63 -5.56
CA SER A 73 -2.71 -4.91 -5.95
C SER A 73 -3.07 -3.76 -6.90
N PHE A 74 -2.26 -2.72 -6.84
CA PHE A 74 -2.49 -1.55 -7.69
C PHE A 74 -1.19 -0.78 -7.92
N SER A 75 -1.09 -0.17 -9.09
CA SER A 75 0.09 0.60 -9.44
C SER A 75 -0.14 2.08 -9.15
N TRP A 76 0.96 2.81 -9.03
CA TRP A 76 0.88 4.23 -8.74
C TRP A 76 1.49 4.98 -9.94
N ASP A 77 0.63 5.74 -10.61
CA ASP A 77 1.06 6.50 -11.78
C ASP A 77 1.91 7.69 -11.31
N THR A 78 2.34 8.48 -12.27
CA THR A 78 3.15 9.65 -11.98
C THR A 78 4.21 9.31 -10.94
N ASP A 79 4.60 8.05 -10.93
CA ASP A 79 5.61 7.58 -9.99
C ASP A 79 6.12 6.21 -10.45
N GLY A 80 5.18 5.29 -10.63
CA GLY A 80 5.52 3.94 -11.05
C GLY A 80 5.75 3.03 -9.85
N TRP A 81 5.21 3.45 -8.72
CA TRP A 81 5.34 2.68 -7.50
C TRP A 81 4.16 1.71 -7.41
N VAL A 82 4.41 0.57 -6.78
CA VAL A 82 3.38 -0.44 -6.63
C VAL A 82 3.16 -0.71 -5.14
N VAL A 83 1.88 -0.77 -4.77
CA VAL A 83 1.52 -1.03 -3.39
C VAL A 83 0.38 -2.05 -3.35
N SER A 84 0.52 -3.00 -2.43
CA SER A 84 -0.49 -4.04 -2.28
C SER A 84 -0.63 -4.42 -0.81
N PHE A 85 -1.87 -4.48 -0.35
CA PHE A 85 -2.14 -4.84 1.03
C PHE A 85 -2.57 -6.31 1.15
N ASP A 86 -1.72 -7.09 1.78
CA ASP A 86 -1.99 -8.50 1.97
C ASP A 86 -2.90 -8.69 3.19
N LEU A 87 -3.59 -9.81 3.20
CA LEU A 87 -4.50 -10.12 4.29
C LEU A 87 -4.42 -11.62 4.61
N LYS A 88 -4.32 -11.91 5.90
CA LYS A 88 -4.24 -13.29 6.35
C LYS A 88 -5.23 -13.51 7.49
N ASP A 89 -6.08 -14.50 7.31
CA ASP A 89 -7.08 -14.83 8.30
C ASP A 89 -6.46 -15.75 9.36
N LEU A 90 -6.30 -15.19 10.56
CA LEU A 90 -5.72 -15.95 11.65
C LEU A 90 -6.85 -16.51 12.53
N GLY A 91 -7.80 -15.64 12.84
CA GLY A 91 -8.93 -16.03 13.66
C GLY A 91 -9.03 -15.15 14.90
N ASP A 92 -9.89 -15.57 15.82
CA ASP A 92 -10.08 -14.83 17.06
C ASP A 92 -10.44 -13.38 16.72
N ASN A 93 -10.95 -13.19 15.52
CA ASN A 93 -11.33 -11.86 15.07
C ASN A 93 -10.06 -11.04 14.81
N LYS A 94 -9.00 -11.74 14.47
CA LYS A 94 -7.73 -11.09 14.19
C LYS A 94 -7.32 -11.37 12.75
N THR A 95 -6.44 -10.53 12.23
CA THR A 95 -5.97 -10.68 10.87
C THR A 95 -4.54 -10.14 10.74
N GLU A 96 -3.75 -10.86 9.95
CA GLU A 96 -2.36 -10.46 9.73
C GLU A 96 -2.25 -9.55 8.52
N PHE A 97 -2.00 -8.28 8.79
CA PHE A 97 -1.88 -7.29 7.72
C PHE A 97 -0.41 -7.12 7.31
N THR A 98 -0.18 -7.31 6.02
CA THR A 98 1.18 -7.18 5.49
C THR A 98 1.17 -6.28 4.26
N LEU A 99 1.70 -5.08 4.45
CA LEU A 99 1.77 -4.11 3.37
C LEU A 99 3.09 -4.27 2.62
N ILE A 100 2.99 -4.34 1.30
CA ILE A 100 4.17 -4.50 0.47
C ILE A 100 4.19 -3.40 -0.60
N HIS A 101 5.30 -2.68 -0.64
CA HIS A 101 5.45 -1.60 -1.60
C HIS A 101 6.82 -1.71 -2.28
N GLY A 102 6.79 -2.12 -3.54
CA GLY A 102 8.00 -2.27 -4.32
C GLY A 102 8.00 -1.35 -5.53
N GLY A 103 8.93 -1.62 -6.44
CA GLY A 103 9.04 -0.82 -7.65
C GLY A 103 10.51 -0.49 -7.96
N TRP A 104 11.28 -0.36 -6.88
CA TRP A 104 12.69 -0.05 -7.02
C TRP A 104 13.44 -1.36 -7.28
N LYS A 105 14.59 -1.22 -7.94
CA LYS A 105 15.41 -2.39 -8.26
C LYS A 105 16.76 -2.26 -7.56
N HIS A 106 17.58 -1.36 -8.08
CA HIS A 106 18.90 -1.13 -7.52
C HIS A 106 18.87 0.12 -6.64
N PRO A 107 19.69 0.07 -5.54
CA PRO A 107 19.76 1.19 -4.62
C PRO A 107 20.57 2.35 -5.22
N ASP A 108 21.51 1.98 -6.09
CA ASP A 108 22.35 2.97 -6.73
C ASP A 108 21.52 3.75 -7.76
N GLU A 109 20.90 2.99 -8.65
CA GLU A 109 20.08 3.59 -9.69
C GLU A 109 19.09 4.59 -9.07
N ILE A 110 18.65 5.54 -9.90
CA ILE A 110 17.72 6.54 -9.45
C ILE A 110 16.54 6.60 -10.44
N LEU A 111 15.36 6.81 -9.87
CA LEU A 111 14.15 6.90 -10.67
C LEU A 111 14.22 8.13 -11.56
N PRO A 112 13.55 8.03 -12.75
CA PRO A 112 13.53 9.13 -13.69
C PRO A 112 12.60 10.25 -13.23
N LYS A 113 11.33 9.88 -13.04
CA LYS A 113 10.34 10.84 -12.58
C LYS A 113 10.73 11.36 -11.20
N ALA A 114 10.51 10.53 -10.20
CA ALA A 114 10.84 10.90 -8.84
C ALA A 114 12.18 11.64 -8.81
N ASN A 115 13.23 10.88 -9.04
CA ASN A 115 14.58 11.44 -9.04
C ASN A 115 15.06 11.65 -7.61
N ALA A 116 15.43 10.54 -6.99
CA ALA A 116 15.91 10.58 -5.61
C ALA A 116 16.41 9.19 -5.21
N LYS A 117 17.35 9.19 -4.27
CA LYS A 117 17.92 7.94 -3.80
C LYS A 117 16.80 6.98 -3.40
N SER A 118 16.74 5.86 -4.10
CA SER A 118 15.72 4.86 -3.83
C SER A 118 15.78 4.44 -2.36
N SER A 119 17.00 4.24 -1.88
CA SER A 119 17.19 3.85 -0.50
C SER A 119 16.54 4.86 0.44
N ILE A 120 16.78 6.13 0.15
CA ILE A 120 16.23 7.20 0.94
C ILE A 120 14.70 7.16 0.86
N ILE A 121 14.21 7.03 -0.36
CA ILE A 121 12.77 6.98 -0.59
C ILE A 121 12.20 5.76 0.13
N ARG A 122 12.86 4.63 -0.05
CA ARG A 122 12.42 3.39 0.58
C ARG A 122 12.19 3.61 2.07
N ASP A 123 13.15 4.28 2.70
CA ASP A 123 13.06 4.55 4.13
C ASP A 123 11.99 5.63 4.37
N ARG A 124 12.08 6.69 3.57
CA ARG A 124 11.13 7.78 3.70
C ARG A 124 9.70 7.26 3.58
N MET A 125 9.46 6.51 2.52
CA MET A 125 8.13 5.94 2.28
C MET A 125 7.83 4.84 3.29
N SER A 126 8.88 4.18 3.74
CA SER A 126 8.72 3.10 4.71
C SER A 126 8.35 3.68 6.07
N GLY A 127 9.16 4.64 6.52
CA GLY A 127 8.93 5.27 7.81
C GLY A 127 7.48 5.78 7.91
N GLY A 128 7.06 6.48 6.87
CA GLY A 128 5.72 7.04 6.83
C GLY A 128 4.67 5.92 6.76
N TRP A 129 4.94 4.96 5.89
CA TRP A 129 4.04 3.82 5.72
C TRP A 129 3.91 3.10 7.06
N VAL A 130 5.06 2.92 7.70
CA VAL A 130 5.10 2.25 9.00
C VAL A 130 4.17 2.98 9.97
N ALA A 131 4.42 4.28 10.11
CA ALA A 131 3.62 5.10 11.00
C ALA A 131 2.17 5.11 10.52
N ILE A 132 2.00 5.44 9.25
CA ILE A 132 0.67 5.48 8.66
C ILE A 132 -0.03 4.15 8.90
N VAL A 133 0.76 3.08 8.86
CA VAL A 133 0.22 1.75 9.06
C VAL A 133 -0.20 1.59 10.53
N ASN A 134 0.55 2.25 11.39
CA ASN A 134 0.27 2.19 12.82
C ASN A 134 -0.11 3.58 13.31
N GLU A 135 -0.95 4.25 12.53
CA GLU A 135 -1.40 5.58 12.87
C GLU A 135 -2.86 5.78 12.46
N LYS A 136 -3.08 5.71 11.16
CA LYS A 136 -4.42 5.87 10.62
C LYS A 136 -5.05 4.50 10.40
N LEU A 137 -4.42 3.72 9.53
CA LEU A 137 -4.91 2.38 9.23
C LEU A 137 -5.43 1.74 10.51
N LYS A 138 -4.62 1.81 11.55
CA LYS A 138 -4.99 1.24 12.83
C LYS A 138 -6.28 1.88 13.32
N LYS A 139 -6.27 3.21 13.37
CA LYS A 139 -7.43 3.95 13.82
C LYS A 139 -8.63 3.61 12.92
N VAL A 140 -8.32 3.31 11.67
CA VAL A 140 -9.34 2.98 10.70
C VAL A 140 -9.95 1.61 11.06
N VAL A 141 -9.08 0.63 11.18
CA VAL A 141 -9.51 -0.71 11.52
C VAL A 141 -10.11 -0.71 12.93
N GLU A 142 -9.32 -0.23 13.87
CA GLU A 142 -9.76 -0.16 15.26
C GLU A 142 -11.01 0.71 15.37
N GLY A 143 -11.01 1.79 14.61
CA GLY A 143 -12.13 2.72 14.62
C GLY A 143 -13.43 2.00 14.22
N MET A 1 28.06 -13.92 5.16
CA MET A 1 26.70 -13.89 5.67
C MET A 1 25.69 -13.76 4.53
N GLU A 2 26.07 -12.98 3.54
CA GLU A 2 25.21 -12.76 2.38
C GLU A 2 25.81 -11.70 1.46
N GLN A 3 24.99 -11.23 0.54
CA GLN A 3 25.43 -10.21 -0.41
C GLN A 3 24.26 -9.31 -0.80
N GLN A 4 24.45 -8.01 -0.58
CA GLN A 4 23.43 -7.04 -0.90
C GLN A 4 23.26 -6.92 -2.42
N ASN A 5 22.03 -7.14 -2.88
CA ASN A 5 21.73 -7.06 -4.29
C ASN A 5 20.25 -6.71 -4.48
N THR A 6 20.00 -5.81 -5.40
CA THR A 6 18.64 -5.37 -5.69
C THR A 6 18.02 -4.74 -4.45
N LEU A 7 16.82 -4.21 -4.63
CA LEU A 7 16.09 -3.57 -3.54
C LEU A 7 15.17 -4.60 -2.88
N ASN A 8 14.44 -4.12 -1.89
CA ASN A 8 13.51 -4.98 -1.16
C ASN A 8 12.09 -4.43 -1.32
N ASP A 9 11.15 -5.12 -0.68
CA ASP A 9 9.75 -4.71 -0.75
C ASP A 9 9.28 -4.32 0.65
N ILE A 10 9.13 -3.01 0.84
CA ILE A 10 8.68 -2.49 2.12
C ILE A 10 7.54 -3.36 2.65
N LYS A 11 7.90 -4.26 3.55
CA LYS A 11 6.91 -5.16 4.14
C LYS A 11 6.54 -4.65 5.53
N GLN A 12 5.25 -4.69 5.81
CA GLN A 12 4.75 -4.25 7.10
C GLN A 12 3.78 -5.28 7.69
N THR A 13 4.35 -6.26 8.37
CA THR A 13 3.56 -7.31 8.98
C THR A 13 3.11 -6.89 10.38
N ILE A 14 1.81 -6.84 10.56
CA ILE A 14 1.23 -6.46 11.84
C ILE A 14 -0.12 -7.15 12.01
N VAL A 15 -0.47 -7.37 13.27
CA VAL A 15 -1.74 -8.02 13.59
C VAL A 15 -2.68 -7.00 14.23
N PHE A 16 -3.86 -6.89 13.65
CA PHE A 16 -4.86 -5.97 14.15
C PHE A 16 -6.09 -6.71 14.69
N ASN A 17 -6.81 -6.03 15.58
CA ASN A 17 -7.99 -6.62 16.18
C ASN A 17 -9.18 -6.44 15.23
N ALA A 18 -9.20 -7.27 14.20
CA ALA A 18 -10.27 -7.21 13.22
C ALA A 18 -10.25 -8.48 12.37
N SER A 19 -11.23 -8.58 11.48
CA SER A 19 -11.33 -9.74 10.61
C SER A 19 -10.77 -9.39 9.22
N ILE A 20 -10.41 -10.44 8.49
CA ILE A 20 -9.87 -10.25 7.16
C ILE A 20 -10.88 -9.50 6.30
N GLN A 21 -12.15 -9.75 6.58
CA GLN A 21 -13.22 -9.09 5.84
C GLN A 21 -13.26 -7.60 6.18
N LYS A 22 -13.01 -7.31 7.45
CA LYS A 22 -13.01 -5.93 7.91
C LYS A 22 -11.80 -5.20 7.33
N VAL A 23 -10.63 -5.77 7.60
CA VAL A 23 -9.39 -5.18 7.12
C VAL A 23 -9.47 -4.99 5.59
N TRP A 24 -10.15 -5.93 4.95
CA TRP A 24 -10.31 -5.88 3.51
C TRP A 24 -11.11 -4.62 3.17
N SER A 25 -12.17 -4.41 3.93
CA SER A 25 -13.02 -3.25 3.73
C SER A 25 -12.20 -1.97 3.86
N VAL A 26 -11.19 -2.03 4.71
CA VAL A 26 -10.32 -0.88 4.94
C VAL A 26 -9.35 -0.74 3.76
N VAL A 27 -9.26 -1.81 2.98
CA VAL A 27 -8.39 -1.81 1.82
C VAL A 27 -9.17 -2.26 0.59
N SER A 28 -10.35 -1.66 0.42
CA SER A 28 -11.20 -1.99 -0.71
C SER A 28 -12.31 -0.96 -0.85
N THR A 29 -11.99 0.27 -0.45
CA THR A 29 -12.95 1.36 -0.53
C THR A 29 -12.23 2.70 -0.66
N ALA A 30 -12.97 3.69 -1.15
CA ALA A 30 -12.42 5.02 -1.33
C ALA A 30 -12.37 5.74 0.01
N GLU A 31 -13.48 5.68 0.73
CA GLU A 31 -13.57 6.32 2.03
C GLU A 31 -12.57 5.70 2.99
N GLY A 32 -12.63 4.39 3.12
CA GLY A 32 -11.74 3.67 4.00
C GLY A 32 -10.28 4.00 3.70
N ILE A 33 -9.94 3.91 2.42
CA ILE A 33 -8.59 4.20 1.97
C ILE A 33 -8.26 5.67 2.25
N ALA A 34 -9.23 6.52 1.94
CA ALA A 34 -9.07 7.95 2.14
C ALA A 34 -8.79 8.21 3.63
N SER A 35 -9.15 7.24 4.45
CA SER A 35 -8.95 7.36 5.88
C SER A 35 -7.50 7.06 6.23
N TRP A 36 -6.72 6.76 5.19
CA TRP A 36 -5.32 6.44 5.38
C TRP A 36 -4.69 6.24 3.98
N PHE A 37 -4.71 7.31 3.21
CA PHE A 37 -4.16 7.27 1.86
C PHE A 37 -4.27 8.62 1.17
N MET A 38 -5.51 9.03 0.95
CA MET A 38 -5.76 10.31 0.30
C MET A 38 -7.20 10.37 -0.24
N PRO A 39 -7.62 11.61 -0.61
CA PRO A 39 -8.96 11.81 -1.14
C PRO A 39 -9.06 11.31 -2.59
N ASN A 40 -9.96 10.34 -2.78
CA ASN A 40 -10.15 9.77 -4.09
C ASN A 40 -11.53 9.11 -4.15
N ASP A 41 -11.80 8.47 -5.29
CA ASP A 41 -13.08 7.80 -5.48
C ASP A 41 -12.85 6.29 -5.51
N PHE A 42 -11.60 5.92 -5.77
CA PHE A 42 -11.23 4.51 -5.84
C PHE A 42 -12.16 3.75 -6.78
N VAL A 43 -11.82 2.49 -7.00
CA VAL A 43 -12.60 1.64 -7.88
C VAL A 43 -12.16 0.19 -7.72
N LEU A 44 -13.14 -0.67 -7.48
CA LEU A 44 -12.86 -2.09 -7.30
C LEU A 44 -13.05 -2.82 -8.63
N GLU A 45 -12.09 -2.62 -9.52
CA GLU A 45 -12.13 -3.25 -10.83
C GLU A 45 -10.71 -3.52 -11.33
N VAL A 46 -10.60 -4.57 -12.14
CA VAL A 46 -9.31 -4.94 -12.70
C VAL A 46 -8.96 -4.00 -13.85
N GLY A 47 -7.72 -3.54 -13.84
CA GLY A 47 -7.24 -2.62 -14.87
C GLY A 47 -8.12 -1.37 -14.93
N HIS A 48 -8.76 -1.08 -13.81
CA HIS A 48 -9.62 0.09 -13.72
C HIS A 48 -8.86 1.24 -13.03
N GLU A 49 -8.50 2.22 -13.83
CA GLU A 49 -7.78 3.38 -13.31
C GLU A 49 -8.76 4.46 -12.86
N PHE A 50 -8.42 5.10 -11.75
CA PHE A 50 -9.25 6.16 -11.21
C PHE A 50 -8.46 7.45 -11.01
N HIS A 51 -9.12 8.43 -10.41
CA HIS A 51 -8.48 9.71 -10.16
C HIS A 51 -8.30 9.91 -8.66
N VAL A 52 -7.15 10.46 -8.30
CA VAL A 52 -6.85 10.71 -6.90
C VAL A 52 -6.30 12.13 -6.75
N GLN A 53 -6.49 12.68 -5.56
CA GLN A 53 -6.03 14.02 -5.27
C GLN A 53 -4.88 13.98 -4.26
N SER A 54 -3.81 14.69 -4.60
CA SER A 54 -2.64 14.74 -3.74
C SER A 54 -2.21 16.19 -3.53
N PRO A 55 -1.52 16.43 -2.38
CA PRO A 55 -1.04 17.76 -2.06
C PRO A 55 0.18 18.13 -2.90
N PHE A 56 0.02 17.99 -4.21
CA PHE A 56 1.10 18.29 -5.12
C PHE A 56 0.59 18.34 -6.57
N GLY A 57 0.15 17.18 -7.05
CA GLY A 57 -0.37 17.08 -8.40
C GLY A 57 -1.32 15.89 -8.54
N PRO A 58 -1.92 15.78 -9.75
CA PRO A 58 -2.86 14.70 -10.02
C PRO A 58 -2.12 13.38 -10.23
N SER A 59 -2.36 12.45 -9.32
CA SER A 59 -1.71 11.15 -9.40
C SER A 59 -2.77 10.04 -9.28
N PRO A 60 -3.19 9.53 -10.47
CA PRO A 60 -4.20 8.48 -10.52
C PRO A 60 -3.59 7.13 -10.12
N CYS A 61 -4.44 6.11 -10.09
CA CYS A 61 -4.01 4.78 -9.74
C CYS A 61 -4.77 3.77 -10.59
N LYS A 62 -4.15 2.62 -10.79
CA LYS A 62 -4.77 1.57 -11.59
C LYS A 62 -4.54 0.22 -10.91
N VAL A 63 -5.65 -0.45 -10.64
CA VAL A 63 -5.60 -1.75 -9.98
C VAL A 63 -4.93 -2.75 -10.91
N LEU A 64 -4.22 -3.70 -10.31
CA LEU A 64 -3.53 -4.72 -11.09
C LEU A 64 -4.24 -6.06 -10.89
N GLU A 65 -4.39 -6.44 -9.63
CA GLU A 65 -5.04 -7.70 -9.30
C GLU A 65 -6.09 -7.48 -8.20
N ILE A 66 -7.18 -8.22 -8.32
CA ILE A 66 -8.26 -8.11 -7.34
C ILE A 66 -8.57 -9.49 -6.77
N ASP A 67 -8.56 -9.57 -5.45
CA ASP A 67 -8.84 -10.82 -4.77
C ASP A 67 -9.25 -10.53 -3.32
N GLU A 68 -10.49 -10.08 -3.17
CA GLU A 68 -11.01 -9.77 -1.86
C GLU A 68 -10.65 -10.87 -0.86
N PRO A 69 -10.96 -12.13 -1.25
CA PRO A 69 -10.67 -13.28 -0.41
C PRO A 69 -9.17 -13.60 -0.42
N ASN A 70 -8.37 -12.58 -0.12
CA ASN A 70 -6.93 -12.75 -0.09
C ASN A 70 -6.27 -11.38 0.03
N HIS A 71 -6.34 -10.63 -1.07
CA HIS A 71 -5.75 -9.30 -1.11
C HIS A 71 -5.92 -8.71 -2.51
N LEU A 72 -5.29 -7.56 -2.71
CA LEU A 72 -5.36 -6.88 -3.99
C LEU A 72 -4.09 -6.05 -4.19
N SER A 73 -3.82 -5.74 -5.46
CA SER A 73 -2.65 -4.95 -5.79
C SER A 73 -3.04 -3.83 -6.75
N PHE A 74 -2.24 -2.76 -6.71
CA PHE A 74 -2.50 -1.62 -7.58
C PHE A 74 -1.21 -0.83 -7.83
N SER A 75 -1.22 -0.07 -8.91
CA SER A 75 -0.07 0.73 -9.28
C SER A 75 -0.35 2.21 -9.01
N TRP A 76 0.71 3.00 -9.08
CA TRP A 76 0.59 4.43 -8.84
C TRP A 76 1.07 5.16 -10.10
N ASP A 77 0.17 5.92 -10.69
CA ASP A 77 0.48 6.68 -11.89
C ASP A 77 1.34 7.89 -11.52
N THR A 78 1.80 8.58 -12.55
CA THR A 78 2.62 9.76 -12.35
C THR A 78 3.61 9.53 -11.20
N ASP A 79 4.10 8.30 -11.13
CA ASP A 79 5.05 7.93 -10.08
C ASP A 79 5.80 6.67 -10.51
N GLY A 80 5.12 5.54 -10.39
CA GLY A 80 5.69 4.27 -10.76
C GLY A 80 5.97 3.42 -9.52
N TRP A 81 5.06 3.50 -8.57
CA TRP A 81 5.19 2.74 -7.33
C TRP A 81 4.00 1.78 -7.23
N VAL A 82 4.28 0.59 -6.70
CA VAL A 82 3.26 -0.42 -6.56
C VAL A 82 3.05 -0.72 -5.07
N VAL A 83 1.79 -0.72 -4.67
CA VAL A 83 1.45 -0.98 -3.28
C VAL A 83 0.41 -2.11 -3.22
N SER A 84 0.70 -3.08 -2.39
CA SER A 84 -0.19 -4.22 -2.23
C SER A 84 -0.30 -4.60 -0.75
N PHE A 85 -1.54 -4.79 -0.31
CA PHE A 85 -1.80 -5.15 1.07
C PHE A 85 -2.33 -6.58 1.18
N ASP A 86 -1.52 -7.43 1.77
CA ASP A 86 -1.89 -8.84 1.94
C ASP A 86 -2.76 -8.98 3.18
N LEU A 87 -3.55 -10.04 3.20
CA LEU A 87 -4.43 -10.30 4.32
C LEU A 87 -4.43 -11.80 4.63
N LYS A 88 -4.40 -12.11 5.92
CA LYS A 88 -4.39 -13.49 6.36
C LYS A 88 -5.40 -13.66 7.50
N ASP A 89 -6.22 -14.69 7.37
CA ASP A 89 -7.23 -14.99 8.37
C ASP A 89 -6.59 -15.76 9.53
N LEU A 90 -6.60 -15.14 10.69
CA LEU A 90 -6.03 -15.75 11.87
C LEU A 90 -7.15 -16.27 12.78
N GLY A 91 -8.15 -15.42 12.95
CA GLY A 91 -9.29 -15.77 13.79
C GLY A 91 -9.36 -14.86 15.02
N ASP A 92 -10.25 -15.23 15.94
CA ASP A 92 -10.43 -14.47 17.16
C ASP A 92 -10.65 -13.00 16.81
N ASN A 93 -11.21 -12.79 15.62
CA ASN A 93 -11.48 -11.44 15.16
C ASN A 93 -10.16 -10.72 14.90
N LYS A 94 -9.15 -11.50 14.52
CA LYS A 94 -7.83 -10.95 14.23
C LYS A 94 -7.43 -11.33 12.81
N THR A 95 -6.60 -10.48 12.22
CA THR A 95 -6.13 -10.71 10.86
C THR A 95 -4.72 -10.14 10.68
N GLU A 96 -3.90 -10.88 9.96
CA GLU A 96 -2.53 -10.47 9.71
C GLU A 96 -2.49 -9.50 8.52
N PHE A 97 -2.00 -8.30 8.79
CA PHE A 97 -1.91 -7.28 7.75
C PHE A 97 -0.45 -7.09 7.31
N THR A 98 -0.23 -7.31 6.02
CA THR A 98 1.10 -7.18 5.46
C THR A 98 1.09 -6.21 4.28
N LEU A 99 1.68 -5.04 4.49
CA LEU A 99 1.73 -4.02 3.45
C LEU A 99 3.00 -4.23 2.61
N ILE A 100 2.78 -4.55 1.34
CA ILE A 100 3.88 -4.78 0.42
C ILE A 100 3.88 -3.68 -0.64
N HIS A 101 4.93 -2.87 -0.60
CA HIS A 101 5.08 -1.78 -1.56
C HIS A 101 6.41 -1.90 -2.29
N GLY A 102 6.32 -2.17 -3.58
CA GLY A 102 7.51 -2.31 -4.41
C GLY A 102 7.36 -1.55 -5.72
N GLY A 103 8.12 -2.00 -6.72
CA GLY A 103 8.08 -1.37 -8.02
C GLY A 103 9.48 -0.97 -8.48
N TRP A 104 10.36 -0.78 -7.50
CA TRP A 104 11.73 -0.39 -7.79
C TRP A 104 12.48 -1.63 -8.27
N LYS A 105 13.78 -1.48 -8.41
CA LYS A 105 14.62 -2.58 -8.87
C LYS A 105 15.97 -2.52 -8.14
N HIS A 106 16.92 -1.85 -8.78
CA HIS A 106 18.25 -1.71 -8.20
C HIS A 106 18.32 -0.44 -7.35
N PRO A 107 19.09 -0.55 -6.23
CA PRO A 107 19.24 0.58 -5.34
C PRO A 107 20.18 1.65 -5.93
N ASP A 108 20.83 1.27 -7.01
CA ASP A 108 21.76 2.16 -7.68
C ASP A 108 20.96 3.08 -8.63
N GLU A 109 20.30 2.45 -9.58
CA GLU A 109 19.51 3.19 -10.56
C GLU A 109 18.59 4.17 -9.84
N ILE A 110 18.06 5.12 -10.61
CA ILE A 110 17.16 6.12 -10.08
C ILE A 110 15.92 6.22 -10.96
N LEU A 111 14.78 6.40 -10.31
CA LEU A 111 13.52 6.50 -11.02
C LEU A 111 13.49 7.83 -11.78
N PRO A 112 12.64 7.87 -12.85
CA PRO A 112 12.51 9.06 -13.67
C PRO A 112 11.67 10.13 -12.94
N LYS A 113 10.48 9.73 -12.55
CA LYS A 113 9.58 10.63 -11.85
C LYS A 113 10.07 10.83 -10.42
N ALA A 114 9.93 9.79 -9.63
CA ALA A 114 10.36 9.83 -8.24
C ALA A 114 11.71 10.55 -8.15
N ASN A 115 12.72 9.89 -8.71
CA ASN A 115 14.06 10.45 -8.70
C ASN A 115 14.70 10.22 -7.34
N ALA A 116 15.94 10.66 -7.22
CA ALA A 116 16.68 10.49 -5.97
C ALA A 116 16.83 9.01 -5.66
N LYS A 117 17.88 8.70 -4.92
CA LYS A 117 18.16 7.31 -4.55
C LYS A 117 16.91 6.71 -3.92
N SER A 118 16.47 5.60 -4.50
CA SER A 118 15.30 4.90 -4.01
C SER A 118 15.44 4.60 -2.52
N SER A 119 16.62 4.07 -2.17
CA SER A 119 16.90 3.73 -0.79
C SER A 119 16.42 4.85 0.14
N ILE A 120 16.55 6.07 -0.35
CA ILE A 120 16.13 7.23 0.42
C ILE A 120 14.61 7.38 0.33
N ILE A 121 14.09 7.13 -0.85
CA ILE A 121 12.65 7.23 -1.09
C ILE A 121 11.94 6.15 -0.27
N ARG A 122 12.43 4.93 -0.40
CA ARG A 122 11.84 3.81 0.32
C ARG A 122 12.02 3.99 1.82
N ASP A 123 13.05 4.75 2.17
CA ASP A 123 13.34 5.01 3.58
C ASP A 123 12.30 6.00 4.13
N ARG A 124 12.10 7.09 3.39
CA ARG A 124 11.16 8.10 3.80
C ARG A 124 9.73 7.55 3.73
N MET A 125 9.44 6.88 2.62
CA MET A 125 8.12 6.30 2.42
C MET A 125 7.83 5.25 3.48
N SER A 126 8.82 4.39 3.72
CA SER A 126 8.67 3.34 4.70
C SER A 126 8.47 3.93 6.09
N GLY A 127 9.36 4.84 6.45
CA GLY A 127 9.29 5.49 7.74
C GLY A 127 7.88 6.01 8.02
N GLY A 128 7.28 6.57 6.98
CA GLY A 128 5.93 7.11 7.10
C GLY A 128 4.89 5.99 7.03
N TRP A 129 5.11 5.08 6.10
CA TRP A 129 4.21 3.95 5.91
C TRP A 129 4.09 3.20 7.25
N VAL A 130 5.23 3.09 7.92
CA VAL A 130 5.27 2.39 9.19
C VAL A 130 4.36 3.12 10.18
N ALA A 131 4.47 4.43 10.21
CA ALA A 131 3.66 5.25 11.10
C ALA A 131 2.20 5.22 10.62
N ILE A 132 2.02 5.52 9.34
CA ILE A 132 0.69 5.53 8.75
C ILE A 132 0.03 4.16 8.98
N VAL A 133 0.84 3.13 8.86
CA VAL A 133 0.36 1.77 9.04
C VAL A 133 -0.02 1.56 10.51
N ASN A 134 0.68 2.28 11.37
CA ASN A 134 0.43 2.19 12.81
C ASN A 134 -0.05 3.54 13.32
N GLU A 135 -0.85 4.20 12.50
CA GLU A 135 -1.39 5.50 12.86
C GLU A 135 -2.84 5.62 12.39
N LYS A 136 -3.00 5.69 11.07
CA LYS A 136 -4.32 5.81 10.48
C LYS A 136 -4.92 4.42 10.28
N LEU A 137 -4.18 3.60 9.54
CA LEU A 137 -4.62 2.25 9.27
C LEU A 137 -5.27 1.66 10.52
N LYS A 138 -4.49 1.63 11.59
CA LYS A 138 -4.97 1.10 12.85
C LYS A 138 -6.28 1.81 13.23
N LYS A 139 -6.21 3.12 13.32
CA LYS A 139 -7.37 3.92 13.67
C LYS A 139 -8.53 3.55 12.74
N VAL A 140 -8.19 3.26 11.50
CA VAL A 140 -9.19 2.88 10.51
C VAL A 140 -9.81 1.55 10.90
N VAL A 141 -8.95 0.55 11.07
CA VAL A 141 -9.39 -0.77 11.45
C VAL A 141 -10.07 -0.71 12.82
N GLU A 142 -9.31 -0.23 13.79
CA GLU A 142 -9.82 -0.11 15.15
C GLU A 142 -11.06 0.80 15.18
N GLY A 143 -11.10 1.72 14.23
CA GLY A 143 -12.21 2.65 14.13
C GLY A 143 -13.50 1.91 13.71
N MET A 1 11.65 -18.11 -3.54
CA MET A 1 12.99 -17.57 -3.39
C MET A 1 13.03 -16.08 -3.75
N GLU A 2 13.86 -15.36 -3.02
CA GLU A 2 14.00 -13.93 -3.26
C GLU A 2 14.31 -13.66 -4.73
N GLN A 3 13.48 -12.82 -5.34
CA GLN A 3 13.63 -12.48 -6.74
C GLN A 3 15.06 -11.99 -7.00
N GLN A 4 15.31 -11.64 -8.26
CA GLN A 4 16.62 -11.16 -8.66
C GLN A 4 17.07 -10.04 -7.72
N ASN A 5 18.37 -9.74 -7.79
CA ASN A 5 18.94 -8.69 -6.96
C ASN A 5 18.30 -7.36 -7.31
N THR A 6 17.29 -7.00 -6.53
CA THR A 6 16.58 -5.74 -6.75
C THR A 6 16.12 -5.15 -5.42
N LEU A 7 15.89 -3.85 -5.44
CA LEU A 7 15.45 -3.14 -4.25
C LEU A 7 14.38 -3.97 -3.53
N ASN A 8 14.71 -4.39 -2.32
CA ASN A 8 13.79 -5.20 -1.53
C ASN A 8 12.47 -4.45 -1.41
N ASP A 9 11.43 -5.21 -1.08
CA ASP A 9 10.10 -4.64 -0.92
C ASP A 9 9.90 -4.22 0.54
N ILE A 10 9.11 -3.18 0.71
CA ILE A 10 8.82 -2.67 2.04
C ILE A 10 7.68 -3.47 2.67
N LYS A 11 8.06 -4.49 3.43
CA LYS A 11 7.08 -5.34 4.09
C LYS A 11 6.73 -4.75 5.46
N GLN A 12 5.49 -4.98 5.87
CA GLN A 12 5.02 -4.48 7.14
C GLN A 12 3.96 -5.42 7.72
N THR A 13 4.44 -6.47 8.38
CA THR A 13 3.55 -7.44 8.98
C THR A 13 3.05 -6.95 10.34
N ILE A 14 1.74 -6.83 10.46
CA ILE A 14 1.14 -6.38 11.70
C ILE A 14 -0.17 -7.14 11.93
N VAL A 15 -0.54 -7.25 13.20
CA VAL A 15 -1.75 -7.94 13.57
C VAL A 15 -2.74 -6.95 14.19
N PHE A 16 -3.92 -6.88 13.57
CA PHE A 16 -4.95 -5.98 14.05
C PHE A 16 -6.12 -6.75 14.65
N ASN A 17 -6.94 -6.03 15.42
CA ASN A 17 -8.09 -6.64 16.06
C ASN A 17 -9.31 -6.48 15.16
N ALA A 18 -9.30 -7.20 14.05
CA ALA A 18 -10.39 -7.15 13.11
C ALA A 18 -10.42 -8.45 12.28
N SER A 19 -11.37 -8.50 11.35
CA SER A 19 -11.51 -9.66 10.50
C SER A 19 -10.97 -9.36 9.10
N ILE A 20 -10.50 -10.41 8.44
CA ILE A 20 -9.95 -10.26 7.10
C ILE A 20 -10.93 -9.44 6.25
N GLN A 21 -12.21 -9.66 6.49
CA GLN A 21 -13.25 -8.95 5.76
C GLN A 21 -13.24 -7.47 6.13
N LYS A 22 -13.09 -7.23 7.43
CA LYS A 22 -13.07 -5.86 7.93
C LYS A 22 -11.87 -5.13 7.35
N VAL A 23 -10.69 -5.69 7.61
CA VAL A 23 -9.46 -5.10 7.12
C VAL A 23 -9.56 -4.88 5.61
N TRP A 24 -10.14 -5.87 4.94
CA TRP A 24 -10.31 -5.81 3.50
C TRP A 24 -11.22 -4.61 3.18
N SER A 25 -12.29 -4.50 3.96
CA SER A 25 -13.23 -3.41 3.78
C SER A 25 -12.52 -2.07 3.91
N VAL A 26 -11.51 -2.05 4.76
CA VAL A 26 -10.73 -0.84 4.98
C VAL A 26 -9.78 -0.62 3.80
N VAL A 27 -9.62 -1.67 3.01
CA VAL A 27 -8.74 -1.60 1.86
C VAL A 27 -9.50 -2.09 0.62
N SER A 28 -10.72 -1.63 0.49
CA SER A 28 -11.56 -2.01 -0.63
C SER A 28 -12.77 -1.07 -0.73
N THR A 29 -12.56 0.16 -0.31
CA THR A 29 -13.61 1.17 -0.35
C THR A 29 -13.05 2.52 -0.77
N ALA A 30 -13.93 3.51 -0.82
CA ALA A 30 -13.53 4.85 -1.20
C ALA A 30 -13.29 5.68 0.06
N GLU A 31 -14.20 5.53 1.02
CA GLU A 31 -14.10 6.27 2.27
C GLU A 31 -13.11 5.56 3.21
N GLY A 32 -13.26 4.25 3.30
CA GLY A 32 -12.41 3.46 4.16
C GLY A 32 -10.93 3.71 3.86
N ILE A 33 -10.63 3.77 2.57
CA ILE A 33 -9.26 4.00 2.13
C ILE A 33 -8.90 5.48 2.38
N ALA A 34 -9.73 6.35 1.83
CA ALA A 34 -9.52 7.78 1.98
C ALA A 34 -9.43 8.13 3.46
N SER A 35 -9.96 7.23 4.28
CA SER A 35 -9.96 7.42 5.71
C SER A 35 -8.51 7.57 6.21
N TRP A 36 -7.58 7.17 5.35
CA TRP A 36 -6.18 7.26 5.69
C TRP A 36 -5.41 7.64 4.42
N PHE A 37 -5.47 6.76 3.44
CA PHE A 37 -4.78 6.98 2.19
C PHE A 37 -5.04 8.40 1.67
N MET A 38 -6.13 8.53 0.92
CA MET A 38 -6.50 9.82 0.36
C MET A 38 -7.87 9.73 -0.34
N PRO A 39 -8.42 10.93 -0.65
CA PRO A 39 -9.72 11.01 -1.32
C PRO A 39 -9.58 10.64 -2.81
N ASN A 40 -10.39 9.68 -3.22
CA ASN A 40 -10.38 9.22 -4.60
C ASN A 40 -11.65 8.43 -4.89
N ASP A 41 -11.84 8.12 -6.15
CA ASP A 41 -13.01 7.38 -6.58
C ASP A 41 -12.63 5.90 -6.77
N PHE A 42 -11.90 5.39 -5.79
CA PHE A 42 -11.47 4.00 -5.83
C PHE A 42 -12.52 3.11 -6.50
N VAL A 43 -12.04 2.24 -7.36
CA VAL A 43 -12.93 1.33 -8.07
C VAL A 43 -12.40 -0.10 -7.94
N LEU A 44 -13.32 -1.03 -7.68
CA LEU A 44 -12.96 -2.42 -7.53
C LEU A 44 -13.04 -3.12 -8.89
N GLU A 45 -12.14 -2.72 -9.78
CA GLU A 45 -12.11 -3.30 -11.12
C GLU A 45 -10.66 -3.41 -11.61
N VAL A 46 -10.37 -4.55 -12.21
CA VAL A 46 -9.03 -4.80 -12.72
C VAL A 46 -8.73 -3.81 -13.84
N GLY A 47 -7.49 -3.32 -13.84
CA GLY A 47 -7.06 -2.35 -14.84
C GLY A 47 -8.09 -1.22 -14.99
N HIS A 48 -8.74 -0.91 -13.89
CA HIS A 48 -9.73 0.15 -13.89
C HIS A 48 -9.14 1.41 -13.26
N GLU A 49 -8.21 2.01 -13.99
CA GLU A 49 -7.56 3.22 -13.52
C GLU A 49 -8.60 4.27 -13.13
N PHE A 50 -8.27 5.05 -12.11
CA PHE A 50 -9.17 6.09 -11.65
C PHE A 50 -8.39 7.37 -11.31
N HIS A 51 -9.12 8.34 -10.76
CA HIS A 51 -8.51 9.60 -10.39
C HIS A 51 -8.47 9.73 -8.87
N VAL A 52 -7.42 10.37 -8.40
CA VAL A 52 -7.24 10.57 -6.96
C VAL A 52 -6.88 12.03 -6.69
N GLN A 53 -7.18 12.46 -5.48
CA GLN A 53 -6.90 13.83 -5.08
C GLN A 53 -5.74 13.86 -4.07
N SER A 54 -4.67 14.51 -4.48
CA SER A 54 -3.49 14.62 -3.63
C SER A 54 -3.12 16.09 -3.44
N PRO A 55 -2.49 16.37 -2.26
CA PRO A 55 -2.08 17.73 -1.94
C PRO A 55 -0.84 18.13 -2.74
N PHE A 56 -0.14 17.11 -3.24
CA PHE A 56 1.07 17.35 -4.02
C PHE A 56 0.87 16.91 -5.47
N GLY A 57 -0.22 17.39 -6.06
CA GLY A 57 -0.53 17.06 -7.44
C GLY A 57 -1.40 15.80 -7.51
N PRO A 58 -2.11 15.66 -8.67
CA PRO A 58 -2.97 14.51 -8.88
C PRO A 58 -2.14 13.25 -9.18
N SER A 59 -2.54 12.16 -8.54
CA SER A 59 -1.85 10.90 -8.75
C SER A 59 -2.87 9.76 -8.89
N PRO A 60 -3.16 9.42 -10.19
CA PRO A 60 -4.11 8.37 -10.47
C PRO A 60 -3.50 6.99 -10.22
N CYS A 61 -4.35 6.07 -9.78
CA CYS A 61 -3.91 4.72 -9.49
C CYS A 61 -4.61 3.77 -10.44
N LYS A 62 -3.98 2.62 -10.67
CA LYS A 62 -4.53 1.62 -11.57
C LYS A 62 -4.41 0.25 -10.92
N VAL A 63 -5.57 -0.33 -10.61
CA VAL A 63 -5.61 -1.64 -9.98
C VAL A 63 -4.97 -2.67 -10.91
N LEU A 64 -4.20 -3.57 -10.32
CA LEU A 64 -3.53 -4.60 -11.09
C LEU A 64 -4.25 -5.93 -10.89
N GLU A 65 -4.40 -6.29 -9.62
CA GLU A 65 -5.06 -7.54 -9.27
C GLU A 65 -6.10 -7.29 -8.18
N ILE A 66 -7.17 -8.07 -8.24
CA ILE A 66 -8.24 -7.95 -7.25
C ILE A 66 -8.59 -9.33 -6.71
N ASP A 67 -8.54 -9.45 -5.39
CA ASP A 67 -8.85 -10.71 -4.74
C ASP A 67 -9.27 -10.45 -3.30
N GLU A 68 -10.51 -10.02 -3.14
CA GLU A 68 -11.06 -9.73 -1.83
C GLU A 68 -10.68 -10.84 -0.85
N PRO A 69 -10.96 -12.10 -1.26
CA PRO A 69 -10.66 -13.25 -0.43
C PRO A 69 -9.15 -13.55 -0.43
N ASN A 70 -8.38 -12.53 -0.09
CA ASN A 70 -6.94 -12.66 -0.05
C ASN A 70 -6.29 -11.29 0.07
N HIS A 71 -6.33 -10.56 -1.05
CA HIS A 71 -5.76 -9.22 -1.08
C HIS A 71 -5.91 -8.64 -2.49
N LEU A 72 -5.31 -7.48 -2.68
CA LEU A 72 -5.37 -6.81 -3.96
C LEU A 72 -4.10 -5.98 -4.17
N SER A 73 -3.86 -5.61 -5.42
CA SER A 73 -2.68 -4.83 -5.75
C SER A 73 -3.06 -3.72 -6.74
N PHE A 74 -2.27 -2.66 -6.70
CA PHE A 74 -2.51 -1.52 -7.58
C PHE A 74 -1.21 -0.74 -7.83
N SER A 75 -1.17 -0.07 -8.98
CA SER A 75 -0.01 0.71 -9.35
C SER A 75 -0.19 2.17 -8.90
N TRP A 76 0.90 2.91 -8.99
CA TRP A 76 0.86 4.32 -8.59
C TRP A 76 1.49 5.14 -9.73
N ASP A 77 0.65 5.94 -10.37
CA ASP A 77 1.11 6.77 -11.47
C ASP A 77 2.02 7.88 -10.92
N THR A 78 2.44 8.75 -11.82
CA THR A 78 3.31 9.85 -11.44
C THR A 78 4.32 9.39 -10.39
N ASP A 79 4.72 8.13 -10.51
CA ASP A 79 5.68 7.55 -9.58
C ASP A 79 6.20 6.23 -10.14
N GLY A 80 5.32 5.24 -10.14
CA GLY A 80 5.69 3.93 -10.64
C GLY A 80 5.79 2.91 -9.51
N TRP A 81 5.60 3.40 -8.30
CA TRP A 81 5.67 2.56 -7.11
C TRP A 81 4.36 1.77 -7.02
N VAL A 82 4.46 0.55 -6.52
CA VAL A 82 3.30 -0.30 -6.37
C VAL A 82 3.07 -0.59 -4.89
N VAL A 83 1.81 -0.50 -4.48
CA VAL A 83 1.46 -0.76 -3.10
C VAL A 83 0.39 -1.86 -3.05
N SER A 84 0.65 -2.86 -2.23
CA SER A 84 -0.27 -3.97 -2.08
C SER A 84 -0.41 -4.34 -0.59
N PHE A 85 -1.64 -4.62 -0.20
CA PHE A 85 -1.92 -4.99 1.17
C PHE A 85 -2.43 -6.42 1.27
N ASP A 86 -1.62 -7.27 1.87
CA ASP A 86 -1.97 -8.67 2.03
C ASP A 86 -2.87 -8.82 3.26
N LEU A 87 -3.70 -9.86 3.21
CA LEU A 87 -4.62 -10.14 4.31
C LEU A 87 -4.62 -11.63 4.60
N LYS A 88 -4.58 -11.94 5.89
CA LYS A 88 -4.57 -13.34 6.33
C LYS A 88 -5.56 -13.51 7.48
N ASP A 89 -6.45 -14.48 7.32
CA ASP A 89 -7.45 -14.76 8.33
C ASP A 89 -6.81 -15.59 9.45
N LEU A 90 -6.83 -15.02 10.65
CA LEU A 90 -6.27 -15.69 11.81
C LEU A 90 -7.40 -16.14 12.73
N GLY A 91 -8.43 -15.32 12.79
CA GLY A 91 -9.58 -15.62 13.63
C GLY A 91 -9.59 -14.75 14.88
N ASP A 92 -10.47 -15.09 15.81
CA ASP A 92 -10.58 -14.35 17.05
C ASP A 92 -10.66 -12.85 16.74
N ASN A 93 -11.31 -12.54 15.63
CA ASN A 93 -11.44 -11.16 15.20
C ASN A 93 -10.06 -10.55 15.00
N LYS A 94 -9.16 -11.37 14.49
CA LYS A 94 -7.80 -10.92 14.23
C LYS A 94 -7.39 -11.31 12.80
N THR A 95 -6.57 -10.47 12.22
CA THR A 95 -6.09 -10.71 10.86
C THR A 95 -4.68 -10.17 10.67
N GLU A 96 -3.89 -10.88 9.89
CA GLU A 96 -2.52 -10.48 9.63
C GLU A 96 -2.47 -9.53 8.44
N PHE A 97 -1.97 -8.33 8.71
CA PHE A 97 -1.86 -7.31 7.67
C PHE A 97 -0.39 -7.08 7.28
N THR A 98 -0.10 -7.38 6.02
CA THR A 98 1.26 -7.21 5.51
C THR A 98 1.25 -6.30 4.28
N LEU A 99 1.78 -5.09 4.48
CA LEU A 99 1.85 -4.12 3.40
C LEU A 99 3.18 -4.27 2.66
N ILE A 100 3.08 -4.34 1.34
CA ILE A 100 4.26 -4.49 0.51
C ILE A 100 4.27 -3.40 -0.56
N HIS A 101 5.32 -2.59 -0.53
CA HIS A 101 5.45 -1.51 -1.49
C HIS A 101 6.75 -1.67 -2.27
N GLY A 102 6.60 -1.89 -3.57
CA GLY A 102 7.75 -2.06 -4.44
C GLY A 102 7.55 -1.32 -5.77
N GLY A 103 8.25 -1.81 -6.79
CA GLY A 103 8.15 -1.21 -8.11
C GLY A 103 9.53 -0.78 -8.61
N TRP A 104 10.43 -0.56 -7.66
CA TRP A 104 11.78 -0.14 -8.00
C TRP A 104 12.44 -1.27 -8.78
N LYS A 105 13.71 -1.04 -9.12
CA LYS A 105 14.47 -2.04 -9.87
C LYS A 105 15.83 -2.22 -9.23
N HIS A 106 16.60 -1.13 -9.20
CA HIS A 106 17.92 -1.15 -8.62
C HIS A 106 18.18 0.16 -7.88
N PRO A 107 18.97 0.05 -6.78
CA PRO A 107 19.30 1.22 -5.97
C PRO A 107 20.34 2.09 -6.68
N ASP A 108 21.33 1.43 -7.26
CA ASP A 108 22.38 2.14 -7.96
C ASP A 108 21.77 3.06 -9.01
N GLU A 109 20.65 2.60 -9.56
CA GLU A 109 19.95 3.39 -10.58
C GLU A 109 18.88 4.26 -9.93
N ILE A 110 18.64 5.41 -10.55
CA ILE A 110 17.66 6.35 -10.05
C ILE A 110 16.44 6.35 -10.99
N LEU A 111 15.30 6.73 -10.42
CA LEU A 111 14.07 6.77 -11.18
C LEU A 111 13.99 8.11 -11.93
N PRO A 112 13.16 8.12 -13.01
CA PRO A 112 13.00 9.31 -13.82
C PRO A 112 12.11 10.34 -13.09
N LYS A 113 10.95 9.87 -12.66
CA LYS A 113 10.02 10.73 -11.96
C LYS A 113 10.50 10.95 -10.53
N ALA A 114 10.29 9.93 -9.71
CA ALA A 114 10.70 10.00 -8.31
C ALA A 114 12.06 10.70 -8.22
N ASN A 115 13.05 10.08 -8.85
CA ASN A 115 14.40 10.63 -8.85
C ASN A 115 15.01 10.45 -7.45
N ALA A 116 16.30 10.75 -7.37
CA ALA A 116 17.01 10.64 -6.11
C ALA A 116 17.19 9.16 -5.76
N LYS A 117 18.14 8.90 -4.89
CA LYS A 117 18.42 7.54 -4.46
C LYS A 117 17.12 6.87 -4.02
N SER A 118 16.86 5.69 -4.57
CA SER A 118 15.67 4.95 -4.25
C SER A 118 15.69 4.54 -2.78
N SER A 119 16.87 4.15 -2.32
CA SER A 119 17.03 3.73 -0.94
C SER A 119 16.53 4.83 0.00
N ILE A 120 16.89 6.06 -0.33
CA ILE A 120 16.48 7.20 0.47
C ILE A 120 14.95 7.26 0.54
N ILE A 121 14.34 7.10 -0.63
CA ILE A 121 12.89 7.13 -0.72
C ILE A 121 12.31 5.89 -0.05
N ARG A 122 12.99 4.77 -0.25
CA ARG A 122 12.55 3.52 0.33
C ARG A 122 12.40 3.66 1.84
N ASP A 123 13.41 4.25 2.46
CA ASP A 123 13.41 4.46 3.90
C ASP A 123 12.40 5.55 4.25
N ARG A 124 12.50 6.66 3.52
CA ARG A 124 11.61 7.78 3.74
C ARG A 124 10.16 7.33 3.66
N MET A 125 9.84 6.64 2.58
CA MET A 125 8.50 6.14 2.38
C MET A 125 8.16 5.03 3.36
N SER A 126 9.17 4.23 3.67
CA SER A 126 9.01 3.12 4.61
C SER A 126 8.52 3.65 5.96
N GLY A 127 9.26 4.60 6.49
CA GLY A 127 8.91 5.20 7.77
C GLY A 127 7.47 5.70 7.77
N GLY A 128 7.18 6.58 6.82
CA GLY A 128 5.84 7.15 6.70
C GLY A 128 4.79 6.04 6.65
N TRP A 129 5.11 4.97 5.95
CA TRP A 129 4.21 3.85 5.81
C TRP A 129 4.10 3.17 7.18
N VAL A 130 5.25 3.04 7.84
CA VAL A 130 5.29 2.42 9.14
C VAL A 130 4.38 3.18 10.10
N ALA A 131 4.52 4.50 10.07
CA ALA A 131 3.71 5.36 10.92
C ALA A 131 2.26 5.34 10.44
N ILE A 132 2.10 5.63 9.15
CA ILE A 132 0.78 5.65 8.55
C ILE A 132 0.08 4.31 8.82
N VAL A 133 0.88 3.25 8.83
CA VAL A 133 0.34 1.92 9.06
C VAL A 133 -0.08 1.80 10.53
N ASN A 134 0.66 2.49 11.39
CA ASN A 134 0.37 2.46 12.81
C ASN A 134 -0.01 3.87 13.27
N GLU A 135 -0.81 4.53 12.45
CA GLU A 135 -1.25 5.89 12.76
C GLU A 135 -2.70 6.07 12.32
N LYS A 136 -2.95 5.84 11.04
CA LYS A 136 -4.28 5.98 10.48
C LYS A 136 -4.85 4.60 10.18
N LEU A 137 -4.18 3.91 9.26
CA LEU A 137 -4.61 2.58 8.87
C LEU A 137 -5.16 1.84 10.09
N LYS A 138 -4.28 1.61 11.05
CA LYS A 138 -4.66 0.92 12.27
C LYS A 138 -5.90 1.60 12.86
N LYS A 139 -5.83 2.91 12.97
CA LYS A 139 -6.92 3.68 13.52
C LYS A 139 -8.21 3.36 12.74
N VAL A 140 -8.05 3.27 11.43
CA VAL A 140 -9.17 2.97 10.56
C VAL A 140 -9.78 1.62 10.97
N VAL A 141 -8.93 0.61 10.98
CA VAL A 141 -9.36 -0.73 11.34
C VAL A 141 -9.87 -0.73 12.78
N GLU A 142 -9.00 -0.30 13.68
CA GLU A 142 -9.34 -0.24 15.09
C GLU A 142 -10.64 0.54 15.29
N GLY A 143 -10.73 1.66 14.60
CA GLY A 143 -11.92 2.50 14.68
C GLY A 143 -13.19 1.69 14.38
N MET A 1 24.54 -17.46 1.00
CA MET A 1 23.33 -17.93 0.34
C MET A 1 22.59 -16.78 -0.34
N GLU A 2 22.30 -15.76 0.45
CA GLU A 2 21.59 -14.59 -0.06
C GLU A 2 22.56 -13.66 -0.80
N GLN A 3 22.00 -12.64 -1.42
CA GLN A 3 22.80 -11.67 -2.16
C GLN A 3 22.00 -10.39 -2.38
N GLN A 4 22.64 -9.46 -3.08
CA GLN A 4 22.01 -8.18 -3.38
C GLN A 4 21.19 -8.28 -4.66
N ASN A 5 20.07 -7.56 -4.68
CA ASN A 5 19.20 -7.55 -5.84
C ASN A 5 18.39 -6.26 -5.86
N THR A 6 17.32 -6.27 -6.63
CA THR A 6 16.46 -5.11 -6.76
C THR A 6 15.94 -4.69 -5.38
N LEU A 7 15.78 -3.38 -5.21
CA LEU A 7 15.28 -2.84 -3.96
C LEU A 7 14.15 -3.73 -3.43
N ASN A 8 14.28 -4.10 -2.16
CA ASN A 8 13.28 -4.95 -1.53
C ASN A 8 11.96 -4.19 -1.45
N ASP A 9 10.91 -4.93 -1.10
CA ASP A 9 9.59 -4.34 -0.98
C ASP A 9 9.35 -3.92 0.47
N ILE A 10 8.60 -2.83 0.62
CA ILE A 10 8.29 -2.33 1.95
C ILE A 10 7.21 -3.19 2.58
N LYS A 11 7.64 -4.28 3.20
CA LYS A 11 6.71 -5.20 3.84
C LYS A 11 6.43 -4.71 5.27
N GLN A 12 5.16 -4.77 5.63
CA GLN A 12 4.74 -4.34 6.96
C GLN A 12 3.80 -5.38 7.58
N THR A 13 4.41 -6.43 8.11
CA THR A 13 3.64 -7.49 8.74
C THR A 13 3.27 -7.11 10.17
N ILE A 14 1.97 -7.04 10.41
CA ILE A 14 1.46 -6.69 11.73
C ILE A 14 0.11 -7.37 11.95
N VAL A 15 -0.18 -7.64 13.23
CA VAL A 15 -1.43 -8.27 13.59
C VAL A 15 -2.38 -7.24 14.19
N PHE A 16 -3.53 -7.09 13.55
CA PHE A 16 -4.52 -6.14 14.01
C PHE A 16 -5.72 -6.86 14.65
N ASN A 17 -6.42 -6.12 15.51
CA ASN A 17 -7.57 -6.68 16.19
C ASN A 17 -8.81 -6.51 15.31
N ALA A 18 -8.90 -7.35 14.29
CA ALA A 18 -10.02 -7.31 13.38
C ALA A 18 -10.03 -8.57 12.53
N SER A 19 -11.07 -8.70 11.72
CA SER A 19 -11.22 -9.86 10.85
C SER A 19 -10.76 -9.51 9.44
N ILE A 20 -10.47 -10.54 8.67
CA ILE A 20 -10.03 -10.37 7.30
C ILE A 20 -11.06 -9.54 6.54
N GLN A 21 -12.32 -9.87 6.75
CA GLN A 21 -13.41 -9.16 6.09
C GLN A 21 -13.45 -7.71 6.56
N LYS A 22 -13.07 -7.51 7.81
CA LYS A 22 -13.07 -6.18 8.40
C LYS A 22 -11.87 -5.39 7.85
N VAL A 23 -10.69 -5.98 8.02
CA VAL A 23 -9.46 -5.35 7.57
C VAL A 23 -9.58 -5.06 6.06
N TRP A 24 -10.26 -5.97 5.37
CA TRP A 24 -10.44 -5.82 3.94
C TRP A 24 -11.31 -4.58 3.69
N SER A 25 -12.37 -4.48 4.50
CA SER A 25 -13.28 -3.35 4.38
C SER A 25 -12.52 -2.03 4.53
N VAL A 26 -11.44 -2.10 5.31
CA VAL A 26 -10.62 -0.92 5.53
C VAL A 26 -9.74 -0.67 4.30
N VAL A 27 -9.66 -1.70 3.46
CA VAL A 27 -8.86 -1.60 2.25
C VAL A 27 -9.69 -2.10 1.05
N SER A 28 -10.87 -1.51 0.93
CA SER A 28 -11.76 -1.87 -0.17
C SER A 28 -12.88 -0.83 -0.29
N THR A 29 -12.55 0.40 0.06
CA THR A 29 -13.52 1.48 -0.01
C THR A 29 -12.83 2.77 -0.49
N ALA A 30 -13.66 3.72 -0.91
CA ALA A 30 -13.16 4.99 -1.40
C ALA A 30 -12.77 5.86 -0.21
N GLU A 31 -13.71 6.01 0.72
CA GLU A 31 -13.48 6.81 1.90
C GLU A 31 -12.69 6.02 2.94
N GLY A 32 -13.03 4.74 3.05
CA GLY A 32 -12.37 3.86 4.00
C GLY A 32 -10.86 3.90 3.81
N ILE A 33 -10.45 3.87 2.54
CA ILE A 33 -9.04 3.89 2.21
C ILE A 33 -8.50 5.31 2.41
N ALA A 34 -9.16 6.26 1.78
CA ALA A 34 -8.76 7.65 1.89
C ALA A 34 -8.66 8.05 3.36
N SER A 35 -9.34 7.26 4.19
CA SER A 35 -9.34 7.52 5.62
C SER A 35 -7.90 7.69 6.13
N TRP A 36 -6.98 7.07 5.40
CA TRP A 36 -5.58 7.13 5.76
C TRP A 36 -4.78 7.46 4.50
N PHE A 37 -4.80 6.51 3.57
CA PHE A 37 -4.08 6.68 2.31
C PHE A 37 -4.11 8.13 1.86
N MET A 38 -5.18 8.47 1.15
CA MET A 38 -5.34 9.83 0.65
C MET A 38 -6.69 10.01 -0.05
N PRO A 39 -7.03 11.30 -0.33
CA PRO A 39 -8.28 11.61 -1.00
C PRO A 39 -8.23 11.26 -2.48
N ASN A 40 -9.09 10.33 -2.87
CA ASN A 40 -9.14 9.89 -4.26
C ASN A 40 -10.52 9.27 -4.54
N ASP A 41 -10.58 8.53 -5.63
CA ASP A 41 -11.82 7.89 -6.03
C ASP A 41 -11.54 6.42 -6.37
N PHE A 42 -11.22 5.66 -5.33
CA PHE A 42 -10.93 4.25 -5.50
C PHE A 42 -12.00 3.57 -6.36
N VAL A 43 -11.65 2.39 -6.85
CA VAL A 43 -12.57 1.62 -7.69
C VAL A 43 -12.17 0.15 -7.65
N LEU A 44 -13.12 -0.67 -7.22
CA LEU A 44 -12.89 -2.11 -7.13
C LEU A 44 -13.19 -2.75 -8.49
N GLU A 45 -12.27 -2.57 -9.41
CA GLU A 45 -12.43 -3.12 -10.75
C GLU A 45 -11.06 -3.44 -11.35
N VAL A 46 -10.97 -4.62 -11.96
CA VAL A 46 -9.74 -5.06 -12.57
C VAL A 46 -9.53 -4.30 -13.88
N GLY A 47 -8.34 -3.71 -14.01
CA GLY A 47 -8.01 -2.95 -15.19
C GLY A 47 -8.67 -1.57 -15.17
N HIS A 48 -9.25 -1.25 -14.02
CA HIS A 48 -9.92 0.03 -13.85
C HIS A 48 -8.92 1.05 -13.29
N GLU A 49 -8.84 2.19 -13.98
CA GLU A 49 -7.94 3.25 -13.56
C GLU A 49 -8.73 4.40 -12.94
N PHE A 50 -8.00 5.32 -12.34
CA PHE A 50 -8.61 6.48 -11.71
C PHE A 50 -7.56 7.52 -11.33
N HIS A 51 -8.02 8.58 -10.69
CA HIS A 51 -7.13 9.65 -10.25
C HIS A 51 -7.18 9.78 -8.73
N VAL A 52 -6.02 10.09 -8.16
CA VAL A 52 -5.91 10.24 -6.72
C VAL A 52 -5.14 11.52 -6.40
N GLN A 53 -5.17 11.90 -5.14
CA GLN A 53 -4.48 13.09 -4.70
C GLN A 53 -3.10 12.73 -4.13
N SER A 54 -2.10 12.82 -5.01
CA SER A 54 -0.73 12.52 -4.62
C SER A 54 -0.08 13.75 -4.00
N PRO A 55 0.97 13.49 -3.18
CA PRO A 55 1.70 14.56 -2.52
C PRO A 55 2.61 15.28 -3.50
N PHE A 56 3.09 14.52 -4.49
CA PHE A 56 3.98 15.08 -5.49
C PHE A 56 3.19 15.53 -6.73
N GLY A 57 1.95 15.94 -6.49
CA GLY A 57 1.10 16.39 -7.57
C GLY A 57 0.01 15.35 -7.87
N PRO A 58 -0.71 15.59 -9.00
CA PRO A 58 -1.76 14.68 -9.42
C PRO A 58 -1.19 13.40 -10.02
N SER A 59 -1.45 12.29 -9.33
CA SER A 59 -0.96 11.00 -9.79
C SER A 59 -2.10 9.97 -9.74
N PRO A 60 -2.42 9.42 -10.94
CA PRO A 60 -3.47 8.43 -11.05
C PRO A 60 -3.01 7.07 -10.50
N CYS A 61 -3.87 6.08 -10.67
CA CYS A 61 -3.55 4.73 -10.20
C CYS A 61 -4.24 3.73 -11.14
N LYS A 62 -3.75 2.51 -11.09
CA LYS A 62 -4.31 1.44 -11.92
C LYS A 62 -4.29 0.13 -11.15
N VAL A 63 -5.47 -0.46 -11.02
CA VAL A 63 -5.61 -1.71 -10.31
C VAL A 63 -4.97 -2.84 -11.13
N LEU A 64 -4.22 -3.68 -10.44
CA LEU A 64 -3.55 -4.80 -11.09
C LEU A 64 -4.37 -6.07 -10.88
N GLU A 65 -4.68 -6.33 -9.61
CA GLU A 65 -5.45 -7.51 -9.26
C GLU A 65 -6.44 -7.19 -8.14
N ILE A 66 -7.59 -7.85 -8.19
CA ILE A 66 -8.61 -7.64 -7.20
C ILE A 66 -9.10 -8.99 -6.67
N ASP A 67 -8.84 -9.23 -5.40
CA ASP A 67 -9.24 -10.48 -4.76
C ASP A 67 -9.60 -10.21 -3.31
N GLU A 68 -10.84 -9.78 -3.11
CA GLU A 68 -11.33 -9.49 -1.77
C GLU A 68 -11.00 -10.64 -0.82
N PRO A 69 -11.36 -11.88 -1.26
CA PRO A 69 -11.11 -13.06 -0.46
C PRO A 69 -9.63 -13.44 -0.50
N ASN A 70 -8.79 -12.47 -0.16
CA ASN A 70 -7.35 -12.69 -0.16
C ASN A 70 -6.63 -11.35 -0.02
N HIS A 71 -6.64 -10.59 -1.11
CA HIS A 71 -6.01 -9.29 -1.12
C HIS A 71 -6.16 -8.65 -2.51
N LEU A 72 -5.57 -7.48 -2.64
CA LEU A 72 -5.63 -6.76 -3.91
C LEU A 72 -4.30 -6.04 -4.14
N SER A 73 -4.13 -5.55 -5.37
CA SER A 73 -2.92 -4.84 -5.73
C SER A 73 -3.25 -3.71 -6.70
N PHE A 74 -2.42 -2.67 -6.65
CA PHE A 74 -2.61 -1.52 -7.52
C PHE A 74 -1.30 -0.76 -7.72
N SER A 75 -1.15 -0.21 -8.92
CA SER A 75 0.05 0.53 -9.26
C SER A 75 -0.19 2.03 -9.07
N TRP A 76 0.90 2.76 -8.94
CA TRP A 76 0.82 4.20 -8.75
C TRP A 76 1.37 4.87 -10.03
N ASP A 77 0.50 5.67 -10.64
CA ASP A 77 0.88 6.37 -11.85
C ASP A 77 1.69 7.62 -11.49
N THR A 78 2.14 8.33 -12.52
CA THR A 78 2.91 9.53 -12.33
C THR A 78 3.87 9.36 -11.15
N ASP A 79 4.36 8.14 -11.00
CA ASP A 79 5.28 7.81 -9.93
C ASP A 79 6.08 6.56 -10.29
N GLY A 80 5.35 5.46 -10.45
CA GLY A 80 5.97 4.19 -10.80
C GLY A 80 6.24 3.36 -9.55
N TRP A 81 5.26 3.36 -8.65
CA TRP A 81 5.38 2.60 -7.42
C TRP A 81 4.15 1.71 -7.29
N VAL A 82 4.39 0.52 -6.74
CA VAL A 82 3.31 -0.44 -6.56
C VAL A 82 3.04 -0.62 -5.06
N VAL A 83 1.76 -0.74 -4.74
CA VAL A 83 1.37 -0.92 -3.35
C VAL A 83 0.27 -1.98 -3.27
N SER A 84 0.44 -2.90 -2.32
CA SER A 84 -0.51 -3.97 -2.14
C SER A 84 -0.55 -4.39 -0.67
N PHE A 85 -1.72 -4.84 -0.23
CA PHE A 85 -1.89 -5.27 1.14
C PHE A 85 -2.47 -6.68 1.20
N ASP A 86 -1.67 -7.60 1.75
CA ASP A 86 -2.08 -8.98 1.86
C ASP A 86 -2.90 -9.15 3.15
N LEU A 87 -3.80 -10.12 3.11
CA LEU A 87 -4.65 -10.40 4.25
C LEU A 87 -4.57 -11.89 4.60
N LYS A 88 -4.54 -12.17 5.89
CA LYS A 88 -4.46 -13.54 6.36
C LYS A 88 -5.50 -13.75 7.48
N ASP A 89 -6.34 -14.75 7.28
CA ASP A 89 -7.37 -15.07 8.25
C ASP A 89 -6.75 -15.87 9.39
N LEU A 90 -6.51 -15.18 10.50
CA LEU A 90 -5.93 -15.81 11.66
C LEU A 90 -7.05 -16.37 12.55
N GLY A 91 -8.03 -15.51 12.80
CA GLY A 91 -9.16 -15.90 13.63
C GLY A 91 -9.20 -15.07 14.92
N ASP A 92 -10.06 -15.50 15.84
CA ASP A 92 -10.19 -14.81 17.11
C ASP A 92 -10.39 -13.31 16.86
N ASN A 93 -10.99 -13.01 15.72
CA ASN A 93 -11.24 -11.63 15.35
C ASN A 93 -9.89 -10.92 15.08
N LYS A 94 -8.96 -11.71 14.56
CA LYS A 94 -7.63 -11.17 14.26
C LYS A 94 -7.27 -11.54 12.82
N THR A 95 -6.38 -10.74 12.25
CA THR A 95 -5.94 -10.97 10.88
C THR A 95 -4.53 -10.39 10.68
N GLU A 96 -3.74 -11.13 9.92
CA GLU A 96 -2.37 -10.71 9.63
C GLU A 96 -2.36 -9.71 8.47
N PHE A 97 -1.96 -8.49 8.78
CA PHE A 97 -1.89 -7.45 7.77
C PHE A 97 -0.45 -7.22 7.30
N THR A 98 -0.28 -7.28 5.99
CA THR A 98 1.03 -7.09 5.40
C THR A 98 0.95 -6.11 4.23
N LEU A 99 1.54 -4.93 4.46
CA LEU A 99 1.55 -3.90 3.44
C LEU A 99 2.87 -3.95 2.66
N ILE A 100 2.75 -4.13 1.36
CA ILE A 100 3.92 -4.20 0.51
C ILE A 100 3.87 -3.05 -0.51
N HIS A 101 4.92 -2.25 -0.49
CA HIS A 101 5.01 -1.12 -1.40
C HIS A 101 6.39 -1.09 -2.05
N GLY A 102 6.39 -1.37 -3.35
CA GLY A 102 7.63 -1.38 -4.11
C GLY A 102 7.46 -0.67 -5.45
N GLY A 103 8.15 -1.19 -6.46
CA GLY A 103 8.09 -0.62 -7.79
C GLY A 103 9.48 -0.28 -8.30
N TRP A 104 10.31 0.22 -7.40
CA TRP A 104 11.67 0.58 -7.75
C TRP A 104 12.33 -0.62 -8.42
N LYS A 105 13.56 -0.41 -8.87
CA LYS A 105 14.30 -1.46 -9.52
C LYS A 105 15.66 -1.63 -8.84
N HIS A 106 16.48 -0.60 -8.95
CA HIS A 106 17.80 -0.60 -8.35
C HIS A 106 18.07 0.73 -7.66
N PRO A 107 18.82 0.66 -6.53
CA PRO A 107 19.16 1.84 -5.77
C PRO A 107 20.24 2.67 -6.49
N ASP A 108 20.67 2.16 -7.63
CA ASP A 108 21.69 2.83 -8.41
C ASP A 108 21.02 3.72 -9.45
N GLU A 109 19.80 3.37 -9.78
CA GLU A 109 19.04 4.13 -10.77
C GLU A 109 17.98 5.00 -10.08
N ILE A 110 17.67 6.11 -10.70
CA ILE A 110 16.68 7.03 -10.16
C ILE A 110 15.40 6.96 -11.00
N LEU A 111 14.31 7.38 -10.39
CA LEU A 111 13.02 7.36 -11.06
C LEU A 111 12.63 8.79 -11.42
N PRO A 112 11.84 8.92 -12.53
CA PRO A 112 11.39 10.22 -12.98
C PRO A 112 10.27 10.76 -12.08
N LYS A 113 9.90 12.00 -12.34
CA LYS A 113 8.85 12.64 -11.57
C LYS A 113 9.32 12.83 -10.12
N ALA A 114 9.39 11.72 -9.41
CA ALA A 114 9.82 11.75 -8.02
C ALA A 114 11.28 12.22 -7.95
N ASN A 115 12.16 11.39 -8.51
CA ASN A 115 13.58 11.71 -8.53
C ASN A 115 14.19 11.32 -7.19
N ALA A 116 15.44 11.73 -7.00
CA ALA A 116 16.15 11.42 -5.77
C ALA A 116 16.32 9.91 -5.64
N LYS A 117 17.35 9.52 -4.92
CA LYS A 117 17.64 8.11 -4.71
C LYS A 117 16.38 7.41 -4.21
N SER A 118 16.01 6.33 -4.90
CA SER A 118 14.83 5.57 -4.53
C SER A 118 14.89 5.19 -3.05
N SER A 119 16.11 4.95 -2.58
CA SER A 119 16.32 4.58 -1.20
C SER A 119 15.82 5.70 -0.28
N ILE A 120 16.09 6.92 -0.68
CA ILE A 120 15.68 8.08 0.09
C ILE A 120 14.15 8.11 0.19
N ILE A 121 13.52 7.95 -0.96
CA ILE A 121 12.07 7.95 -1.02
C ILE A 121 11.53 6.71 -0.31
N ARG A 122 12.15 5.59 -0.61
CA ARG A 122 11.74 4.33 0.00
C ARG A 122 11.77 4.44 1.53
N ASP A 123 12.85 5.03 2.03
CA ASP A 123 13.01 5.20 3.45
C ASP A 123 11.94 6.16 3.97
N ARG A 124 11.87 7.32 3.34
CA ARG A 124 10.90 8.34 3.72
C ARG A 124 9.49 7.75 3.72
N MET A 125 9.17 7.06 2.63
CA MET A 125 7.86 6.44 2.48
C MET A 125 7.71 5.26 3.44
N SER A 126 8.73 4.41 3.45
CA SER A 126 8.72 3.23 4.31
C SER A 126 8.42 3.65 5.75
N GLY A 127 9.18 4.62 6.22
CA GLY A 127 9.01 5.11 7.58
C GLY A 127 7.60 5.68 7.78
N GLY A 128 7.32 6.73 7.02
CA GLY A 128 6.02 7.38 7.11
C GLY A 128 4.89 6.37 6.91
N TRP A 129 5.23 5.26 6.26
CA TRP A 129 4.25 4.21 6.01
C TRP A 129 4.08 3.41 7.30
N VAL A 130 5.20 3.07 7.91
CA VAL A 130 5.19 2.31 9.14
C VAL A 130 4.31 3.03 10.17
N ALA A 131 4.33 4.35 10.11
CA ALA A 131 3.55 5.16 11.02
C ALA A 131 2.07 5.08 10.63
N ILE A 132 1.81 5.32 9.35
CA ILE A 132 0.45 5.28 8.84
C ILE A 132 -0.16 3.91 9.18
N VAL A 133 0.63 2.87 8.96
CA VAL A 133 0.18 1.52 9.23
C VAL A 133 -0.07 1.36 10.72
N ASN A 134 0.67 2.14 11.50
CA ASN A 134 0.53 2.09 12.95
C ASN A 134 0.04 3.44 13.46
N GLU A 135 -0.84 4.05 12.67
CA GLU A 135 -1.40 5.34 13.02
C GLU A 135 -2.88 5.39 12.64
N LYS A 136 -3.12 5.67 11.37
CA LYS A 136 -4.47 5.76 10.85
C LYS A 136 -5.02 4.35 10.62
N LEU A 137 -4.29 3.61 9.80
CA LEU A 137 -4.70 2.24 9.48
C LEU A 137 -5.28 1.58 10.72
N LYS A 138 -4.65 1.85 11.86
CA LYS A 138 -5.09 1.29 13.12
C LYS A 138 -6.44 1.93 13.51
N LYS A 139 -6.44 3.25 13.56
CA LYS A 139 -7.64 3.97 13.92
C LYS A 139 -8.76 3.61 12.94
N VAL A 140 -8.35 3.21 11.75
CA VAL A 140 -9.31 2.83 10.72
C VAL A 140 -9.93 1.48 11.08
N VAL A 141 -9.05 0.50 11.28
CA VAL A 141 -9.50 -0.84 11.62
C VAL A 141 -10.13 -0.81 13.02
N GLU A 142 -9.35 -0.34 13.98
CA GLU A 142 -9.83 -0.26 15.35
C GLU A 142 -11.08 0.61 15.44
N GLY A 143 -11.08 1.67 14.63
CA GLY A 143 -12.21 2.58 14.60
C GLY A 143 -13.52 1.83 14.32
N MET A 1 24.94 -13.49 5.57
CA MET A 1 24.21 -13.93 6.75
C MET A 1 23.01 -13.01 7.00
N GLU A 2 21.88 -13.41 6.42
CA GLU A 2 20.65 -12.64 6.57
C GLU A 2 20.74 -11.33 5.79
N GLN A 3 21.03 -11.46 4.51
CA GLN A 3 21.15 -10.30 3.64
C GLN A 3 20.28 -10.47 2.40
N GLN A 4 20.19 -9.41 1.61
CA GLN A 4 19.40 -9.43 0.40
C GLN A 4 19.89 -8.37 -0.59
N ASN A 5 19.89 -8.74 -1.85
CA ASN A 5 20.33 -7.83 -2.91
C ASN A 5 19.14 -7.06 -3.44
N THR A 6 19.43 -6.14 -4.36
CA THR A 6 18.39 -5.33 -4.96
C THR A 6 17.56 -4.63 -3.88
N LEU A 7 16.61 -3.83 -4.33
CA LEU A 7 15.74 -3.10 -3.41
C LEU A 7 14.60 -4.02 -2.96
N ASN A 8 14.56 -4.27 -1.66
CA ASN A 8 13.54 -5.11 -1.08
C ASN A 8 12.20 -4.37 -1.11
N ASP A 9 11.14 -5.13 -0.84
CA ASP A 9 9.81 -4.56 -0.83
C ASP A 9 9.46 -4.12 0.61
N ILE A 10 8.93 -2.91 0.71
CA ILE A 10 8.55 -2.37 2.00
C ILE A 10 7.46 -3.24 2.61
N LYS A 11 7.89 -4.31 3.27
CA LYS A 11 6.96 -5.22 3.92
C LYS A 11 6.69 -4.76 5.34
N GLN A 12 5.43 -4.84 5.73
CA GLN A 12 5.02 -4.43 7.06
C GLN A 12 4.04 -5.44 7.65
N THR A 13 4.58 -6.42 8.35
CA THR A 13 3.77 -7.45 8.96
C THR A 13 3.26 -6.99 10.33
N ILE A 14 1.94 -6.91 10.45
CA ILE A 14 1.32 -6.48 11.69
C ILE A 14 -0.01 -7.22 11.87
N VAL A 15 -0.39 -7.37 13.13
CA VAL A 15 -1.64 -8.05 13.45
C VAL A 15 -2.66 -7.02 13.96
N PHE A 16 -3.83 -7.04 13.35
CA PHE A 16 -4.90 -6.12 13.74
C PHE A 16 -6.03 -6.86 14.44
N ASN A 17 -6.61 -6.20 15.42
CA ASN A 17 -7.71 -6.78 16.18
C ASN A 17 -9.00 -6.65 15.36
N ALA A 18 -9.00 -7.31 14.20
CA ALA A 18 -10.16 -7.28 13.33
C ALA A 18 -10.19 -8.57 12.50
N SER A 19 -11.10 -8.59 11.54
CA SER A 19 -11.25 -9.74 10.67
C SER A 19 -10.81 -9.38 9.25
N ILE A 20 -10.36 -10.40 8.53
CA ILE A 20 -9.90 -10.22 7.16
C ILE A 20 -10.94 -9.42 6.38
N GLN A 21 -12.19 -9.87 6.50
CA GLN A 21 -13.29 -9.20 5.82
C GLN A 21 -13.34 -7.73 6.21
N LYS A 22 -12.97 -7.46 7.45
CA LYS A 22 -12.97 -6.10 7.96
C LYS A 22 -11.75 -5.35 7.42
N VAL A 23 -10.58 -5.92 7.71
CA VAL A 23 -9.33 -5.31 7.26
C VAL A 23 -9.39 -5.10 5.75
N TRP A 24 -10.02 -6.04 5.07
CA TRP A 24 -10.16 -5.96 3.62
C TRP A 24 -10.96 -4.70 3.29
N SER A 25 -12.07 -4.53 4.00
CA SER A 25 -12.92 -3.38 3.79
C SER A 25 -12.10 -2.09 3.94
N VAL A 26 -11.10 -2.17 4.79
CA VAL A 26 -10.24 -1.02 5.04
C VAL A 26 -9.30 -0.82 3.84
N VAL A 27 -9.28 -1.83 2.98
CA VAL A 27 -8.44 -1.78 1.79
C VAL A 27 -9.25 -2.23 0.58
N SER A 28 -10.46 -1.69 0.48
CA SER A 28 -11.33 -2.03 -0.63
C SER A 28 -12.46 -0.99 -0.74
N THR A 29 -12.15 0.22 -0.32
CA THR A 29 -13.11 1.31 -0.36
C THR A 29 -12.42 2.62 -0.69
N ALA A 30 -13.23 3.65 -0.88
CA ALA A 30 -12.71 4.98 -1.18
C ALA A 30 -12.57 5.78 0.11
N GLU A 31 -13.61 5.75 0.91
CA GLU A 31 -13.61 6.46 2.18
C GLU A 31 -12.61 5.82 3.14
N GLY A 32 -12.73 4.50 3.28
CA GLY A 32 -11.84 3.77 4.17
C GLY A 32 -10.38 4.08 3.87
N ILE A 33 -10.02 3.91 2.60
CA ILE A 33 -8.65 4.16 2.17
C ILE A 33 -8.33 5.65 2.38
N ALA A 34 -9.25 6.49 1.92
CA ALA A 34 -9.07 7.93 2.05
C ALA A 34 -8.88 8.28 3.53
N SER A 35 -9.31 7.37 4.38
CA SER A 35 -9.19 7.59 5.82
C SER A 35 -7.75 7.33 6.26
N TRP A 36 -6.92 6.95 5.30
CA TRP A 36 -5.52 6.67 5.58
C TRP A 36 -4.82 6.44 4.24
N PHE A 37 -4.80 7.49 3.43
CA PHE A 37 -4.16 7.42 2.13
C PHE A 37 -4.25 8.76 1.40
N MET A 38 -5.48 9.14 1.07
CA MET A 38 -5.71 10.39 0.38
C MET A 38 -7.11 10.42 -0.26
N PRO A 39 -7.54 11.64 -0.67
CA PRO A 39 -8.84 11.80 -1.28
C PRO A 39 -8.84 11.29 -2.72
N ASN A 40 -9.71 10.33 -2.98
CA ASN A 40 -9.81 9.74 -4.30
C ASN A 40 -11.07 8.88 -4.37
N ASP A 41 -11.41 8.47 -5.59
CA ASP A 41 -12.58 7.63 -5.80
C ASP A 41 -12.13 6.22 -6.18
N PHE A 42 -11.54 5.54 -5.22
CA PHE A 42 -11.06 4.18 -5.44
C PHE A 42 -12.13 3.34 -6.13
N VAL A 43 -11.66 2.39 -6.94
CA VAL A 43 -12.55 1.52 -7.67
C VAL A 43 -12.08 0.07 -7.51
N LEU A 44 -13.06 -0.83 -7.39
CA LEU A 44 -12.75 -2.24 -7.24
C LEU A 44 -13.09 -2.98 -8.54
N GLU A 45 -12.20 -2.81 -9.52
CA GLU A 45 -12.39 -3.45 -10.81
C GLU A 45 -11.04 -3.61 -11.52
N VAL A 46 -10.82 -4.82 -12.01
CA VAL A 46 -9.58 -5.12 -12.71
C VAL A 46 -9.50 -4.28 -13.99
N GLY A 47 -8.35 -3.63 -14.16
CA GLY A 47 -8.14 -2.79 -15.33
C GLY A 47 -8.82 -1.43 -15.16
N HIS A 48 -9.43 -1.25 -14.00
CA HIS A 48 -10.12 -0.01 -13.71
C HIS A 48 -9.11 1.04 -13.23
N GLU A 49 -9.11 2.18 -13.91
CA GLU A 49 -8.21 3.26 -13.57
C GLU A 49 -8.97 4.40 -12.91
N PHE A 50 -8.22 5.31 -12.31
CA PHE A 50 -8.82 6.46 -11.64
C PHE A 50 -7.76 7.50 -11.30
N HIS A 51 -8.21 8.57 -10.65
CA HIS A 51 -7.32 9.65 -10.26
C HIS A 51 -7.52 9.97 -8.79
N VAL A 52 -6.52 10.61 -8.21
CA VAL A 52 -6.58 10.99 -6.81
C VAL A 52 -6.14 12.45 -6.65
N GLN A 53 -6.74 13.12 -5.69
CA GLN A 53 -6.43 14.51 -5.43
C GLN A 53 -5.34 14.62 -4.36
N SER A 54 -4.27 15.33 -4.72
CA SER A 54 -3.15 15.52 -3.81
C SER A 54 -2.79 17.01 -3.73
N PRO A 55 -2.33 17.41 -2.51
CA PRO A 55 -1.95 18.80 -2.29
C PRO A 55 -0.60 19.11 -2.94
N PHE A 56 -0.54 18.84 -4.24
CA PHE A 56 0.68 19.09 -5.00
C PHE A 56 0.49 18.73 -6.47
N GLY A 57 0.19 17.45 -6.70
CA GLY A 57 -0.02 16.96 -8.04
C GLY A 57 -0.93 15.73 -8.05
N PRO A 58 -1.69 15.58 -9.17
CA PRO A 58 -2.61 14.46 -9.31
C PRO A 58 -1.84 13.17 -9.62
N SER A 59 -2.06 12.17 -8.78
CA SER A 59 -1.42 10.89 -8.95
C SER A 59 -2.45 9.78 -9.03
N PRO A 60 -2.76 9.36 -10.30
CA PRO A 60 -3.73 8.31 -10.53
C PRO A 60 -3.15 6.95 -10.19
N CYS A 61 -4.02 5.94 -10.20
CA CYS A 61 -3.61 4.59 -9.89
C CYS A 61 -4.37 3.63 -10.82
N LYS A 62 -3.80 2.45 -10.98
CA LYS A 62 -4.41 1.45 -11.85
C LYS A 62 -4.42 0.10 -11.11
N VAL A 63 -5.61 -0.48 -11.02
CA VAL A 63 -5.76 -1.76 -10.35
C VAL A 63 -5.00 -2.82 -11.12
N LEU A 64 -4.38 -3.73 -10.38
CA LEU A 64 -3.61 -4.80 -10.98
C LEU A 64 -4.37 -6.12 -10.82
N GLU A 65 -4.67 -6.45 -9.58
CA GLU A 65 -5.40 -7.68 -9.28
C GLU A 65 -6.40 -7.43 -8.15
N ILE A 66 -7.49 -8.18 -8.21
CA ILE A 66 -8.54 -8.06 -7.21
C ILE A 66 -8.88 -9.44 -6.65
N ASP A 67 -8.78 -9.56 -5.35
CA ASP A 67 -9.06 -10.82 -4.67
C ASP A 67 -9.43 -10.54 -3.21
N GLU A 68 -10.66 -10.09 -3.02
CA GLU A 68 -11.14 -9.80 -1.68
C GLU A 68 -10.77 -10.93 -0.72
N PRO A 69 -11.11 -12.17 -1.14
CA PRO A 69 -10.82 -13.34 -0.32
C PRO A 69 -9.33 -13.68 -0.38
N ASN A 70 -8.51 -12.70 -0.06
CA ASN A 70 -7.08 -12.89 -0.06
C ASN A 70 -6.39 -11.52 0.02
N HIS A 71 -6.44 -10.79 -1.08
CA HIS A 71 -5.83 -9.47 -1.14
C HIS A 71 -6.02 -8.88 -2.53
N LEU A 72 -5.37 -7.75 -2.76
CA LEU A 72 -5.45 -7.07 -4.04
C LEU A 72 -4.15 -6.31 -4.30
N SER A 73 -3.98 -5.90 -5.55
CA SER A 73 -2.79 -5.17 -5.95
C SER A 73 -3.17 -4.00 -6.87
N PHE A 74 -2.35 -2.96 -6.83
CA PHE A 74 -2.59 -1.79 -7.65
C PHE A 74 -1.29 -1.00 -7.87
N SER A 75 -1.19 -0.43 -9.05
CA SER A 75 -0.01 0.35 -9.41
C SER A 75 -0.25 1.83 -9.09
N TRP A 76 0.83 2.60 -9.17
CA TRP A 76 0.75 4.02 -8.90
C TRP A 76 1.27 4.77 -10.13
N ASP A 77 0.40 5.60 -10.69
CA ASP A 77 0.75 6.37 -11.86
C ASP A 77 1.55 7.61 -11.44
N THR A 78 1.92 8.40 -12.43
CA THR A 78 2.69 9.61 -12.17
C THR A 78 3.73 9.35 -11.09
N ASP A 79 4.22 8.11 -11.06
CA ASP A 79 5.23 7.72 -10.07
C ASP A 79 5.90 6.44 -10.52
N GLY A 80 5.10 5.39 -10.65
CA GLY A 80 5.61 4.10 -11.07
C GLY A 80 5.89 3.20 -9.86
N TRP A 81 5.05 3.34 -8.85
CA TRP A 81 5.20 2.55 -7.64
C TRP A 81 4.01 1.58 -7.57
N VAL A 82 4.18 0.55 -6.75
CA VAL A 82 3.15 -0.46 -6.58
C VAL A 82 2.89 -0.67 -5.09
N VAL A 83 1.61 -0.83 -4.76
CA VAL A 83 1.22 -1.04 -3.37
C VAL A 83 0.22 -2.18 -3.30
N SER A 84 0.53 -3.15 -2.45
CA SER A 84 -0.34 -4.30 -2.28
C SER A 84 -0.40 -4.69 -0.81
N PHE A 85 -1.63 -4.94 -0.35
CA PHE A 85 -1.84 -5.33 1.04
C PHE A 85 -2.37 -6.76 1.14
N ASP A 86 -1.56 -7.62 1.73
CA ASP A 86 -1.93 -9.01 1.89
C ASP A 86 -2.78 -9.17 3.15
N LEU A 87 -3.63 -10.18 3.15
CA LEU A 87 -4.49 -10.45 4.28
C LEU A 87 -4.49 -11.95 4.58
N LYS A 88 -4.47 -12.27 5.87
CA LYS A 88 -4.47 -13.66 6.29
C LYS A 88 -5.46 -13.83 7.45
N ASP A 89 -6.42 -14.72 7.24
CA ASP A 89 -7.42 -14.99 8.27
C ASP A 89 -6.77 -15.69 9.45
N LEU A 90 -6.62 -14.94 10.53
CA LEU A 90 -6.00 -15.47 11.74
C LEU A 90 -7.09 -16.05 12.65
N GLY A 91 -8.15 -15.27 12.80
CA GLY A 91 -9.27 -15.69 13.64
C GLY A 91 -9.31 -14.88 14.94
N ASP A 92 -10.20 -15.31 15.83
CA ASP A 92 -10.35 -14.65 17.11
C ASP A 92 -10.46 -13.13 16.89
N ASN A 93 -11.10 -12.78 15.78
CA ASN A 93 -11.28 -11.38 15.44
C ASN A 93 -9.91 -10.73 15.21
N LYS A 94 -9.01 -11.53 14.64
CA LYS A 94 -7.67 -11.04 14.36
C LYS A 94 -7.28 -11.42 12.93
N THR A 95 -6.45 -10.57 12.33
CA THR A 95 -6.01 -10.81 10.97
C THR A 95 -4.59 -10.27 10.77
N GLU A 96 -3.83 -10.97 9.95
CA GLU A 96 -2.46 -10.58 9.67
C GLU A 96 -2.40 -9.68 8.43
N PHE A 97 -1.91 -8.47 8.64
CA PHE A 97 -1.79 -7.51 7.56
C PHE A 97 -0.33 -7.34 7.12
N THR A 98 -0.13 -7.36 5.81
CA THR A 98 1.20 -7.22 5.25
C THR A 98 1.21 -6.18 4.14
N LEU A 99 1.75 -5.01 4.45
CA LEU A 99 1.82 -3.93 3.48
C LEU A 99 3.12 -4.05 2.69
N ILE A 100 2.96 -4.29 1.39
CA ILE A 100 4.11 -4.44 0.51
C ILE A 100 4.06 -3.33 -0.56
N HIS A 101 5.12 -2.53 -0.59
CA HIS A 101 5.21 -1.45 -1.55
C HIS A 101 6.54 -1.54 -2.29
N GLY A 102 6.46 -1.89 -3.57
CA GLY A 102 7.64 -2.01 -4.39
C GLY A 102 7.49 -1.22 -5.70
N GLY A 103 8.30 -1.60 -6.68
CA GLY A 103 8.25 -0.95 -7.97
C GLY A 103 9.66 -0.58 -8.45
N TRP A 104 10.50 -0.22 -7.49
CA TRP A 104 11.87 0.16 -7.79
C TRP A 104 12.61 -1.09 -8.28
N LYS A 105 13.92 -0.96 -8.39
CA LYS A 105 14.75 -2.06 -8.85
C LYS A 105 16.06 -2.07 -8.07
N HIS A 106 16.96 -1.20 -8.49
CA HIS A 106 18.26 -1.09 -7.84
C HIS A 106 18.28 0.14 -6.93
N PRO A 107 19.04 0.01 -5.81
CA PRO A 107 19.15 1.11 -4.85
C PRO A 107 20.07 2.21 -5.39
N ASP A 108 20.60 1.97 -6.58
CA ASP A 108 21.50 2.92 -7.21
C ASP A 108 20.70 3.73 -8.25
N GLU A 109 19.96 3.00 -9.08
CA GLU A 109 19.17 3.63 -10.12
C GLU A 109 18.21 4.65 -9.51
N ILE A 110 17.87 5.64 -10.31
CA ILE A 110 16.96 6.69 -9.86
C ILE A 110 15.80 6.80 -10.84
N LEU A 111 14.65 7.21 -10.31
CA LEU A 111 13.46 7.36 -11.13
C LEU A 111 13.52 8.69 -11.87
N PRO A 112 12.82 8.73 -13.03
CA PRO A 112 12.79 9.94 -13.85
C PRO A 112 11.89 11.01 -13.21
N LYS A 113 10.65 10.62 -12.97
CA LYS A 113 9.68 11.52 -12.37
C LYS A 113 10.18 11.95 -10.99
N ALA A 114 9.94 11.08 -10.02
CA ALA A 114 10.36 11.35 -8.65
C ALA A 114 11.74 12.02 -8.66
N ASN A 115 12.73 11.25 -9.11
CA ASN A 115 14.09 11.75 -9.18
C ASN A 115 14.65 11.88 -7.77
N ALA A 116 14.94 10.72 -7.17
CA ALA A 116 15.48 10.69 -5.83
C ALA A 116 15.96 9.28 -5.51
N LYS A 117 16.93 9.20 -4.60
CA LYS A 117 17.49 7.91 -4.21
C LYS A 117 16.35 6.98 -3.81
N SER A 118 16.24 5.89 -4.55
CA SER A 118 15.21 4.90 -4.29
C SER A 118 15.37 4.34 -2.86
N SER A 119 16.59 4.44 -2.36
CA SER A 119 16.88 3.95 -1.03
C SER A 119 16.34 4.94 0.02
N ILE A 120 16.42 6.21 -0.32
CA ILE A 120 15.94 7.25 0.57
C ILE A 120 14.41 7.29 0.54
N ILE A 121 13.87 7.18 -0.67
CA ILE A 121 12.43 7.20 -0.85
C ILE A 121 11.82 6.03 -0.08
N ARG A 122 12.49 4.90 -0.15
CA ARG A 122 12.01 3.69 0.52
C ARG A 122 11.92 3.95 2.03
N ASP A 123 12.99 4.48 2.57
CA ASP A 123 13.05 4.77 4.00
C ASP A 123 12.03 5.87 4.33
N ARG A 124 12.03 6.89 3.50
CA ARG A 124 11.12 8.01 3.70
C ARG A 124 9.67 7.52 3.63
N MET A 125 9.36 6.80 2.56
CA MET A 125 8.02 6.28 2.37
C MET A 125 7.70 5.20 3.41
N SER A 126 8.67 4.32 3.63
CA SER A 126 8.50 3.25 4.60
C SER A 126 8.31 3.85 6.00
N GLY A 127 9.25 4.71 6.38
CA GLY A 127 9.19 5.34 7.69
C GLY A 127 7.81 5.94 7.95
N GLY A 128 7.36 6.75 7.01
CA GLY A 128 6.06 7.38 7.13
C GLY A 128 4.93 6.35 7.00
N TRP A 129 5.27 5.23 6.38
CA TRP A 129 4.30 4.17 6.19
C TRP A 129 4.16 3.41 7.50
N VAL A 130 5.29 3.23 8.18
CA VAL A 130 5.31 2.52 9.44
C VAL A 130 4.36 3.22 10.43
N ALA A 131 4.44 4.54 10.43
CA ALA A 131 3.61 5.34 11.31
C ALA A 131 2.17 5.33 10.79
N ILE A 132 2.03 5.67 9.51
CA ILE A 132 0.72 5.70 8.88
C ILE A 132 0.03 4.34 9.08
N VAL A 133 0.82 3.29 8.95
CA VAL A 133 0.30 1.94 9.11
C VAL A 133 -0.13 1.73 10.57
N ASN A 134 0.60 2.40 11.46
CA ASN A 134 0.30 2.29 12.88
C ASN A 134 -0.18 3.66 13.40
N GLU A 135 -0.98 4.32 12.58
CA GLU A 135 -1.51 5.62 12.94
C GLU A 135 -2.96 5.75 12.47
N LYS A 136 -3.12 5.91 11.16
CA LYS A 136 -4.44 6.04 10.59
C LYS A 136 -5.07 4.66 10.44
N LEU A 137 -4.46 3.86 9.57
CA LEU A 137 -4.96 2.51 9.33
C LEU A 137 -5.42 1.90 10.65
N LYS A 138 -4.53 1.94 11.62
CA LYS A 138 -4.83 1.38 12.94
C LYS A 138 -6.16 1.97 13.43
N LYS A 139 -6.26 3.28 13.33
CA LYS A 139 -7.47 3.97 13.77
C LYS A 139 -8.63 3.59 12.85
N VAL A 140 -8.29 3.33 11.60
CA VAL A 140 -9.28 2.95 10.61
C VAL A 140 -9.88 1.60 10.98
N VAL A 141 -8.99 0.63 11.13
CA VAL A 141 -9.42 -0.72 11.48
C VAL A 141 -10.00 -0.72 12.89
N GLU A 142 -9.20 -0.27 13.83
CA GLU A 142 -9.62 -0.20 15.22
C GLU A 142 -10.89 0.64 15.35
N GLY A 143 -10.93 1.72 14.57
CA GLY A 143 -12.07 2.61 14.59
C GLY A 143 -13.38 1.85 14.33
N MET A 1 20.89 -14.30 2.83
CA MET A 1 21.89 -15.13 3.46
C MET A 1 23.28 -14.49 3.39
N GLU A 2 23.70 -14.23 2.15
CA GLU A 2 25.00 -13.61 1.92
C GLU A 2 24.90 -12.09 2.07
N GLN A 3 26.03 -11.43 1.83
CA GLN A 3 26.08 -9.99 1.93
C GLN A 3 24.82 -9.37 1.32
N GLN A 4 24.29 -8.38 2.03
CA GLN A 4 23.08 -7.70 1.59
C GLN A 4 23.39 -6.87 0.33
N ASN A 5 22.41 -6.84 -0.56
CA ASN A 5 22.55 -6.09 -1.80
C ASN A 5 21.17 -5.86 -2.42
N THR A 6 21.13 -4.95 -3.39
CA THR A 6 19.89 -4.63 -4.06
C THR A 6 18.83 -4.20 -3.05
N LEU A 7 17.71 -3.73 -3.58
CA LEU A 7 16.61 -3.28 -2.73
C LEU A 7 15.65 -4.45 -2.50
N ASN A 8 14.59 -4.17 -1.74
CA ASN A 8 13.59 -5.18 -1.43
C ASN A 8 12.21 -4.55 -1.49
N ASP A 9 11.22 -5.31 -1.05
CA ASP A 9 9.86 -4.84 -1.05
C ASP A 9 9.46 -4.42 0.37
N ILE A 10 9.21 -3.12 0.51
CA ILE A 10 8.84 -2.57 1.81
C ILE A 10 7.72 -3.43 2.41
N LYS A 11 8.14 -4.37 3.25
CA LYS A 11 7.18 -5.27 3.90
C LYS A 11 6.87 -4.73 5.29
N GLN A 12 5.62 -4.93 5.70
CA GLN A 12 5.17 -4.48 7.00
C GLN A 12 4.12 -5.44 7.56
N THR A 13 4.59 -6.40 8.35
CA THR A 13 3.72 -7.38 8.96
C THR A 13 3.19 -6.87 10.30
N ILE A 14 1.88 -6.84 10.41
CA ILE A 14 1.24 -6.38 11.63
C ILE A 14 -0.10 -7.10 11.81
N VAL A 15 -0.54 -7.19 13.05
CA VAL A 15 -1.79 -7.85 13.37
C VAL A 15 -2.75 -6.84 14.00
N PHE A 16 -3.92 -6.71 13.37
CA PHE A 16 -4.92 -5.78 13.85
C PHE A 16 -6.09 -6.53 14.51
N ASN A 17 -6.73 -5.84 15.44
CA ASN A 17 -7.86 -6.43 16.15
C ASN A 17 -9.12 -6.32 15.27
N ALA A 18 -9.14 -7.14 14.23
CA ALA A 18 -10.26 -7.14 13.31
C ALA A 18 -10.22 -8.41 12.46
N SER A 19 -11.12 -8.48 11.49
CA SER A 19 -11.19 -9.62 10.60
C SER A 19 -10.73 -9.22 9.20
N ILE A 20 -10.33 -10.23 8.44
CA ILE A 20 -9.87 -10.01 7.08
C ILE A 20 -10.92 -9.20 6.32
N GLN A 21 -12.18 -9.54 6.56
CA GLN A 21 -13.29 -8.87 5.91
C GLN A 21 -13.25 -7.37 6.22
N LYS A 22 -13.00 -7.07 7.48
CA LYS A 22 -12.94 -5.68 7.92
C LYS A 22 -11.69 -5.03 7.33
N VAL A 23 -10.56 -5.68 7.55
CA VAL A 23 -9.29 -5.17 7.05
C VAL A 23 -9.39 -4.98 5.53
N TRP A 24 -10.12 -5.88 4.90
CA TRP A 24 -10.29 -5.81 3.45
C TRP A 24 -11.15 -4.59 3.14
N SER A 25 -12.27 -4.49 3.84
CA SER A 25 -13.17 -3.37 3.64
C SER A 25 -12.41 -2.05 3.78
N VAL A 26 -11.43 -2.05 4.65
CA VAL A 26 -10.62 -0.86 4.88
C VAL A 26 -9.65 -0.69 3.72
N VAL A 27 -9.39 -1.78 3.03
CA VAL A 27 -8.49 -1.76 1.89
C VAL A 27 -9.24 -2.22 0.64
N SER A 28 -10.43 -1.68 0.47
CA SER A 28 -11.26 -2.02 -0.67
C SER A 28 -12.40 -1.02 -0.81
N THR A 29 -12.12 0.21 -0.41
CA THR A 29 -13.12 1.26 -0.47
C THR A 29 -12.47 2.59 -0.86
N ALA A 30 -13.28 3.63 -0.89
CA ALA A 30 -12.80 4.95 -1.23
C ALA A 30 -12.76 5.83 0.02
N GLU A 31 -13.74 5.61 0.88
CA GLU A 31 -13.82 6.37 2.12
C GLU A 31 -12.87 5.79 3.17
N GLY A 32 -12.87 4.46 3.24
CA GLY A 32 -12.01 3.77 4.19
C GLY A 32 -10.54 4.02 3.87
N ILE A 33 -10.17 3.74 2.63
CA ILE A 33 -8.80 3.91 2.20
C ILE A 33 -8.40 5.38 2.35
N ALA A 34 -9.30 6.25 1.88
CA ALA A 34 -9.06 7.68 1.97
C ALA A 34 -8.78 8.06 3.42
N SER A 35 -9.20 7.20 4.32
CA SER A 35 -9.01 7.44 5.74
C SER A 35 -7.62 6.97 6.17
N TRP A 36 -6.82 6.62 5.16
CA TRP A 36 -5.47 6.15 5.42
C TRP A 36 -4.76 6.01 4.08
N PHE A 37 -4.78 7.09 3.31
CA PHE A 37 -4.14 7.10 2.00
C PHE A 37 -4.27 8.47 1.34
N MET A 38 -5.49 8.80 0.95
CA MET A 38 -5.75 10.07 0.31
C MET A 38 -7.15 10.10 -0.32
N PRO A 39 -7.61 11.33 -0.66
CA PRO A 39 -8.93 11.49 -1.27
C PRO A 39 -8.91 11.06 -2.73
N ASN A 40 -9.72 10.05 -3.02
CA ASN A 40 -9.81 9.53 -4.38
C ASN A 40 -11.14 8.78 -4.55
N ASP A 41 -11.38 8.35 -5.77
CA ASP A 41 -12.60 7.63 -6.08
C ASP A 41 -12.26 6.17 -6.40
N PHE A 42 -11.70 5.49 -5.39
CA PHE A 42 -11.32 4.11 -5.55
C PHE A 42 -12.36 3.35 -6.40
N VAL A 43 -11.87 2.32 -7.07
CA VAL A 43 -12.73 1.50 -7.92
C VAL A 43 -12.25 0.06 -7.90
N LEU A 44 -13.15 -0.84 -7.53
CA LEU A 44 -12.83 -2.25 -7.47
C LEU A 44 -13.12 -2.90 -8.82
N GLU A 45 -12.19 -2.73 -9.74
CA GLU A 45 -12.35 -3.29 -11.08
C GLU A 45 -10.98 -3.52 -11.72
N VAL A 46 -10.82 -4.72 -12.26
CA VAL A 46 -9.57 -5.08 -12.90
C VAL A 46 -9.41 -4.27 -14.19
N GLY A 47 -8.23 -3.67 -14.32
CA GLY A 47 -7.93 -2.85 -15.50
C GLY A 47 -8.53 -1.45 -15.35
N HIS A 48 -9.07 -1.19 -14.17
CA HIS A 48 -9.67 0.11 -13.89
C HIS A 48 -8.74 0.93 -12.99
N GLU A 49 -8.83 2.24 -13.13
CA GLU A 49 -8.01 3.13 -12.34
C GLU A 49 -8.85 4.28 -11.78
N PHE A 50 -8.24 5.04 -10.89
CA PHE A 50 -8.93 6.17 -10.27
C PHE A 50 -7.96 7.32 -10.01
N HIS A 51 -8.49 8.53 -10.10
CA HIS A 51 -7.69 9.72 -9.88
C HIS A 51 -7.73 10.10 -8.40
N VAL A 52 -6.55 10.43 -7.88
CA VAL A 52 -6.44 10.81 -6.48
C VAL A 52 -5.83 12.21 -6.38
N GLN A 53 -6.01 12.81 -5.22
CA GLN A 53 -5.48 14.15 -4.98
C GLN A 53 -4.41 14.11 -3.90
N SER A 54 -3.18 13.94 -4.34
CA SER A 54 -2.05 13.89 -3.41
C SER A 54 -1.78 15.28 -2.83
N PRO A 55 -0.87 15.31 -1.83
CA PRO A 55 -0.52 16.57 -1.18
C PRO A 55 0.38 17.41 -2.08
N PHE A 56 0.92 16.76 -3.10
CA PHE A 56 1.80 17.44 -4.03
C PHE A 56 2.05 16.59 -5.28
N GLY A 57 1.21 16.80 -6.28
CA GLY A 57 1.32 16.06 -7.53
C GLY A 57 0.30 14.91 -7.58
N PRO A 58 -0.55 14.94 -8.63
CA PRO A 58 -1.56 13.92 -8.81
C PRO A 58 -0.95 12.61 -9.29
N SER A 59 -1.34 11.52 -8.65
CA SER A 59 -0.83 10.21 -9.02
C SER A 59 -1.97 9.19 -9.04
N PRO A 60 -2.47 8.91 -10.26
CA PRO A 60 -3.57 7.96 -10.44
C PRO A 60 -3.07 6.53 -10.27
N CYS A 61 -3.87 5.73 -9.56
CA CYS A 61 -3.52 4.35 -9.32
C CYS A 61 -4.42 3.48 -10.20
N LYS A 62 -3.86 2.35 -10.63
CA LYS A 62 -4.60 1.43 -11.47
C LYS A 62 -4.60 0.03 -10.81
N VAL A 63 -5.79 -0.51 -10.67
CA VAL A 63 -5.95 -1.82 -10.07
C VAL A 63 -5.29 -2.88 -10.96
N LEU A 64 -4.37 -3.62 -10.37
CA LEU A 64 -3.66 -4.66 -11.10
C LEU A 64 -4.41 -5.99 -10.94
N GLU A 65 -4.60 -6.38 -9.69
CA GLU A 65 -5.29 -7.62 -9.39
C GLU A 65 -6.32 -7.39 -8.28
N ILE A 66 -7.41 -8.15 -8.37
CA ILE A 66 -8.48 -8.05 -7.39
C ILE A 66 -8.78 -9.43 -6.83
N ASP A 67 -8.78 -9.51 -5.50
CA ASP A 67 -9.04 -10.76 -4.82
C ASP A 67 -9.43 -10.48 -3.37
N GLU A 68 -10.68 -10.06 -3.19
CA GLU A 68 -11.18 -9.74 -1.86
C GLU A 68 -10.79 -10.85 -0.88
N PRO A 69 -11.10 -12.12 -1.28
CA PRO A 69 -10.79 -13.26 -0.44
C PRO A 69 -9.30 -13.58 -0.48
N ASN A 70 -8.50 -12.57 -0.17
CA ASN A 70 -7.06 -12.72 -0.17
C ASN A 70 -6.39 -11.35 -0.07
N HIS A 71 -6.44 -10.62 -1.17
CA HIS A 71 -5.85 -9.29 -1.22
C HIS A 71 -6.01 -8.72 -2.63
N LEU A 72 -5.37 -7.57 -2.83
CA LEU A 72 -5.42 -6.91 -4.13
C LEU A 72 -4.11 -6.16 -4.36
N SER A 73 -3.94 -5.68 -5.59
CA SER A 73 -2.75 -4.94 -5.95
C SER A 73 -3.11 -3.79 -6.90
N PHE A 74 -2.24 -2.79 -6.93
CA PHE A 74 -2.45 -1.64 -7.78
C PHE A 74 -1.13 -0.93 -8.08
N SER A 75 -1.10 -0.26 -9.23
CA SER A 75 0.10 0.46 -9.64
C SER A 75 -0.11 1.96 -9.46
N TRP A 76 1.00 2.69 -9.45
CA TRP A 76 0.95 4.13 -9.29
C TRP A 76 1.51 4.77 -10.55
N ASP A 77 0.64 5.47 -11.26
CA ASP A 77 1.04 6.14 -12.50
C ASP A 77 1.90 7.36 -12.15
N THR A 78 2.41 8.00 -13.19
CA THR A 78 3.24 9.17 -13.02
C THR A 78 4.22 8.97 -11.85
N ASP A 79 4.62 7.72 -11.67
CA ASP A 79 5.53 7.37 -10.60
C ASP A 79 6.25 6.06 -10.94
N GLY A 80 5.49 4.98 -10.88
CA GLY A 80 6.03 3.67 -11.18
C GLY A 80 6.23 2.86 -9.90
N TRP A 81 5.39 3.13 -8.92
CA TRP A 81 5.46 2.44 -7.64
C TRP A 81 4.27 1.48 -7.56
N VAL A 82 4.50 0.36 -6.91
CA VAL A 82 3.45 -0.65 -6.75
C VAL A 82 3.24 -0.93 -5.26
N VAL A 83 1.98 -0.87 -4.85
CA VAL A 83 1.64 -1.11 -3.46
C VAL A 83 0.50 -2.12 -3.39
N SER A 84 0.63 -3.05 -2.45
CA SER A 84 -0.38 -4.09 -2.28
C SER A 84 -0.48 -4.46 -0.80
N PHE A 85 -1.71 -4.71 -0.36
CA PHE A 85 -1.96 -5.09 1.02
C PHE A 85 -2.49 -6.52 1.11
N ASP A 86 -1.66 -7.38 1.70
CA ASP A 86 -2.03 -8.78 1.87
C ASP A 86 -2.89 -8.93 3.12
N LEU A 87 -3.75 -9.95 3.09
CA LEU A 87 -4.63 -10.21 4.21
C LEU A 87 -4.52 -11.69 4.60
N LYS A 88 -4.57 -11.93 5.90
CA LYS A 88 -4.48 -13.29 6.41
C LYS A 88 -5.54 -13.49 7.50
N ASP A 89 -6.34 -14.53 7.32
CA ASP A 89 -7.40 -14.84 8.27
C ASP A 89 -6.79 -15.56 9.48
N LEU A 90 -6.64 -14.82 10.56
CA LEU A 90 -6.08 -15.38 11.78
C LEU A 90 -7.21 -15.90 12.67
N GLY A 91 -8.28 -15.13 12.71
CA GLY A 91 -9.44 -15.49 13.52
C GLY A 91 -9.49 -14.68 14.81
N ASP A 92 -10.40 -15.07 15.69
CA ASP A 92 -10.56 -14.39 16.96
C ASP A 92 -10.64 -12.88 16.71
N ASN A 93 -11.27 -12.53 15.61
CA ASN A 93 -11.43 -11.13 15.24
C ASN A 93 -10.04 -10.50 15.04
N LYS A 94 -9.14 -11.31 14.52
CA LYS A 94 -7.77 -10.85 14.27
C LYS A 94 -7.36 -11.25 12.85
N THR A 95 -6.56 -10.40 12.23
CA THR A 95 -6.09 -10.65 10.88
C THR A 95 -4.66 -10.12 10.72
N GLU A 96 -3.89 -10.85 9.92
CA GLU A 96 -2.52 -10.47 9.67
C GLU A 96 -2.43 -9.57 8.43
N PHE A 97 -1.97 -8.35 8.65
CA PHE A 97 -1.84 -7.39 7.58
C PHE A 97 -0.37 -7.22 7.16
N THR A 98 -0.13 -7.38 5.87
CA THR A 98 1.22 -7.25 5.34
C THR A 98 1.22 -6.33 4.12
N LEU A 99 1.79 -5.14 4.32
CA LEU A 99 1.87 -4.16 3.25
C LEU A 99 3.19 -4.34 2.49
N ILE A 100 3.07 -4.38 1.18
CA ILE A 100 4.24 -4.54 0.33
C ILE A 100 4.25 -3.44 -0.73
N HIS A 101 5.38 -2.74 -0.80
CA HIS A 101 5.54 -1.66 -1.75
C HIS A 101 6.87 -1.81 -2.48
N GLY A 102 6.79 -2.22 -3.73
CA GLY A 102 7.98 -2.41 -4.55
C GLY A 102 7.92 -1.55 -5.81
N GLY A 103 8.85 -1.83 -6.72
CA GLY A 103 8.91 -1.09 -7.97
C GLY A 103 10.35 -0.65 -8.28
N TRP A 104 11.20 -0.83 -7.28
CA TRP A 104 12.60 -0.45 -7.43
C TRP A 104 13.42 -1.73 -7.64
N LYS A 105 14.71 -1.54 -7.82
CA LYS A 105 15.61 -2.68 -8.03
C LYS A 105 16.92 -2.42 -7.28
N HIS A 106 17.76 -1.58 -7.88
CA HIS A 106 19.04 -1.25 -7.28
C HIS A 106 18.94 0.10 -6.58
N PRO A 107 19.63 0.19 -5.41
CA PRO A 107 19.63 1.42 -4.63
C PRO A 107 20.53 2.47 -5.29
N ASP A 108 21.44 1.99 -6.12
CA ASP A 108 22.37 2.88 -6.81
C ASP A 108 21.62 3.62 -7.93
N GLU A 109 20.99 2.84 -8.79
CA GLU A 109 20.24 3.40 -9.90
C GLU A 109 19.14 4.33 -9.38
N ILE A 110 18.62 5.14 -10.28
CA ILE A 110 17.56 6.08 -9.94
C ILE A 110 16.38 5.89 -10.89
N LEU A 111 15.24 6.43 -10.47
CA LEU A 111 14.04 6.32 -11.28
C LEU A 111 13.92 7.55 -12.18
N PRO A 112 13.13 7.39 -13.28
CA PRO A 112 12.93 8.48 -14.21
C PRO A 112 11.99 9.54 -13.64
N LYS A 113 10.83 9.07 -13.20
CA LYS A 113 9.83 9.95 -12.63
C LYS A 113 10.21 10.28 -11.19
N ALA A 114 10.07 9.28 -10.32
CA ALA A 114 10.40 9.46 -8.92
C ALA A 114 11.68 10.27 -8.80
N ASN A 115 12.76 9.70 -9.32
CA ASN A 115 14.04 10.37 -9.28
C ASN A 115 14.58 10.34 -7.84
N ALA A 116 15.83 10.77 -7.70
CA ALA A 116 16.46 10.81 -6.39
C ALA A 116 16.70 9.37 -5.91
N LYS A 117 17.68 9.24 -5.03
CA LYS A 117 18.02 7.93 -4.48
C LYS A 117 16.75 7.26 -3.96
N SER A 118 16.46 6.10 -4.53
CA SER A 118 15.27 5.35 -4.13
C SER A 118 15.38 4.95 -2.66
N SER A 119 16.57 4.50 -2.29
CA SER A 119 16.81 4.08 -0.92
C SER A 119 16.19 5.08 0.05
N ILE A 120 16.35 6.35 -0.28
CA ILE A 120 15.80 7.41 0.55
C ILE A 120 14.29 7.49 0.35
N ILE A 121 13.88 7.32 -0.91
CA ILE A 121 12.47 7.37 -1.25
C ILE A 121 11.71 6.31 -0.43
N ARG A 122 12.25 5.10 -0.45
CA ARG A 122 11.64 4.00 0.28
C ARG A 122 11.72 4.26 1.79
N ASP A 123 12.71 5.04 2.17
CA ASP A 123 12.91 5.37 3.57
C ASP A 123 11.82 6.35 4.02
N ARG A 124 11.68 7.42 3.26
CA ARG A 124 10.68 8.43 3.56
C ARG A 124 9.28 7.82 3.50
N MET A 125 9.08 6.96 2.52
CA MET A 125 7.79 6.31 2.34
C MET A 125 7.57 5.24 3.41
N SER A 126 8.56 4.38 3.56
CA SER A 126 8.49 3.31 4.54
C SER A 126 8.19 3.89 5.93
N GLY A 127 9.00 4.86 6.32
CA GLY A 127 8.82 5.49 7.61
C GLY A 127 7.38 5.92 7.82
N GLY A 128 6.89 6.73 6.88
CA GLY A 128 5.51 7.21 6.95
C GLY A 128 4.52 6.06 6.85
N TRP A 129 4.88 5.09 6.02
CA TRP A 129 4.02 3.93 5.82
C TRP A 129 3.87 3.22 7.16
N VAL A 130 4.97 3.12 7.88
CA VAL A 130 4.98 2.47 9.17
C VAL A 130 4.05 3.23 10.11
N ALA A 131 4.27 4.53 10.20
CA ALA A 131 3.45 5.37 11.07
C ALA A 131 2.00 5.33 10.58
N ILE A 132 1.82 5.61 9.30
CA ILE A 132 0.50 5.61 8.71
C ILE A 132 -0.17 4.26 8.97
N VAL A 133 0.61 3.20 8.85
CA VAL A 133 0.11 1.86 9.08
C VAL A 133 -0.28 1.71 10.55
N ASN A 134 0.42 2.45 11.39
CA ASN A 134 0.14 2.41 12.82
C ASN A 134 -0.27 3.81 13.30
N GLU A 135 -1.08 4.46 12.49
CA GLU A 135 -1.56 5.79 12.82
C GLU A 135 -3.02 5.96 12.39
N LYS A 136 -3.25 5.71 11.10
CA LYS A 136 -4.59 5.84 10.56
C LYS A 136 -5.20 4.44 10.41
N LEU A 137 -4.70 3.71 9.42
CA LEU A 137 -5.18 2.37 9.16
C LEU A 137 -5.48 1.67 10.49
N LYS A 138 -4.60 1.88 11.45
CA LYS A 138 -4.75 1.28 12.77
C LYS A 138 -6.06 1.78 13.39
N LYS A 139 -6.18 3.10 13.46
CA LYS A 139 -7.36 3.71 14.03
C LYS A 139 -8.58 3.39 13.15
N VAL A 140 -8.30 3.22 11.87
CA VAL A 140 -9.36 2.90 10.92
C VAL A 140 -9.97 1.55 11.27
N VAL A 141 -9.10 0.55 11.34
CA VAL A 141 -9.54 -0.80 11.66
C VAL A 141 -9.90 -0.88 13.14
N GLU A 142 -9.07 -0.23 13.95
CA GLU A 142 -9.29 -0.22 15.38
C GLU A 142 -10.56 0.59 15.71
N GLY A 143 -10.93 1.45 14.79
CA GLY A 143 -12.11 2.27 14.97
C GLY A 143 -13.39 1.51 14.63
N MET A 1 26.47 -15.60 7.57
CA MET A 1 25.28 -16.44 7.57
C MET A 1 24.46 -16.23 6.30
N GLU A 2 24.06 -14.97 6.09
CA GLU A 2 23.27 -14.62 4.93
C GLU A 2 23.00 -13.11 4.91
N GLN A 3 22.55 -12.64 3.75
CA GLN A 3 22.25 -11.23 3.59
C GLN A 3 21.77 -10.95 2.17
N GLN A 4 21.22 -9.76 1.99
CA GLN A 4 20.71 -9.36 0.68
C GLN A 4 21.41 -8.08 0.21
N ASN A 5 21.61 -8.01 -1.10
CA ASN A 5 22.27 -6.85 -1.69
C ASN A 5 21.30 -6.15 -2.63
N THR A 6 20.11 -6.73 -2.76
CA THR A 6 19.09 -6.17 -3.62
C THR A 6 18.11 -5.32 -2.81
N LEU A 7 17.21 -4.66 -3.53
CA LEU A 7 16.22 -3.81 -2.88
C LEU A 7 15.04 -4.67 -2.43
N ASN A 8 14.98 -4.88 -1.12
CA ASN A 8 13.92 -5.68 -0.54
C ASN A 8 12.60 -4.89 -0.60
N ASP A 9 11.51 -5.62 -0.64
CA ASP A 9 10.19 -5.00 -0.70
C ASP A 9 9.80 -4.51 0.70
N ILE A 10 9.32 -3.28 0.75
CA ILE A 10 8.91 -2.68 2.01
C ILE A 10 7.79 -3.52 2.62
N LYS A 11 8.20 -4.55 3.34
CA LYS A 11 7.23 -5.44 3.99
C LYS A 11 6.92 -4.90 5.38
N GLN A 12 5.63 -4.81 5.66
CA GLN A 12 5.17 -4.32 6.96
C GLN A 12 4.13 -5.27 7.55
N THR A 13 4.64 -6.31 8.19
CA THR A 13 3.77 -7.31 8.81
C THR A 13 3.29 -6.81 10.18
N ILE A 14 1.98 -6.77 10.33
CA ILE A 14 1.39 -6.32 11.58
C ILE A 14 0.05 -7.03 11.79
N VAL A 15 -0.31 -7.19 13.05
CA VAL A 15 -1.56 -7.86 13.39
C VAL A 15 -2.51 -6.84 14.02
N PHE A 16 -3.71 -6.76 13.46
CA PHE A 16 -4.71 -5.84 13.95
C PHE A 16 -5.89 -6.59 14.56
N ASN A 17 -6.62 -5.88 15.42
CA ASN A 17 -7.78 -6.47 16.07
C ASN A 17 -9.01 -6.33 15.17
N ALA A 18 -9.05 -7.16 14.14
CA ALA A 18 -10.15 -7.12 13.20
C ALA A 18 -10.08 -8.37 12.30
N SER A 19 -11.13 -8.54 11.51
CA SER A 19 -11.21 -9.67 10.60
C SER A 19 -10.70 -9.26 9.22
N ILE A 20 -10.25 -10.26 8.47
CA ILE A 20 -9.74 -10.02 7.13
C ILE A 20 -10.77 -9.22 6.33
N GLN A 21 -12.04 -9.53 6.59
CA GLN A 21 -13.12 -8.85 5.90
C GLN A 21 -13.13 -7.36 6.26
N LYS A 22 -12.97 -7.09 7.54
CA LYS A 22 -12.95 -5.72 8.02
C LYS A 22 -11.72 -5.00 7.46
N VAL A 23 -10.56 -5.58 7.73
CA VAL A 23 -9.31 -5.02 7.27
C VAL A 23 -9.40 -4.77 5.76
N TRP A 24 -9.91 -5.77 5.06
CA TRP A 24 -10.06 -5.67 3.62
C TRP A 24 -10.91 -4.44 3.31
N SER A 25 -12.01 -4.32 4.04
CA SER A 25 -12.92 -3.21 3.85
C SER A 25 -12.15 -1.89 4.00
N VAL A 26 -11.13 -1.91 4.83
CA VAL A 26 -10.32 -0.73 5.07
C VAL A 26 -9.36 -0.55 3.90
N VAL A 27 -9.43 -1.46 2.95
CA VAL A 27 -8.58 -1.41 1.78
C VAL A 27 -9.36 -1.92 0.56
N SER A 28 -10.62 -1.51 0.50
CA SER A 28 -11.47 -1.92 -0.60
C SER A 28 -12.68 -0.97 -0.70
N THR A 29 -12.42 0.30 -0.42
CA THR A 29 -13.46 1.30 -0.47
C THR A 29 -12.86 2.67 -0.84
N ALA A 30 -13.76 3.64 -0.98
CA ALA A 30 -13.33 4.99 -1.33
C ALA A 30 -13.01 5.77 -0.05
N GLU A 31 -13.92 5.65 0.91
CA GLU A 31 -13.75 6.34 2.19
C GLU A 31 -12.79 5.55 3.08
N GLY A 32 -12.93 4.24 3.04
CA GLY A 32 -12.09 3.37 3.85
C GLY A 32 -10.61 3.66 3.60
N ILE A 33 -10.26 3.79 2.33
CA ILE A 33 -8.89 4.07 1.96
C ILE A 33 -8.58 5.54 2.24
N ALA A 34 -9.50 6.39 1.83
CA ALA A 34 -9.34 7.82 2.03
C ALA A 34 -9.13 8.10 3.53
N SER A 35 -9.56 7.14 4.34
CA SER A 35 -9.43 7.28 5.78
C SER A 35 -7.97 7.10 6.19
N TRP A 36 -7.15 6.78 5.20
CA TRP A 36 -5.72 6.58 5.45
C TRP A 36 -5.03 6.40 4.09
N PHE A 37 -5.04 7.46 3.31
CA PHE A 37 -4.42 7.42 2.00
C PHE A 37 -4.56 8.77 1.29
N MET A 38 -5.78 9.08 0.89
CA MET A 38 -6.06 10.33 0.20
C MET A 38 -7.49 10.35 -0.34
N PRO A 39 -7.94 11.58 -0.72
CA PRO A 39 -9.28 11.75 -1.25
C PRO A 39 -9.37 11.23 -2.70
N ASN A 40 -10.24 10.25 -2.88
CA ASN A 40 -10.43 9.67 -4.20
C ASN A 40 -11.68 8.77 -4.19
N ASP A 41 -11.97 8.21 -5.35
CA ASP A 41 -13.13 7.34 -5.48
C ASP A 41 -12.66 5.93 -5.86
N PHE A 42 -12.06 5.27 -4.89
CA PHE A 42 -11.56 3.92 -5.11
C PHE A 42 -12.54 3.10 -5.95
N VAL A 43 -11.98 2.21 -6.76
CA VAL A 43 -12.79 1.37 -7.61
C VAL A 43 -12.27 -0.07 -7.54
N LEU A 44 -13.20 -0.98 -7.27
CA LEU A 44 -12.85 -2.40 -7.17
C LEU A 44 -13.11 -3.08 -8.53
N GLU A 45 -12.33 -2.68 -9.51
CA GLU A 45 -12.47 -3.23 -10.86
C GLU A 45 -11.10 -3.41 -11.50
N VAL A 46 -10.92 -4.56 -12.12
CA VAL A 46 -9.65 -4.87 -12.78
C VAL A 46 -9.47 -3.91 -13.97
N GLY A 47 -8.24 -3.42 -14.11
CA GLY A 47 -7.91 -2.51 -15.18
C GLY A 47 -8.80 -1.27 -15.14
N HIS A 48 -9.30 -0.97 -13.95
CA HIS A 48 -10.17 0.17 -13.76
C HIS A 48 -9.44 1.25 -12.96
N GLU A 49 -8.70 2.08 -13.67
CA GLU A 49 -7.94 3.15 -13.04
C GLU A 49 -8.88 4.30 -12.67
N PHE A 50 -8.48 5.03 -11.63
CA PHE A 50 -9.27 6.16 -11.17
C PHE A 50 -8.40 7.40 -11.00
N HIS A 51 -9.01 8.44 -10.45
CA HIS A 51 -8.30 9.69 -10.23
C HIS A 51 -8.42 10.11 -8.77
N VAL A 52 -7.30 10.55 -8.21
CA VAL A 52 -7.27 10.98 -6.82
C VAL A 52 -6.79 12.43 -6.75
N GLN A 53 -7.01 13.03 -5.59
CA GLN A 53 -6.60 14.41 -5.37
C GLN A 53 -5.49 14.48 -4.32
N SER A 54 -4.31 14.87 -4.78
CA SER A 54 -3.17 14.98 -3.89
C SER A 54 -2.74 16.45 -3.76
N PRO A 55 -1.98 16.72 -2.67
CA PRO A 55 -1.50 18.08 -2.42
C PRO A 55 -0.35 18.44 -3.37
N PHE A 56 0.04 17.46 -4.16
CA PHE A 56 1.12 17.66 -5.12
C PHE A 56 0.87 16.88 -6.40
N GLY A 57 0.02 17.44 -7.25
CA GLY A 57 -0.32 16.82 -8.51
C GLY A 57 -1.11 15.53 -8.30
N PRO A 58 -2.05 15.26 -9.24
CA PRO A 58 -2.89 14.08 -9.15
C PRO A 58 -2.09 12.83 -9.55
N SER A 59 -2.38 11.74 -8.84
CA SER A 59 -1.71 10.47 -9.11
C SER A 59 -2.74 9.35 -9.20
N PRO A 60 -3.12 9.02 -10.46
CA PRO A 60 -4.09 7.97 -10.71
C PRO A 60 -3.45 6.59 -10.50
N CYS A 61 -4.23 5.70 -9.89
CA CYS A 61 -3.76 4.35 -9.63
C CYS A 61 -4.55 3.39 -10.51
N LYS A 62 -3.84 2.45 -11.11
CA LYS A 62 -4.46 1.46 -11.98
C LYS A 62 -4.47 0.10 -11.27
N VAL A 63 -5.67 -0.38 -10.99
CA VAL A 63 -5.82 -1.66 -10.33
C VAL A 63 -5.23 -2.77 -11.22
N LEU A 64 -4.39 -3.58 -10.60
CA LEU A 64 -3.75 -4.68 -11.32
C LEU A 64 -4.48 -5.98 -11.00
N GLU A 65 -4.55 -6.29 -9.72
CA GLU A 65 -5.22 -7.50 -9.27
C GLU A 65 -6.27 -7.17 -8.22
N ILE A 66 -7.32 -7.98 -8.20
CA ILE A 66 -8.40 -7.78 -7.25
C ILE A 66 -8.84 -9.14 -6.68
N ASP A 67 -8.59 -9.31 -5.39
CA ASP A 67 -8.95 -10.56 -4.73
C ASP A 67 -9.31 -10.26 -3.28
N GLU A 68 -10.53 -9.79 -3.09
CA GLU A 68 -11.02 -9.47 -1.76
C GLU A 68 -10.65 -10.58 -0.78
N PRO A 69 -11.00 -11.84 -1.17
CA PRO A 69 -10.71 -13.00 -0.33
C PRO A 69 -9.23 -13.35 -0.38
N ASN A 70 -8.40 -12.36 -0.08
CA ASN A 70 -6.96 -12.55 -0.10
C ASN A 70 -6.26 -11.20 -0.03
N HIS A 71 -6.32 -10.48 -1.15
CA HIS A 71 -5.70 -9.17 -1.23
C HIS A 71 -5.86 -8.62 -2.65
N LEU A 72 -5.23 -7.48 -2.89
CA LEU A 72 -5.30 -6.84 -4.19
C LEU A 72 -3.99 -6.08 -4.45
N SER A 73 -3.81 -5.70 -5.70
CA SER A 73 -2.61 -4.97 -6.09
C SER A 73 -2.97 -3.84 -7.06
N PHE A 74 -2.16 -2.79 -7.03
CA PHE A 74 -2.38 -1.65 -7.90
C PHE A 74 -1.10 -0.86 -8.11
N SER A 75 -0.99 -0.28 -9.30
CA SER A 75 0.19 0.51 -9.64
C SER A 75 -0.04 1.98 -9.30
N TRP A 76 1.06 2.70 -9.16
CA TRP A 76 0.99 4.11 -8.84
C TRP A 76 1.61 4.89 -10.00
N ASP A 77 0.78 5.72 -10.62
CA ASP A 77 1.23 6.53 -11.74
C ASP A 77 2.04 7.72 -11.22
N THR A 78 2.44 8.58 -12.14
CA THR A 78 3.21 9.76 -11.79
C THR A 78 4.35 9.38 -10.83
N ASP A 79 4.81 8.15 -10.96
CA ASP A 79 5.88 7.66 -10.12
C ASP A 79 6.43 6.35 -10.70
N GLY A 80 5.63 5.30 -10.56
CA GLY A 80 6.01 4.00 -11.06
C GLY A 80 6.27 3.02 -9.91
N TRP A 81 5.52 3.21 -8.84
CA TRP A 81 5.65 2.36 -7.67
C TRP A 81 4.42 1.45 -7.60
N VAL A 82 4.52 0.44 -6.76
CA VAL A 82 3.42 -0.50 -6.60
C VAL A 82 3.21 -0.78 -5.11
N VAL A 83 1.95 -0.81 -4.71
CA VAL A 83 1.60 -1.05 -3.32
C VAL A 83 0.47 -2.09 -3.26
N SER A 84 0.69 -3.11 -2.46
CA SER A 84 -0.29 -4.17 -2.30
C SER A 84 -0.43 -4.53 -0.82
N PHE A 85 -1.68 -4.63 -0.38
CA PHE A 85 -1.97 -4.97 0.99
C PHE A 85 -2.45 -6.43 1.12
N ASP A 86 -1.62 -7.23 1.77
CA ASP A 86 -1.93 -8.63 1.95
C ASP A 86 -2.87 -8.78 3.16
N LEU A 87 -3.64 -9.86 3.14
CA LEU A 87 -4.57 -10.13 4.22
C LEU A 87 -4.62 -11.63 4.48
N LYS A 88 -4.46 -11.99 5.74
CA LYS A 88 -4.48 -13.38 6.15
C LYS A 88 -5.52 -13.58 7.25
N ASP A 89 -6.32 -14.63 7.10
CA ASP A 89 -7.34 -14.94 8.08
C ASP A 89 -6.71 -15.63 9.30
N LEU A 90 -6.67 -14.91 10.40
CA LEU A 90 -6.09 -15.43 11.62
C LEU A 90 -7.22 -15.97 12.52
N GLY A 91 -8.25 -15.16 12.66
CA GLY A 91 -9.39 -15.54 13.49
C GLY A 91 -9.44 -14.70 14.77
N ASP A 92 -10.32 -15.12 15.67
CA ASP A 92 -10.47 -14.44 16.94
C ASP A 92 -10.68 -12.94 16.68
N ASN A 93 -11.19 -12.64 15.50
CA ASN A 93 -11.44 -11.26 15.11
C ASN A 93 -10.10 -10.55 14.86
N LYS A 94 -9.14 -11.34 14.40
CA LYS A 94 -7.82 -10.79 14.12
C LYS A 94 -7.46 -11.09 12.66
N THR A 95 -6.48 -10.35 12.16
CA THR A 95 -6.03 -10.53 10.79
C THR A 95 -4.58 -10.06 10.64
N GLU A 96 -3.85 -10.74 9.76
CA GLU A 96 -2.47 -10.39 9.52
C GLU A 96 -2.35 -9.45 8.32
N PHE A 97 -1.98 -8.21 8.62
CA PHE A 97 -1.84 -7.21 7.58
C PHE A 97 -0.37 -7.02 7.20
N THR A 98 -0.09 -7.14 5.91
CA THR A 98 1.25 -6.99 5.42
C THR A 98 1.28 -6.05 4.20
N LEU A 99 1.96 -4.93 4.37
CA LEU A 99 2.07 -3.95 3.30
C LEU A 99 3.39 -4.14 2.56
N ILE A 100 3.28 -4.34 1.26
CA ILE A 100 4.45 -4.55 0.43
C ILE A 100 4.46 -3.51 -0.69
N HIS A 101 5.56 -2.78 -0.77
CA HIS A 101 5.70 -1.76 -1.79
C HIS A 101 7.03 -1.95 -2.54
N GLY A 102 6.91 -2.38 -3.79
CA GLY A 102 8.07 -2.62 -4.62
C GLY A 102 8.08 -1.70 -5.83
N GLY A 103 9.02 -1.96 -6.73
CA GLY A 103 9.14 -1.16 -7.94
C GLY A 103 10.61 -1.00 -8.34
N TRP A 104 11.45 -0.86 -7.33
CA TRP A 104 12.88 -0.68 -7.56
C TRP A 104 13.48 -2.06 -7.88
N LYS A 105 14.80 -2.11 -7.91
CA LYS A 105 15.50 -3.34 -8.19
C LYS A 105 16.82 -3.37 -7.43
N HIS A 106 17.79 -2.60 -7.94
CA HIS A 106 19.09 -2.53 -7.32
C HIS A 106 19.25 -1.18 -6.61
N PRO A 107 19.77 -1.23 -5.35
CA PRO A 107 19.97 -0.02 -4.58
C PRO A 107 21.19 0.76 -5.08
N ASP A 108 20.91 1.78 -5.87
CA ASP A 108 21.97 2.61 -6.42
C ASP A 108 21.41 3.46 -7.57
N GLU A 109 20.76 2.78 -8.50
CA GLU A 109 20.17 3.46 -9.65
C GLU A 109 18.97 4.29 -9.21
N ILE A 110 18.86 5.46 -9.82
CA ILE A 110 17.76 6.36 -9.50
C ILE A 110 16.65 6.18 -10.52
N LEU A 111 15.46 6.63 -10.13
CA LEU A 111 14.30 6.52 -11.00
C LEU A 111 14.05 7.87 -11.70
N PRO A 112 13.41 7.79 -12.89
CA PRO A 112 13.12 8.98 -13.67
C PRO A 112 11.94 9.75 -13.05
N LYS A 113 10.85 9.04 -12.85
CA LYS A 113 9.66 9.64 -12.28
C LYS A 113 9.64 9.40 -10.77
N ALA A 114 10.51 10.14 -10.08
CA ALA A 114 10.61 10.01 -8.64
C ALA A 114 11.83 10.79 -8.15
N ASN A 115 13.00 10.33 -8.59
CA ASN A 115 14.25 10.97 -8.20
C ASN A 115 14.62 10.53 -6.79
N ALA A 116 15.75 11.05 -6.33
CA ALA A 116 16.23 10.73 -4.99
C ALA A 116 16.53 9.22 -4.91
N LYS A 117 17.58 8.91 -4.17
CA LYS A 117 17.99 7.52 -4.02
C LYS A 117 16.80 6.71 -3.49
N SER A 118 16.53 5.60 -4.17
CA SER A 118 15.44 4.73 -3.79
C SER A 118 15.51 4.42 -2.29
N SER A 119 16.68 3.96 -1.87
CA SER A 119 16.90 3.63 -0.47
C SER A 119 16.38 4.75 0.42
N ILE A 120 16.55 5.98 -0.06
CA ILE A 120 16.12 7.15 0.68
C ILE A 120 14.61 7.31 0.51
N ILE A 121 14.12 6.87 -0.63
CA ILE A 121 12.69 6.96 -0.93
C ILE A 121 11.94 5.89 -0.12
N ARG A 122 12.43 4.67 -0.22
CA ARG A 122 11.82 3.56 0.49
C ARG A 122 11.94 3.77 2.00
N ASP A 123 12.94 4.53 2.38
CA ASP A 123 13.17 4.82 3.79
C ASP A 123 12.11 5.80 4.28
N ARG A 124 11.97 6.89 3.54
CA ARG A 124 10.99 7.91 3.89
C ARG A 124 9.58 7.37 3.74
N MET A 125 9.37 6.64 2.66
CA MET A 125 8.06 6.06 2.38
C MET A 125 7.71 4.98 3.41
N SER A 126 8.68 4.13 3.68
CA SER A 126 8.49 3.06 4.64
C SER A 126 8.13 3.63 6.01
N GLY A 127 8.98 4.55 6.47
CA GLY A 127 8.76 5.19 7.76
C GLY A 127 7.33 5.71 7.88
N GLY A 128 6.97 6.59 6.95
CA GLY A 128 5.64 7.16 6.95
C GLY A 128 4.57 6.07 6.86
N TRP A 129 4.90 5.01 6.14
CA TRP A 129 3.99 3.90 5.98
C TRP A 129 3.85 3.19 7.32
N VAL A 130 4.98 2.98 7.96
CA VAL A 130 5.01 2.33 9.26
C VAL A 130 4.08 3.06 10.22
N ALA A 131 4.26 4.38 10.26
CA ALA A 131 3.45 5.21 11.13
C ALA A 131 2.00 5.21 10.64
N ILE A 132 1.84 5.50 9.36
CA ILE A 132 0.52 5.52 8.75
C ILE A 132 -0.18 4.19 9.01
N VAL A 133 0.62 3.14 9.05
CA VAL A 133 0.09 1.80 9.28
C VAL A 133 -0.29 1.66 10.75
N ASN A 134 0.47 2.34 11.60
CA ASN A 134 0.21 2.30 13.03
C ASN A 134 -0.19 3.69 13.51
N GLU A 135 -1.00 4.36 12.70
CA GLU A 135 -1.46 5.69 13.03
C GLU A 135 -2.93 5.86 12.63
N LYS A 136 -3.15 5.87 11.33
CA LYS A 136 -4.50 6.03 10.80
C LYS A 136 -5.12 4.64 10.59
N LEU A 137 -4.56 3.90 9.65
CA LEU A 137 -5.04 2.57 9.34
C LEU A 137 -5.43 1.87 10.64
N LYS A 138 -4.55 1.99 11.63
CA LYS A 138 -4.78 1.38 12.93
C LYS A 138 -6.10 1.91 13.51
N LYS A 139 -6.21 3.22 13.54
CA LYS A 139 -7.40 3.86 14.07
C LYS A 139 -8.59 3.53 13.18
N VAL A 140 -8.29 3.32 11.90
CA VAL A 140 -9.32 2.99 10.93
C VAL A 140 -9.94 1.64 11.29
N VAL A 141 -9.07 0.64 11.40
CA VAL A 141 -9.52 -0.70 11.73
C VAL A 141 -9.93 -0.74 13.21
N GLU A 142 -9.02 -0.32 14.06
CA GLU A 142 -9.29 -0.31 15.49
C GLU A 142 -10.57 0.48 15.79
N GLY A 143 -10.73 1.57 15.06
CA GLY A 143 -11.90 2.42 15.24
C GLY A 143 -13.18 1.68 14.84
N MET A 1 31.70 -9.66 0.33
CA MET A 1 31.92 -11.08 0.56
C MET A 1 30.64 -11.75 1.08
N GLU A 2 29.76 -12.07 0.14
CA GLU A 2 28.50 -12.71 0.49
C GLU A 2 27.60 -11.73 1.25
N GLN A 3 26.50 -11.38 0.60
CA GLN A 3 25.54 -10.45 1.20
C GLN A 3 24.32 -10.29 0.30
N GLN A 4 23.32 -9.59 0.83
CA GLN A 4 22.09 -9.36 0.08
C GLN A 4 22.40 -8.60 -1.21
N ASN A 5 21.41 -8.58 -2.10
CA ASN A 5 21.55 -7.89 -3.36
C ASN A 5 20.21 -7.28 -3.76
N THR A 6 20.27 -6.39 -4.74
CA THR A 6 19.07 -5.73 -5.22
C THR A 6 18.27 -5.15 -4.06
N LEU A 7 17.17 -4.47 -4.40
CA LEU A 7 16.32 -3.87 -3.40
C LEU A 7 15.29 -4.91 -2.91
N ASN A 8 14.62 -4.56 -1.83
CA ASN A 8 13.61 -5.44 -1.26
C ASN A 8 12.25 -4.74 -1.29
N ASP A 9 11.22 -5.50 -0.95
CA ASP A 9 9.87 -4.97 -0.92
C ASP A 9 9.54 -4.50 0.50
N ILE A 10 9.13 -3.25 0.60
CA ILE A 10 8.77 -2.67 1.89
C ILE A 10 7.62 -3.47 2.50
N LYS A 11 7.98 -4.54 3.18
CA LYS A 11 6.99 -5.40 3.82
C LYS A 11 6.75 -4.92 5.25
N GLN A 12 5.48 -4.80 5.60
CA GLN A 12 5.10 -4.36 6.93
C GLN A 12 4.10 -5.33 7.55
N THR A 13 4.65 -6.33 8.23
CA THR A 13 3.82 -7.33 8.89
C THR A 13 3.32 -6.81 10.24
N ILE A 14 2.01 -6.82 10.39
CA ILE A 14 1.39 -6.37 11.63
C ILE A 14 0.07 -7.11 11.84
N VAL A 15 -0.32 -7.21 13.11
CA VAL A 15 -1.55 -7.89 13.46
C VAL A 15 -2.55 -6.88 14.02
N PHE A 16 -3.77 -6.96 13.52
CA PHE A 16 -4.82 -6.05 13.95
C PHE A 16 -5.99 -6.84 14.56
N ASN A 17 -6.67 -6.19 15.50
CA ASN A 17 -7.80 -6.81 16.16
C ASN A 17 -9.04 -6.68 15.27
N ALA A 18 -8.99 -7.40 14.15
CA ALA A 18 -10.09 -7.38 13.20
C ALA A 18 -10.06 -8.65 12.35
N SER A 19 -11.04 -8.76 11.48
CA SER A 19 -11.13 -9.91 10.59
C SER A 19 -10.68 -9.53 9.18
N ILE A 20 -10.27 -10.54 8.42
CA ILE A 20 -9.81 -10.32 7.07
C ILE A 20 -10.83 -9.47 6.32
N GLN A 21 -12.10 -9.82 6.50
CA GLN A 21 -13.19 -9.10 5.86
C GLN A 21 -13.15 -7.62 6.25
N LYS A 22 -13.03 -7.39 7.55
CA LYS A 22 -12.98 -6.03 8.06
C LYS A 22 -11.76 -5.31 7.48
N VAL A 23 -10.59 -5.88 7.74
CA VAL A 23 -9.35 -5.30 7.25
C VAL A 23 -9.45 -5.11 5.74
N TRP A 24 -10.13 -6.04 5.09
CA TRP A 24 -10.31 -5.98 3.65
C TRP A 24 -11.11 -4.72 3.33
N SER A 25 -12.21 -4.54 4.05
CA SER A 25 -13.06 -3.39 3.85
C SER A 25 -12.25 -2.11 3.97
N VAL A 26 -11.22 -2.16 4.81
CA VAL A 26 -10.35 -1.02 5.01
C VAL A 26 -9.45 -0.83 3.80
N VAL A 27 -9.54 -1.79 2.87
CA VAL A 27 -8.75 -1.74 1.66
C VAL A 27 -9.62 -2.14 0.47
N SER A 28 -10.83 -1.59 0.46
CA SER A 28 -11.76 -1.88 -0.62
C SER A 28 -12.87 -0.83 -0.64
N THR A 29 -12.51 0.38 -0.19
CA THR A 29 -13.47 1.47 -0.15
C THR A 29 -12.80 2.77 -0.60
N ALA A 30 -13.64 3.74 -0.96
CA ALA A 30 -13.14 5.03 -1.41
C ALA A 30 -12.92 5.93 -0.19
N GLU A 31 -13.90 5.91 0.70
CA GLU A 31 -13.83 6.72 1.91
C GLU A 31 -12.92 6.05 2.94
N GLY A 32 -13.08 4.75 3.07
CA GLY A 32 -12.28 3.99 4.02
C GLY A 32 -10.78 4.21 3.77
N ILE A 33 -10.38 4.01 2.53
CA ILE A 33 -9.00 4.19 2.15
C ILE A 33 -8.61 5.67 2.30
N ALA A 34 -9.51 6.52 1.84
CA ALA A 34 -9.27 7.96 1.92
C ALA A 34 -9.05 8.36 3.37
N SER A 35 -9.52 7.50 4.26
CA SER A 35 -9.37 7.75 5.69
C SER A 35 -7.94 7.45 6.13
N TRP A 36 -7.16 6.94 5.20
CA TRP A 36 -5.78 6.61 5.48
C TRP A 36 -5.07 6.35 4.15
N PHE A 37 -5.01 7.40 3.32
CA PHE A 37 -4.38 7.30 2.02
C PHE A 37 -4.42 8.64 1.29
N MET A 38 -5.64 9.07 0.99
CA MET A 38 -5.84 10.34 0.29
C MET A 38 -7.23 10.40 -0.35
N PRO A 39 -7.62 11.63 -0.75
CA PRO A 39 -8.92 11.84 -1.37
C PRO A 39 -8.92 11.33 -2.81
N ASN A 40 -9.80 10.38 -3.07
CA ASN A 40 -9.92 9.79 -4.40
C ASN A 40 -11.22 8.99 -4.48
N ASP A 41 -11.42 8.38 -5.65
CA ASP A 41 -12.61 7.58 -5.87
C ASP A 41 -12.19 6.15 -6.23
N PHE A 42 -11.83 5.39 -5.21
CA PHE A 42 -11.41 4.01 -5.40
C PHE A 42 -12.44 3.24 -6.22
N VAL A 43 -12.00 2.10 -6.73
CA VAL A 43 -12.87 1.26 -7.53
C VAL A 43 -12.40 -0.20 -7.43
N LEU A 44 -13.38 -1.10 -7.41
CA LEU A 44 -13.09 -2.52 -7.31
C LEU A 44 -13.46 -3.21 -8.62
N GLU A 45 -12.58 -3.04 -9.61
CA GLU A 45 -12.80 -3.64 -10.91
C GLU A 45 -11.47 -3.82 -11.64
N VAL A 46 -11.20 -5.06 -12.01
CA VAL A 46 -9.97 -5.38 -12.72
C VAL A 46 -9.93 -4.59 -14.04
N GLY A 47 -8.81 -3.89 -14.22
CA GLY A 47 -8.64 -3.10 -15.43
C GLY A 47 -9.25 -1.70 -15.27
N HIS A 48 -9.77 -1.46 -14.07
CA HIS A 48 -10.39 -0.17 -13.78
C HIS A 48 -9.38 0.72 -13.06
N GLU A 49 -9.36 1.98 -13.49
CA GLU A 49 -8.45 2.95 -12.90
C GLU A 49 -9.23 4.16 -12.38
N PHE A 50 -8.61 4.87 -11.44
CA PHE A 50 -9.23 6.03 -10.86
C PHE A 50 -8.22 7.17 -10.68
N HIS A 51 -8.74 8.38 -10.55
CA HIS A 51 -7.89 9.55 -10.38
C HIS A 51 -7.75 9.85 -8.89
N VAL A 52 -6.57 10.33 -8.53
CA VAL A 52 -6.28 10.67 -7.14
C VAL A 52 -5.75 12.11 -7.08
N GLN A 53 -5.86 12.69 -5.89
CA GLN A 53 -5.39 14.05 -5.68
C GLN A 53 -4.15 14.05 -4.79
N SER A 54 -3.09 14.63 -5.31
CA SER A 54 -1.83 14.70 -4.57
C SER A 54 -1.35 16.15 -4.52
N PRO A 55 -0.35 16.39 -3.64
CA PRO A 55 0.22 17.72 -3.48
C PRO A 55 1.14 18.07 -4.65
N PHE A 56 1.37 17.07 -5.49
CA PHE A 56 2.22 17.26 -6.66
C PHE A 56 1.38 17.49 -7.92
N GLY A 57 0.50 16.55 -8.19
CA GLY A 57 -0.36 16.64 -9.35
C GLY A 57 -1.34 15.46 -9.40
N PRO A 58 -2.03 15.33 -10.57
CA PRO A 58 -2.99 14.27 -10.76
C PRO A 58 -2.28 12.93 -10.99
N SER A 59 -2.33 12.09 -9.96
CA SER A 59 -1.70 10.78 -10.03
C SER A 59 -2.77 9.69 -9.96
N PRO A 60 -3.16 9.19 -11.16
CA PRO A 60 -4.17 8.15 -11.25
C PRO A 60 -3.59 6.80 -10.84
N CYS A 61 -4.48 5.87 -10.52
CA CYS A 61 -4.08 4.54 -10.12
C CYS A 61 -4.89 3.52 -10.93
N LYS A 62 -4.24 2.42 -11.27
CA LYS A 62 -4.88 1.38 -12.04
C LYS A 62 -4.77 0.06 -11.27
N VAL A 63 -5.93 -0.57 -11.07
CA VAL A 63 -5.98 -1.84 -10.36
C VAL A 63 -5.24 -2.90 -11.17
N LEU A 64 -4.42 -3.66 -10.47
CA LEU A 64 -3.65 -4.72 -11.12
C LEU A 64 -4.34 -6.06 -10.86
N GLU A 65 -4.57 -6.35 -9.60
CA GLU A 65 -5.21 -7.59 -9.21
C GLU A 65 -6.25 -7.34 -8.11
N ILE A 66 -7.32 -8.11 -8.16
CA ILE A 66 -8.39 -7.98 -7.19
C ILE A 66 -8.75 -9.37 -6.63
N ASP A 67 -8.79 -9.44 -5.31
CA ASP A 67 -9.12 -10.70 -4.66
C ASP A 67 -9.53 -10.41 -3.20
N GLU A 68 -10.79 -10.02 -3.04
CA GLU A 68 -11.31 -9.73 -1.73
C GLU A 68 -10.94 -10.83 -0.73
N PRO A 69 -11.24 -12.10 -1.15
CA PRO A 69 -10.94 -13.25 -0.31
C PRO A 69 -9.43 -13.56 -0.32
N ASN A 70 -8.64 -12.54 0.00
CA ASN A 70 -7.21 -12.69 0.03
C ASN A 70 -6.55 -11.31 0.13
N HIS A 71 -6.61 -10.58 -0.98
CA HIS A 71 -6.02 -9.25 -1.03
C HIS A 71 -6.17 -8.68 -2.44
N LEU A 72 -5.60 -7.50 -2.63
CA LEU A 72 -5.67 -6.84 -3.93
C LEU A 72 -4.34 -6.10 -4.17
N SER A 73 -4.19 -5.63 -5.41
CA SER A 73 -2.99 -4.92 -5.79
C SER A 73 -3.34 -3.81 -6.78
N PHE A 74 -2.55 -2.74 -6.75
CA PHE A 74 -2.76 -1.61 -7.64
C PHE A 74 -1.46 -0.86 -7.90
N SER A 75 -1.34 -0.35 -9.11
CA SER A 75 -0.15 0.40 -9.49
C SER A 75 -0.36 1.89 -9.23
N TRP A 76 0.74 2.61 -9.22
CA TRP A 76 0.70 4.05 -8.99
C TRP A 76 1.33 4.75 -10.20
N ASP A 77 0.53 5.59 -10.83
CA ASP A 77 0.99 6.32 -11.99
C ASP A 77 1.96 7.42 -11.55
N THR A 78 2.38 8.23 -12.52
CA THR A 78 3.30 9.31 -12.24
C THR A 78 4.35 8.87 -11.20
N ASP A 79 4.81 7.65 -11.37
CA ASP A 79 5.81 7.10 -10.47
C ASP A 79 6.29 5.76 -11.00
N GLY A 80 5.52 4.71 -10.71
CA GLY A 80 5.86 3.38 -11.16
C GLY A 80 5.93 2.41 -9.98
N TRP A 81 5.64 2.93 -8.80
CA TRP A 81 5.67 2.13 -7.59
C TRP A 81 4.32 1.40 -7.49
N VAL A 82 4.35 0.28 -6.76
CA VAL A 82 3.15 -0.51 -6.58
C VAL A 82 2.87 -0.66 -5.08
N VAL A 83 1.60 -0.53 -4.73
CA VAL A 83 1.20 -0.65 -3.35
C VAL A 83 0.03 -1.65 -3.24
N SER A 84 0.26 -2.69 -2.46
CA SER A 84 -0.75 -3.71 -2.27
C SER A 84 -0.82 -4.11 -0.79
N PHE A 85 -2.03 -4.43 -0.36
CA PHE A 85 -2.25 -4.83 1.03
C PHE A 85 -2.71 -6.29 1.11
N ASP A 86 -1.84 -7.12 1.69
CA ASP A 86 -2.15 -8.52 1.84
C ASP A 86 -2.97 -8.73 3.12
N LEU A 87 -3.74 -9.80 3.11
CA LEU A 87 -4.58 -10.12 4.27
C LEU A 87 -4.52 -11.63 4.52
N LYS A 88 -4.47 -11.99 5.79
CA LYS A 88 -4.42 -13.38 6.18
C LYS A 88 -5.39 -13.62 7.34
N ASP A 89 -6.28 -14.58 7.13
CA ASP A 89 -7.27 -14.93 8.14
C ASP A 89 -6.59 -15.69 9.28
N LEU A 90 -6.55 -15.04 10.44
CA LEU A 90 -5.94 -15.64 11.61
C LEU A 90 -7.03 -16.21 12.52
N GLY A 91 -8.05 -15.41 12.73
CA GLY A 91 -9.16 -15.82 13.57
C GLY A 91 -9.22 -14.98 14.85
N ASP A 92 -10.09 -15.39 15.76
CA ASP A 92 -10.25 -14.68 17.01
C ASP A 92 -10.49 -13.20 16.74
N ASN A 93 -11.01 -12.92 15.55
CA ASN A 93 -11.29 -11.56 15.16
C ASN A 93 -9.96 -10.83 14.90
N LYS A 94 -8.97 -11.60 14.47
CA LYS A 94 -7.66 -11.04 14.17
C LYS A 94 -7.29 -11.36 12.73
N THR A 95 -6.44 -10.51 12.17
CA THR A 95 -5.99 -10.68 10.80
C THR A 95 -4.57 -10.16 10.64
N GLU A 96 -3.80 -10.89 9.84
CA GLU A 96 -2.41 -10.52 9.58
C GLU A 96 -2.33 -9.55 8.41
N PHE A 97 -1.92 -8.33 8.72
CA PHE A 97 -1.80 -7.30 7.71
C PHE A 97 -0.34 -7.15 7.25
N THR A 98 -0.16 -7.22 5.95
CA THR A 98 1.18 -7.09 5.37
C THR A 98 1.16 -6.12 4.19
N LEU A 99 1.73 -4.95 4.43
CA LEU A 99 1.79 -3.93 3.40
C LEU A 99 3.07 -4.09 2.58
N ILE A 100 2.90 -4.26 1.28
CA ILE A 100 4.03 -4.44 0.39
C ILE A 100 4.07 -3.30 -0.62
N HIS A 101 5.21 -2.66 -0.72
CA HIS A 101 5.38 -1.55 -1.64
C HIS A 101 6.66 -1.75 -2.47
N GLY A 102 6.48 -1.93 -3.77
CA GLY A 102 7.60 -2.13 -4.66
C GLY A 102 7.68 -1.01 -5.70
N GLY A 103 8.55 -1.21 -6.68
CA GLY A 103 8.73 -0.23 -7.74
C GLY A 103 10.22 -0.08 -8.10
N TRP A 104 11.06 -0.26 -7.09
CA TRP A 104 12.49 -0.15 -7.29
C TRP A 104 13.04 -1.55 -7.57
N LYS A 105 14.24 -1.58 -8.15
CA LYS A 105 14.88 -2.83 -8.48
C LYS A 105 16.21 -2.94 -7.73
N HIS A 106 17.19 -2.19 -8.22
CA HIS A 106 18.51 -2.18 -7.60
C HIS A 106 18.74 -0.86 -6.88
N PRO A 107 19.50 -0.94 -5.76
CA PRO A 107 19.81 0.24 -4.97
C PRO A 107 20.85 1.12 -5.67
N ASP A 108 21.04 2.30 -5.11
CA ASP A 108 22.00 3.24 -5.67
C ASP A 108 21.40 3.90 -6.92
N GLU A 109 21.01 3.06 -7.86
CA GLU A 109 20.42 3.54 -9.10
C GLU A 109 19.16 4.37 -8.80
N ILE A 110 19.13 5.55 -9.38
CA ILE A 110 18.00 6.45 -9.18
C ILE A 110 16.87 6.05 -10.14
N LEU A 111 15.66 6.43 -9.76
CA LEU A 111 14.50 6.11 -10.58
C LEU A 111 13.97 7.40 -11.22
N PRO A 112 13.50 7.26 -12.49
CA PRO A 112 12.97 8.40 -13.22
C PRO A 112 11.58 8.77 -12.71
N LYS A 113 11.06 9.87 -13.26
CA LYS A 113 9.74 10.34 -12.86
C LYS A 113 9.65 10.38 -11.33
N ALA A 114 10.81 10.55 -10.71
CA ALA A 114 10.87 10.60 -9.26
C ALA A 114 12.18 11.27 -8.84
N ASN A 115 13.28 10.63 -9.21
CA ASN A 115 14.60 11.15 -8.87
C ASN A 115 14.88 10.89 -7.39
N ALA A 116 16.01 11.43 -6.94
CA ALA A 116 16.41 11.26 -5.55
C ALA A 116 16.69 9.78 -5.28
N LYS A 117 17.69 9.54 -4.45
CA LYS A 117 18.07 8.18 -4.10
C LYS A 117 16.84 7.42 -3.62
N SER A 118 16.61 6.27 -4.25
CA SER A 118 15.47 5.44 -3.90
C SER A 118 15.58 5.00 -2.44
N SER A 119 16.73 4.44 -2.11
CA SER A 119 16.97 3.96 -0.76
C SER A 119 16.47 5.00 0.25
N ILE A 120 16.49 6.25 -0.17
CA ILE A 120 16.05 7.34 0.68
C ILE A 120 14.53 7.42 0.66
N ILE A 121 13.98 7.43 -0.55
CA ILE A 121 12.54 7.50 -0.72
C ILE A 121 11.88 6.37 0.08
N ARG A 122 12.38 5.17 -0.14
CA ARG A 122 11.86 4.00 0.54
C ARG A 122 12.07 4.12 2.05
N ASP A 123 13.14 4.83 2.41
CA ASP A 123 13.46 5.04 3.81
C ASP A 123 12.48 6.03 4.42
N ARG A 124 12.15 7.04 3.64
CA ARG A 124 11.22 8.07 4.08
C ARG A 124 9.79 7.52 4.08
N MET A 125 9.43 6.91 2.96
CA MET A 125 8.10 6.34 2.81
C MET A 125 7.86 5.23 3.83
N SER A 126 8.87 4.39 3.98
CA SER A 126 8.78 3.28 4.92
C SER A 126 8.47 3.80 6.32
N GLY A 127 9.27 4.76 6.76
CA GLY A 127 9.10 5.35 8.07
C GLY A 127 7.65 5.80 8.27
N GLY A 128 7.22 6.71 7.42
CA GLY A 128 5.86 7.24 7.49
C GLY A 128 4.84 6.12 7.34
N TRP A 129 5.19 5.14 6.52
CA TRP A 129 4.31 4.01 6.28
C TRP A 129 4.15 3.25 7.60
N VAL A 130 5.27 3.08 8.28
CA VAL A 130 5.28 2.38 9.55
C VAL A 130 4.33 3.07 10.52
N ALA A 131 4.54 4.37 10.68
CA ALA A 131 3.72 5.18 11.58
C ALA A 131 2.28 5.18 11.06
N ILE A 132 2.14 5.50 9.78
CA ILE A 132 0.83 5.55 9.16
C ILE A 132 0.12 4.21 9.38
N VAL A 133 0.85 3.14 9.12
CA VAL A 133 0.31 1.80 9.28
C VAL A 133 -0.07 1.59 10.75
N ASN A 134 0.65 2.27 11.61
CA ASN A 134 0.40 2.16 13.04
C ASN A 134 -0.10 3.50 13.57
N GLU A 135 -0.88 4.18 12.74
CA GLU A 135 -1.43 5.47 13.10
C GLU A 135 -2.86 5.61 12.58
N LYS A 136 -2.97 5.62 11.27
CA LYS A 136 -4.28 5.76 10.63
C LYS A 136 -4.90 4.36 10.49
N LEU A 137 -4.35 3.59 9.57
CA LEU A 137 -4.85 2.25 9.33
C LEU A 137 -5.27 1.61 10.66
N LYS A 138 -4.39 1.75 11.64
CA LYS A 138 -4.65 1.19 12.96
C LYS A 138 -6.00 1.72 13.46
N LYS A 139 -6.11 3.03 13.51
CA LYS A 139 -7.33 3.67 13.97
C LYS A 139 -8.46 3.33 13.01
N VAL A 140 -8.10 3.14 11.75
CA VAL A 140 -9.07 2.82 10.73
C VAL A 140 -9.70 1.46 11.03
N VAL A 141 -8.83 0.46 11.18
CA VAL A 141 -9.28 -0.89 11.47
C VAL A 141 -9.93 -0.91 12.87
N GLU A 142 -9.15 -0.48 13.85
CA GLU A 142 -9.63 -0.46 15.22
C GLU A 142 -10.90 0.38 15.31
N GLY A 143 -10.99 1.39 14.46
CA GLY A 143 -12.14 2.26 14.44
C GLY A 143 -13.40 1.50 14.05
N MET A 1 22.86 -16.02 -2.55
CA MET A 1 23.87 -16.72 -1.78
C MET A 1 25.06 -15.80 -1.47
N GLU A 2 24.74 -14.53 -1.25
CA GLU A 2 25.77 -13.55 -0.94
C GLU A 2 25.16 -12.35 -0.20
N GLN A 3 26.03 -11.46 0.23
CA GLN A 3 25.58 -10.28 0.95
C GLN A 3 24.33 -9.70 0.29
N GLN A 4 23.60 -8.90 1.07
CA GLN A 4 22.38 -8.29 0.59
C GLN A 4 22.66 -7.50 -0.70
N ASN A 5 21.69 -7.50 -1.58
CA ASN A 5 21.81 -6.79 -2.84
C ASN A 5 20.43 -6.32 -3.30
N THR A 6 20.43 -5.54 -4.38
CA THR A 6 19.19 -5.02 -4.92
C THR A 6 18.34 -4.40 -3.81
N LEU A 7 17.17 -3.92 -4.20
CA LEU A 7 16.26 -3.30 -3.26
C LEU A 7 15.28 -4.35 -2.74
N ASN A 8 14.70 -4.05 -1.58
CA ASN A 8 13.74 -4.96 -0.97
C ASN A 8 12.34 -4.35 -1.04
N ASP A 9 11.35 -5.17 -0.72
CA ASP A 9 9.97 -4.73 -0.75
C ASP A 9 9.56 -4.27 0.65
N ILE A 10 9.13 -3.01 0.74
CA ILE A 10 8.71 -2.45 2.00
C ILE A 10 7.59 -3.30 2.59
N LYS A 11 7.98 -4.30 3.36
CA LYS A 11 7.03 -5.19 3.98
C LYS A 11 6.72 -4.71 5.39
N GLN A 12 5.44 -4.65 5.71
CA GLN A 12 5.01 -4.20 7.02
C GLN A 12 4.01 -5.19 7.61
N THR A 13 4.55 -6.21 8.26
CA THR A 13 3.71 -7.23 8.87
C THR A 13 3.18 -6.75 10.22
N ILE A 14 1.86 -6.70 10.32
CA ILE A 14 1.22 -6.25 11.55
C ILE A 14 -0.06 -7.06 11.77
N VAL A 15 -0.43 -7.20 13.04
CA VAL A 15 -1.62 -7.94 13.40
C VAL A 15 -2.65 -6.98 14.02
N PHE A 16 -3.80 -6.92 13.41
CA PHE A 16 -4.87 -6.05 13.90
C PHE A 16 -5.98 -6.87 14.55
N ASN A 17 -6.73 -6.20 15.41
CA ASN A 17 -7.82 -6.85 16.11
C ASN A 17 -9.11 -6.71 15.28
N ALA A 18 -9.10 -7.36 14.13
CA ALA A 18 -10.24 -7.32 13.24
C ALA A 18 -10.25 -8.56 12.35
N SER A 19 -11.29 -8.68 11.54
CA SER A 19 -11.42 -9.81 10.64
C SER A 19 -10.89 -9.44 9.25
N ILE A 20 -10.57 -10.47 8.48
CA ILE A 20 -10.05 -10.27 7.13
C ILE A 20 -11.03 -9.39 6.35
N GLN A 21 -12.30 -9.66 6.53
CA GLN A 21 -13.34 -8.91 5.84
C GLN A 21 -13.35 -7.46 6.34
N LYS A 22 -13.08 -7.31 7.62
CA LYS A 22 -13.06 -5.99 8.23
C LYS A 22 -11.86 -5.20 7.70
N VAL A 23 -10.68 -5.79 7.87
CA VAL A 23 -9.45 -5.16 7.42
C VAL A 23 -9.53 -4.93 5.90
N TRP A 24 -10.09 -5.92 5.22
CA TRP A 24 -10.23 -5.83 3.77
C TRP A 24 -11.05 -4.58 3.45
N SER A 25 -12.12 -4.41 4.21
CA SER A 25 -12.99 -3.25 4.01
C SER A 25 -12.19 -1.97 4.16
N VAL A 26 -11.17 -2.03 5.00
CA VAL A 26 -10.32 -0.87 5.24
C VAL A 26 -9.33 -0.73 4.08
N VAL A 27 -9.44 -1.64 3.13
CA VAL A 27 -8.57 -1.62 1.97
C VAL A 27 -9.32 -2.15 0.75
N SER A 28 -10.53 -1.62 0.58
CA SER A 28 -11.37 -2.03 -0.54
C SER A 28 -12.50 -1.03 -0.73
N THR A 29 -12.23 0.21 -0.37
CA THR A 29 -13.22 1.27 -0.49
C THR A 29 -12.54 2.59 -0.86
N ALA A 30 -13.35 3.64 -0.93
CA ALA A 30 -12.85 4.95 -1.27
C ALA A 30 -12.77 5.81 0.00
N GLU A 31 -13.73 5.57 0.89
CA GLU A 31 -13.78 6.32 2.14
C GLU A 31 -12.81 5.72 3.15
N GLY A 32 -12.76 4.39 3.17
CA GLY A 32 -11.88 3.69 4.08
C GLY A 32 -10.41 4.03 3.80
N ILE A 33 -10.03 3.83 2.54
CA ILE A 33 -8.67 4.10 2.11
C ILE A 33 -8.37 5.58 2.33
N ALA A 34 -9.29 6.42 1.89
CA ALA A 34 -9.13 7.86 2.03
C ALA A 34 -8.87 8.20 3.49
N SER A 35 -9.24 7.27 4.36
CA SER A 35 -9.07 7.45 5.79
C SER A 35 -7.63 7.12 6.19
N TRP A 36 -6.81 6.87 5.17
CA TRP A 36 -5.42 6.54 5.40
C TRP A 36 -4.73 6.42 4.04
N PHE A 37 -4.75 7.53 3.31
CA PHE A 37 -4.14 7.57 1.99
C PHE A 37 -4.37 8.93 1.33
N MET A 38 -5.63 9.17 0.98
CA MET A 38 -5.98 10.43 0.33
C MET A 38 -7.42 10.36 -0.22
N PRO A 39 -7.99 11.56 -0.47
CA PRO A 39 -9.35 11.65 -0.99
C PRO A 39 -9.38 11.30 -2.48
N ASN A 40 -10.10 10.24 -2.79
CA ASN A 40 -10.23 9.78 -4.16
C ASN A 40 -11.49 8.94 -4.31
N ASP A 41 -11.75 8.52 -5.53
CA ASP A 41 -12.92 7.71 -5.82
C ASP A 41 -12.49 6.28 -6.12
N PHE A 42 -11.84 5.67 -5.14
CA PHE A 42 -11.37 4.31 -5.28
C PHE A 42 -12.37 3.46 -6.07
N VAL A 43 -11.83 2.55 -6.88
CA VAL A 43 -12.67 1.68 -7.67
C VAL A 43 -12.17 0.23 -7.53
N LEU A 44 -13.12 -0.65 -7.29
CA LEU A 44 -12.79 -2.06 -7.13
C LEU A 44 -13.03 -2.79 -8.45
N GLU A 45 -12.12 -2.55 -9.39
CA GLU A 45 -12.21 -3.17 -10.70
C GLU A 45 -10.81 -3.48 -11.24
N VAL A 46 -10.73 -4.56 -12.00
CA VAL A 46 -9.46 -4.97 -12.59
C VAL A 46 -9.09 -4.01 -13.73
N GLY A 47 -7.83 -3.61 -13.73
CA GLY A 47 -7.34 -2.70 -14.75
C GLY A 47 -8.23 -1.46 -14.85
N HIS A 48 -8.83 -1.10 -13.72
CA HIS A 48 -9.70 0.06 -13.67
C HIS A 48 -8.93 1.26 -13.10
N GLU A 49 -8.72 2.23 -13.97
CA GLU A 49 -7.99 3.44 -13.57
C GLU A 49 -8.98 4.50 -13.05
N PHE A 50 -8.46 5.37 -12.21
CA PHE A 50 -9.27 6.43 -11.64
C PHE A 50 -8.43 7.68 -11.38
N HIS A 51 -9.07 8.67 -10.78
CA HIS A 51 -8.40 9.92 -10.47
C HIS A 51 -8.23 10.07 -8.95
N VAL A 52 -7.06 10.52 -8.56
CA VAL A 52 -6.76 10.70 -7.15
C VAL A 52 -6.20 12.10 -6.93
N GLN A 53 -6.16 12.51 -5.66
CA GLN A 53 -5.65 13.82 -5.31
C GLN A 53 -4.40 13.69 -4.44
N SER A 54 -3.36 14.39 -4.85
CA SER A 54 -2.10 14.35 -4.13
C SER A 54 -1.72 15.77 -3.68
N PRO A 55 -0.67 15.84 -2.81
CA PRO A 55 -0.20 17.11 -2.30
C PRO A 55 0.60 17.87 -3.36
N PHE A 56 1.07 17.12 -4.34
CA PHE A 56 1.85 17.70 -5.42
C PHE A 56 0.95 18.05 -6.61
N GLY A 57 0.30 17.03 -7.14
CA GLY A 57 -0.58 17.21 -8.27
C GLY A 57 -1.47 15.98 -8.49
N PRO A 58 -2.02 15.88 -9.72
CA PRO A 58 -2.88 14.76 -10.07
C PRO A 58 -2.05 13.49 -10.31
N SER A 59 -2.43 12.44 -9.59
CA SER A 59 -1.74 11.17 -9.71
C SER A 59 -2.76 10.02 -9.76
N PRO A 60 -3.07 9.59 -11.00
CA PRO A 60 -4.02 8.50 -11.20
C PRO A 60 -3.39 7.15 -10.84
N CYS A 61 -4.26 6.15 -10.75
CA CYS A 61 -3.80 4.80 -10.41
C CYS A 61 -4.73 3.80 -11.11
N LYS A 62 -4.20 2.60 -11.29
CA LYS A 62 -4.96 1.54 -11.93
C LYS A 62 -4.72 0.22 -11.20
N VAL A 63 -5.83 -0.42 -10.84
CA VAL A 63 -5.75 -1.69 -10.13
C VAL A 63 -5.12 -2.74 -11.05
N LEU A 64 -4.31 -3.60 -10.43
CA LEU A 64 -3.64 -4.65 -11.17
C LEU A 64 -4.39 -5.96 -10.98
N GLU A 65 -4.60 -6.32 -9.72
CA GLU A 65 -5.30 -7.54 -9.39
C GLU A 65 -6.32 -7.29 -8.27
N ILE A 66 -7.32 -8.15 -8.22
CA ILE A 66 -8.35 -8.04 -7.20
C ILE A 66 -8.67 -9.42 -6.64
N ASP A 67 -8.74 -9.49 -5.32
CA ASP A 67 -9.03 -10.74 -4.64
C ASP A 67 -9.38 -10.46 -3.18
N GLU A 68 -10.60 -9.98 -2.99
CA GLU A 68 -11.08 -9.66 -1.64
C GLU A 68 -10.70 -10.78 -0.68
N PRO A 69 -11.05 -12.03 -1.08
CA PRO A 69 -10.77 -13.19 -0.25
C PRO A 69 -9.28 -13.55 -0.32
N ASN A 70 -8.46 -12.57 -0.01
CA ASN A 70 -7.02 -12.76 -0.02
C ASN A 70 -6.32 -11.40 0.08
N HIS A 71 -6.40 -10.65 -1.01
CA HIS A 71 -5.79 -9.33 -1.05
C HIS A 71 -6.01 -8.70 -2.43
N LEU A 72 -5.34 -7.58 -2.65
CA LEU A 72 -5.45 -6.88 -3.92
C LEU A 72 -4.18 -6.06 -4.16
N SER A 73 -3.99 -5.69 -5.41
CA SER A 73 -2.81 -4.91 -5.79
C SER A 73 -3.24 -3.75 -6.70
N PHE A 74 -2.39 -2.73 -6.73
CA PHE A 74 -2.67 -1.56 -7.55
C PHE A 74 -1.37 -0.81 -7.86
N SER A 75 -1.30 -0.30 -9.09
CA SER A 75 -0.13 0.45 -9.52
C SER A 75 -0.31 1.94 -9.22
N TRP A 76 0.81 2.64 -9.18
CA TRP A 76 0.78 4.06 -8.89
C TRP A 76 1.32 4.80 -10.12
N ASP A 77 0.44 5.58 -10.74
CA ASP A 77 0.81 6.33 -11.91
C ASP A 77 1.59 7.59 -11.50
N THR A 78 2.03 8.34 -12.50
CA THR A 78 2.78 9.55 -12.24
C THR A 78 4.15 9.21 -11.68
N ASP A 79 4.14 8.57 -10.52
CA ASP A 79 5.38 8.18 -9.86
C ASP A 79 5.93 6.93 -10.52
N GLY A 80 5.24 5.82 -10.30
CA GLY A 80 5.65 4.55 -10.87
C GLY A 80 6.03 3.55 -9.77
N TRP A 81 5.15 3.43 -8.80
CA TRP A 81 5.37 2.52 -7.69
C TRP A 81 4.16 1.61 -7.57
N VAL A 82 4.37 0.46 -6.93
CA VAL A 82 3.30 -0.51 -6.75
C VAL A 82 3.14 -0.81 -5.26
N VAL A 83 1.90 -0.81 -4.81
CA VAL A 83 1.60 -1.07 -3.42
C VAL A 83 0.48 -2.12 -3.33
N SER A 84 0.63 -3.01 -2.36
CA SER A 84 -0.36 -4.06 -2.16
C SER A 84 -0.42 -4.43 -0.67
N PHE A 85 -1.61 -4.82 -0.24
CA PHE A 85 -1.83 -5.21 1.14
C PHE A 85 -2.34 -6.65 1.23
N ASP A 86 -1.51 -7.51 1.81
CA ASP A 86 -1.87 -8.90 1.97
C ASP A 86 -2.75 -9.07 3.21
N LEU A 87 -3.63 -10.06 3.15
CA LEU A 87 -4.52 -10.32 4.27
C LEU A 87 -4.54 -11.83 4.56
N LYS A 88 -4.30 -12.16 5.81
CA LYS A 88 -4.29 -13.55 6.23
C LYS A 88 -5.24 -13.74 7.42
N ASP A 89 -6.24 -14.58 7.20
CA ASP A 89 -7.22 -14.85 8.24
C ASP A 89 -6.57 -15.68 9.35
N LEU A 90 -6.41 -15.06 10.50
CA LEU A 90 -5.80 -15.74 11.64
C LEU A 90 -6.91 -16.26 12.56
N GLY A 91 -7.92 -15.43 12.74
CA GLY A 91 -9.04 -15.80 13.59
C GLY A 91 -9.07 -14.94 14.86
N ASP A 92 -9.91 -15.35 15.79
CA ASP A 92 -10.04 -14.63 17.06
C ASP A 92 -10.22 -13.14 16.77
N ASN A 93 -10.90 -12.85 15.67
CA ASN A 93 -11.15 -11.48 15.27
C ASN A 93 -9.80 -10.78 15.03
N LYS A 94 -8.85 -11.54 14.53
CA LYS A 94 -7.53 -11.00 14.26
C LYS A 94 -7.12 -11.35 12.83
N THR A 95 -6.31 -10.47 12.25
CA THR A 95 -5.85 -10.68 10.88
C THR A 95 -4.41 -10.18 10.73
N GLU A 96 -3.68 -10.82 9.83
CA GLU A 96 -2.30 -10.46 9.58
C GLU A 96 -2.21 -9.55 8.35
N PHE A 97 -1.91 -8.29 8.60
CA PHE A 97 -1.78 -7.32 7.53
C PHE A 97 -0.31 -7.11 7.14
N THR A 98 -0.06 -7.19 5.85
CA THR A 98 1.29 -7.01 5.34
C THR A 98 1.29 -6.06 4.15
N LEU A 99 1.84 -4.87 4.38
CA LEU A 99 1.89 -3.86 3.34
C LEU A 99 3.21 -4.01 2.57
N ILE A 100 3.07 -4.24 1.27
CA ILE A 100 4.23 -4.41 0.41
C ILE A 100 4.20 -3.35 -0.70
N HIS A 101 5.33 -2.69 -0.86
CA HIS A 101 5.45 -1.65 -1.87
C HIS A 101 6.73 -1.87 -2.68
N GLY A 102 6.54 -2.27 -3.93
CA GLY A 102 7.66 -2.52 -4.82
C GLY A 102 7.64 -1.58 -6.02
N GLY A 103 8.53 -1.83 -6.95
CA GLY A 103 8.62 -1.01 -8.15
C GLY A 103 10.07 -0.60 -8.43
N TRP A 104 10.88 -0.64 -7.38
CA TRP A 104 12.28 -0.28 -7.50
C TRP A 104 13.05 -1.53 -7.90
N LYS A 105 14.34 -1.34 -8.17
CA LYS A 105 15.20 -2.44 -8.57
C LYS A 105 16.54 -2.31 -7.85
N HIS A 106 17.44 -1.55 -8.45
CA HIS A 106 18.76 -1.34 -7.88
C HIS A 106 18.76 -0.07 -7.03
N PRO A 107 19.47 -0.16 -5.88
CA PRO A 107 19.56 0.98 -4.96
C PRO A 107 20.50 2.04 -5.51
N ASP A 108 21.15 1.71 -6.61
CA ASP A 108 22.08 2.63 -7.25
C ASP A 108 21.37 3.41 -8.34
N GLU A 109 20.60 2.67 -9.14
CA GLU A 109 19.86 3.27 -10.23
C GLU A 109 18.74 4.17 -9.67
N ILE A 110 18.76 5.43 -10.12
CA ILE A 110 17.77 6.39 -9.68
C ILE A 110 16.61 6.41 -10.68
N LEU A 111 15.42 6.61 -10.16
CA LEU A 111 14.23 6.67 -10.99
C LEU A 111 14.16 8.02 -11.69
N PRO A 112 13.37 8.06 -12.79
CA PRO A 112 13.21 9.28 -13.56
C PRO A 112 12.30 10.27 -12.84
N LYS A 113 11.12 9.80 -12.47
CA LYS A 113 10.16 10.62 -11.77
C LYS A 113 10.55 10.71 -10.30
N ALA A 114 10.77 9.55 -9.70
CA ALA A 114 11.15 9.48 -8.30
C ALA A 114 12.39 10.34 -8.07
N ASN A 115 13.46 9.98 -8.76
CA ASN A 115 14.71 10.72 -8.64
C ASN A 115 15.25 10.56 -7.21
N ALA A 116 16.56 10.71 -7.09
CA ALA A 116 17.21 10.59 -5.80
C ALA A 116 17.33 9.12 -5.43
N LYS A 117 18.25 8.84 -4.51
CA LYS A 117 18.47 7.49 -4.04
C LYS A 117 17.13 6.86 -3.64
N SER A 118 16.83 5.72 -4.27
CA SER A 118 15.59 5.03 -3.98
C SER A 118 15.58 4.57 -2.52
N SER A 119 16.70 4.00 -2.10
CA SER A 119 16.83 3.51 -0.73
C SER A 119 16.38 4.60 0.25
N ILE A 120 16.56 5.84 -0.16
CA ILE A 120 16.18 6.97 0.67
C ILE A 120 14.67 7.19 0.56
N ILE A 121 14.14 6.95 -0.63
CA ILE A 121 12.72 7.12 -0.86
C ILE A 121 11.95 6.07 -0.06
N ARG A 122 12.38 4.83 -0.20
CA ARG A 122 11.74 3.73 0.51
C ARG A 122 11.89 3.92 2.02
N ASP A 123 12.93 4.64 2.40
CA ASP A 123 13.21 4.89 3.80
C ASP A 123 12.19 5.91 4.33
N ARG A 124 12.00 6.97 3.56
CA ARG A 124 11.06 8.01 3.93
C ARG A 124 9.63 7.49 3.90
N MET A 125 9.30 6.85 2.77
CA MET A 125 7.97 6.29 2.60
C MET A 125 7.67 5.22 3.65
N SER A 126 8.60 4.28 3.76
CA SER A 126 8.46 3.20 4.71
C SER A 126 8.26 3.76 6.12
N GLY A 127 9.11 4.71 6.47
CA GLY A 127 9.04 5.34 7.79
C GLY A 127 7.63 5.90 8.04
N GLY A 128 7.19 6.74 7.13
CA GLY A 128 5.88 7.35 7.25
C GLY A 128 4.77 6.30 7.11
N TRP A 129 5.14 5.19 6.49
CA TRP A 129 4.19 4.11 6.29
C TRP A 129 4.06 3.33 7.60
N VAL A 130 5.18 3.19 8.28
CA VAL A 130 5.21 2.48 9.55
C VAL A 130 4.26 3.17 10.53
N ALA A 131 4.36 4.49 10.58
CA ALA A 131 3.53 5.27 11.47
C ALA A 131 2.09 5.28 10.93
N ILE A 132 1.97 5.62 9.66
CA ILE A 132 0.67 5.68 9.01
C ILE A 132 -0.03 4.33 9.18
N VAL A 133 0.76 3.27 9.06
CA VAL A 133 0.23 1.93 9.20
C VAL A 133 -0.21 1.70 10.65
N ASN A 134 0.50 2.33 11.56
CA ASN A 134 0.19 2.21 12.97
C ASN A 134 -0.31 3.55 13.51
N GLU A 135 -1.09 4.23 12.68
CA GLU A 135 -1.63 5.52 13.05
C GLU A 135 -3.07 5.64 12.55
N LYS A 136 -3.22 5.73 11.23
CA LYS A 136 -4.52 5.87 10.62
C LYS A 136 -5.18 4.49 10.53
N LEU A 137 -4.61 3.65 9.68
CA LEU A 137 -5.13 2.31 9.48
C LEU A 137 -5.56 1.74 10.83
N LYS A 138 -4.69 1.88 11.82
CA LYS A 138 -4.97 1.40 13.16
C LYS A 138 -6.32 1.94 13.62
N LYS A 139 -6.45 3.26 13.52
CA LYS A 139 -7.67 3.92 13.93
C LYS A 139 -8.79 3.55 12.96
N VAL A 140 -8.40 3.26 11.73
CA VAL A 140 -9.37 2.88 10.70
C VAL A 140 -9.95 1.51 11.04
N VAL A 141 -9.05 0.55 11.21
CA VAL A 141 -9.47 -0.81 11.53
C VAL A 141 -9.98 -0.85 12.98
N GLU A 142 -9.12 -0.43 13.89
CA GLU A 142 -9.47 -0.41 15.30
C GLU A 142 -10.77 0.38 15.52
N GLY A 143 -10.92 1.43 14.72
CA GLY A 143 -12.10 2.28 14.81
C GLY A 143 -13.35 1.51 14.40
N MET A 1 21.92 -17.09 7.01
CA MET A 1 23.14 -16.45 6.53
C MET A 1 22.95 -15.91 5.11
N GLU A 2 24.00 -15.27 4.62
CA GLU A 2 23.97 -14.70 3.29
C GLU A 2 22.94 -13.56 3.22
N GLN A 3 23.43 -12.37 2.94
CA GLN A 3 22.56 -11.21 2.84
C GLN A 3 21.77 -11.23 1.53
N GLN A 4 20.89 -10.26 1.38
CA GLN A 4 20.07 -10.16 0.19
C GLN A 4 20.62 -9.09 -0.75
N ASN A 5 20.18 -9.16 -2.00
CA ASN A 5 20.62 -8.20 -3.00
C ASN A 5 19.41 -7.44 -3.53
N THR A 6 19.69 -6.45 -4.37
CA THR A 6 18.63 -5.64 -4.95
C THR A 6 17.82 -4.95 -3.86
N LEU A 7 16.89 -4.12 -4.30
CA LEU A 7 16.04 -3.40 -3.36
C LEU A 7 15.10 -4.37 -2.67
N ASN A 8 14.70 -4.02 -1.46
CA ASN A 8 13.81 -4.86 -0.68
C ASN A 8 12.38 -4.30 -0.77
N ASP A 9 11.42 -5.21 -0.70
CA ASP A 9 10.02 -4.82 -0.77
C ASP A 9 9.55 -4.36 0.61
N ILE A 10 9.15 -3.10 0.67
CA ILE A 10 8.68 -2.52 1.91
C ILE A 10 7.55 -3.39 2.48
N LYS A 11 7.94 -4.35 3.29
CA LYS A 11 6.97 -5.25 3.90
C LYS A 11 6.67 -4.78 5.33
N GLN A 12 5.38 -4.65 5.60
CA GLN A 12 4.94 -4.21 6.91
C GLN A 12 3.97 -5.23 7.52
N THR A 13 4.53 -6.22 8.19
CA THR A 13 3.72 -7.25 8.82
C THR A 13 3.25 -6.79 10.20
N ILE A 14 1.94 -6.78 10.36
CA ILE A 14 1.33 -6.37 11.62
C ILE A 14 0.02 -7.13 11.83
N VAL A 15 -0.34 -7.28 13.09
CA VAL A 15 -1.57 -7.97 13.43
C VAL A 15 -2.56 -6.98 14.06
N PHE A 16 -3.72 -6.88 13.42
CA PHE A 16 -4.75 -5.98 13.90
C PHE A 16 -5.90 -6.75 14.55
N ASN A 17 -6.43 -6.18 15.62
CA ASN A 17 -7.52 -6.80 16.35
C ASN A 17 -8.81 -6.68 15.51
N ALA A 18 -8.77 -7.30 14.35
CA ALA A 18 -9.92 -7.27 13.45
C ALA A 18 -9.95 -8.56 12.63
N SER A 19 -10.84 -8.58 11.65
CA SER A 19 -10.99 -9.74 10.79
C SER A 19 -10.52 -9.39 9.37
N ILE A 20 -10.24 -10.43 8.60
CA ILE A 20 -9.78 -10.24 7.23
C ILE A 20 -10.84 -9.47 6.44
N GLN A 21 -12.09 -9.84 6.68
CA GLN A 21 -13.20 -9.20 6.01
C GLN A 21 -13.30 -7.73 6.43
N LYS A 22 -12.88 -7.46 7.65
CA LYS A 22 -12.92 -6.12 8.19
C LYS A 22 -11.73 -5.32 7.62
N VAL A 23 -10.55 -5.87 7.80
CA VAL A 23 -9.34 -5.22 7.31
C VAL A 23 -9.48 -4.97 5.82
N TRP A 24 -10.12 -5.91 5.14
CA TRP A 24 -10.32 -5.80 3.70
C TRP A 24 -11.14 -4.54 3.44
N SER A 25 -12.21 -4.39 4.22
CA SER A 25 -13.09 -3.24 4.08
C SER A 25 -12.28 -1.95 4.23
N VAL A 26 -11.23 -2.03 5.04
CA VAL A 26 -10.37 -0.88 5.28
C VAL A 26 -9.43 -0.70 4.09
N VAL A 27 -9.46 -1.66 3.19
CA VAL A 27 -8.63 -1.62 2.01
C VAL A 27 -9.45 -2.02 0.78
N SER A 28 -10.67 -1.48 0.73
CA SER A 28 -11.56 -1.78 -0.37
C SER A 28 -12.73 -0.78 -0.38
N THR A 29 -12.42 0.45 0.02
CA THR A 29 -13.42 1.48 0.07
C THR A 29 -12.84 2.82 -0.38
N ALA A 30 -13.72 3.78 -0.61
CA ALA A 30 -13.30 5.11 -1.04
C ALA A 30 -12.91 5.94 0.17
N GLU A 31 -13.78 5.92 1.17
CA GLU A 31 -13.54 6.68 2.39
C GLU A 31 -12.58 5.90 3.31
N GLY A 32 -12.77 4.58 3.32
CA GLY A 32 -11.94 3.72 4.14
C GLY A 32 -10.45 3.96 3.86
N ILE A 33 -10.11 3.88 2.59
CA ILE A 33 -8.73 4.08 2.17
C ILE A 33 -8.31 5.52 2.48
N ALA A 34 -9.13 6.45 2.02
CA ALA A 34 -8.86 7.86 2.23
C ALA A 34 -8.67 8.12 3.73
N SER A 35 -9.19 7.19 4.53
CA SER A 35 -9.08 7.30 5.97
C SER A 35 -7.66 6.97 6.41
N TRP A 36 -6.86 6.51 5.46
CA TRP A 36 -5.48 6.16 5.74
C TRP A 36 -4.77 5.94 4.40
N PHE A 37 -4.67 7.03 3.65
CA PHE A 37 -4.01 6.98 2.35
C PHE A 37 -3.99 8.35 1.68
N MET A 38 -5.19 8.81 1.33
CA MET A 38 -5.32 10.11 0.68
C MET A 38 -6.71 10.25 0.03
N PRO A 39 -7.02 11.51 -0.36
CA PRO A 39 -8.31 11.79 -0.99
C PRO A 39 -8.31 11.30 -2.44
N ASN A 40 -9.26 10.42 -2.72
CA ASN A 40 -9.40 9.87 -4.06
C ASN A 40 -10.75 9.17 -4.19
N ASP A 41 -11.00 8.66 -5.39
CA ASP A 41 -12.25 7.97 -5.65
C ASP A 41 -11.96 6.51 -6.01
N PHE A 42 -11.42 5.80 -5.04
CA PHE A 42 -11.08 4.39 -5.23
C PHE A 42 -12.13 3.70 -6.10
N VAL A 43 -11.70 2.61 -6.73
CA VAL A 43 -12.59 1.84 -7.59
C VAL A 43 -12.20 0.37 -7.54
N LEU A 44 -13.13 -0.44 -7.08
CA LEU A 44 -12.90 -1.88 -6.99
C LEU A 44 -13.20 -2.53 -8.33
N GLU A 45 -12.24 -2.40 -9.24
CA GLU A 45 -12.39 -2.98 -10.57
C GLU A 45 -11.01 -3.24 -11.19
N VAL A 46 -10.91 -4.39 -11.85
CA VAL A 46 -9.66 -4.78 -12.49
C VAL A 46 -9.47 -3.94 -13.76
N GLY A 47 -8.28 -3.38 -13.88
CA GLY A 47 -7.95 -2.55 -15.03
C GLY A 47 -8.68 -1.21 -14.97
N HIS A 48 -9.27 -0.95 -13.81
CA HIS A 48 -10.00 0.30 -13.61
C HIS A 48 -9.04 1.38 -13.12
N GLU A 49 -8.87 2.40 -13.94
CA GLU A 49 -7.99 3.50 -13.60
C GLU A 49 -8.79 4.72 -13.17
N PHE A 50 -8.33 5.36 -12.10
CA PHE A 50 -9.00 6.53 -11.58
C PHE A 50 -8.00 7.64 -11.28
N HIS A 51 -8.51 8.70 -10.65
CA HIS A 51 -7.66 9.83 -10.30
C HIS A 51 -7.59 9.96 -8.78
N VAL A 52 -6.40 10.33 -8.30
CA VAL A 52 -6.17 10.48 -6.88
C VAL A 52 -5.30 11.71 -6.63
N GLN A 53 -5.71 12.51 -5.66
CA GLN A 53 -4.97 13.71 -5.32
C GLN A 53 -3.67 13.35 -4.58
N SER A 54 -2.57 13.45 -5.31
CA SER A 54 -1.27 13.15 -4.74
C SER A 54 -0.60 14.43 -4.25
N PRO A 55 0.47 14.24 -3.43
CA PRO A 55 1.21 15.36 -2.90
C PRO A 55 2.10 16.00 -3.97
N PHE A 56 2.79 15.14 -4.72
CA PHE A 56 3.67 15.60 -5.77
C PHE A 56 2.91 15.74 -7.09
N GLY A 57 1.77 16.41 -7.02
CA GLY A 57 0.95 16.62 -8.19
C GLY A 57 -0.06 15.49 -8.36
N PRO A 58 -0.76 15.51 -9.53
CA PRO A 58 -1.75 14.49 -9.84
C PRO A 58 -1.08 13.17 -10.23
N SER A 59 -1.38 12.14 -9.46
CA SER A 59 -0.82 10.82 -9.71
C SER A 59 -1.89 9.75 -9.55
N PRO A 60 -2.49 9.36 -10.70
CA PRO A 60 -3.54 8.35 -10.69
C PRO A 60 -2.95 6.95 -10.49
N CYS A 61 -3.83 5.97 -10.40
CA CYS A 61 -3.41 4.60 -10.21
C CYS A 61 -4.43 3.68 -10.89
N LYS A 62 -3.98 2.48 -11.22
CA LYS A 62 -4.84 1.50 -11.87
C LYS A 62 -4.70 0.16 -11.16
N VAL A 63 -5.85 -0.43 -10.85
CA VAL A 63 -5.86 -1.72 -10.19
C VAL A 63 -5.30 -2.78 -11.13
N LEU A 64 -4.42 -3.61 -10.58
CA LEU A 64 -3.81 -4.68 -11.35
C LEU A 64 -4.56 -5.99 -11.09
N GLU A 65 -4.68 -6.32 -9.81
CA GLU A 65 -5.37 -7.54 -9.41
C GLU A 65 -6.34 -7.24 -8.26
N ILE A 66 -7.41 -8.02 -8.22
CA ILE A 66 -8.42 -7.87 -7.18
C ILE A 66 -8.79 -9.25 -6.63
N ASP A 67 -8.72 -9.36 -5.31
CA ASP A 67 -9.05 -10.61 -4.65
C ASP A 67 -9.41 -10.32 -3.19
N GLU A 68 -10.66 -9.94 -2.98
CA GLU A 68 -11.13 -9.64 -1.65
C GLU A 68 -10.70 -10.73 -0.67
N PRO A 69 -11.03 -11.99 -1.04
CA PRO A 69 -10.68 -13.14 -0.22
C PRO A 69 -9.20 -13.45 -0.31
N ASN A 70 -8.39 -12.44 -0.05
CA ASN A 70 -6.94 -12.60 -0.10
C ASN A 70 -6.27 -11.23 -0.03
N HIS A 71 -6.36 -10.50 -1.13
CA HIS A 71 -5.78 -9.17 -1.20
C HIS A 71 -5.96 -8.60 -2.61
N LEU A 72 -5.43 -7.40 -2.80
CA LEU A 72 -5.54 -6.74 -4.09
C LEU A 72 -4.22 -6.01 -4.39
N SER A 73 -4.11 -5.53 -5.62
CA SER A 73 -2.92 -4.83 -6.05
C SER A 73 -3.30 -3.70 -7.01
N PHE A 74 -2.48 -2.65 -6.99
CA PHE A 74 -2.72 -1.51 -7.86
C PHE A 74 -1.41 -0.77 -8.17
N SER A 75 -1.30 -0.32 -9.41
CA SER A 75 -0.12 0.39 -9.85
C SER A 75 -0.33 1.90 -9.70
N TRP A 76 0.74 2.58 -9.31
CA TRP A 76 0.69 4.02 -9.14
C TRP A 76 1.30 4.68 -10.37
N ASP A 77 0.45 5.39 -11.11
CA ASP A 77 0.90 6.07 -12.32
C ASP A 77 1.69 7.32 -11.92
N THR A 78 2.14 8.03 -12.95
CA THR A 78 2.92 9.25 -12.73
C THR A 78 3.87 9.07 -11.55
N ASP A 79 4.54 7.93 -11.53
CA ASP A 79 5.47 7.63 -10.46
C ASP A 79 6.28 6.38 -10.83
N GLY A 80 5.60 5.24 -10.80
CA GLY A 80 6.24 3.97 -11.12
C GLY A 80 6.44 3.13 -9.86
N TRP A 81 5.42 3.10 -9.02
CA TRP A 81 5.48 2.33 -7.79
C TRP A 81 4.24 1.44 -7.73
N VAL A 82 4.33 0.43 -6.86
CA VAL A 82 3.23 -0.50 -6.70
C VAL A 82 3.01 -0.76 -5.21
N VAL A 83 1.75 -0.70 -4.80
CA VAL A 83 1.40 -0.93 -3.41
C VAL A 83 0.26 -1.94 -3.34
N SER A 84 0.45 -2.95 -2.50
CA SER A 84 -0.54 -3.99 -2.33
C SER A 84 -0.65 -4.37 -0.86
N PHE A 85 -1.89 -4.50 -0.40
CA PHE A 85 -2.14 -4.86 0.98
C PHE A 85 -2.56 -6.34 1.10
N ASP A 86 -1.68 -7.12 1.72
CA ASP A 86 -1.94 -8.53 1.91
C ASP A 86 -2.79 -8.73 3.17
N LEU A 87 -3.58 -9.79 3.15
CA LEU A 87 -4.43 -10.11 4.27
C LEU A 87 -4.37 -11.62 4.55
N LYS A 88 -4.31 -11.94 5.83
CA LYS A 88 -4.24 -13.33 6.25
C LYS A 88 -5.22 -13.57 7.40
N ASP A 89 -6.02 -14.61 7.25
CA ASP A 89 -7.01 -14.95 8.25
C ASP A 89 -6.33 -15.76 9.37
N LEU A 90 -6.35 -15.20 10.57
CA LEU A 90 -5.75 -15.85 11.71
C LEU A 90 -6.86 -16.35 12.65
N GLY A 91 -7.87 -15.51 12.81
CA GLY A 91 -8.99 -15.84 13.68
C GLY A 91 -8.99 -14.96 14.93
N ASP A 92 -9.81 -15.36 15.88
CA ASP A 92 -9.93 -14.62 17.13
C ASP A 92 -10.08 -13.13 16.83
N ASN A 93 -10.78 -12.85 15.74
CA ASN A 93 -11.01 -11.48 15.32
C ASN A 93 -9.66 -10.79 15.08
N LYS A 94 -8.73 -11.57 14.54
CA LYS A 94 -7.40 -11.06 14.25
C LYS A 94 -7.03 -11.40 12.81
N THR A 95 -6.27 -10.51 12.20
CA THR A 95 -5.83 -10.72 10.82
C THR A 95 -4.41 -10.19 10.64
N GLU A 96 -3.62 -10.97 9.90
CA GLU A 96 -2.24 -10.59 9.64
C GLU A 96 -2.16 -9.67 8.43
N PHE A 97 -1.86 -8.41 8.70
CA PHE A 97 -1.75 -7.42 7.65
C PHE A 97 -0.30 -7.23 7.21
N THR A 98 -0.08 -7.33 5.91
CA THR A 98 1.25 -7.18 5.36
C THR A 98 1.22 -6.25 4.14
N LEU A 99 1.73 -5.04 4.35
CA LEU A 99 1.76 -4.05 3.28
C LEU A 99 3.09 -4.18 2.52
N ILE A 100 2.96 -4.41 1.22
CA ILE A 100 4.14 -4.56 0.37
C ILE A 100 4.12 -3.46 -0.69
N HIS A 101 5.25 -2.79 -0.82
CA HIS A 101 5.39 -1.71 -1.79
C HIS A 101 6.71 -1.89 -2.55
N GLY A 102 6.57 -2.28 -3.81
CA GLY A 102 7.73 -2.49 -4.66
C GLY A 102 7.66 -1.60 -5.90
N GLY A 103 8.44 -1.98 -6.91
CA GLY A 103 8.46 -1.23 -8.16
C GLY A 103 9.91 -0.88 -8.55
N TRP A 104 10.68 -0.47 -7.56
CA TRP A 104 12.07 -0.10 -7.78
C TRP A 104 12.82 -1.36 -8.20
N LYS A 105 14.11 -1.19 -8.46
CA LYS A 105 14.95 -2.29 -8.87
C LYS A 105 16.21 -2.31 -8.02
N HIS A 106 17.10 -1.36 -8.29
CA HIS A 106 18.34 -1.25 -7.56
C HIS A 106 18.29 -0.03 -6.63
N PRO A 107 18.95 -0.19 -5.45
CA PRO A 107 18.99 0.88 -4.47
C PRO A 107 19.95 2.00 -4.90
N ASP A 108 20.69 1.71 -5.96
CA ASP A 108 21.65 2.67 -6.48
C ASP A 108 21.00 3.47 -7.61
N GLU A 109 20.43 2.74 -8.56
CA GLU A 109 19.76 3.38 -9.69
C GLU A 109 18.64 4.28 -9.20
N ILE A 110 18.52 5.43 -9.86
CA ILE A 110 17.49 6.39 -9.51
C ILE A 110 16.33 6.28 -10.51
N LEU A 111 15.18 6.81 -10.10
CA LEU A 111 14.01 6.77 -10.94
C LEU A 111 13.78 8.15 -11.57
N PRO A 112 13.27 8.14 -12.83
CA PRO A 112 13.01 9.38 -13.54
C PRO A 112 11.76 10.08 -12.99
N LYS A 113 10.69 9.30 -12.87
CA LYS A 113 9.44 9.82 -12.37
C LYS A 113 9.45 9.79 -10.85
N ALA A 114 10.53 10.31 -10.28
CA ALA A 114 10.68 10.34 -8.83
C ALA A 114 11.96 11.07 -8.48
N ASN A 115 13.07 10.49 -8.90
CA ASN A 115 14.38 11.07 -8.62
C ASN A 115 14.79 10.75 -7.18
N ALA A 116 15.98 11.23 -6.82
CA ALA A 116 16.49 11.00 -5.48
C ALA A 116 16.67 9.49 -5.26
N LYS A 117 17.66 9.16 -4.45
CA LYS A 117 17.95 7.77 -4.14
C LYS A 117 16.66 7.08 -3.70
N SER A 118 16.40 5.92 -4.30
CA SER A 118 15.21 5.16 -3.97
C SER A 118 15.23 4.78 -2.49
N SER A 119 16.35 4.21 -2.07
CA SER A 119 16.51 3.79 -0.68
C SER A 119 16.02 4.90 0.26
N ILE A 120 16.23 6.13 -0.18
CA ILE A 120 15.82 7.28 0.61
C ILE A 120 14.32 7.50 0.43
N ILE A 121 13.86 7.28 -0.78
CA ILE A 121 12.45 7.45 -1.10
C ILE A 121 11.63 6.38 -0.37
N ARG A 122 12.07 5.14 -0.53
CA ARG A 122 11.40 4.01 0.11
C ARG A 122 11.49 4.14 1.64
N ASP A 123 12.52 4.84 2.08
CA ASP A 123 12.73 5.04 3.51
C ASP A 123 11.70 6.05 4.03
N ARG A 124 11.74 7.23 3.45
CA ARG A 124 10.82 8.29 3.85
C ARG A 124 9.38 7.80 3.75
N MET A 125 9.11 7.08 2.67
CA MET A 125 7.78 6.56 2.43
C MET A 125 7.44 5.45 3.44
N SER A 126 8.37 4.53 3.59
CA SER A 126 8.19 3.42 4.52
C SER A 126 7.96 3.96 5.93
N GLY A 127 8.82 4.89 6.33
CA GLY A 127 8.73 5.48 7.65
C GLY A 127 7.30 5.95 7.94
N GLY A 128 6.76 6.71 7.00
CA GLY A 128 5.41 7.23 7.15
C GLY A 128 4.37 6.09 7.08
N TRP A 129 4.71 5.07 6.31
CA TRP A 129 3.84 3.92 6.15
C TRP A 129 3.75 3.22 7.50
N VAL A 130 4.90 3.10 8.15
CA VAL A 130 4.96 2.44 9.44
C VAL A 130 4.06 3.19 10.44
N ALA A 131 4.25 4.49 10.49
CA ALA A 131 3.46 5.33 11.39
C ALA A 131 2.00 5.30 10.94
N ILE A 132 1.79 5.59 9.67
CA ILE A 132 0.45 5.61 9.10
C ILE A 132 -0.21 4.26 9.36
N VAL A 133 0.58 3.21 9.23
CA VAL A 133 0.08 1.86 9.45
C VAL A 133 -0.30 1.69 10.92
N ASN A 134 0.43 2.39 11.78
CA ASN A 134 0.19 2.33 13.20
C ASN A 134 -0.27 3.70 13.70
N GLU A 135 -1.08 4.35 12.88
CA GLU A 135 -1.59 5.66 13.22
C GLU A 135 -3.05 5.81 12.75
N LYS A 136 -3.22 5.72 11.45
CA LYS A 136 -4.55 5.83 10.86
C LYS A 136 -5.17 4.43 10.75
N LEU A 137 -4.61 3.65 9.85
CA LEU A 137 -5.09 2.30 9.64
C LEU A 137 -5.56 1.71 10.97
N LYS A 138 -4.64 1.69 11.92
CA LYS A 138 -4.94 1.16 13.24
C LYS A 138 -6.26 1.76 13.75
N LYS A 139 -6.31 3.08 13.77
CA LYS A 139 -7.49 3.79 14.21
C LYS A 139 -8.67 3.41 13.32
N VAL A 140 -8.37 3.26 12.03
CA VAL A 140 -9.39 2.90 11.07
C VAL A 140 -9.96 1.52 11.41
N VAL A 141 -9.06 0.56 11.51
CA VAL A 141 -9.46 -0.80 11.83
C VAL A 141 -10.08 -0.83 13.24
N GLU A 142 -9.28 -0.37 14.20
CA GLU A 142 -9.73 -0.34 15.58
C GLU A 142 -10.99 0.54 15.72
N GLY A 143 -11.16 1.41 14.73
CA GLY A 143 -12.32 2.29 14.73
C GLY A 143 -13.58 1.56 14.26
N MET A 1 25.01 -10.42 7.18
CA MET A 1 23.79 -9.64 7.03
C MET A 1 22.64 -10.53 6.54
N GLU A 2 21.44 -9.97 6.59
CA GLU A 2 20.26 -10.69 6.17
C GLU A 2 19.74 -10.12 4.84
N GLN A 3 18.72 -10.78 4.32
CA GLN A 3 18.11 -10.34 3.06
C GLN A 3 18.97 -10.79 1.89
N GLN A 4 18.46 -10.55 0.68
CA GLN A 4 19.16 -10.93 -0.52
C GLN A 4 19.66 -9.67 -1.26
N ASN A 5 20.45 -9.92 -2.31
CA ASN A 5 20.99 -8.83 -3.10
C ASN A 5 19.84 -7.94 -3.60
N THR A 6 20.22 -6.79 -4.13
CA THR A 6 19.22 -5.86 -4.66
C THR A 6 18.26 -5.44 -3.54
N LEU A 7 17.41 -4.47 -3.89
CA LEU A 7 16.44 -3.96 -2.93
C LEU A 7 15.27 -4.96 -2.82
N ASN A 8 14.53 -4.82 -1.74
CA ASN A 8 13.38 -5.69 -1.50
C ASN A 8 12.11 -4.85 -1.43
N ASP A 9 11.00 -5.54 -1.28
CA ASP A 9 9.70 -4.88 -1.18
C ASP A 9 9.41 -4.54 0.28
N ILE A 10 9.07 -3.28 0.50
CA ILE A 10 8.77 -2.81 1.84
C ILE A 10 7.58 -3.61 2.40
N LYS A 11 7.92 -4.65 3.15
CA LYS A 11 6.90 -5.50 3.74
C LYS A 11 6.62 -5.03 5.17
N GLN A 12 5.33 -4.89 5.47
CA GLN A 12 4.92 -4.45 6.79
C GLN A 12 3.84 -5.38 7.35
N THR A 13 4.29 -6.39 8.07
CA THR A 13 3.38 -7.35 8.67
C THR A 13 2.98 -6.91 10.08
N ILE A 14 1.68 -6.77 10.26
CA ILE A 14 1.15 -6.36 11.55
C ILE A 14 -0.18 -7.07 11.81
N VAL A 15 -0.47 -7.27 13.08
CA VAL A 15 -1.72 -7.94 13.46
C VAL A 15 -2.68 -6.90 14.06
N PHE A 16 -3.94 -7.02 13.65
CA PHE A 16 -4.96 -6.11 14.13
C PHE A 16 -6.12 -6.88 14.75
N ASN A 17 -6.90 -6.16 15.56
CA ASN A 17 -8.05 -6.75 16.22
C ASN A 17 -9.28 -6.63 15.32
N ALA A 18 -9.20 -7.28 14.17
CA ALA A 18 -10.30 -7.24 13.21
C ALA A 18 -10.27 -8.52 12.37
N SER A 19 -11.20 -8.58 11.43
CA SER A 19 -11.30 -9.74 10.55
C SER A 19 -10.78 -9.37 9.16
N ILE A 20 -10.23 -10.38 8.49
CA ILE A 20 -9.70 -10.19 7.15
C ILE A 20 -10.68 -9.37 6.32
N GLN A 21 -11.96 -9.71 6.47
CA GLN A 21 -13.00 -9.02 5.74
C GLN A 21 -13.00 -7.52 6.09
N LYS A 22 -12.93 -7.26 7.39
CA LYS A 22 -12.92 -5.89 7.87
C LYS A 22 -11.70 -5.16 7.29
N VAL A 23 -10.53 -5.73 7.55
CA VAL A 23 -9.29 -5.15 7.06
C VAL A 23 -9.39 -4.95 5.55
N TRP A 24 -10.03 -5.91 4.89
CA TRP A 24 -10.20 -5.85 3.45
C TRP A 24 -10.98 -4.59 3.12
N SER A 25 -12.05 -4.38 3.88
CA SER A 25 -12.91 -3.23 3.67
C SER A 25 -12.09 -1.94 3.81
N VAL A 26 -11.08 -2.02 4.67
CA VAL A 26 -10.21 -0.88 4.92
C VAL A 26 -9.25 -0.71 3.74
N VAL A 27 -9.31 -1.68 2.83
CA VAL A 27 -8.45 -1.65 1.65
C VAL A 27 -9.23 -2.16 0.45
N SER A 28 -10.47 -1.69 0.33
CA SER A 28 -11.33 -2.08 -0.76
C SER A 28 -12.54 -1.14 -0.86
N THR A 29 -12.32 0.09 -0.45
CA THR A 29 -13.37 1.09 -0.47
C THR A 29 -12.83 2.43 -0.97
N ALA A 30 -13.69 3.42 -0.95
CA ALA A 30 -13.32 4.76 -1.41
C ALA A 30 -13.12 5.66 -0.19
N GLU A 31 -13.99 5.47 0.79
CA GLU A 31 -13.92 6.27 2.02
C GLU A 31 -12.84 5.71 2.94
N GLY A 32 -12.83 4.39 3.06
CA GLY A 32 -11.86 3.73 3.91
C GLY A 32 -10.43 4.16 3.57
N ILE A 33 -10.10 4.03 2.29
CA ILE A 33 -8.78 4.40 1.81
C ILE A 33 -8.53 5.88 2.12
N ALA A 34 -9.52 6.70 1.79
CA ALA A 34 -9.42 8.12 2.04
C ALA A 34 -9.24 8.38 3.53
N SER A 35 -9.62 7.38 4.31
CA SER A 35 -9.50 7.48 5.76
C SER A 35 -8.05 7.29 6.18
N TRP A 36 -7.23 6.90 5.22
CA TRP A 36 -5.82 6.69 5.48
C TRP A 36 -5.11 6.46 4.13
N PHE A 37 -5.13 7.52 3.32
CA PHE A 37 -4.50 7.44 2.01
C PHE A 37 -4.62 8.78 1.28
N MET A 38 -5.85 9.13 0.92
CA MET A 38 -6.12 10.36 0.22
C MET A 38 -7.52 10.37 -0.36
N PRO A 39 -7.99 11.59 -0.74
CA PRO A 39 -9.31 11.75 -1.32
C PRO A 39 -9.34 11.26 -2.76
N ASN A 40 -10.25 10.34 -3.03
CA ASN A 40 -10.39 9.79 -4.37
C ASN A 40 -11.69 8.97 -4.44
N ASP A 41 -11.92 8.41 -5.62
CA ASP A 41 -13.12 7.60 -5.83
C ASP A 41 -12.70 6.16 -6.17
N PHE A 42 -12.12 5.52 -5.17
CA PHE A 42 -11.68 4.13 -5.35
C PHE A 42 -12.67 3.35 -6.20
N VAL A 43 -12.16 2.29 -6.82
CA VAL A 43 -12.99 1.45 -7.67
C VAL A 43 -12.51 0.00 -7.56
N LEU A 44 -13.44 -0.88 -7.25
CA LEU A 44 -13.13 -2.30 -7.13
C LEU A 44 -13.39 -3.00 -8.46
N GLU A 45 -12.62 -2.62 -9.46
CA GLU A 45 -12.76 -3.19 -10.78
C GLU A 45 -11.39 -3.35 -11.44
N VAL A 46 -11.21 -4.49 -12.11
CA VAL A 46 -9.96 -4.76 -12.79
C VAL A 46 -9.81 -3.83 -13.99
N GLY A 47 -8.60 -3.30 -14.13
CA GLY A 47 -8.32 -2.39 -15.23
C GLY A 47 -9.26 -1.18 -15.21
N HIS A 48 -9.78 -0.91 -14.02
CA HIS A 48 -10.70 0.20 -13.84
C HIS A 48 -9.96 1.38 -13.21
N GLU A 49 -8.96 1.87 -13.93
CA GLU A 49 -8.17 2.99 -13.44
C GLU A 49 -9.08 4.15 -13.06
N PHE A 50 -8.66 4.87 -12.02
CA PHE A 50 -9.43 6.01 -11.54
C PHE A 50 -8.52 7.22 -11.31
N HIS A 51 -9.10 8.25 -10.72
CA HIS A 51 -8.36 9.47 -10.44
C HIS A 51 -8.48 9.82 -8.95
N VAL A 52 -7.41 10.40 -8.43
CA VAL A 52 -7.40 10.78 -7.03
C VAL A 52 -7.08 12.27 -6.92
N GLN A 53 -7.24 12.80 -5.71
CA GLN A 53 -6.98 14.20 -5.46
C GLN A 53 -5.96 14.36 -4.33
N SER A 54 -4.76 14.79 -4.70
CA SER A 54 -3.69 14.98 -3.73
C SER A 54 -3.23 16.43 -3.77
N PRO A 55 -2.61 16.86 -2.62
CA PRO A 55 -2.11 18.22 -2.51
C PRO A 55 -0.82 18.40 -3.31
N PHE A 56 -0.17 17.28 -3.58
CA PHE A 56 1.07 17.29 -4.34
C PHE A 56 0.80 17.25 -5.84
N GLY A 57 -0.22 16.49 -6.21
CA GLY A 57 -0.59 16.35 -7.61
C GLY A 57 -1.49 15.14 -7.82
N PRO A 58 -2.19 15.13 -8.99
CA PRO A 58 -3.09 14.04 -9.33
C PRO A 58 -2.29 12.80 -9.74
N SER A 59 -2.66 11.67 -9.14
CA SER A 59 -2.01 10.41 -9.44
C SER A 59 -3.05 9.29 -9.56
N PRO A 60 -3.44 9.01 -10.84
CA PRO A 60 -4.41 7.98 -11.11
C PRO A 60 -3.80 6.59 -10.95
N CYS A 61 -4.54 5.73 -10.26
CA CYS A 61 -4.08 4.38 -10.02
C CYS A 61 -4.86 3.43 -10.94
N LYS A 62 -4.38 2.20 -11.04
CA LYS A 62 -5.02 1.21 -11.88
C LYS A 62 -4.94 -0.15 -11.19
N VAL A 63 -6.11 -0.66 -10.81
CA VAL A 63 -6.19 -1.95 -10.15
C VAL A 63 -5.53 -3.01 -11.03
N LEU A 64 -4.56 -3.70 -10.44
CA LEU A 64 -3.85 -4.75 -11.15
C LEU A 64 -4.60 -6.07 -11.00
N GLU A 65 -4.78 -6.46 -9.75
CA GLU A 65 -5.49 -7.71 -9.46
C GLU A 65 -6.53 -7.48 -8.37
N ILE A 66 -7.59 -8.28 -8.43
CA ILE A 66 -8.66 -8.18 -7.45
C ILE A 66 -8.91 -9.54 -6.83
N ASP A 67 -8.83 -9.59 -5.51
CA ASP A 67 -9.05 -10.83 -4.78
C ASP A 67 -9.41 -10.51 -3.32
N GLU A 68 -10.64 -10.07 -3.14
CA GLU A 68 -11.11 -9.72 -1.81
C GLU A 68 -10.71 -10.80 -0.80
N PRO A 69 -11.04 -12.07 -1.15
CA PRO A 69 -10.70 -13.19 -0.29
C PRO A 69 -9.21 -13.52 -0.36
N ASN A 70 -8.40 -12.51 -0.12
CA ASN A 70 -6.96 -12.68 -0.16
C ASN A 70 -6.29 -11.31 -0.09
N HIS A 71 -6.35 -10.59 -1.20
CA HIS A 71 -5.76 -9.26 -1.27
C HIS A 71 -5.96 -8.68 -2.67
N LEU A 72 -5.31 -7.56 -2.91
CA LEU A 72 -5.41 -6.90 -4.20
C LEU A 72 -4.17 -6.02 -4.42
N SER A 73 -3.98 -5.62 -5.67
CA SER A 73 -2.85 -4.79 -6.02
C SER A 73 -3.31 -3.64 -6.92
N PHE A 74 -2.52 -2.56 -6.91
CA PHE A 74 -2.83 -1.40 -7.71
C PHE A 74 -1.57 -0.57 -7.99
N SER A 75 -1.52 -0.01 -9.19
CA SER A 75 -0.38 0.80 -9.59
C SER A 75 -0.62 2.26 -9.21
N TRP A 76 0.42 2.88 -8.68
CA TRP A 76 0.33 4.28 -8.27
C TRP A 76 1.04 5.12 -9.33
N ASP A 77 0.36 6.18 -9.75
CA ASP A 77 0.91 7.07 -10.76
C ASP A 77 1.91 8.02 -10.10
N THR A 78 2.53 8.85 -10.92
CA THR A 78 3.51 9.80 -10.43
C THR A 78 4.51 9.11 -9.50
N ASP A 79 4.63 7.80 -9.67
CA ASP A 79 5.55 7.02 -8.86
C ASP A 79 5.34 5.53 -9.17
N GLY A 80 6.26 4.99 -9.96
CA GLY A 80 6.20 3.59 -10.32
C GLY A 80 6.03 2.69 -9.10
N TRP A 81 6.37 3.26 -7.94
CA TRP A 81 6.25 2.54 -6.69
C TRP A 81 4.82 2.01 -6.58
N VAL A 82 4.71 0.69 -6.51
CA VAL A 82 3.42 0.05 -6.39
C VAL A 82 3.09 -0.19 -4.92
N VAL A 83 1.80 -0.35 -4.64
CA VAL A 83 1.36 -0.58 -3.29
C VAL A 83 0.37 -1.75 -3.27
N SER A 84 0.65 -2.71 -2.40
CA SER A 84 -0.20 -3.88 -2.27
C SER A 84 -0.44 -4.20 -0.80
N PHE A 85 -1.68 -4.54 -0.48
CA PHE A 85 -2.04 -4.88 0.88
C PHE A 85 -2.49 -6.34 0.98
N ASP A 86 -1.68 -7.12 1.68
CA ASP A 86 -1.98 -8.53 1.86
C ASP A 86 -2.85 -8.72 3.11
N LEU A 87 -3.60 -9.81 3.13
CA LEU A 87 -4.46 -10.11 4.26
C LEU A 87 -4.33 -11.58 4.62
N LYS A 88 -4.37 -11.85 5.91
CA LYS A 88 -4.26 -13.21 6.41
C LYS A 88 -5.27 -13.43 7.53
N ASP A 89 -6.14 -14.41 7.33
CA ASP A 89 -7.16 -14.72 8.31
C ASP A 89 -6.52 -15.51 9.47
N LEU A 90 -6.65 -14.94 10.66
CA LEU A 90 -6.09 -15.57 11.85
C LEU A 90 -7.23 -16.09 12.73
N GLY A 91 -8.26 -15.25 12.86
CA GLY A 91 -9.41 -15.62 13.67
C GLY A 91 -9.45 -14.80 14.96
N ASP A 92 -10.34 -15.22 15.86
CA ASP A 92 -10.49 -14.53 17.13
C ASP A 92 -10.67 -13.03 16.87
N ASN A 93 -11.23 -12.72 15.72
CA ASN A 93 -11.46 -11.33 15.35
C ASN A 93 -10.11 -10.64 15.13
N LYS A 94 -9.15 -11.42 14.68
CA LYS A 94 -7.82 -10.90 14.43
C LYS A 94 -7.42 -11.20 12.97
N THR A 95 -6.60 -10.31 12.43
CA THR A 95 -6.15 -10.48 11.05
C THR A 95 -4.69 -10.02 10.92
N GLU A 96 -3.98 -10.69 10.02
CA GLU A 96 -2.58 -10.36 9.79
C GLU A 96 -2.44 -9.48 8.55
N PHE A 97 -2.26 -8.19 8.79
CA PHE A 97 -2.11 -7.24 7.71
C PHE A 97 -0.65 -7.13 7.28
N THR A 98 -0.43 -7.34 5.98
CA THR A 98 0.91 -7.26 5.42
C THR A 98 0.94 -6.32 4.23
N LEU A 99 1.51 -5.15 4.45
CA LEU A 99 1.60 -4.14 3.40
C LEU A 99 2.91 -4.35 2.63
N ILE A 100 2.80 -4.30 1.32
CA ILE A 100 3.97 -4.48 0.46
C ILE A 100 4.02 -3.34 -0.56
N HIS A 101 5.14 -2.63 -0.54
CA HIS A 101 5.33 -1.51 -1.46
C HIS A 101 6.71 -1.63 -2.13
N GLY A 102 6.67 -1.95 -3.41
CA GLY A 102 7.89 -2.09 -4.17
C GLY A 102 7.97 -1.04 -5.29
N GLY A 103 8.76 -1.37 -6.31
CA GLY A 103 8.93 -0.47 -7.44
C GLY A 103 10.40 -0.26 -7.74
N TRP A 104 11.21 -0.28 -6.69
CA TRP A 104 12.64 -0.08 -6.83
C TRP A 104 13.26 -1.44 -7.18
N LYS A 105 14.56 -1.40 -7.47
CA LYS A 105 15.29 -2.61 -7.81
C LYS A 105 16.68 -2.56 -7.18
N HIS A 106 17.49 -1.65 -7.71
CA HIS A 106 18.84 -1.49 -7.21
C HIS A 106 18.93 -0.24 -6.34
N PRO A 107 19.72 -0.35 -5.23
CA PRO A 107 19.89 0.76 -4.31
C PRO A 107 20.81 1.83 -4.90
N ASP A 108 21.33 1.54 -6.09
CA ASP A 108 22.22 2.45 -6.78
C ASP A 108 21.42 3.28 -7.79
N GLU A 109 20.49 2.60 -8.46
CA GLU A 109 19.66 3.25 -9.45
C GLU A 109 18.83 4.36 -8.81
N ILE A 110 18.24 5.19 -9.65
CA ILE A 110 17.42 6.29 -9.18
C ILE A 110 16.17 6.41 -10.05
N LEU A 111 15.03 6.48 -9.38
CA LEU A 111 13.76 6.59 -10.08
C LEU A 111 13.56 8.03 -10.54
N PRO A 112 12.90 8.18 -11.72
CA PRO A 112 12.63 9.49 -12.29
C PRO A 112 11.51 10.20 -11.52
N LYS A 113 11.34 11.48 -11.84
CA LYS A 113 10.31 12.28 -11.19
C LYS A 113 10.70 12.51 -9.74
N ALA A 114 10.80 11.42 -8.99
CA ALA A 114 11.16 11.49 -7.59
C ALA A 114 12.66 11.79 -7.47
N ASN A 115 13.44 11.01 -8.18
CA ASN A 115 14.89 11.16 -8.16
C ASN A 115 15.41 10.92 -6.74
N ALA A 116 16.72 11.00 -6.61
CA ALA A 116 17.35 10.80 -5.32
C ALA A 116 17.52 9.30 -5.07
N LYS A 117 18.46 8.97 -4.20
CA LYS A 117 18.73 7.59 -3.87
C LYS A 117 17.42 6.89 -3.51
N SER A 118 17.22 5.72 -4.11
CA SER A 118 16.01 4.95 -3.85
C SER A 118 15.98 4.47 -2.40
N SER A 119 17.18 4.26 -1.85
CA SER A 119 17.31 3.81 -0.48
C SER A 119 16.83 4.90 0.48
N ILE A 120 17.25 6.12 0.18
CA ILE A 120 16.88 7.26 1.01
C ILE A 120 15.36 7.41 0.99
N ILE A 121 14.78 7.30 -0.19
CA ILE A 121 13.35 7.42 -0.35
C ILE A 121 12.66 6.23 0.32
N ARG A 122 13.19 5.05 0.04
CA ARG A 122 12.64 3.82 0.60
C ARG A 122 12.53 3.95 2.12
N ASP A 123 13.57 4.52 2.72
CA ASP A 123 13.59 4.71 4.16
C ASP A 123 12.49 5.69 4.57
N ARG A 124 12.52 6.86 3.93
CA ARG A 124 11.54 7.89 4.21
C ARG A 124 10.12 7.34 4.01
N MET A 125 9.92 6.71 2.87
CA MET A 125 8.62 6.15 2.54
C MET A 125 8.23 5.07 3.56
N SER A 126 9.13 4.13 3.75
CA SER A 126 8.89 3.04 4.68
C SER A 126 8.51 3.60 6.05
N GLY A 127 9.33 4.55 6.52
CA GLY A 127 9.09 5.17 7.81
C GLY A 127 7.64 5.66 7.93
N GLY A 128 7.28 6.55 7.02
CA GLY A 128 5.93 7.09 7.01
C GLY A 128 4.89 5.98 6.89
N TRP A 129 5.29 4.90 6.23
CA TRP A 129 4.41 3.76 6.04
C TRP A 129 4.25 3.06 7.39
N VAL A 130 5.38 2.90 8.08
CA VAL A 130 5.38 2.25 9.37
C VAL A 130 4.48 3.03 10.33
N ALA A 131 4.60 4.35 10.28
CA ALA A 131 3.80 5.20 11.14
C ALA A 131 2.36 5.20 10.65
N ILE A 132 2.20 5.47 9.36
CA ILE A 132 0.87 5.50 8.76
C ILE A 132 0.17 4.16 9.01
N VAL A 133 0.96 3.10 8.98
CA VAL A 133 0.43 1.76 9.20
C VAL A 133 -0.02 1.64 10.66
N ASN A 134 0.72 2.32 11.54
CA ASN A 134 0.41 2.28 12.95
C ASN A 134 -0.03 3.68 13.41
N GLU A 135 -0.82 4.32 12.56
CA GLU A 135 -1.31 5.66 12.85
C GLU A 135 -2.76 5.80 12.39
N LYS A 136 -2.94 5.73 11.07
CA LYS A 136 -4.26 5.85 10.49
C LYS A 136 -4.87 4.46 10.33
N LEU A 137 -4.23 3.66 9.49
CA LEU A 137 -4.71 2.31 9.24
C LEU A 137 -5.19 1.69 10.55
N LYS A 138 -4.37 1.83 11.58
CA LYS A 138 -4.70 1.30 12.89
C LYS A 138 -6.05 1.87 13.33
N LYS A 139 -6.12 3.18 13.38
CA LYS A 139 -7.35 3.86 13.78
C LYS A 139 -8.48 3.46 12.83
N VAL A 140 -8.10 3.24 11.58
CA VAL A 140 -9.08 2.86 10.57
C VAL A 140 -9.69 1.51 10.94
N VAL A 141 -8.82 0.53 11.14
CA VAL A 141 -9.26 -0.80 11.50
C VAL A 141 -9.83 -0.78 12.93
N GLU A 142 -8.99 -0.35 13.85
CA GLU A 142 -9.38 -0.27 15.25
C GLU A 142 -10.66 0.56 15.39
N GLY A 143 -10.79 1.54 14.51
CA GLY A 143 -11.95 2.41 14.54
C GLY A 143 -13.21 1.66 14.10
N MET A 1 17.63 -11.75 -5.04
CA MET A 1 16.94 -13.03 -5.08
C MET A 1 16.03 -13.20 -3.86
N GLU A 2 16.65 -13.16 -2.69
CA GLU A 2 15.90 -13.31 -1.46
C GLU A 2 16.31 -12.22 -0.46
N GLN A 3 15.77 -12.33 0.75
CA GLN A 3 16.08 -11.37 1.80
C GLN A 3 17.59 -11.14 1.88
N GLN A 4 18.03 -10.10 1.19
CA GLN A 4 19.45 -9.76 1.19
C GLN A 4 19.66 -8.39 0.53
N ASN A 5 20.81 -8.26 -0.11
CA ASN A 5 21.14 -7.01 -0.79
C ASN A 5 20.01 -6.63 -1.74
N THR A 6 20.26 -5.58 -2.51
CA THR A 6 19.27 -5.09 -3.45
C THR A 6 18.07 -4.49 -2.72
N LEU A 7 17.14 -3.97 -3.50
CA LEU A 7 15.95 -3.36 -2.94
C LEU A 7 14.83 -4.39 -2.90
N ASN A 8 14.20 -4.51 -1.74
CA ASN A 8 13.11 -5.45 -1.55
C ASN A 8 11.79 -4.69 -1.55
N ASP A 9 10.72 -5.44 -1.27
CA ASP A 9 9.39 -4.85 -1.24
C ASP A 9 9.04 -4.48 0.21
N ILE A 10 8.86 -3.18 0.42
CA ILE A 10 8.53 -2.68 1.75
C ILE A 10 7.45 -3.58 2.36
N LYS A 11 7.92 -4.50 3.20
CA LYS A 11 7.01 -5.42 3.86
C LYS A 11 6.68 -4.89 5.27
N GLN A 12 5.39 -4.80 5.54
CA GLN A 12 4.93 -4.32 6.83
C GLN A 12 3.94 -5.30 7.45
N THR A 13 4.48 -6.32 8.10
CA THR A 13 3.66 -7.33 8.73
C THR A 13 3.21 -6.86 10.11
N ILE A 14 1.90 -6.81 10.30
CA ILE A 14 1.34 -6.38 11.57
C ILE A 14 -0.01 -7.08 11.78
N VAL A 15 -0.34 -7.28 13.05
CA VAL A 15 -1.58 -7.93 13.40
C VAL A 15 -2.53 -6.90 14.03
N PHE A 16 -3.72 -6.81 13.46
CA PHE A 16 -4.72 -5.87 13.94
C PHE A 16 -5.91 -6.62 14.55
N ASN A 17 -6.65 -5.90 15.38
CA ASN A 17 -7.83 -6.48 16.03
C ASN A 17 -9.04 -6.29 15.12
N ALA A 18 -9.03 -7.02 14.01
CA ALA A 18 -10.12 -6.95 13.05
C ALA A 18 -10.18 -8.26 12.26
N SER A 19 -11.15 -8.32 11.35
CA SER A 19 -11.32 -9.50 10.52
C SER A 19 -10.83 -9.21 9.11
N ILE A 20 -10.42 -10.28 8.42
CA ILE A 20 -9.94 -10.16 7.06
C ILE A 20 -10.92 -9.33 6.24
N GLN A 21 -12.20 -9.52 6.54
CA GLN A 21 -13.24 -8.79 5.84
C GLN A 21 -13.21 -7.31 6.23
N LYS A 22 -12.96 -7.08 7.51
CA LYS A 22 -12.91 -5.72 8.02
C LYS A 22 -11.71 -5.00 7.41
N VAL A 23 -10.53 -5.58 7.63
CA VAL A 23 -9.31 -5.01 7.10
C VAL A 23 -9.44 -4.82 5.59
N TRP A 24 -10.13 -5.76 4.97
CA TRP A 24 -10.33 -5.71 3.53
C TRP A 24 -11.23 -4.51 3.21
N SER A 25 -12.29 -4.38 4.00
CA SER A 25 -13.22 -3.28 3.82
C SER A 25 -12.49 -1.95 3.92
N VAL A 26 -11.48 -1.92 4.79
CA VAL A 26 -10.69 -0.72 4.98
C VAL A 26 -9.74 -0.54 3.79
N VAL A 27 -9.61 -1.59 3.02
CA VAL A 27 -8.74 -1.56 1.85
C VAL A 27 -9.52 -2.03 0.62
N SER A 28 -10.76 -1.58 0.54
CA SER A 28 -11.63 -1.94 -0.57
C SER A 28 -12.86 -1.04 -0.58
N THR A 29 -12.65 0.22 -0.23
CA THR A 29 -13.73 1.19 -0.21
C THR A 29 -13.22 2.58 -0.59
N ALA A 30 -14.16 3.50 -0.74
CA ALA A 30 -13.82 4.87 -1.10
C ALA A 30 -13.49 5.65 0.17
N GLU A 31 -14.32 5.47 1.17
CA GLU A 31 -14.14 6.17 2.43
C GLU A 31 -13.06 5.45 3.27
N GLY A 32 -13.14 4.13 3.27
CA GLY A 32 -12.18 3.33 4.01
C GLY A 32 -10.74 3.68 3.62
N ILE A 33 -10.52 3.78 2.32
CA ILE A 33 -9.21 4.09 1.80
C ILE A 33 -8.89 5.56 2.12
N ALA A 34 -9.80 6.43 1.73
CA ALA A 34 -9.63 7.85 1.96
C ALA A 34 -9.43 8.10 3.46
N SER A 35 -9.86 7.12 4.25
CA SER A 35 -9.74 7.21 5.70
C SER A 35 -8.28 7.41 6.09
N TRP A 36 -7.40 7.12 5.13
CA TRP A 36 -5.97 7.26 5.37
C TRP A 36 -5.30 7.54 4.03
N PHE A 37 -5.30 6.52 3.18
CA PHE A 37 -4.69 6.65 1.87
C PHE A 37 -4.87 8.06 1.31
N MET A 38 -6.11 8.39 0.98
CA MET A 38 -6.42 9.71 0.44
C MET A 38 -7.80 9.70 -0.22
N PRO A 39 -8.37 10.94 -0.34
CA PRO A 39 -9.68 11.09 -0.95
C PRO A 39 -9.60 10.94 -2.47
N ASN A 40 -10.49 10.10 -2.99
CA ASN A 40 -10.53 9.87 -4.43
C ASN A 40 -11.75 9.00 -4.77
N ASP A 41 -11.80 8.59 -6.02
CA ASP A 41 -12.91 7.77 -6.48
C ASP A 41 -12.41 6.34 -6.72
N PHE A 42 -11.93 5.72 -5.64
CA PHE A 42 -11.42 4.36 -5.71
C PHE A 42 -12.41 3.45 -6.42
N VAL A 43 -11.88 2.61 -7.29
CA VAL A 43 -12.70 1.68 -8.05
C VAL A 43 -12.12 0.26 -7.91
N LEU A 44 -13.01 -0.68 -7.63
CA LEU A 44 -12.61 -2.06 -7.46
C LEU A 44 -12.78 -2.80 -8.80
N GLU A 45 -11.85 -2.54 -9.70
CA GLU A 45 -11.88 -3.16 -11.02
C GLU A 45 -10.46 -3.36 -11.55
N VAL A 46 -10.22 -4.56 -12.07
CA VAL A 46 -8.92 -4.89 -12.61
C VAL A 46 -8.62 -3.97 -13.80
N GLY A 47 -7.39 -3.51 -13.85
CA GLY A 47 -6.96 -2.62 -14.93
C GLY A 47 -7.86 -1.38 -15.01
N HIS A 48 -8.45 -1.05 -13.88
CA HIS A 48 -9.33 0.10 -13.81
C HIS A 48 -8.59 1.27 -13.16
N GLU A 49 -8.08 2.15 -14.01
CA GLU A 49 -7.35 3.32 -13.53
C GLU A 49 -8.33 4.42 -13.11
N PHE A 50 -7.89 5.22 -12.15
CA PHE A 50 -8.71 6.31 -11.65
C PHE A 50 -7.85 7.50 -11.26
N HIS A 51 -8.51 8.51 -10.71
CA HIS A 51 -7.82 9.72 -10.29
C HIS A 51 -7.82 9.81 -8.75
N VAL A 52 -6.74 10.33 -8.22
CA VAL A 52 -6.60 10.47 -6.78
C VAL A 52 -5.99 11.85 -6.46
N GLN A 53 -6.16 12.26 -5.22
CA GLN A 53 -5.64 13.54 -4.77
C GLN A 53 -4.43 13.33 -3.86
N SER A 54 -3.39 14.09 -4.12
CA SER A 54 -2.17 14.00 -3.34
C SER A 54 -1.77 15.38 -2.83
N PRO A 55 -0.86 15.39 -1.81
CA PRO A 55 -0.39 16.64 -1.23
C PRO A 55 0.60 17.34 -2.16
N PHE A 56 1.08 16.58 -3.13
CA PHE A 56 2.04 17.11 -4.09
C PHE A 56 1.34 17.56 -5.37
N GLY A 57 0.64 16.60 -5.98
CA GLY A 57 -0.09 16.89 -7.21
C GLY A 57 -1.03 15.74 -7.57
N PRO A 58 -1.48 15.74 -8.85
CA PRO A 58 -2.39 14.71 -9.33
C PRO A 58 -1.65 13.39 -9.55
N SER A 59 -1.96 12.43 -8.68
CA SER A 59 -1.34 11.12 -8.77
C SER A 59 -2.41 10.02 -8.76
N PRO A 60 -2.77 9.56 -9.99
CA PRO A 60 -3.78 8.53 -10.13
C PRO A 60 -3.21 7.16 -9.74
N CYS A 61 -4.07 6.15 -9.84
CA CYS A 61 -3.67 4.80 -9.50
C CYS A 61 -4.45 3.83 -10.41
N LYS A 62 -3.89 2.63 -10.55
CA LYS A 62 -4.51 1.61 -11.37
C LYS A 62 -4.35 0.25 -10.71
N VAL A 63 -5.48 -0.39 -10.46
CA VAL A 63 -5.48 -1.70 -9.83
C VAL A 63 -4.79 -2.70 -10.75
N LEU A 64 -4.13 -3.68 -10.13
CA LEU A 64 -3.43 -4.71 -10.88
C LEU A 64 -4.20 -6.03 -10.77
N GLU A 65 -4.41 -6.44 -9.54
CA GLU A 65 -5.13 -7.69 -9.29
C GLU A 65 -6.19 -7.48 -8.20
N ILE A 66 -7.26 -8.25 -8.31
CA ILE A 66 -8.35 -8.15 -7.35
C ILE A 66 -8.61 -9.54 -6.76
N ASP A 67 -8.62 -9.59 -5.44
CA ASP A 67 -8.86 -10.85 -4.74
C ASP A 67 -9.24 -10.55 -3.28
N GLU A 68 -10.49 -10.14 -3.10
CA GLU A 68 -10.99 -9.83 -1.78
C GLU A 68 -10.59 -10.91 -0.78
N PRO A 69 -10.88 -12.18 -1.18
CA PRO A 69 -10.57 -13.33 -0.33
C PRO A 69 -9.07 -13.62 -0.37
N ASN A 70 -8.28 -12.60 -0.07
CA ASN A 70 -6.83 -12.75 -0.07
C ASN A 70 -6.18 -11.36 0.01
N HIS A 71 -6.28 -10.64 -1.09
CA HIS A 71 -5.70 -9.30 -1.16
C HIS A 71 -5.87 -8.74 -2.57
N LEU A 72 -5.28 -7.58 -2.79
CA LEU A 72 -5.35 -6.92 -4.08
C LEU A 72 -4.07 -6.12 -4.32
N SER A 73 -3.85 -5.78 -5.58
CA SER A 73 -2.66 -5.01 -5.95
C SER A 73 -3.06 -3.85 -6.86
N PHE A 74 -2.29 -2.78 -6.78
CA PHE A 74 -2.55 -1.60 -7.58
C PHE A 74 -1.27 -0.79 -7.79
N SER A 75 -1.19 -0.17 -8.96
CA SER A 75 -0.03 0.64 -9.30
C SER A 75 -0.28 2.10 -8.95
N TRP A 76 0.78 2.88 -8.94
CA TRP A 76 0.68 4.30 -8.61
C TRP A 76 1.17 5.09 -9.83
N ASP A 77 0.23 5.80 -10.44
CA ASP A 77 0.55 6.60 -11.62
C ASP A 77 1.51 7.71 -11.22
N THR A 78 1.98 8.43 -12.23
CA THR A 78 2.91 9.52 -12.01
C THR A 78 3.90 9.16 -10.89
N ASP A 79 4.34 7.91 -10.92
CA ASP A 79 5.29 7.42 -9.93
C ASP A 79 5.92 6.13 -10.44
N GLY A 80 5.09 5.10 -10.54
CA GLY A 80 5.57 3.80 -11.00
C GLY A 80 5.80 2.85 -9.82
N TRP A 81 5.12 3.13 -8.73
CA TRP A 81 5.25 2.31 -7.54
C TRP A 81 4.05 1.37 -7.47
N VAL A 82 4.22 0.31 -6.71
CA VAL A 82 3.16 -0.68 -6.55
C VAL A 82 2.98 -1.00 -5.07
N VAL A 83 1.73 -0.87 -4.61
CA VAL A 83 1.42 -1.15 -3.22
C VAL A 83 0.33 -2.21 -3.16
N SER A 84 0.61 -3.25 -2.37
CA SER A 84 -0.35 -4.34 -2.21
C SER A 84 -0.48 -4.70 -0.73
N PHE A 85 -1.72 -4.77 -0.29
CA PHE A 85 -2.00 -5.11 1.11
C PHE A 85 -2.48 -6.56 1.23
N ASP A 86 -1.65 -7.38 1.86
CA ASP A 86 -1.98 -8.77 2.06
C ASP A 86 -2.94 -8.91 3.24
N LEU A 87 -3.67 -10.01 3.25
CA LEU A 87 -4.62 -10.27 4.31
C LEU A 87 -4.64 -11.78 4.62
N LYS A 88 -4.53 -12.09 5.90
CA LYS A 88 -4.53 -13.48 6.33
C LYS A 88 -5.55 -13.65 7.46
N ASP A 89 -6.44 -14.63 7.27
CA ASP A 89 -7.46 -14.90 8.26
C ASP A 89 -6.84 -15.65 9.43
N LEU A 90 -6.67 -14.91 10.54
CA LEU A 90 -6.09 -15.49 11.73
C LEU A 90 -7.21 -16.02 12.64
N GLY A 91 -8.20 -15.16 12.86
CA GLY A 91 -9.33 -15.53 13.69
C GLY A 91 -9.39 -14.66 14.94
N ASP A 92 -10.28 -15.03 15.84
CA ASP A 92 -10.45 -14.28 17.09
C ASP A 92 -10.56 -12.79 16.77
N ASN A 93 -11.19 -12.50 15.64
CA ASN A 93 -11.35 -11.11 15.23
C ASN A 93 -9.97 -10.48 15.01
N LYS A 94 -9.06 -11.30 14.49
CA LYS A 94 -7.72 -10.82 14.23
C LYS A 94 -7.29 -11.26 12.83
N THR A 95 -6.48 -10.41 12.20
CA THR A 95 -6.01 -10.69 10.86
C THR A 95 -4.57 -10.18 10.69
N GLU A 96 -3.79 -10.92 9.91
CA GLU A 96 -2.41 -10.55 9.65
C GLU A 96 -2.34 -9.58 8.47
N PHE A 97 -1.94 -8.35 8.78
CA PHE A 97 -1.82 -7.34 7.76
C PHE A 97 -0.37 -7.18 7.31
N THR A 98 -0.16 -7.35 6.01
CA THR A 98 1.17 -7.23 5.44
C THR A 98 1.15 -6.29 4.22
N LEU A 99 1.80 -5.15 4.39
CA LEU A 99 1.86 -4.17 3.32
C LEU A 99 3.08 -4.46 2.44
N ILE A 100 2.80 -4.81 1.19
CA ILE A 100 3.86 -5.11 0.25
C ILE A 100 3.93 -3.99 -0.80
N HIS A 101 5.01 -3.23 -0.73
CA HIS A 101 5.22 -2.13 -1.66
C HIS A 101 6.64 -2.20 -2.23
N GLY A 102 6.71 -2.37 -3.54
CA GLY A 102 8.00 -2.45 -4.21
C GLY A 102 8.06 -1.48 -5.39
N GLY A 103 8.88 -1.83 -6.37
CA GLY A 103 9.05 -1.01 -7.55
C GLY A 103 10.53 -0.81 -7.88
N TRP A 104 11.28 -0.40 -6.87
CA TRP A 104 12.70 -0.17 -7.04
C TRP A 104 13.37 -1.52 -7.34
N LYS A 105 14.67 -1.47 -7.57
CA LYS A 105 15.43 -2.67 -7.87
C LYS A 105 16.78 -2.61 -7.14
N HIS A 106 17.70 -1.88 -7.72
CA HIS A 106 19.03 -1.73 -7.14
C HIS A 106 19.14 -0.37 -6.45
N PRO A 107 19.70 -0.39 -5.21
CA PRO A 107 19.87 0.83 -4.44
C PRO A 107 21.03 1.67 -5.00
N ASP A 108 20.68 2.62 -5.85
CA ASP A 108 21.68 3.49 -6.45
C ASP A 108 21.03 4.28 -7.58
N GLU A 109 20.50 3.55 -8.55
CA GLU A 109 19.84 4.17 -9.70
C GLU A 109 18.65 5.00 -9.23
N ILE A 110 18.46 6.13 -9.91
CA ILE A 110 17.36 7.02 -9.59
C ILE A 110 16.18 6.73 -10.52
N LEU A 111 15.01 7.16 -10.09
CA LEU A 111 13.80 6.96 -10.87
C LEU A 111 13.49 8.24 -11.66
N PRO A 112 12.71 8.06 -12.76
CA PRO A 112 12.33 9.18 -13.60
C PRO A 112 11.25 10.03 -12.92
N LYS A 113 10.19 9.36 -12.50
CA LYS A 113 9.08 10.03 -11.84
C LYS A 113 9.40 10.18 -10.35
N ALA A 114 9.75 9.06 -9.74
CA ALA A 114 10.08 9.05 -8.32
C ALA A 114 11.06 10.19 -8.03
N ASN A 115 12.23 10.11 -8.64
CA ASN A 115 13.25 11.12 -8.44
C ASN A 115 13.86 10.97 -7.05
N ALA A 116 15.06 11.50 -6.91
CA ALA A 116 15.76 11.43 -5.63
C ALA A 116 16.22 9.99 -5.38
N LYS A 117 17.15 9.85 -4.45
CA LYS A 117 17.67 8.54 -4.10
C LYS A 117 16.51 7.58 -3.84
N SER A 118 16.51 6.48 -4.57
CA SER A 118 15.47 5.48 -4.42
C SER A 118 15.47 4.94 -2.99
N SER A 119 16.60 5.11 -2.31
CA SER A 119 16.73 4.65 -0.95
C SER A 119 16.03 5.62 0.00
N ILE A 120 16.20 6.89 -0.26
CA ILE A 120 15.59 7.92 0.56
C ILE A 120 14.06 7.78 0.50
N ILE A 121 13.56 7.60 -0.72
CA ILE A 121 12.14 7.46 -0.92
C ILE A 121 11.65 6.20 -0.19
N ARG A 122 12.38 5.11 -0.40
CA ARG A 122 12.03 3.84 0.23
C ARG A 122 11.96 4.02 1.75
N ASP A 123 12.92 4.77 2.27
CA ASP A 123 12.97 5.01 3.71
C ASP A 123 11.82 5.95 4.10
N ARG A 124 11.75 7.07 3.40
CA ARG A 124 10.71 8.05 3.66
C ARG A 124 9.33 7.41 3.58
N MET A 125 9.13 6.65 2.51
CA MET A 125 7.87 5.98 2.29
C MET A 125 7.67 4.85 3.32
N SER A 126 8.67 3.98 3.39
CA SER A 126 8.62 2.86 4.31
C SER A 126 8.36 3.36 5.73
N GLY A 127 9.20 4.31 6.15
CA GLY A 127 9.08 4.88 7.48
C GLY A 127 7.70 5.52 7.68
N GLY A 128 7.36 6.42 6.76
CA GLY A 128 6.08 7.10 6.82
C GLY A 128 4.92 6.11 6.72
N TRP A 129 5.20 4.98 6.08
CA TRP A 129 4.19 3.95 5.91
C TRP A 129 4.03 3.23 7.25
N VAL A 130 5.16 2.98 7.89
CA VAL A 130 5.17 2.30 9.18
C VAL A 130 4.28 3.07 10.16
N ALA A 131 4.48 4.38 10.18
CA ALA A 131 3.71 5.24 11.08
C ALA A 131 2.25 5.25 10.62
N ILE A 132 2.06 5.52 9.34
CA ILE A 132 0.72 5.57 8.77
C ILE A 132 0.01 4.25 9.06
N VAL A 133 0.74 3.17 8.88
CA VAL A 133 0.18 1.85 9.12
C VAL A 133 -0.15 1.70 10.60
N ASN A 134 0.60 2.40 11.42
CA ASN A 134 0.40 2.37 12.86
C ASN A 134 -0.03 3.74 13.35
N GLU A 135 -0.84 4.40 12.54
CA GLU A 135 -1.32 5.74 12.87
C GLU A 135 -2.78 5.90 12.44
N LYS A 136 -2.97 5.98 11.13
CA LYS A 136 -4.31 6.13 10.57
C LYS A 136 -4.96 4.75 10.45
N LEU A 137 -4.44 3.96 9.53
CA LEU A 137 -4.97 2.62 9.30
C LEU A 137 -5.34 1.99 10.64
N LYS A 138 -4.40 2.08 11.58
CA LYS A 138 -4.61 1.52 12.90
C LYS A 138 -5.94 2.03 13.46
N LYS A 139 -6.09 3.35 13.42
CA LYS A 139 -7.31 3.98 13.93
C LYS A 139 -8.47 3.63 13.00
N VAL A 140 -8.15 3.52 11.71
CA VAL A 140 -9.15 3.19 10.72
C VAL A 140 -9.75 1.81 11.03
N VAL A 141 -8.85 0.84 11.18
CA VAL A 141 -9.26 -0.52 11.48
C VAL A 141 -9.84 -0.58 12.89
N GLU A 142 -9.03 -0.16 13.84
CA GLU A 142 -9.45 -0.16 15.23
C GLU A 142 -10.75 0.62 15.40
N GLY A 143 -10.88 1.67 14.60
CA GLY A 143 -12.07 2.50 14.64
C GLY A 143 -13.33 1.68 14.33
N MET A 1 29.41 -17.41 -0.32
CA MET A 1 28.30 -17.84 -1.17
C MET A 1 27.00 -17.12 -0.79
N GLU A 2 26.85 -15.93 -1.32
CA GLU A 2 25.67 -15.12 -1.04
C GLU A 2 25.68 -13.85 -1.88
N GLN A 3 24.65 -13.72 -2.71
CA GLN A 3 24.53 -12.56 -3.58
C GLN A 3 23.23 -11.82 -3.28
N GLN A 4 23.35 -10.49 -3.18
CA GLN A 4 22.21 -9.66 -2.89
C GLN A 4 22.61 -8.19 -2.89
N ASN A 5 21.67 -7.34 -3.28
CA ASN A 5 21.91 -5.91 -3.33
C ASN A 5 20.63 -5.18 -3.73
N THR A 6 19.87 -5.83 -4.62
CA THR A 6 18.62 -5.26 -5.08
C THR A 6 17.82 -4.70 -3.91
N LEU A 7 16.96 -3.73 -4.22
CA LEU A 7 16.14 -3.11 -3.20
C LEU A 7 15.08 -4.10 -2.74
N ASN A 8 14.76 -4.02 -1.45
CA ASN A 8 13.76 -4.90 -0.87
C ASN A 8 12.42 -4.17 -0.79
N ASP A 9 11.36 -4.96 -0.76
CA ASP A 9 10.02 -4.40 -0.68
C ASP A 9 9.70 -4.04 0.78
N ILE A 10 9.18 -2.83 0.95
CA ILE A 10 8.84 -2.35 2.27
C ILE A 10 7.69 -3.20 2.84
N LYS A 11 8.07 -4.32 3.43
CA LYS A 11 7.09 -5.23 4.01
C LYS A 11 6.76 -4.77 5.43
N GLN A 12 5.48 -4.76 5.73
CA GLN A 12 5.02 -4.35 7.05
C GLN A 12 4.02 -5.38 7.61
N THR A 13 4.56 -6.34 8.33
CA THR A 13 3.74 -7.38 8.92
C THR A 13 3.25 -6.96 10.31
N ILE A 14 1.94 -6.87 10.45
CA ILE A 14 1.34 -6.48 11.71
C ILE A 14 0.02 -7.21 11.89
N VAL A 15 -0.37 -7.38 13.14
CA VAL A 15 -1.61 -8.06 13.47
C VAL A 15 -2.59 -7.06 14.09
N PHE A 16 -3.74 -6.94 13.43
CA PHE A 16 -4.76 -6.02 13.91
C PHE A 16 -5.96 -6.79 14.48
N ASN A 17 -6.67 -6.14 15.39
CA ASN A 17 -7.83 -6.74 16.01
C ASN A 17 -9.05 -6.53 15.12
N ALA A 18 -9.11 -7.31 14.05
CA ALA A 18 -10.21 -7.22 13.11
C ALA A 18 -10.24 -8.49 12.24
N SER A 19 -11.28 -8.57 11.42
CA SER A 19 -11.44 -9.71 10.54
C SER A 19 -10.87 -9.40 9.16
N ILE A 20 -10.50 -10.46 8.45
CA ILE A 20 -9.94 -10.31 7.12
C ILE A 20 -10.90 -9.48 6.26
N GLN A 21 -12.19 -9.75 6.44
CA GLN A 21 -13.21 -9.04 5.69
C GLN A 21 -13.25 -7.56 6.11
N LYS A 22 -12.98 -7.33 7.38
CA LYS A 22 -12.98 -5.99 7.91
C LYS A 22 -11.78 -5.22 7.37
N VAL A 23 -10.60 -5.77 7.62
CA VAL A 23 -9.36 -5.16 7.16
C VAL A 23 -9.44 -4.95 5.64
N TRP A 24 -10.08 -5.90 4.97
CA TRP A 24 -10.24 -5.83 3.53
C TRP A 24 -10.98 -4.54 3.19
N SER A 25 -12.05 -4.30 3.94
CA SER A 25 -12.85 -3.10 3.73
C SER A 25 -11.98 -1.86 3.88
N VAL A 26 -10.98 -1.97 4.74
CA VAL A 26 -10.07 -0.86 4.98
C VAL A 26 -9.10 -0.73 3.80
N VAL A 27 -9.14 -1.74 2.94
CA VAL A 27 -8.27 -1.74 1.77
C VAL A 27 -9.10 -2.10 0.53
N SER A 28 -10.23 -1.42 0.41
CA SER A 28 -11.11 -1.65 -0.72
C SER A 28 -12.00 -0.43 -0.96
N THR A 29 -12.52 0.10 0.14
CA THR A 29 -13.39 1.26 0.07
C THR A 29 -12.58 2.51 -0.27
N ALA A 30 -13.28 3.52 -0.77
CA ALA A 30 -12.64 4.76 -1.14
C ALA A 30 -12.54 5.67 0.08
N GLU A 31 -13.62 5.68 0.86
CA GLU A 31 -13.67 6.51 2.05
C GLU A 31 -12.69 5.97 3.10
N GLY A 32 -12.79 4.67 3.36
CA GLY A 32 -11.93 4.03 4.33
C GLY A 32 -10.46 4.21 3.96
N ILE A 33 -10.14 3.86 2.72
CA ILE A 33 -8.77 3.98 2.23
C ILE A 33 -8.33 5.44 2.34
N ALA A 34 -9.21 6.32 1.89
CA ALA A 34 -8.92 7.75 1.92
C ALA A 34 -8.61 8.17 3.36
N SER A 35 -9.05 7.34 4.30
CA SER A 35 -8.84 7.61 5.70
C SER A 35 -7.48 7.07 6.13
N TRP A 36 -6.66 6.71 5.14
CA TRP A 36 -5.34 6.18 5.39
C TRP A 36 -4.63 6.00 4.05
N PHE A 37 -4.71 7.05 3.24
CA PHE A 37 -4.08 7.02 1.93
C PHE A 37 -4.13 8.40 1.27
N MET A 38 -5.33 8.76 0.83
CA MET A 38 -5.53 10.05 0.19
C MET A 38 -6.97 10.19 -0.33
N PRO A 39 -7.35 11.46 -0.62
CA PRO A 39 -8.69 11.74 -1.11
C PRO A 39 -8.83 11.32 -2.58
N ASN A 40 -9.72 10.36 -2.79
CA ASN A 40 -9.96 9.86 -4.15
C ASN A 40 -11.27 9.07 -4.16
N ASP A 41 -11.55 8.48 -5.31
CA ASP A 41 -12.76 7.69 -5.46
C ASP A 41 -12.38 6.26 -5.84
N PHE A 42 -11.67 5.61 -4.94
CA PHE A 42 -11.23 4.24 -5.16
C PHE A 42 -12.30 3.44 -5.91
N VAL A 43 -11.85 2.44 -6.64
CA VAL A 43 -12.75 1.59 -7.40
C VAL A 43 -12.28 0.13 -7.31
N LEU A 44 -13.23 -0.74 -7.04
CA LEU A 44 -12.93 -2.16 -6.93
C LEU A 44 -13.27 -2.86 -8.24
N GLU A 45 -12.38 -2.71 -9.21
CA GLU A 45 -12.58 -3.32 -10.51
C GLU A 45 -11.23 -3.60 -11.17
N VAL A 46 -11.15 -4.78 -11.79
CA VAL A 46 -9.93 -5.18 -12.46
C VAL A 46 -9.80 -4.41 -13.78
N GLY A 47 -8.62 -3.82 -13.96
CA GLY A 47 -8.36 -3.06 -15.17
C GLY A 47 -8.97 -1.65 -15.07
N HIS A 48 -9.50 -1.35 -13.90
CA HIS A 48 -10.10 -0.06 -13.66
C HIS A 48 -9.06 0.90 -13.09
N GLU A 49 -9.20 2.17 -13.45
CA GLU A 49 -8.27 3.19 -12.99
C GLU A 49 -9.05 4.44 -12.54
N PHE A 50 -8.42 5.19 -11.65
CA PHE A 50 -9.04 6.40 -11.13
C PHE A 50 -8.00 7.51 -10.94
N HIS A 51 -8.45 8.62 -10.40
CA HIS A 51 -7.58 9.75 -10.15
C HIS A 51 -7.48 10.02 -8.65
N VAL A 52 -6.32 10.52 -8.25
CA VAL A 52 -6.08 10.82 -6.84
C VAL A 52 -5.61 12.27 -6.72
N GLN A 53 -5.72 12.79 -5.50
CA GLN A 53 -5.32 14.16 -5.22
C GLN A 53 -3.95 14.17 -4.53
N SER A 54 -2.91 14.24 -5.35
CA SER A 54 -1.56 14.26 -4.84
C SER A 54 -1.03 15.70 -4.80
N PRO A 55 0.00 15.91 -3.95
CA PRO A 55 0.61 17.23 -3.81
C PRO A 55 1.48 17.57 -5.02
N PHE A 56 1.82 16.53 -5.76
CA PHE A 56 2.65 16.71 -6.94
C PHE A 56 1.88 16.31 -8.22
N GLY A 57 0.79 17.01 -8.44
CA GLY A 57 -0.04 16.75 -9.61
C GLY A 57 -0.98 15.57 -9.36
N PRO A 58 -1.90 15.35 -10.35
CA PRO A 58 -2.86 14.27 -10.25
C PRO A 58 -2.19 12.92 -10.51
N SER A 59 -2.17 12.08 -9.48
CA SER A 59 -1.57 10.77 -9.60
C SER A 59 -2.66 9.68 -9.54
N PRO A 60 -3.07 9.22 -10.75
CA PRO A 60 -4.10 8.19 -10.84
C PRO A 60 -3.54 6.82 -10.47
N CYS A 61 -4.42 5.83 -10.50
CA CYS A 61 -4.02 4.47 -10.16
C CYS A 61 -4.85 3.51 -11.00
N LYS A 62 -4.33 2.30 -11.16
CA LYS A 62 -5.02 1.28 -11.93
C LYS A 62 -4.94 -0.06 -11.20
N VAL A 63 -6.11 -0.58 -10.84
CA VAL A 63 -6.18 -1.85 -10.14
C VAL A 63 -5.51 -2.93 -10.97
N LEU A 64 -4.59 -3.64 -10.33
CA LEU A 64 -3.87 -4.71 -11.01
C LEU A 64 -4.62 -6.03 -10.81
N GLU A 65 -4.83 -6.37 -9.55
CA GLU A 65 -5.52 -7.60 -9.21
C GLU A 65 -6.56 -7.33 -8.11
N ILE A 66 -7.62 -8.11 -8.15
CA ILE A 66 -8.68 -7.97 -7.16
C ILE A 66 -9.05 -9.36 -6.61
N ASP A 67 -8.92 -9.50 -5.30
CA ASP A 67 -9.22 -10.75 -4.64
C ASP A 67 -9.60 -10.48 -3.18
N GLU A 68 -10.83 -10.02 -2.99
CA GLU A 68 -11.31 -9.72 -1.66
C GLU A 68 -10.94 -10.84 -0.69
N PRO A 69 -11.27 -12.10 -1.11
CA PRO A 69 -10.97 -13.26 -0.29
C PRO A 69 -9.48 -13.60 -0.34
N ASN A 70 -8.67 -12.60 -0.01
CA ASN A 70 -7.23 -12.78 -0.01
C ASN A 70 -6.55 -11.41 0.09
N HIS A 71 -6.59 -10.69 -1.02
CA HIS A 71 -5.99 -9.37 -1.07
C HIS A 71 -6.18 -8.77 -2.47
N LEU A 72 -5.52 -7.64 -2.69
CA LEU A 72 -5.61 -6.97 -3.97
C LEU A 72 -4.34 -6.13 -4.19
N SER A 73 -4.09 -5.80 -5.45
CA SER A 73 -2.94 -5.00 -5.79
C SER A 73 -3.35 -3.84 -6.70
N PHE A 74 -2.52 -2.80 -6.69
CA PHE A 74 -2.80 -1.63 -7.50
C PHE A 74 -1.51 -0.87 -7.81
N SER A 75 -1.45 -0.34 -9.02
CA SER A 75 -0.28 0.41 -9.46
C SER A 75 -0.47 1.91 -9.18
N TRP A 76 0.62 2.65 -9.29
CA TRP A 76 0.58 4.08 -9.05
C TRP A 76 1.10 4.78 -10.30
N ASP A 77 0.24 5.60 -10.90
CA ASP A 77 0.60 6.34 -12.10
C ASP A 77 1.51 7.51 -11.72
N THR A 78 2.04 8.15 -12.74
CA THR A 78 2.92 9.29 -12.53
C THR A 78 3.92 8.99 -11.42
N ASP A 79 4.22 7.71 -11.26
CA ASP A 79 5.16 7.27 -10.25
C ASP A 79 5.73 5.91 -10.63
N GLY A 80 4.82 4.96 -10.82
CA GLY A 80 5.22 3.60 -11.19
C GLY A 80 5.28 2.70 -9.97
N TRP A 81 5.38 3.33 -8.80
CA TRP A 81 5.45 2.59 -7.55
C TRP A 81 4.18 1.74 -7.43
N VAL A 82 4.34 0.58 -6.83
CA VAL A 82 3.23 -0.33 -6.64
C VAL A 82 3.03 -0.60 -5.15
N VAL A 83 1.77 -0.73 -4.76
CA VAL A 83 1.43 -0.98 -3.38
C VAL A 83 0.34 -2.05 -3.31
N SER A 84 0.51 -2.96 -2.36
CA SER A 84 -0.44 -4.04 -2.18
C SER A 84 -0.53 -4.41 -0.70
N PHE A 85 -1.74 -4.79 -0.29
CA PHE A 85 -1.98 -5.17 1.09
C PHE A 85 -2.52 -6.59 1.18
N ASP A 86 -1.70 -7.47 1.76
CA ASP A 86 -2.08 -8.86 1.90
C ASP A 86 -2.92 -9.02 3.17
N LEU A 87 -3.73 -10.07 3.19
CA LEU A 87 -4.60 -10.34 4.33
C LEU A 87 -4.55 -11.83 4.64
N LYS A 88 -4.43 -12.12 5.93
CA LYS A 88 -4.36 -13.50 6.39
C LYS A 88 -5.33 -13.68 7.57
N ASP A 89 -6.23 -14.65 7.40
CA ASP A 89 -7.20 -14.93 8.44
C ASP A 89 -6.52 -15.72 9.57
N LEU A 90 -6.46 -15.08 10.73
CA LEU A 90 -5.84 -15.71 11.89
C LEU A 90 -6.94 -16.26 12.80
N GLY A 91 -7.98 -15.47 12.98
CA GLY A 91 -9.10 -15.86 13.82
C GLY A 91 -9.21 -14.97 15.05
N ASP A 92 -10.13 -15.33 15.93
CA ASP A 92 -10.34 -14.57 17.15
C ASP A 92 -10.57 -13.10 16.79
N ASN A 93 -11.05 -12.89 15.57
CA ASN A 93 -11.32 -11.55 15.10
C ASN A 93 -10.00 -10.83 14.82
N LYS A 94 -8.98 -11.63 14.51
CA LYS A 94 -7.66 -11.10 14.23
C LYS A 94 -7.26 -11.48 12.80
N THR A 95 -6.53 -10.58 12.16
CA THR A 95 -6.08 -10.81 10.79
C THR A 95 -4.66 -10.28 10.61
N GLU A 96 -3.87 -11.02 9.85
CA GLU A 96 -2.49 -10.63 9.59
C GLU A 96 -2.45 -9.65 8.41
N PHE A 97 -1.92 -8.47 8.70
CA PHE A 97 -1.80 -7.44 7.67
C PHE A 97 -0.34 -7.27 7.23
N THR A 98 -0.15 -7.35 5.93
CA THR A 98 1.18 -7.22 5.35
C THR A 98 1.15 -6.25 4.16
N LEU A 99 1.74 -5.08 4.38
CA LEU A 99 1.79 -4.06 3.34
C LEU A 99 3.12 -4.18 2.59
N ILE A 100 3.02 -4.19 1.27
CA ILE A 100 4.19 -4.29 0.42
C ILE A 100 4.15 -3.19 -0.65
N HIS A 101 5.25 -2.48 -0.76
CA HIS A 101 5.34 -1.40 -1.75
C HIS A 101 6.63 -1.55 -2.54
N GLY A 102 6.47 -1.84 -3.83
CA GLY A 102 7.62 -2.02 -4.71
C GLY A 102 7.51 -1.09 -5.91
N GLY A 103 8.53 -1.16 -6.77
CA GLY A 103 8.57 -0.34 -7.97
C GLY A 103 10.02 -0.01 -8.35
N TRP A 104 10.91 -0.17 -7.39
CA TRP A 104 12.32 0.10 -7.62
C TRP A 104 12.99 -1.21 -8.04
N LYS A 105 14.32 -1.19 -8.00
CA LYS A 105 15.08 -2.37 -8.37
C LYS A 105 16.50 -2.25 -7.79
N HIS A 106 17.18 -1.20 -8.22
CA HIS A 106 18.54 -0.96 -7.75
C HIS A 106 18.57 0.32 -6.90
N PRO A 107 19.37 0.25 -5.80
CA PRO A 107 19.49 1.38 -4.90
C PRO A 107 20.37 2.48 -5.51
N ASP A 108 21.25 2.06 -6.40
CA ASP A 108 22.15 2.99 -7.07
C ASP A 108 21.35 3.86 -8.04
N GLU A 109 20.65 3.19 -8.94
CA GLU A 109 19.84 3.88 -9.94
C GLU A 109 18.81 4.77 -9.24
N ILE A 110 18.50 5.89 -9.90
CA ILE A 110 17.53 6.83 -9.35
C ILE A 110 16.35 6.96 -10.32
N LEU A 111 15.26 7.47 -9.80
CA LEU A 111 14.06 7.65 -10.60
C LEU A 111 14.12 9.01 -11.30
N PRO A 112 13.33 9.12 -12.41
CA PRO A 112 13.29 10.37 -13.17
C PRO A 112 12.48 11.43 -12.44
N LYS A 113 11.17 11.20 -12.37
CA LYS A 113 10.29 12.13 -11.70
C LYS A 113 10.63 12.18 -10.22
N ALA A 114 10.33 11.08 -9.54
CA ALA A 114 10.61 10.99 -8.12
C ALA A 114 11.96 11.63 -7.81
N ASN A 115 13.01 10.98 -8.31
CA ASN A 115 14.36 11.47 -8.10
C ASN A 115 14.82 11.09 -6.69
N ALA A 116 16.04 11.51 -6.37
CA ALA A 116 16.62 11.22 -5.08
C ALA A 116 16.84 9.71 -4.94
N LYS A 117 17.90 9.36 -4.23
CA LYS A 117 18.23 7.96 -4.03
C LYS A 117 16.99 7.22 -3.52
N SER A 118 16.62 6.18 -4.25
CA SER A 118 15.45 5.38 -3.89
C SER A 118 15.51 5.04 -2.40
N SER A 119 16.71 4.76 -1.93
CA SER A 119 16.92 4.42 -0.53
C SER A 119 16.33 5.51 0.37
N ILE A 120 16.44 6.75 -0.10
CA ILE A 120 15.92 7.88 0.64
C ILE A 120 14.39 7.83 0.64
N ILE A 121 13.83 7.69 -0.55
CA ILE A 121 12.39 7.62 -0.69
C ILE A 121 11.86 6.39 0.04
N ARG A 122 12.51 5.27 -0.21
CA ARG A 122 12.12 4.01 0.42
C ARG A 122 12.11 4.17 1.94
N ASP A 123 13.19 4.74 2.46
CA ASP A 123 13.31 4.94 3.89
C ASP A 123 12.21 5.90 4.36
N ARG A 124 12.19 7.07 3.72
CA ARG A 124 11.20 8.08 4.06
C ARG A 124 9.79 7.49 3.98
N MET A 125 9.51 6.86 2.84
CA MET A 125 8.20 6.26 2.63
C MET A 125 7.99 5.07 3.56
N SER A 126 9.09 4.39 3.87
CA SER A 126 9.04 3.24 4.75
C SER A 126 8.48 3.65 6.12
N GLY A 127 9.10 4.67 6.69
CA GLY A 127 8.68 5.17 7.99
C GLY A 127 7.23 5.67 7.94
N GLY A 128 7.00 6.60 7.03
CA GLY A 128 5.67 7.18 6.87
C GLY A 128 4.61 6.08 6.74
N TRP A 129 5.03 4.96 6.16
CA TRP A 129 4.14 3.84 5.98
C TRP A 129 4.00 3.11 7.32
N VAL A 130 5.12 2.97 8.00
CA VAL A 130 5.14 2.30 9.28
C VAL A 130 4.25 3.06 10.26
N ALA A 131 4.35 4.38 10.20
CA ALA A 131 3.55 5.23 11.08
C ALA A 131 2.10 5.22 10.60
N ILE A 132 1.93 5.50 9.31
CA ILE A 132 0.60 5.52 8.73
C ILE A 132 -0.08 4.18 8.95
N VAL A 133 0.72 3.12 8.85
CA VAL A 133 0.21 1.78 9.04
C VAL A 133 -0.20 1.59 10.51
N ASN A 134 0.51 2.30 11.37
CA ASN A 134 0.22 2.21 12.79
C ASN A 134 -0.27 3.58 13.29
N GLU A 135 -1.07 4.22 12.45
CA GLU A 135 -1.61 5.53 12.79
C GLU A 135 -3.05 5.64 12.31
N LYS A 136 -3.20 5.75 10.99
CA LYS A 136 -4.52 5.86 10.40
C LYS A 136 -5.17 4.48 10.32
N LEU A 137 -4.63 3.65 9.45
CA LEU A 137 -5.13 2.30 9.28
C LEU A 137 -5.51 1.72 10.65
N LYS A 138 -4.57 1.80 11.57
CA LYS A 138 -4.79 1.30 12.91
C LYS A 138 -6.12 1.83 13.44
N LYS A 139 -6.24 3.16 13.44
CA LYS A 139 -7.45 3.80 13.91
C LYS A 139 -8.62 3.40 13.00
N VAL A 140 -8.30 3.19 11.74
CA VAL A 140 -9.31 2.82 10.76
C VAL A 140 -9.87 1.44 11.12
N VAL A 141 -8.98 0.48 11.26
CA VAL A 141 -9.37 -0.88 11.61
C VAL A 141 -9.96 -0.88 13.03
N GLU A 142 -9.16 -0.41 13.97
CA GLU A 142 -9.58 -0.36 15.36
C GLU A 142 -10.88 0.44 15.48
N GLY A 143 -10.99 1.47 14.65
CA GLY A 143 -12.17 2.32 14.66
C GLY A 143 -13.43 1.51 14.28
N MET A 1 20.73 -18.15 -1.93
CA MET A 1 20.44 -19.04 -0.82
C MET A 1 19.81 -18.28 0.34
N GLU A 2 18.51 -18.05 0.22
CA GLU A 2 17.78 -17.32 1.26
C GLU A 2 18.22 -15.86 1.30
N GLN A 3 17.82 -15.13 0.27
CA GLN A 3 18.16 -13.72 0.18
C GLN A 3 17.22 -13.00 -0.78
N GLN A 4 17.39 -11.69 -0.87
CA GLN A 4 16.57 -10.87 -1.74
C GLN A 4 17.44 -10.03 -2.66
N ASN A 5 16.94 -9.82 -3.87
CA ASN A 5 17.66 -9.03 -4.86
C ASN A 5 16.98 -7.68 -5.03
N THR A 6 17.60 -6.83 -5.84
CA THR A 6 17.06 -5.51 -6.10
C THR A 6 16.63 -4.84 -4.79
N LEU A 7 15.99 -3.69 -4.93
CA LEU A 7 15.53 -2.94 -3.77
C LEU A 7 14.48 -3.76 -3.03
N ASN A 8 14.81 -4.14 -1.80
CA ASN A 8 13.91 -4.93 -0.98
C ASN A 8 12.52 -4.30 -1.01
N ASP A 9 11.51 -5.14 -0.82
CA ASP A 9 10.13 -4.68 -0.82
C ASP A 9 9.76 -4.19 0.58
N ILE A 10 9.24 -2.98 0.62
CA ILE A 10 8.83 -2.39 1.89
C ILE A 10 7.70 -3.21 2.50
N LYS A 11 8.10 -4.28 3.18
CA LYS A 11 7.13 -5.16 3.81
C LYS A 11 6.82 -4.64 5.22
N GLN A 12 5.53 -4.64 5.54
CA GLN A 12 5.10 -4.17 6.84
C GLN A 12 4.12 -5.17 7.47
N THR A 13 4.69 -6.15 8.15
CA THR A 13 3.89 -7.18 8.80
C THR A 13 3.39 -6.69 10.15
N ILE A 14 2.08 -6.70 10.30
CA ILE A 14 1.46 -6.27 11.55
C ILE A 14 0.14 -7.01 11.75
N VAL A 15 -0.25 -7.14 13.01
CA VAL A 15 -1.49 -7.82 13.35
C VAL A 15 -2.49 -6.80 13.90
N PHE A 16 -3.65 -6.76 13.27
CA PHE A 16 -4.70 -5.85 13.68
C PHE A 16 -5.82 -6.59 14.40
N ASN A 17 -6.53 -5.86 15.25
CA ASN A 17 -7.64 -6.44 16.00
C ASN A 17 -8.92 -6.31 15.19
N ALA A 18 -9.06 -7.21 14.22
CA ALA A 18 -10.24 -7.21 13.37
C ALA A 18 -10.23 -8.47 12.51
N SER A 19 -11.22 -8.54 11.61
CA SER A 19 -11.33 -9.68 10.72
C SER A 19 -10.87 -9.29 9.31
N ILE A 20 -10.42 -10.29 8.57
CA ILE A 20 -9.95 -10.06 7.22
C ILE A 20 -11.00 -9.26 6.45
N GLN A 21 -12.25 -9.64 6.63
CA GLN A 21 -13.35 -8.97 5.97
C GLN A 21 -13.34 -7.48 6.29
N LYS A 22 -13.14 -7.18 7.56
CA LYS A 22 -13.10 -5.80 8.01
C LYS A 22 -11.83 -5.13 7.48
N VAL A 23 -10.70 -5.77 7.77
CA VAL A 23 -9.42 -5.25 7.33
C VAL A 23 -9.44 -5.05 5.82
N TRP A 24 -10.13 -5.96 5.14
CA TRP A 24 -10.25 -5.89 3.69
C TRP A 24 -11.08 -4.66 3.34
N SER A 25 -12.21 -4.54 4.00
CA SER A 25 -13.10 -3.42 3.77
C SER A 25 -12.34 -2.10 3.95
N VAL A 26 -11.36 -2.14 4.83
CA VAL A 26 -10.55 -0.96 5.10
C VAL A 26 -9.57 -0.75 3.95
N VAL A 27 -9.57 -1.70 3.03
CA VAL A 27 -8.70 -1.62 1.88
C VAL A 27 -9.46 -2.05 0.63
N SER A 28 -10.70 -1.60 0.54
CA SER A 28 -11.55 -1.93 -0.59
C SER A 28 -12.72 -0.95 -0.68
N THR A 29 -12.48 0.25 -0.18
CA THR A 29 -13.49 1.29 -0.20
C THR A 29 -12.87 2.64 -0.59
N ALA A 30 -13.74 3.62 -0.76
CA ALA A 30 -13.30 4.95 -1.14
C ALA A 30 -12.97 5.75 0.14
N GLU A 31 -13.85 5.63 1.11
CA GLU A 31 -13.67 6.33 2.37
C GLU A 31 -12.65 5.59 3.25
N GLY A 32 -12.78 4.27 3.25
CA GLY A 32 -11.88 3.44 4.04
C GLY A 32 -10.42 3.76 3.72
N ILE A 33 -10.12 3.73 2.43
CA ILE A 33 -8.76 4.00 1.97
C ILE A 33 -8.38 5.44 2.34
N ALA A 34 -9.22 6.37 1.90
CA ALA A 34 -8.99 7.77 2.18
C ALA A 34 -8.78 7.97 3.69
N SER A 35 -9.29 6.99 4.45
CA SER A 35 -9.16 7.04 5.90
C SER A 35 -7.70 6.80 6.30
N TRP A 36 -6.90 6.45 5.32
CA TRP A 36 -5.48 6.18 5.56
C TRP A 36 -4.80 5.99 4.20
N PHE A 37 -4.78 7.07 3.43
CA PHE A 37 -4.17 7.03 2.11
C PHE A 37 -4.30 8.38 1.40
N MET A 38 -5.50 8.62 0.90
CA MET A 38 -5.78 9.86 0.20
C MET A 38 -7.21 9.88 -0.35
N PRO A 39 -7.77 11.10 -0.49
CA PRO A 39 -9.12 11.27 -0.99
C PRO A 39 -9.17 11.04 -2.50
N ASN A 40 -10.09 10.19 -2.90
CA ASN A 40 -10.26 9.87 -4.31
C ASN A 40 -11.49 8.98 -4.49
N ASP A 41 -11.76 8.65 -5.75
CA ASP A 41 -12.90 7.81 -6.07
C ASP A 41 -12.42 6.40 -6.36
N PHE A 42 -12.13 5.67 -5.30
CA PHE A 42 -11.66 4.30 -5.42
C PHE A 42 -12.68 3.44 -6.18
N VAL A 43 -12.16 2.39 -6.81
CA VAL A 43 -13.02 1.48 -7.57
C VAL A 43 -12.45 0.07 -7.48
N LEU A 44 -13.34 -0.88 -7.24
CA LEU A 44 -12.95 -2.27 -7.13
C LEU A 44 -13.18 -2.97 -8.47
N GLU A 45 -12.35 -2.62 -9.43
CA GLU A 45 -12.45 -3.20 -10.76
C GLU A 45 -11.05 -3.51 -11.31
N VAL A 46 -10.96 -4.63 -12.01
CA VAL A 46 -9.70 -5.05 -12.59
C VAL A 46 -9.34 -4.10 -13.74
N GLY A 47 -8.09 -3.69 -13.75
CA GLY A 47 -7.60 -2.78 -14.78
C GLY A 47 -8.42 -1.49 -14.81
N HIS A 48 -9.01 -1.19 -13.66
CA HIS A 48 -9.81 0.02 -13.54
C HIS A 48 -8.96 1.16 -12.99
N GLU A 49 -8.74 2.16 -13.83
CA GLU A 49 -7.95 3.31 -13.44
C GLU A 49 -8.85 4.48 -13.04
N PHE A 50 -8.39 5.23 -12.06
CA PHE A 50 -9.14 6.38 -11.58
C PHE A 50 -8.21 7.54 -11.25
N HIS A 51 -8.80 8.59 -10.67
CA HIS A 51 -8.04 9.76 -10.31
C HIS A 51 -7.85 9.80 -8.80
N VAL A 52 -6.69 10.31 -8.39
CA VAL A 52 -6.38 10.40 -6.97
C VAL A 52 -5.60 11.70 -6.71
N GLN A 53 -5.73 12.20 -5.50
CA GLN A 53 -5.04 13.43 -5.12
C GLN A 53 -3.79 13.10 -4.31
N SER A 54 -2.72 13.84 -4.60
CA SER A 54 -1.46 13.64 -3.91
C SER A 54 -0.90 14.97 -3.46
N PRO A 55 0.06 14.90 -2.48
CA PRO A 55 0.68 16.10 -1.95
C PRO A 55 1.69 16.68 -2.94
N PHE A 56 1.91 15.93 -4.02
CA PHE A 56 2.84 16.36 -5.04
C PHE A 56 2.23 16.25 -6.44
N GLY A 57 1.06 16.86 -6.59
CA GLY A 57 0.35 16.84 -7.85
C GLY A 57 -0.58 15.63 -7.94
N PRO A 58 -1.33 15.54 -9.07
CA PRO A 58 -2.25 14.45 -9.29
C PRO A 58 -1.51 13.16 -9.64
N SER A 59 -1.85 12.11 -8.93
CA SER A 59 -1.22 10.81 -9.15
C SER A 59 -2.28 9.70 -9.12
N PRO A 60 -2.74 9.31 -10.34
CA PRO A 60 -3.75 8.27 -10.47
C PRO A 60 -3.14 6.89 -10.22
N CYS A 61 -3.97 5.88 -10.38
CA CYS A 61 -3.53 4.51 -10.17
C CYS A 61 -4.52 3.57 -10.88
N LYS A 62 -4.05 2.37 -11.15
CA LYS A 62 -4.88 1.38 -11.81
C LYS A 62 -4.72 0.02 -11.12
N VAL A 63 -5.84 -0.53 -10.71
CA VAL A 63 -5.84 -1.82 -10.04
C VAL A 63 -5.26 -2.89 -10.97
N LEU A 64 -4.45 -3.75 -10.40
CA LEU A 64 -3.82 -4.82 -11.17
C LEU A 64 -4.60 -6.12 -10.95
N GLU A 65 -4.72 -6.50 -9.69
CA GLU A 65 -5.44 -7.71 -9.34
C GLU A 65 -6.45 -7.43 -8.23
N ILE A 66 -7.52 -8.21 -8.24
CA ILE A 66 -8.57 -8.05 -7.24
C ILE A 66 -8.89 -9.42 -6.64
N ASP A 67 -8.78 -9.48 -5.31
CA ASP A 67 -9.06 -10.72 -4.61
C ASP A 67 -9.45 -10.40 -3.16
N GLU A 68 -10.69 -9.96 -3.00
CA GLU A 68 -11.19 -9.61 -1.69
C GLU A 68 -10.80 -10.69 -0.66
N PRO A 69 -11.12 -11.96 -1.01
CA PRO A 69 -10.81 -13.08 -0.15
C PRO A 69 -9.32 -13.41 -0.19
N ASN A 70 -8.51 -12.38 0.06
CA ASN A 70 -7.07 -12.54 0.07
C ASN A 70 -6.40 -11.17 0.13
N HIS A 71 -6.48 -10.46 -0.99
CA HIS A 71 -5.90 -9.13 -1.08
C HIS A 71 -6.07 -8.58 -2.49
N LEU A 72 -5.43 -7.45 -2.74
CA LEU A 72 -5.51 -6.81 -4.04
C LEU A 72 -4.23 -6.02 -4.30
N SER A 73 -4.05 -5.63 -5.55
CA SER A 73 -2.88 -4.87 -5.94
C SER A 73 -3.27 -3.75 -6.91
N PHE A 74 -2.45 -2.71 -6.93
CA PHE A 74 -2.70 -1.57 -7.80
C PHE A 74 -1.41 -0.83 -8.13
N SER A 75 -1.37 -0.29 -9.33
CA SER A 75 -0.19 0.45 -9.78
C SER A 75 -0.40 1.95 -9.56
N TRP A 76 0.64 2.60 -9.06
CA TRP A 76 0.58 4.02 -8.80
C TRP A 76 1.24 4.74 -9.98
N ASP A 77 0.44 5.52 -10.69
CA ASP A 77 0.93 6.26 -11.84
C ASP A 77 1.63 7.54 -11.35
N THR A 78 2.28 8.22 -12.28
CA THR A 78 2.98 9.45 -11.98
C THR A 78 4.05 9.18 -10.90
N ASP A 79 4.73 8.05 -11.05
CA ASP A 79 5.77 7.68 -10.12
C ASP A 79 6.40 6.36 -10.56
N GLY A 80 5.54 5.36 -10.75
CA GLY A 80 5.99 4.05 -11.18
C GLY A 80 6.25 3.15 -9.97
N TRP A 81 5.35 3.25 -9.00
CA TRP A 81 5.47 2.45 -7.80
C TRP A 81 4.23 1.55 -7.70
N VAL A 82 4.35 0.51 -6.90
CA VAL A 82 3.26 -0.43 -6.70
C VAL A 82 3.04 -0.67 -5.21
N VAL A 83 1.78 -0.69 -4.83
CA VAL A 83 1.42 -0.91 -3.43
C VAL A 83 0.27 -1.91 -3.35
N SER A 84 0.45 -2.90 -2.48
CA SER A 84 -0.57 -3.93 -2.30
C SER A 84 -0.68 -4.30 -0.82
N PHE A 85 -1.91 -4.46 -0.37
CA PHE A 85 -2.16 -4.82 1.02
C PHE A 85 -2.61 -6.28 1.14
N ASP A 86 -1.76 -7.07 1.75
CA ASP A 86 -2.06 -8.48 1.94
C ASP A 86 -2.93 -8.66 3.18
N LEU A 87 -3.65 -9.77 3.19
CA LEU A 87 -4.54 -10.07 4.31
C LEU A 87 -4.53 -11.57 4.57
N LYS A 88 -4.35 -11.91 5.84
CA LYS A 88 -4.32 -13.31 6.24
C LYS A 88 -5.30 -13.53 7.41
N ASP A 89 -6.24 -14.44 7.18
CA ASP A 89 -7.24 -14.74 8.20
C ASP A 89 -6.56 -15.49 9.35
N LEU A 90 -6.65 -14.91 10.52
CA LEU A 90 -6.06 -15.51 11.71
C LEU A 90 -7.17 -15.98 12.65
N GLY A 91 -8.22 -15.16 12.74
CA GLY A 91 -9.34 -15.49 13.58
C GLY A 91 -9.32 -14.65 14.87
N ASP A 92 -10.17 -15.05 15.81
CA ASP A 92 -10.25 -14.34 17.08
C ASP A 92 -10.34 -12.83 16.82
N ASN A 93 -11.02 -12.49 15.73
CA ASN A 93 -11.19 -11.10 15.36
C ASN A 93 -9.81 -10.47 15.13
N LYS A 94 -8.93 -11.26 14.54
CA LYS A 94 -7.57 -10.80 14.26
C LYS A 94 -7.20 -11.18 12.83
N THR A 95 -6.35 -10.36 12.24
CA THR A 95 -5.90 -10.60 10.87
C THR A 95 -4.49 -10.06 10.67
N GLU A 96 -3.74 -10.75 9.81
CA GLU A 96 -2.38 -10.35 9.52
C GLU A 96 -2.34 -9.43 8.30
N PHE A 97 -1.72 -8.27 8.48
CA PHE A 97 -1.60 -7.30 7.41
C PHE A 97 -0.14 -7.10 7.01
N THR A 98 0.12 -7.21 5.72
CA THR A 98 1.46 -7.03 5.20
C THR A 98 1.45 -6.08 4.01
N LEU A 99 1.92 -4.86 4.26
CA LEU A 99 1.98 -3.85 3.22
C LEU A 99 3.32 -3.96 2.48
N ILE A 100 3.21 -4.09 1.17
CA ILE A 100 4.39 -4.20 0.33
C ILE A 100 4.36 -3.10 -0.74
N HIS A 101 5.46 -2.36 -0.81
CA HIS A 101 5.57 -1.28 -1.78
C HIS A 101 6.88 -1.43 -2.55
N GLY A 102 6.75 -1.71 -3.84
CA GLY A 102 7.91 -1.88 -4.70
C GLY A 102 7.70 -1.18 -6.05
N GLY A 103 8.58 -1.51 -6.99
CA GLY A 103 8.50 -0.91 -8.32
C GLY A 103 9.89 -0.59 -8.86
N TRP A 104 10.76 -0.19 -7.94
CA TRP A 104 12.12 0.17 -8.31
C TRP A 104 12.76 -1.05 -8.99
N LYS A 105 13.99 -0.85 -9.44
CA LYS A 105 14.71 -1.92 -10.12
C LYS A 105 16.03 -2.17 -9.39
N HIS A 106 16.75 -1.09 -9.13
CA HIS A 106 18.03 -1.18 -8.44
C HIS A 106 18.28 0.12 -7.66
N PRO A 107 19.02 -0.03 -6.53
CA PRO A 107 19.34 1.11 -5.69
C PRO A 107 20.42 1.98 -6.33
N ASP A 108 21.17 1.36 -7.24
CA ASP A 108 22.25 2.06 -7.92
C ASP A 108 21.64 3.08 -8.89
N GLU A 109 20.65 2.63 -9.64
CA GLU A 109 19.98 3.50 -10.60
C GLU A 109 19.03 4.45 -9.87
N ILE A 110 18.57 5.45 -10.61
CA ILE A 110 17.64 6.42 -10.05
C ILE A 110 16.41 6.51 -10.94
N LEU A 111 15.30 6.92 -10.33
CA LEU A 111 14.05 7.04 -11.05
C LEU A 111 14.02 8.39 -11.78
N PRO A 112 13.56 8.34 -13.07
CA PRO A 112 13.48 9.54 -13.87
C PRO A 112 12.30 10.42 -13.45
N LYS A 113 11.15 9.78 -13.31
CA LYS A 113 9.95 10.49 -12.91
C LYS A 113 9.96 10.68 -11.39
N ALA A 114 11.05 11.26 -10.90
CA ALA A 114 11.19 11.50 -9.48
C ALA A 114 12.57 12.11 -9.19
N ASN A 115 13.58 11.26 -9.29
CA ASN A 115 14.95 11.69 -9.06
C ASN A 115 15.23 11.70 -7.55
N ALA A 116 15.64 10.55 -7.06
CA ALA A 116 15.94 10.42 -5.64
C ALA A 116 16.28 8.96 -5.33
N LYS A 117 17.37 8.78 -4.59
CA LYS A 117 17.81 7.46 -4.23
C LYS A 117 16.65 6.67 -3.61
N SER A 118 16.29 5.59 -4.27
CA SER A 118 15.20 4.75 -3.80
C SER A 118 15.35 4.48 -2.30
N SER A 119 16.52 3.97 -1.96
CA SER A 119 16.81 3.64 -0.57
C SER A 119 16.32 4.78 0.34
N ILE A 120 16.42 6.00 -0.18
CA ILE A 120 15.99 7.17 0.57
C ILE A 120 14.47 7.29 0.50
N ILE A 121 13.95 7.17 -0.72
CA ILE A 121 12.52 7.26 -0.93
C ILE A 121 11.82 6.18 -0.11
N ARG A 122 12.31 4.96 -0.26
CA ARG A 122 11.73 3.83 0.47
C ARG A 122 11.93 4.01 1.97
N ASP A 123 12.96 4.77 2.31
CA ASP A 123 13.27 5.02 3.71
C ASP A 123 12.24 6.00 4.29
N ARG A 124 11.94 7.01 3.50
CA ARG A 124 10.97 8.02 3.91
C ARG A 124 9.55 7.46 3.86
N MET A 125 9.23 6.86 2.72
CA MET A 125 7.92 6.28 2.51
C MET A 125 7.62 5.22 3.59
N SER A 126 8.62 4.40 3.86
CA SER A 126 8.48 3.35 4.85
C SER A 126 8.14 3.96 6.22
N GLY A 127 8.97 4.91 6.62
CA GLY A 127 8.77 5.57 7.90
C GLY A 127 7.34 6.09 8.03
N GLY A 128 6.87 6.72 6.95
CA GLY A 128 5.53 7.26 6.93
C GLY A 128 4.48 6.14 6.87
N TRP A 129 4.81 5.12 6.10
CA TRP A 129 3.91 3.98 5.96
C TRP A 129 3.82 3.26 7.31
N VAL A 130 4.97 3.20 7.98
CA VAL A 130 5.04 2.55 9.27
C VAL A 130 4.04 3.21 10.23
N ALA A 131 4.19 4.52 10.36
CA ALA A 131 3.33 5.29 11.24
C ALA A 131 1.89 5.23 10.71
N ILE A 132 1.75 5.55 9.42
CA ILE A 132 0.44 5.52 8.78
C ILE A 132 -0.20 4.15 9.00
N VAL A 133 0.64 3.14 8.96
CA VAL A 133 0.17 1.77 9.14
C VAL A 133 -0.19 1.55 10.62
N ASN A 134 0.51 2.28 11.48
CA ASN A 134 0.28 2.17 12.91
C ASN A 134 -0.26 3.51 13.43
N GLU A 135 -1.09 4.14 12.61
CA GLU A 135 -1.68 5.42 12.99
C GLU A 135 -3.14 5.47 12.54
N LYS A 136 -3.32 5.76 11.25
CA LYS A 136 -4.65 5.85 10.68
C LYS A 136 -5.25 4.45 10.58
N LEU A 137 -4.69 3.66 9.67
CA LEU A 137 -5.16 2.31 9.46
C LEU A 137 -5.57 1.69 10.80
N LYS A 138 -4.64 1.76 11.76
CA LYS A 138 -4.89 1.23 13.08
C LYS A 138 -6.22 1.77 13.60
N LYS A 139 -6.35 3.09 13.57
CA LYS A 139 -7.56 3.75 14.03
C LYS A 139 -8.72 3.36 13.12
N VAL A 140 -8.42 3.24 11.84
CA VAL A 140 -9.43 2.86 10.86
C VAL A 140 -10.04 1.52 11.25
N VAL A 141 -9.18 0.53 11.41
CA VAL A 141 -9.62 -0.80 11.79
C VAL A 141 -10.06 -0.80 13.24
N GLU A 142 -9.14 -0.40 14.10
CA GLU A 142 -9.42 -0.34 15.53
C GLU A 142 -10.73 0.40 15.78
N GLY A 143 -10.96 1.42 14.98
CA GLY A 143 -12.17 2.22 15.11
C GLY A 143 -13.42 1.37 14.86
N MET A 1 18.29 -15.38 -1.77
CA MET A 1 19.50 -14.60 -1.91
C MET A 1 20.05 -14.18 -0.55
N GLU A 2 21.25 -13.61 -0.57
CA GLU A 2 21.89 -13.17 0.66
C GLU A 2 22.76 -11.94 0.38
N GLN A 3 23.25 -11.34 1.45
CA GLN A 3 24.10 -10.17 1.34
C GLN A 3 23.27 -8.95 0.92
N GLN A 4 23.84 -7.78 1.14
CA GLN A 4 23.17 -6.54 0.78
C GLN A 4 22.98 -6.46 -0.73
N ASN A 5 22.98 -5.24 -1.23
CA ASN A 5 22.82 -5.00 -2.65
C ASN A 5 21.32 -5.04 -3.00
N THR A 6 20.94 -4.20 -3.95
CA THR A 6 19.55 -4.12 -4.38
C THR A 6 18.67 -3.67 -3.22
N LEU A 7 17.42 -3.38 -3.55
CA LEU A 7 16.46 -2.92 -2.56
C LEU A 7 15.44 -4.03 -2.31
N ASN A 8 14.62 -3.81 -1.28
CA ASN A 8 13.60 -4.78 -0.92
C ASN A 8 12.23 -4.11 -0.98
N ASP A 9 11.20 -4.91 -0.75
CA ASP A 9 9.84 -4.40 -0.77
C ASP A 9 9.45 -3.94 0.64
N ILE A 10 8.94 -2.72 0.70
CA ILE A 10 8.53 -2.15 1.97
C ILE A 10 7.44 -3.02 2.59
N LYS A 11 7.88 -4.06 3.27
CA LYS A 11 6.97 -4.99 3.92
C LYS A 11 6.67 -4.50 5.34
N GLN A 12 5.44 -4.71 5.77
CA GLN A 12 5.03 -4.31 7.11
C GLN A 12 4.02 -5.30 7.67
N THR A 13 4.54 -6.24 8.45
CA THR A 13 3.70 -7.26 9.07
C THR A 13 3.22 -6.79 10.45
N ILE A 14 1.91 -6.75 10.59
CA ILE A 14 1.31 -6.32 11.85
C ILE A 14 -0.01 -7.08 12.06
N VAL A 15 -0.37 -7.20 13.33
CA VAL A 15 -1.59 -7.89 13.69
C VAL A 15 -2.60 -6.90 14.27
N PHE A 16 -3.79 -6.90 13.70
CA PHE A 16 -4.84 -6.00 14.15
C PHE A 16 -6.03 -6.78 14.71
N ASN A 17 -6.71 -6.17 15.66
CA ASN A 17 -7.87 -6.79 16.29
C ASN A 17 -9.08 -6.63 15.37
N ALA A 18 -9.11 -7.46 14.33
CA ALA A 18 -10.21 -7.43 13.38
C ALA A 18 -10.20 -8.71 12.56
N SER A 19 -11.06 -8.73 11.56
CA SER A 19 -11.17 -9.90 10.68
C SER A 19 -10.63 -9.55 9.29
N ILE A 20 -10.37 -10.60 8.52
CA ILE A 20 -9.85 -10.42 7.17
C ILE A 20 -10.88 -9.66 6.34
N GLN A 21 -12.15 -9.98 6.58
CA GLN A 21 -13.23 -9.34 5.85
C GLN A 21 -13.33 -7.86 6.24
N LYS A 22 -12.95 -7.59 7.47
CA LYS A 22 -12.99 -6.22 7.98
C LYS A 22 -11.78 -5.45 7.45
N VAL A 23 -10.60 -5.97 7.75
CA VAL A 23 -9.37 -5.34 7.31
C VAL A 23 -9.44 -5.08 5.80
N TRP A 24 -10.06 -6.02 5.11
CA TRP A 24 -10.21 -5.90 3.67
C TRP A 24 -10.94 -4.59 3.36
N SER A 25 -11.98 -4.34 4.15
CA SER A 25 -12.76 -3.13 3.98
C SER A 25 -11.86 -1.90 4.10
N VAL A 26 -10.88 -2.00 4.99
CA VAL A 26 -9.95 -0.92 5.21
C VAL A 26 -9.02 -0.79 3.99
N VAL A 27 -8.99 -1.84 3.20
CA VAL A 27 -8.16 -1.88 2.00
C VAL A 27 -9.03 -2.22 0.79
N SER A 28 -10.24 -1.69 0.79
CA SER A 28 -11.16 -1.93 -0.30
C SER A 28 -12.31 -0.93 -0.25
N THR A 29 -12.01 0.26 0.25
CA THR A 29 -13.00 1.31 0.37
C THR A 29 -12.47 2.62 -0.24
N ALA A 30 -13.40 3.46 -0.64
CA ALA A 30 -13.05 4.73 -1.25
C ALA A 30 -12.81 5.76 -0.14
N GLU A 31 -13.73 5.78 0.82
CA GLU A 31 -13.62 6.70 1.94
C GLU A 31 -12.65 6.16 2.99
N GLY A 32 -12.77 4.86 3.23
CA GLY A 32 -11.91 4.20 4.21
C GLY A 32 -10.43 4.43 3.88
N ILE A 33 -10.07 4.11 2.65
CA ILE A 33 -8.70 4.27 2.21
C ILE A 33 -8.30 5.73 2.34
N ALA A 34 -9.18 6.62 1.88
CA ALA A 34 -8.92 8.04 1.96
C ALA A 34 -8.62 8.42 3.41
N SER A 35 -9.05 7.57 4.32
CA SER A 35 -8.84 7.80 5.74
C SER A 35 -7.50 7.21 6.18
N TRP A 36 -6.69 6.88 5.18
CA TRP A 36 -5.38 6.30 5.45
C TRP A 36 -4.66 6.11 4.12
N PHE A 37 -4.72 7.15 3.29
CA PHE A 37 -4.08 7.11 1.99
C PHE A 37 -4.10 8.49 1.32
N MET A 38 -5.29 8.90 0.92
CA MET A 38 -5.46 10.18 0.27
C MET A 38 -6.84 10.31 -0.36
N PRO A 39 -7.21 11.57 -0.71
CA PRO A 39 -8.50 11.84 -1.33
C PRO A 39 -8.50 11.38 -2.80
N ASN A 40 -9.40 10.45 -3.08
CA ASN A 40 -9.53 9.92 -4.43
C ASN A 40 -10.88 9.23 -4.59
N ASP A 41 -11.05 8.56 -5.71
CA ASP A 41 -12.29 7.85 -5.99
C ASP A 41 -11.98 6.38 -6.28
N PHE A 42 -11.54 5.69 -5.23
CA PHE A 42 -11.21 4.29 -5.35
C PHE A 42 -12.21 3.56 -6.25
N VAL A 43 -11.75 2.47 -6.86
CA VAL A 43 -12.60 1.69 -7.74
C VAL A 43 -12.13 0.23 -7.71
N LEU A 44 -13.00 -0.62 -7.17
CA LEU A 44 -12.70 -2.03 -7.07
C LEU A 44 -13.06 -2.72 -8.40
N GLU A 45 -12.22 -2.48 -9.39
CA GLU A 45 -12.44 -3.06 -10.71
C GLU A 45 -11.11 -3.23 -11.44
N VAL A 46 -10.89 -4.45 -11.92
CA VAL A 46 -9.66 -4.76 -12.65
C VAL A 46 -9.59 -3.90 -13.90
N GLY A 47 -8.42 -3.30 -14.10
CA GLY A 47 -8.21 -2.45 -15.26
C GLY A 47 -8.78 -1.05 -15.02
N HIS A 48 -9.32 -0.86 -13.83
CA HIS A 48 -9.91 0.43 -13.47
C HIS A 48 -8.90 1.23 -12.64
N GLU A 49 -8.86 2.53 -12.93
CA GLU A 49 -7.95 3.42 -12.24
C GLU A 49 -8.72 4.52 -11.52
N PHE A 50 -8.07 5.14 -10.55
CA PHE A 50 -8.69 6.21 -9.79
C PHE A 50 -7.72 7.37 -9.57
N HIS A 51 -8.22 8.57 -9.77
CA HIS A 51 -7.41 9.77 -9.61
C HIS A 51 -7.34 10.14 -8.12
N VAL A 52 -6.19 10.64 -7.72
CA VAL A 52 -5.98 11.03 -6.34
C VAL A 52 -5.31 12.41 -6.31
N GLN A 53 -5.32 13.01 -5.12
CA GLN A 53 -4.72 14.32 -4.95
C GLN A 53 -3.54 14.23 -3.98
N SER A 54 -2.36 14.01 -4.55
CA SER A 54 -1.16 13.90 -3.75
C SER A 54 -0.48 15.27 -3.62
N PRO A 55 0.34 15.41 -2.55
CA PRO A 55 1.04 16.66 -2.32
C PRO A 55 2.22 16.83 -3.28
N PHE A 56 2.48 15.76 -4.02
CA PHE A 56 3.57 15.77 -4.99
C PHE A 56 3.05 15.60 -6.42
N GLY A 57 2.08 16.43 -6.77
CA GLY A 57 1.49 16.39 -8.09
C GLY A 57 0.43 15.28 -8.18
N PRO A 58 -0.33 15.31 -9.30
CA PRO A 58 -1.37 14.31 -9.53
C PRO A 58 -0.76 12.96 -9.92
N SER A 59 -1.07 11.96 -9.10
CA SER A 59 -0.56 10.61 -9.35
C SER A 59 -1.68 9.59 -9.13
N PRO A 60 -2.32 9.18 -10.26
CA PRO A 60 -3.40 8.21 -10.20
C PRO A 60 -2.85 6.80 -9.96
N CYS A 61 -3.77 5.84 -9.94
CA CYS A 61 -3.40 4.46 -9.72
C CYS A 61 -4.34 3.57 -10.53
N LYS A 62 -3.80 2.48 -11.03
CA LYS A 62 -4.58 1.54 -11.82
C LYS A 62 -4.54 0.16 -11.15
N VAL A 63 -5.73 -0.36 -10.86
CA VAL A 63 -5.86 -1.65 -10.22
C VAL A 63 -5.18 -2.71 -11.10
N LEU A 64 -4.45 -3.60 -10.44
CA LEU A 64 -3.75 -4.65 -11.15
C LEU A 64 -4.52 -5.96 -10.99
N GLU A 65 -4.74 -6.34 -9.74
CA GLU A 65 -5.46 -7.57 -9.45
C GLU A 65 -6.50 -7.32 -8.34
N ILE A 66 -7.50 -8.18 -8.32
CA ILE A 66 -8.57 -8.07 -7.33
C ILE A 66 -8.84 -9.44 -6.73
N ASP A 67 -8.90 -9.47 -5.41
CA ASP A 67 -9.16 -10.71 -4.69
C ASP A 67 -9.49 -10.40 -3.24
N GLU A 68 -10.72 -9.96 -3.03
CA GLU A 68 -11.18 -9.62 -1.69
C GLU A 68 -10.80 -10.73 -0.71
N PRO A 69 -11.15 -11.98 -1.08
CA PRO A 69 -10.86 -13.14 -0.26
C PRO A 69 -9.38 -13.50 -0.33
N ASN A 70 -8.54 -12.50 -0.05
CA ASN A 70 -7.11 -12.70 -0.08
C ASN A 70 -6.40 -11.34 -0.01
N HIS A 71 -6.47 -10.62 -1.10
CA HIS A 71 -5.86 -9.29 -1.17
C HIS A 71 -6.05 -8.71 -2.58
N LEU A 72 -5.38 -7.60 -2.82
CA LEU A 72 -5.47 -6.93 -4.10
C LEU A 72 -4.15 -6.21 -4.39
N SER A 73 -4.02 -5.74 -5.62
CA SER A 73 -2.82 -5.04 -6.05
C SER A 73 -3.19 -3.89 -6.98
N PHE A 74 -2.36 -2.86 -6.95
CA PHE A 74 -2.59 -1.69 -7.79
C PHE A 74 -1.27 -0.95 -8.05
N SER A 75 -1.17 -0.40 -9.25
CA SER A 75 0.01 0.34 -9.65
C SER A 75 -0.21 1.84 -9.44
N TRP A 76 0.88 2.54 -9.18
CA TRP A 76 0.81 3.98 -8.98
C TRP A 76 1.24 4.67 -10.28
N ASP A 77 0.29 5.35 -10.89
CA ASP A 77 0.56 6.06 -12.13
C ASP A 77 1.46 7.27 -11.84
N THR A 78 1.80 7.97 -12.91
CA THR A 78 2.65 9.14 -12.79
C THR A 78 3.73 8.92 -11.73
N ASP A 79 4.19 7.67 -11.65
CA ASP A 79 5.21 7.31 -10.70
C ASP A 79 5.82 5.96 -11.09
N GLY A 80 5.06 4.90 -10.83
CA GLY A 80 5.51 3.56 -11.16
C GLY A 80 5.79 2.75 -9.90
N TRP A 81 4.93 2.96 -8.90
CA TRP A 81 5.08 2.26 -7.63
C TRP A 81 3.92 1.27 -7.50
N VAL A 82 4.23 0.12 -6.92
CA VAL A 82 3.23 -0.91 -6.73
C VAL A 82 3.06 -1.19 -5.23
N VAL A 83 1.81 -1.16 -4.81
CA VAL A 83 1.50 -1.41 -3.41
C VAL A 83 0.41 -2.48 -3.30
N SER A 84 0.70 -3.50 -2.52
CA SER A 84 -0.25 -4.59 -2.32
C SER A 84 -0.32 -4.96 -0.84
N PHE A 85 -1.55 -5.02 -0.35
CA PHE A 85 -1.79 -5.36 1.05
C PHE A 85 -2.38 -6.76 1.17
N ASP A 86 -1.60 -7.64 1.77
CA ASP A 86 -2.04 -9.01 1.97
C ASP A 86 -2.98 -9.08 3.17
N LEU A 87 -3.80 -10.13 3.19
CA LEU A 87 -4.74 -10.32 4.27
C LEU A 87 -4.83 -11.80 4.61
N LYS A 88 -4.48 -12.12 5.85
CA LYS A 88 -4.51 -13.50 6.31
C LYS A 88 -5.49 -13.62 7.48
N ASP A 89 -6.37 -14.60 7.38
CA ASP A 89 -7.37 -14.83 8.41
C ASP A 89 -6.73 -15.64 9.55
N LEU A 90 -6.38 -14.93 10.61
CA LEU A 90 -5.77 -15.56 11.77
C LEU A 90 -6.86 -16.13 12.67
N GLY A 91 -7.89 -15.34 12.87
CA GLY A 91 -9.01 -15.76 13.70
C GLY A 91 -9.06 -14.94 14.99
N ASP A 92 -9.93 -15.37 15.90
CA ASP A 92 -10.10 -14.70 17.17
C ASP A 92 -10.24 -13.19 16.93
N ASN A 93 -10.91 -12.86 15.84
CA ASN A 93 -11.13 -11.47 15.48
C ASN A 93 -9.78 -10.79 15.26
N LYS A 94 -8.86 -11.56 14.68
CA LYS A 94 -7.53 -11.04 14.40
C LYS A 94 -7.13 -11.42 12.97
N THR A 95 -6.41 -10.50 12.33
CA THR A 95 -5.97 -10.72 10.97
C THR A 95 -4.55 -10.19 10.77
N GLU A 96 -3.77 -10.92 10.00
CA GLU A 96 -2.39 -10.54 9.73
C GLU A 96 -2.34 -9.58 8.54
N PHE A 97 -2.00 -8.33 8.84
CA PHE A 97 -1.89 -7.32 7.81
C PHE A 97 -0.45 -7.13 7.34
N THR A 98 -0.24 -7.39 6.06
CA THR A 98 1.09 -7.26 5.49
C THR A 98 1.06 -6.32 4.28
N LEU A 99 1.58 -5.12 4.49
CA LEU A 99 1.62 -4.12 3.43
C LEU A 99 2.98 -4.18 2.73
N ILE A 100 2.92 -4.34 1.43
CA ILE A 100 4.13 -4.41 0.62
C ILE A 100 4.04 -3.41 -0.53
N HIS A 101 5.08 -2.60 -0.65
CA HIS A 101 5.13 -1.61 -1.71
C HIS A 101 6.47 -1.69 -2.43
N GLY A 102 6.42 -2.21 -3.65
CA GLY A 102 7.61 -2.36 -4.45
C GLY A 102 7.62 -1.37 -5.63
N GLY A 103 8.52 -1.61 -6.56
CA GLY A 103 8.63 -0.74 -7.72
C GLY A 103 10.09 -0.40 -8.01
N TRP A 104 10.88 -0.38 -6.94
CA TRP A 104 12.30 -0.07 -7.07
C TRP A 104 13.06 -1.38 -7.16
N LYS A 105 14.34 -1.27 -7.51
CA LYS A 105 15.19 -2.44 -7.64
C LYS A 105 16.54 -2.15 -6.98
N HIS A 106 17.30 -1.28 -7.61
CA HIS A 106 18.61 -0.92 -7.10
C HIS A 106 18.51 0.40 -6.32
N PRO A 107 19.39 0.52 -5.29
CA PRO A 107 19.41 1.72 -4.47
C PRO A 107 20.07 2.89 -5.21
N ASP A 108 21.12 2.56 -5.94
CA ASP A 108 21.85 3.57 -6.69
C ASP A 108 20.95 4.11 -7.80
N GLU A 109 20.18 3.22 -8.40
CA GLU A 109 19.28 3.59 -9.47
C GLU A 109 18.29 4.66 -8.98
N ILE A 110 17.93 5.55 -9.90
CA ILE A 110 16.99 6.62 -9.56
C ILE A 110 15.76 6.50 -10.46
N LEU A 111 14.73 7.25 -10.10
CA LEU A 111 13.48 7.24 -10.86
C LEU A 111 13.25 8.63 -11.45
N PRO A 112 12.59 8.64 -12.64
CA PRO A 112 12.30 9.89 -13.32
C PRO A 112 11.15 10.63 -12.63
N LYS A 113 10.07 9.90 -12.42
CA LYS A 113 8.90 10.48 -11.77
C LYS A 113 9.02 10.30 -10.25
N ALA A 114 10.20 10.60 -9.75
CA ALA A 114 10.46 10.48 -8.33
C ALA A 114 11.76 11.20 -7.98
N ASN A 115 12.82 10.84 -8.71
CA ASN A 115 14.12 11.44 -8.49
C ASN A 115 14.59 11.15 -7.07
N ALA A 116 15.85 11.44 -6.82
CA ALA A 116 16.44 11.21 -5.51
C ALA A 116 16.70 9.72 -5.34
N LYS A 117 17.66 9.41 -4.46
CA LYS A 117 18.02 8.03 -4.20
C LYS A 117 16.75 7.23 -3.90
N SER A 118 16.48 6.25 -4.76
CA SER A 118 15.32 5.41 -4.60
C SER A 118 15.20 4.93 -3.15
N SER A 119 16.36 4.83 -2.51
CA SER A 119 16.41 4.38 -1.12
C SER A 119 15.79 5.45 -0.22
N ILE A 120 16.07 6.70 -0.55
CA ILE A 120 15.55 7.81 0.23
C ILE A 120 14.02 7.79 0.19
N ILE A 121 13.49 7.65 -1.02
CA ILE A 121 12.05 7.61 -1.22
C ILE A 121 11.48 6.38 -0.49
N ARG A 122 12.15 5.26 -0.70
CA ARG A 122 11.72 4.01 -0.09
C ARG A 122 11.67 4.16 1.42
N ASP A 123 12.75 4.70 1.98
CA ASP A 123 12.83 4.90 3.41
C ASP A 123 11.79 5.93 3.84
N ARG A 124 11.80 7.06 3.16
CA ARG A 124 10.86 8.13 3.46
C ARG A 124 9.43 7.60 3.43
N MET A 125 9.10 6.93 2.33
CA MET A 125 7.76 6.37 2.17
C MET A 125 7.48 5.32 3.25
N SER A 126 8.45 4.45 3.45
CA SER A 126 8.32 3.39 4.44
C SER A 126 8.08 4.00 5.82
N GLY A 127 8.91 4.97 6.16
CA GLY A 127 8.81 5.65 7.44
C GLY A 127 7.37 6.12 7.69
N GLY A 128 6.91 7.01 6.82
CA GLY A 128 5.56 7.54 6.94
C GLY A 128 4.52 6.43 6.82
N TRP A 129 4.90 5.39 6.09
CA TRP A 129 4.01 4.25 5.89
C TRP A 129 3.87 3.51 7.23
N VAL A 130 5.00 3.39 7.91
CA VAL A 130 5.02 2.71 9.19
C VAL A 130 4.05 3.40 10.16
N ALA A 131 4.24 4.71 10.29
CA ALA A 131 3.40 5.50 11.16
C ALA A 131 1.95 5.44 10.67
N ILE A 132 1.78 5.75 9.39
CA ILE A 132 0.47 5.72 8.79
C ILE A 132 -0.18 4.36 9.02
N VAL A 133 0.64 3.32 8.89
CA VAL A 133 0.15 1.97 9.09
C VAL A 133 -0.28 1.79 10.55
N ASN A 134 0.42 2.51 11.43
CA ASN A 134 0.13 2.43 12.85
C ASN A 134 -0.36 3.81 13.33
N GLU A 135 -1.20 4.43 12.51
CA GLU A 135 -1.74 5.73 12.84
C GLU A 135 -3.19 5.85 12.33
N LYS A 136 -3.35 5.57 11.05
CA LYS A 136 -4.67 5.64 10.43
C LYS A 136 -5.19 4.23 10.20
N LEU A 137 -4.41 3.45 9.46
CA LEU A 137 -4.79 2.09 9.15
C LEU A 137 -5.43 1.45 10.39
N LYS A 138 -4.62 1.25 11.41
CA LYS A 138 -5.10 0.65 12.64
C LYS A 138 -6.38 1.38 13.09
N LYS A 139 -6.26 2.70 13.21
CA LYS A 139 -7.39 3.50 13.62
C LYS A 139 -8.62 3.11 12.81
N VAL A 140 -8.43 2.99 11.51
CA VAL A 140 -9.51 2.61 10.62
C VAL A 140 -10.07 1.25 11.05
N VAL A 141 -9.18 0.28 11.11
CA VAL A 141 -9.56 -1.07 11.50
C VAL A 141 -10.24 -1.03 12.86
N GLU A 142 -9.53 -0.49 13.84
CA GLU A 142 -10.06 -0.38 15.19
C GLU A 142 -11.37 0.40 15.18
N GLY A 143 -11.42 1.40 14.31
CA GLY A 143 -12.62 2.22 14.19
C GLY A 143 -13.84 1.38 13.83
N MET A 1 16.46 -17.21 0.94
CA MET A 1 16.95 -16.46 2.08
C MET A 1 18.47 -16.30 2.01
N GLU A 2 18.91 -15.31 1.24
CA GLU A 2 20.32 -15.04 1.08
C GLU A 2 20.54 -13.80 0.23
N GLN A 3 20.10 -12.67 0.78
CA GLN A 3 20.24 -11.40 0.07
C GLN A 3 19.56 -11.47 -1.30
N GLN A 4 19.38 -10.31 -1.89
CA GLN A 4 18.74 -10.22 -3.20
C GLN A 4 19.50 -9.25 -4.10
N ASN A 5 19.17 -9.29 -5.38
CA ASN A 5 19.81 -8.42 -6.35
C ASN A 5 18.88 -7.25 -6.69
N THR A 6 17.71 -7.28 -6.06
CA THR A 6 16.72 -6.24 -6.28
C THR A 6 16.33 -5.59 -4.96
N LEU A 7 15.93 -4.33 -5.05
CA LEU A 7 15.52 -3.58 -3.87
C LEU A 7 14.41 -4.35 -3.14
N ASN A 8 14.70 -4.70 -1.90
CA ASN A 8 13.73 -5.43 -1.09
C ASN A 8 12.40 -4.70 -1.11
N ASP A 9 11.36 -5.41 -0.69
CA ASP A 9 10.03 -4.85 -0.66
C ASP A 9 9.72 -4.35 0.76
N ILE A 10 9.08 -3.19 0.83
CA ILE A 10 8.73 -2.60 2.10
C ILE A 10 7.62 -3.43 2.75
N LYS A 11 8.02 -4.45 3.49
CA LYS A 11 7.07 -5.32 4.16
C LYS A 11 6.67 -4.69 5.50
N GLN A 12 5.47 -5.03 5.94
CA GLN A 12 4.95 -4.50 7.20
C GLN A 12 3.92 -5.47 7.79
N THR A 13 4.45 -6.52 8.40
CA THR A 13 3.59 -7.52 9.02
C THR A 13 3.09 -7.04 10.38
N ILE A 14 1.78 -6.94 10.49
CA ILE A 14 1.17 -6.49 11.74
C ILE A 14 -0.19 -7.17 11.90
N VAL A 15 -0.59 -7.33 13.16
CA VAL A 15 -1.86 -7.97 13.46
C VAL A 15 -2.82 -6.92 14.03
N PHE A 16 -4.02 -6.91 13.49
CA PHE A 16 -5.04 -5.97 13.93
C PHE A 16 -6.20 -6.69 14.63
N ASN A 17 -6.85 -5.97 15.52
CA ASN A 17 -7.98 -6.53 16.26
C ASN A 17 -9.25 -6.39 15.43
N ALA A 18 -9.26 -7.10 14.30
CA ALA A 18 -10.40 -7.06 13.41
C ALA A 18 -10.42 -8.35 12.57
N SER A 19 -11.36 -8.39 11.63
CA SER A 19 -11.50 -9.55 10.77
C SER A 19 -10.99 -9.22 9.37
N ILE A 20 -10.49 -10.25 8.70
CA ILE A 20 -9.96 -10.08 7.35
C ILE A 20 -10.97 -9.28 6.52
N GLN A 21 -12.24 -9.64 6.67
CA GLN A 21 -13.29 -8.96 5.93
C GLN A 21 -13.34 -7.48 6.31
N LYS A 22 -13.00 -7.21 7.56
CA LYS A 22 -12.99 -5.84 8.05
C LYS A 22 -11.77 -5.11 7.49
N VAL A 23 -10.62 -5.71 7.70
CA VAL A 23 -9.37 -5.13 7.22
C VAL A 23 -9.46 -4.91 5.71
N TRP A 24 -10.04 -5.89 5.03
CA TRP A 24 -10.19 -5.82 3.60
C TRP A 24 -11.04 -4.59 3.27
N SER A 25 -12.12 -4.44 4.01
CA SER A 25 -13.01 -3.31 3.81
C SER A 25 -12.24 -2.00 3.94
N VAL A 26 -11.22 -2.03 4.79
CA VAL A 26 -10.40 -0.85 5.02
C VAL A 26 -9.41 -0.70 3.85
N VAL A 27 -9.42 -1.70 2.97
CA VAL A 27 -8.54 -1.68 1.83
C VAL A 27 -9.29 -2.23 0.61
N SER A 28 -10.50 -1.70 0.41
CA SER A 28 -11.32 -2.13 -0.71
C SER A 28 -12.60 -1.29 -0.77
N THR A 29 -12.45 -0.02 -0.44
CA THR A 29 -13.57 0.90 -0.44
C THR A 29 -13.11 2.31 -0.81
N ALA A 30 -14.05 3.25 -0.76
CA ALA A 30 -13.75 4.63 -1.09
C ALA A 30 -13.71 5.45 0.20
N GLU A 31 -14.64 5.14 1.09
CA GLU A 31 -14.72 5.84 2.36
C GLU A 31 -13.68 5.27 3.35
N GLY A 32 -13.59 3.95 3.35
CA GLY A 32 -12.66 3.28 4.23
C GLY A 32 -11.20 3.62 3.86
N ILE A 33 -10.91 3.48 2.58
CA ILE A 33 -9.58 3.77 2.08
C ILE A 33 -9.28 5.26 2.25
N ALA A 34 -10.21 6.08 1.75
CA ALA A 34 -10.05 7.51 1.84
C ALA A 34 -9.90 7.92 3.31
N SER A 35 -10.31 7.02 4.19
CA SER A 35 -10.23 7.26 5.61
C SER A 35 -8.77 7.45 6.03
N TRP A 36 -7.88 7.10 5.12
CA TRP A 36 -6.46 7.23 5.38
C TRP A 36 -5.76 7.53 4.05
N PHE A 37 -5.80 6.56 3.16
CA PHE A 37 -5.19 6.71 1.85
C PHE A 37 -5.27 8.17 1.38
N MET A 38 -6.48 8.58 1.08
CA MET A 38 -6.72 9.94 0.61
C MET A 38 -8.06 10.06 -0.11
N PRO A 39 -8.43 11.32 -0.43
CA PRO A 39 -9.69 11.58 -1.12
C PRO A 39 -9.60 11.20 -2.59
N ASN A 40 -10.36 10.18 -2.96
CA ASN A 40 -10.36 9.70 -4.32
C ASN A 40 -11.65 8.89 -4.56
N ASP A 41 -11.74 8.33 -5.77
CA ASP A 41 -12.89 7.53 -6.14
C ASP A 41 -12.45 6.10 -6.43
N PHE A 42 -11.85 5.48 -5.42
CA PHE A 42 -11.38 4.12 -5.56
C PHE A 42 -12.40 3.26 -6.30
N VAL A 43 -11.88 2.25 -6.99
CA VAL A 43 -12.73 1.35 -7.75
C VAL A 43 -12.20 -0.08 -7.60
N LEU A 44 -13.14 -1.00 -7.40
CA LEU A 44 -12.79 -2.40 -7.23
C LEU A 44 -12.93 -3.12 -8.58
N GLU A 45 -12.09 -2.72 -9.51
CA GLU A 45 -12.11 -3.31 -10.84
C GLU A 45 -10.68 -3.47 -11.38
N VAL A 46 -10.44 -4.60 -12.01
CA VAL A 46 -9.13 -4.87 -12.58
C VAL A 46 -8.89 -3.95 -13.78
N GLY A 47 -7.68 -3.39 -13.80
CA GLY A 47 -7.31 -2.49 -14.88
C GLY A 47 -8.28 -1.29 -14.96
N HIS A 48 -8.87 -0.99 -13.81
CA HIS A 48 -9.80 0.12 -13.73
C HIS A 48 -9.11 1.33 -13.11
N GLU A 49 -8.39 2.06 -13.94
CA GLU A 49 -7.68 3.25 -13.49
C GLU A 49 -8.68 4.35 -13.10
N PHE A 50 -8.21 5.24 -12.25
CA PHE A 50 -9.04 6.34 -11.80
C PHE A 50 -8.18 7.56 -11.42
N HIS A 51 -8.84 8.55 -10.83
CA HIS A 51 -8.17 9.76 -10.42
C HIS A 51 -8.11 9.82 -8.89
N VAL A 52 -7.06 10.47 -8.40
CA VAL A 52 -6.88 10.61 -6.95
C VAL A 52 -6.41 12.03 -6.65
N GLN A 53 -6.51 12.39 -5.38
CA GLN A 53 -6.10 13.71 -4.93
C GLN A 53 -4.88 13.60 -4.01
N SER A 54 -3.91 14.45 -4.29
CA SER A 54 -2.68 14.47 -3.49
C SER A 54 -2.35 15.90 -3.07
N PRO A 55 -1.59 16.01 -1.95
CA PRO A 55 -1.20 17.31 -1.43
C PRO A 55 -0.08 17.92 -2.28
N PHE A 56 0.32 17.17 -3.30
CA PHE A 56 1.38 17.63 -4.18
C PHE A 56 0.83 17.91 -5.59
N GLY A 57 0.12 16.92 -6.12
CA GLY A 57 -0.46 17.05 -7.44
C GLY A 57 -1.39 15.87 -7.75
N PRO A 58 -1.91 15.87 -9.01
CA PRO A 58 -2.81 14.81 -9.44
C PRO A 58 -2.03 13.53 -9.73
N SER A 59 -2.25 12.53 -8.88
CA SER A 59 -1.58 11.25 -9.03
C SER A 59 -2.61 10.12 -8.99
N PRO A 60 -3.01 9.67 -10.22
CA PRO A 60 -3.99 8.60 -10.33
C PRO A 60 -3.35 7.25 -10.01
N CYS A 61 -4.20 6.22 -10.02
CA CYS A 61 -3.73 4.87 -9.73
C CYS A 61 -4.39 3.91 -10.71
N LYS A 62 -3.90 2.68 -10.70
CA LYS A 62 -4.44 1.66 -11.59
C LYS A 62 -4.37 0.29 -10.89
N VAL A 63 -5.54 -0.27 -10.62
CA VAL A 63 -5.62 -1.55 -9.97
C VAL A 63 -5.05 -2.63 -10.90
N LEU A 64 -4.17 -3.44 -10.33
CA LEU A 64 -3.54 -4.51 -11.08
C LEU A 64 -4.26 -5.82 -10.80
N GLU A 65 -4.30 -6.18 -9.53
CA GLU A 65 -4.96 -7.40 -9.11
C GLU A 65 -6.03 -7.10 -8.05
N ILE A 66 -7.07 -7.92 -8.06
CA ILE A 66 -8.16 -7.77 -7.10
C ILE A 66 -8.58 -9.13 -6.58
N ASP A 67 -8.36 -9.33 -5.29
CA ASP A 67 -8.71 -10.59 -4.65
C ASP A 67 -9.16 -10.31 -3.21
N GLU A 68 -10.41 -9.89 -3.09
CA GLU A 68 -10.97 -9.60 -1.78
C GLU A 68 -10.61 -10.70 -0.78
N PRO A 69 -10.89 -11.97 -1.20
CA PRO A 69 -10.60 -13.11 -0.36
C PRO A 69 -9.10 -13.41 -0.33
N ASN A 70 -8.34 -12.39 0.01
CA ASN A 70 -6.88 -12.53 0.08
C ASN A 70 -6.25 -11.14 0.21
N HIS A 71 -6.25 -10.43 -0.92
CA HIS A 71 -5.67 -9.09 -0.94
C HIS A 71 -5.86 -8.49 -2.34
N LEU A 72 -5.14 -7.39 -2.57
CA LEU A 72 -5.21 -6.71 -3.85
C LEU A 72 -3.93 -5.91 -4.07
N SER A 73 -3.77 -5.42 -5.29
CA SER A 73 -2.60 -4.63 -5.64
C SER A 73 -3.00 -3.50 -6.60
N PHE A 74 -2.19 -2.45 -6.58
CA PHE A 74 -2.43 -1.31 -7.43
C PHE A 74 -1.15 -0.50 -7.67
N SER A 75 -1.13 0.18 -8.81
CA SER A 75 0.03 0.98 -9.17
C SER A 75 -0.22 2.46 -8.84
N TRP A 76 0.85 3.21 -8.82
CA TRP A 76 0.76 4.64 -8.52
C TRP A 76 1.29 5.42 -9.73
N ASP A 77 0.37 6.14 -10.37
CA ASP A 77 0.73 6.93 -11.54
C ASP A 77 1.55 8.15 -11.10
N THR A 78 2.06 8.85 -12.08
CA THR A 78 2.87 10.04 -11.81
C THR A 78 3.86 9.76 -10.68
N ASP A 79 4.46 8.59 -10.72
CA ASP A 79 5.42 8.19 -9.71
C ASP A 79 6.25 7.02 -10.23
N GLY A 80 5.67 5.83 -10.10
CA GLY A 80 6.34 4.62 -10.55
C GLY A 80 6.58 3.66 -9.39
N TRP A 81 5.59 3.62 -8.50
CA TRP A 81 5.68 2.75 -7.34
C TRP A 81 4.51 1.76 -7.40
N VAL A 82 4.49 0.85 -6.44
CA VAL A 82 3.43 -0.15 -6.38
C VAL A 82 3.20 -0.54 -4.92
N VAL A 83 1.93 -0.55 -4.53
CA VAL A 83 1.57 -0.91 -3.17
C VAL A 83 0.70 -2.17 -3.20
N SER A 84 1.13 -3.17 -2.44
CA SER A 84 0.41 -4.43 -2.37
C SER A 84 0.16 -4.80 -0.91
N PHE A 85 -1.12 -5.02 -0.60
CA PHE A 85 -1.50 -5.38 0.75
C PHE A 85 -1.69 -6.90 0.88
N ASP A 86 -1.84 -7.35 2.12
CA ASP A 86 -2.03 -8.76 2.38
C ASP A 86 -2.96 -8.92 3.59
N LEU A 87 -3.69 -10.04 3.60
CA LEU A 87 -4.61 -10.32 4.67
C LEU A 87 -4.63 -11.83 4.94
N LYS A 88 -4.63 -12.18 6.22
CA LYS A 88 -4.65 -13.58 6.61
C LYS A 88 -5.70 -13.77 7.72
N ASP A 89 -6.62 -14.68 7.45
CA ASP A 89 -7.67 -14.98 8.40
C ASP A 89 -7.08 -15.74 9.60
N LEU A 90 -6.76 -14.98 10.64
CA LEU A 90 -6.19 -15.57 11.83
C LEU A 90 -7.31 -16.06 12.74
N GLY A 91 -8.33 -15.22 12.90
CA GLY A 91 -9.46 -15.57 13.74
C GLY A 91 -9.53 -14.68 14.97
N ASP A 92 -10.40 -15.05 15.88
CA ASP A 92 -10.57 -14.29 17.12
C ASP A 92 -10.71 -12.80 16.78
N ASN A 93 -11.37 -12.55 15.66
CA ASN A 93 -11.59 -11.18 15.21
C ASN A 93 -10.24 -10.51 14.97
N LYS A 94 -9.30 -11.31 14.48
CA LYS A 94 -7.96 -10.81 14.19
C LYS A 94 -7.55 -11.25 12.79
N THR A 95 -6.70 -10.43 12.18
CA THR A 95 -6.21 -10.73 10.84
C THR A 95 -4.78 -10.22 10.66
N GLU A 96 -4.00 -11.02 9.96
CA GLU A 96 -2.60 -10.67 9.72
C GLU A 96 -2.49 -9.74 8.51
N PHE A 97 -2.08 -8.51 8.79
CA PHE A 97 -1.94 -7.51 7.74
C PHE A 97 -0.46 -7.29 7.39
N THR A 98 -0.16 -7.44 6.11
CA THR A 98 1.20 -7.27 5.64
C THR A 98 1.22 -6.36 4.41
N LEU A 99 1.73 -5.15 4.61
CA LEU A 99 1.82 -4.18 3.54
C LEU A 99 3.15 -4.35 2.80
N ILE A 100 3.05 -4.45 1.49
CA ILE A 100 4.24 -4.62 0.66
C ILE A 100 4.24 -3.55 -0.44
N HIS A 101 5.39 -2.90 -0.58
CA HIS A 101 5.55 -1.86 -1.59
C HIS A 101 6.79 -2.14 -2.42
N GLY A 102 6.67 -1.91 -3.72
CA GLY A 102 7.78 -2.11 -4.64
C GLY A 102 7.59 -1.30 -5.92
N GLY A 103 8.62 -1.35 -6.76
CA GLY A 103 8.58 -0.63 -8.02
C GLY A 103 10.00 -0.32 -8.51
N TRP A 104 10.91 -0.23 -7.56
CA TRP A 104 12.30 0.05 -7.89
C TRP A 104 12.89 -1.18 -8.57
N LYS A 105 14.21 -1.21 -8.63
CA LYS A 105 14.92 -2.32 -9.25
C LYS A 105 16.22 -2.59 -8.49
N HIS A 106 17.22 -1.78 -8.79
CA HIS A 106 18.51 -1.91 -8.14
C HIS A 106 18.79 -0.68 -7.29
N PRO A 107 19.38 -0.94 -6.09
CA PRO A 107 19.70 0.14 -5.16
C PRO A 107 20.92 0.93 -5.65
N ASP A 108 20.65 2.02 -6.35
CA ASP A 108 21.72 2.86 -6.86
C ASP A 108 21.14 3.83 -7.90
N GLU A 109 20.25 3.29 -8.73
CA GLU A 109 19.62 4.09 -9.77
C GLU A 109 18.52 4.97 -9.17
N ILE A 110 18.28 6.08 -9.83
CA ILE A 110 17.25 7.01 -9.38
C ILE A 110 16.07 6.98 -10.36
N LEU A 111 14.92 7.40 -9.85
CA LEU A 111 13.71 7.43 -10.66
C LEU A 111 13.58 8.80 -11.33
N PRO A 112 12.93 8.80 -12.52
CA PRO A 112 12.73 10.03 -13.26
C PRO A 112 11.64 10.90 -12.62
N LYS A 113 10.44 10.33 -12.56
CA LYS A 113 9.31 11.04 -11.98
C LYS A 113 9.50 11.10 -10.46
N ALA A 114 9.83 9.96 -9.89
CA ALA A 114 10.04 9.87 -8.45
C ALA A 114 11.13 10.86 -8.03
N ASN A 115 12.33 10.62 -8.54
CA ASN A 115 13.46 11.48 -8.23
C ASN A 115 14.03 11.09 -6.85
N ALA A 116 15.17 11.68 -6.54
CA ALA A 116 15.82 11.42 -5.27
C ALA A 116 16.27 9.96 -5.23
N LYS A 117 17.25 9.70 -4.36
CA LYS A 117 17.78 8.36 -4.22
C LYS A 117 16.64 7.38 -3.97
N SER A 118 16.67 6.27 -4.69
CA SER A 118 15.66 5.25 -4.55
C SER A 118 15.61 4.73 -3.12
N SER A 119 16.81 4.43 -2.60
CA SER A 119 16.92 3.93 -1.24
C SER A 119 16.39 4.97 -0.26
N ILE A 120 16.68 6.22 -0.55
CA ILE A 120 16.24 7.31 0.30
C ILE A 120 14.71 7.33 0.36
N ILE A 121 14.12 7.30 -0.82
CA ILE A 121 12.66 7.31 -0.93
C ILE A 121 12.10 6.03 -0.29
N ARG A 122 12.76 4.92 -0.60
CA ARG A 122 12.34 3.64 -0.07
C ARG A 122 12.25 3.69 1.45
N ASP A 123 13.27 4.30 2.04
CA ASP A 123 13.33 4.41 3.50
C ASP A 123 12.29 5.45 3.96
N ARG A 124 12.31 6.60 3.31
CA ARG A 124 11.39 7.67 3.64
C ARG A 124 9.94 7.16 3.56
N MET A 125 9.62 6.56 2.42
CA MET A 125 8.29 6.02 2.21
C MET A 125 7.94 4.98 3.27
N SER A 126 8.96 4.30 3.75
CA SER A 126 8.78 3.28 4.76
C SER A 126 8.45 3.93 6.11
N GLY A 127 9.30 4.86 6.50
CA GLY A 127 9.11 5.56 7.76
C GLY A 127 7.68 6.11 7.88
N GLY A 128 7.15 6.54 6.74
CA GLY A 128 5.82 7.08 6.71
C GLY A 128 4.77 5.96 6.58
N TRP A 129 5.14 4.95 5.81
CA TRP A 129 4.25 3.81 5.60
C TRP A 129 4.08 3.10 6.95
N VAL A 130 5.20 2.82 7.59
CA VAL A 130 5.19 2.14 8.87
C VAL A 130 4.32 2.94 9.85
N ALA A 131 4.50 4.25 9.82
CA ALA A 131 3.74 5.12 10.71
C ALA A 131 2.28 5.14 10.26
N ILE A 132 2.09 5.41 8.97
CA ILE A 132 0.75 5.46 8.41
C ILE A 132 0.03 4.14 8.71
N VAL A 133 0.78 3.06 8.63
CA VAL A 133 0.23 1.74 8.88
C VAL A 133 -0.18 1.64 10.36
N ASN A 134 0.59 2.33 11.20
CA ASN A 134 0.32 2.32 12.63
C ASN A 134 -0.03 3.74 13.08
N GLU A 135 -0.85 4.41 12.27
CA GLU A 135 -1.27 5.76 12.57
C GLU A 135 -2.72 5.97 12.16
N LYS A 136 -2.98 5.75 10.88
CA LYS A 136 -4.32 5.91 10.35
C LYS A 136 -4.97 4.54 10.20
N LEU A 137 -4.42 3.75 9.30
CA LEU A 137 -4.93 2.41 9.06
C LEU A 137 -5.39 1.80 10.38
N LYS A 138 -4.46 1.71 11.31
CA LYS A 138 -4.75 1.15 12.62
C LYS A 138 -6.03 1.79 13.17
N LYS A 139 -6.01 3.11 13.24
CA LYS A 139 -7.16 3.85 13.74
C LYS A 139 -8.39 3.51 12.90
N VAL A 140 -8.17 3.39 11.60
CA VAL A 140 -9.25 3.06 10.69
C VAL A 140 -9.87 1.73 11.09
N VAL A 141 -9.02 0.73 11.20
CA VAL A 141 -9.46 -0.61 11.58
C VAL A 141 -9.98 -0.58 13.02
N GLU A 142 -9.09 -0.14 13.92
CA GLU A 142 -9.44 -0.06 15.33
C GLU A 142 -10.68 0.81 15.51
N GLY A 143 -10.95 1.64 14.52
CA GLY A 143 -12.10 2.52 14.56
C GLY A 143 -13.39 1.76 14.23
N MET A 1 23.57 -19.44 1.49
CA MET A 1 22.37 -19.96 2.14
C MET A 1 21.24 -18.93 2.13
N GLU A 2 20.47 -18.96 1.05
CA GLU A 2 19.36 -18.04 0.91
C GLU A 2 19.88 -16.60 0.80
N GLN A 3 19.97 -16.13 -0.44
CA GLN A 3 20.43 -14.78 -0.69
C GLN A 3 19.32 -13.93 -1.30
N GLN A 4 19.58 -12.63 -1.39
CA GLN A 4 18.62 -11.71 -1.95
C GLN A 4 19.24 -10.91 -3.10
N ASN A 5 18.39 -10.19 -3.81
CA ASN A 5 18.85 -9.38 -4.93
C ASN A 5 17.98 -8.12 -5.04
N THR A 6 18.43 -7.20 -5.86
CA THR A 6 17.70 -5.95 -6.07
C THR A 6 17.27 -5.37 -4.72
N LEU A 7 16.46 -4.32 -4.80
CA LEU A 7 15.97 -3.66 -3.61
C LEU A 7 14.93 -4.55 -2.93
N ASN A 8 14.87 -4.44 -1.61
CA ASN A 8 13.93 -5.22 -0.82
C ASN A 8 12.54 -4.58 -0.92
N ASP A 9 11.54 -5.35 -0.50
CA ASP A 9 10.17 -4.88 -0.54
C ASP A 9 9.76 -4.41 0.86
N ILE A 10 9.30 -3.17 0.91
CA ILE A 10 8.87 -2.58 2.17
C ILE A 10 7.73 -3.41 2.75
N LYS A 11 8.09 -4.45 3.48
CA LYS A 11 7.10 -5.34 4.09
C LYS A 11 6.78 -4.82 5.49
N GLN A 12 5.48 -4.76 5.77
CA GLN A 12 5.02 -4.29 7.06
C GLN A 12 4.04 -5.29 7.68
N THR A 13 4.60 -6.32 8.30
CA THR A 13 3.78 -7.34 8.93
C THR A 13 3.30 -6.88 10.29
N ILE A 14 1.99 -6.82 10.43
CA ILE A 14 1.38 -6.41 11.70
C ILE A 14 0.02 -7.09 11.85
N VAL A 15 -0.39 -7.22 13.11
CA VAL A 15 -1.68 -7.84 13.41
C VAL A 15 -2.60 -6.81 14.04
N PHE A 16 -3.84 -6.81 13.58
CA PHE A 16 -4.84 -5.88 14.09
C PHE A 16 -6.05 -6.64 14.66
N ASN A 17 -6.80 -5.94 15.50
CA ASN A 17 -7.98 -6.52 16.11
C ASN A 17 -9.17 -6.37 15.16
N ALA A 18 -9.16 -7.19 14.13
CA ALA A 18 -10.23 -7.16 13.14
C ALA A 18 -10.24 -8.49 12.37
N SER A 19 -11.10 -8.54 11.36
CA SER A 19 -11.22 -9.73 10.54
C SER A 19 -10.77 -9.42 9.11
N ILE A 20 -10.26 -10.45 8.44
CA ILE A 20 -9.79 -10.29 7.08
C ILE A 20 -10.84 -9.53 6.26
N GLN A 21 -12.09 -9.75 6.64
CA GLN A 21 -13.21 -9.09 5.96
C GLN A 21 -13.20 -7.59 6.25
N LYS A 22 -13.07 -7.27 7.53
CA LYS A 22 -13.04 -5.88 7.95
C LYS A 22 -11.79 -5.20 7.40
N VAL A 23 -10.65 -5.82 7.69
CA VAL A 23 -9.37 -5.29 7.23
C VAL A 23 -9.43 -5.09 5.71
N TRP A 24 -10.14 -6.01 5.05
CA TRP A 24 -10.27 -5.95 3.61
C TRP A 24 -11.08 -4.70 3.26
N SER A 25 -12.21 -4.55 3.94
CA SER A 25 -13.07 -3.41 3.71
C SER A 25 -12.28 -2.11 3.89
N VAL A 26 -11.32 -2.17 4.80
CA VAL A 26 -10.48 -1.01 5.08
C VAL A 26 -9.50 -0.81 3.93
N VAL A 27 -9.47 -1.78 3.04
CA VAL A 27 -8.58 -1.72 1.90
C VAL A 27 -9.32 -2.20 0.64
N SER A 28 -10.56 -1.72 0.52
CA SER A 28 -11.38 -2.09 -0.62
C SER A 28 -12.59 -1.16 -0.71
N THR A 29 -12.34 0.12 -0.43
CA THR A 29 -13.39 1.11 -0.49
C THR A 29 -12.84 2.45 -0.98
N ALA A 30 -13.71 3.45 -0.98
CA ALA A 30 -13.33 4.77 -1.43
C ALA A 30 -13.09 5.67 -0.21
N GLU A 31 -13.98 5.53 0.77
CA GLU A 31 -13.87 6.31 1.99
C GLU A 31 -12.83 5.70 2.94
N GLY A 32 -12.90 4.39 3.05
CA GLY A 32 -11.97 3.67 3.91
C GLY A 32 -10.51 4.03 3.58
N ILE A 33 -10.20 3.92 2.30
CA ILE A 33 -8.85 4.22 1.83
C ILE A 33 -8.54 5.70 2.12
N ALA A 34 -9.47 6.55 1.71
CA ALA A 34 -9.30 7.97 1.91
C ALA A 34 -9.04 8.25 3.39
N SER A 35 -9.42 7.29 4.22
CA SER A 35 -9.24 7.41 5.65
C SER A 35 -7.78 7.14 6.01
N TRP A 36 -7.00 6.81 5.00
CA TRP A 36 -5.59 6.52 5.19
C TRP A 36 -4.96 6.30 3.82
N PHE A 37 -4.93 7.37 3.03
CA PHE A 37 -4.36 7.31 1.69
C PHE A 37 -4.48 8.65 0.98
N MET A 38 -5.72 9.06 0.73
CA MET A 38 -5.99 10.32 0.07
C MET A 38 -7.40 10.35 -0.51
N PRO A 39 -7.84 11.58 -0.89
CA PRO A 39 -9.16 11.76 -1.45
C PRO A 39 -9.23 11.26 -2.90
N ASN A 40 -10.07 10.26 -3.12
CA ASN A 40 -10.22 9.69 -4.43
C ASN A 40 -11.53 8.89 -4.49
N ASP A 41 -11.83 8.37 -5.68
CA ASP A 41 -13.04 7.60 -5.87
C ASP A 41 -12.66 6.14 -6.20
N PHE A 42 -12.08 5.48 -5.21
CA PHE A 42 -11.68 4.09 -5.37
C PHE A 42 -12.69 3.32 -6.22
N VAL A 43 -12.18 2.31 -6.91
CA VAL A 43 -13.03 1.49 -7.76
C VAL A 43 -12.50 0.06 -7.76
N LEU A 44 -13.34 -0.85 -7.30
CA LEU A 44 -12.96 -2.26 -7.25
C LEU A 44 -13.25 -2.91 -8.61
N GLU A 45 -12.38 -2.63 -9.56
CA GLU A 45 -12.53 -3.18 -10.90
C GLU A 45 -11.16 -3.37 -11.55
N VAL A 46 -11.00 -4.55 -12.14
CA VAL A 46 -9.74 -4.88 -12.80
C VAL A 46 -9.57 -4.00 -14.03
N GLY A 47 -8.35 -3.48 -14.18
CA GLY A 47 -8.04 -2.61 -15.30
C GLY A 47 -8.82 -1.30 -15.23
N HIS A 48 -9.34 -1.03 -14.04
CA HIS A 48 -10.11 0.18 -13.81
C HIS A 48 -9.32 1.13 -12.91
N GLU A 49 -8.97 2.28 -13.47
CA GLU A 49 -8.21 3.28 -12.74
C GLU A 49 -9.12 4.46 -12.36
N PHE A 50 -8.71 5.17 -11.33
CA PHE A 50 -9.46 6.32 -10.86
C PHE A 50 -8.55 7.53 -10.67
N HIS A 51 -9.19 8.67 -10.42
CA HIS A 51 -8.45 9.91 -10.23
C HIS A 51 -8.34 10.20 -8.73
N VAL A 52 -7.20 10.76 -8.35
CA VAL A 52 -6.96 11.11 -6.96
C VAL A 52 -6.62 12.60 -6.85
N GLN A 53 -6.63 13.09 -5.62
CA GLN A 53 -6.32 14.48 -5.37
C GLN A 53 -5.24 14.61 -4.30
N SER A 54 -4.12 15.18 -4.70
CA SER A 54 -3.00 15.37 -3.80
C SER A 54 -2.60 16.84 -3.75
N PRO A 55 -1.94 17.23 -2.62
CA PRO A 55 -1.50 18.60 -2.45
C PRO A 55 -0.27 18.89 -3.31
N PHE A 56 0.22 17.86 -3.97
CA PHE A 56 1.38 17.98 -4.83
C PHE A 56 0.98 17.95 -6.31
N GLY A 57 0.34 16.87 -6.69
CA GLY A 57 -0.11 16.69 -8.06
C GLY A 57 -1.10 15.54 -8.18
N PRO A 58 -1.73 15.44 -9.38
CA PRO A 58 -2.69 14.39 -9.64
C PRO A 58 -2.00 13.05 -9.86
N SER A 59 -2.40 12.06 -9.06
CA SER A 59 -1.81 10.74 -9.15
C SER A 59 -2.91 9.68 -9.05
N PRO A 60 -3.36 9.22 -10.25
CA PRO A 60 -4.42 8.20 -10.30
C PRO A 60 -3.87 6.82 -9.93
N CYS A 61 -4.78 5.88 -9.79
CA CYS A 61 -4.40 4.52 -9.43
C CYS A 61 -5.05 3.57 -10.44
N LYS A 62 -4.36 2.47 -10.71
CA LYS A 62 -4.86 1.48 -11.64
C LYS A 62 -4.78 0.09 -11.00
N VAL A 63 -5.94 -0.42 -10.63
CA VAL A 63 -6.02 -1.73 -10.00
C VAL A 63 -5.35 -2.77 -10.92
N LEU A 64 -4.39 -3.48 -10.34
CA LEU A 64 -3.67 -4.50 -11.08
C LEU A 64 -4.39 -5.84 -10.92
N GLU A 65 -4.57 -6.24 -9.68
CA GLU A 65 -5.23 -7.49 -9.37
C GLU A 65 -6.28 -7.29 -8.28
N ILE A 66 -7.30 -8.13 -8.31
CA ILE A 66 -8.37 -8.06 -7.33
C ILE A 66 -8.63 -9.46 -6.76
N ASP A 67 -8.71 -9.52 -5.44
CA ASP A 67 -8.96 -10.78 -4.76
C ASP A 67 -9.36 -10.50 -3.31
N GLU A 68 -10.60 -10.05 -3.14
CA GLU A 68 -11.10 -9.75 -1.82
C GLU A 68 -10.73 -10.86 -0.84
N PRO A 69 -11.05 -12.13 -1.25
CA PRO A 69 -10.75 -13.28 -0.42
C PRO A 69 -9.25 -13.60 -0.44
N ASN A 70 -8.46 -12.59 -0.12
CA ASN A 70 -7.01 -12.77 -0.11
C ASN A 70 -6.35 -11.40 0.02
N HIS A 71 -6.39 -10.65 -1.08
CA HIS A 71 -5.79 -9.32 -1.10
C HIS A 71 -5.98 -8.70 -2.49
N LEU A 72 -5.36 -7.55 -2.67
CA LEU A 72 -5.44 -6.84 -3.94
C LEU A 72 -4.24 -5.91 -4.08
N SER A 73 -3.86 -5.67 -5.33
CA SER A 73 -2.74 -4.80 -5.62
C SER A 73 -3.15 -3.69 -6.58
N PHE A 74 -2.36 -2.63 -6.59
CA PHE A 74 -2.64 -1.49 -7.46
C PHE A 74 -1.37 -0.71 -7.75
N SER A 75 -1.31 -0.17 -8.96
CA SER A 75 -0.16 0.60 -9.39
C SER A 75 -0.37 2.08 -9.05
N TRP A 76 0.75 2.79 -8.91
CA TRP A 76 0.70 4.20 -8.59
C TRP A 76 1.32 4.97 -9.76
N ASP A 77 0.68 6.08 -10.09
CA ASP A 77 1.16 6.92 -11.18
C ASP A 77 2.32 7.78 -10.68
N THR A 78 2.84 8.60 -11.59
CA THR A 78 3.95 9.48 -11.25
C THR A 78 4.92 8.77 -10.32
N ASP A 79 5.22 7.52 -10.66
CA ASP A 79 6.14 6.73 -9.86
C ASP A 79 5.86 5.24 -10.10
N GLY A 80 6.81 4.60 -10.76
CA GLY A 80 6.68 3.18 -11.07
C GLY A 80 6.82 2.34 -9.79
N TRP A 81 6.02 2.68 -8.79
CA TRP A 81 6.05 1.96 -7.53
C TRP A 81 4.68 1.32 -7.33
N VAL A 82 4.71 0.06 -6.93
CA VAL A 82 3.49 -0.69 -6.70
C VAL A 82 3.27 -0.85 -5.19
N VAL A 83 2.00 -0.85 -4.81
CA VAL A 83 1.64 -0.98 -3.40
C VAL A 83 0.48 -1.98 -3.28
N SER A 84 0.73 -3.03 -2.51
CA SER A 84 -0.27 -4.06 -2.29
C SER A 84 -0.34 -4.43 -0.82
N PHE A 85 -1.54 -4.76 -0.37
CA PHE A 85 -1.76 -5.14 1.02
C PHE A 85 -2.31 -6.56 1.12
N ASP A 86 -1.48 -7.44 1.68
CA ASP A 86 -1.86 -8.83 1.85
C ASP A 86 -2.69 -8.98 3.13
N LEU A 87 -3.59 -9.94 3.11
CA LEU A 87 -4.44 -10.19 4.26
C LEU A 87 -4.35 -11.67 4.63
N LYS A 88 -4.34 -11.92 5.93
CA LYS A 88 -4.26 -13.29 6.44
C LYS A 88 -5.36 -13.52 7.47
N ASP A 89 -6.07 -14.62 7.31
CA ASP A 89 -7.14 -14.96 8.22
C ASP A 89 -6.57 -15.66 9.45
N LEU A 90 -6.48 -14.90 10.53
CA LEU A 90 -5.95 -15.43 11.78
C LEU A 90 -7.10 -15.94 12.65
N GLY A 91 -8.15 -15.13 12.72
CA GLY A 91 -9.32 -15.48 13.50
C GLY A 91 -9.38 -14.66 14.79
N ASP A 92 -10.29 -15.06 15.67
CA ASP A 92 -10.47 -14.36 16.93
C ASP A 92 -10.56 -12.85 16.68
N ASN A 93 -11.18 -12.52 15.55
CA ASN A 93 -11.34 -11.12 15.18
C ASN A 93 -9.96 -10.49 14.99
N LYS A 94 -9.04 -11.29 14.47
CA LYS A 94 -7.68 -10.82 14.23
C LYS A 94 -7.26 -11.21 12.82
N THR A 95 -6.41 -10.37 12.24
CA THR A 95 -5.91 -10.61 10.90
C THR A 95 -4.50 -10.04 10.73
N GLU A 96 -3.69 -10.78 9.99
CA GLU A 96 -2.32 -10.36 9.75
C GLU A 96 -2.24 -9.47 8.51
N PHE A 97 -1.75 -8.26 8.71
CA PHE A 97 -1.62 -7.32 7.61
C PHE A 97 -0.16 -7.17 7.18
N THR A 98 0.05 -7.24 5.87
CA THR A 98 1.39 -7.12 5.33
C THR A 98 1.39 -6.13 4.16
N LEU A 99 1.97 -4.96 4.40
CA LEU A 99 2.05 -3.93 3.39
C LEU A 99 3.35 -4.09 2.61
N ILE A 100 3.20 -4.32 1.30
CA ILE A 100 4.35 -4.49 0.43
C ILE A 100 4.30 -3.44 -0.68
N HIS A 101 5.32 -2.59 -0.68
CA HIS A 101 5.41 -1.54 -1.67
C HIS A 101 6.77 -1.62 -2.38
N GLY A 102 6.72 -2.05 -3.63
CA GLY A 102 7.93 -2.17 -4.42
C GLY A 102 7.75 -1.54 -5.80
N GLY A 103 8.57 -2.00 -6.74
CA GLY A 103 8.51 -1.49 -8.10
C GLY A 103 9.90 -1.16 -8.63
N TRP A 104 10.75 -0.71 -7.71
CA TRP A 104 12.12 -0.36 -8.06
C TRP A 104 12.76 -1.58 -8.72
N LYS A 105 14.00 -1.39 -9.18
CA LYS A 105 14.73 -2.46 -9.82
C LYS A 105 16.08 -2.63 -9.13
N HIS A 106 16.93 -1.62 -9.29
CA HIS A 106 18.25 -1.65 -8.69
C HIS A 106 18.47 -0.37 -7.87
N PRO A 107 19.14 -0.55 -6.69
CA PRO A 107 19.42 0.58 -5.83
C PRO A 107 20.56 1.43 -6.38
N ASP A 108 21.63 0.75 -6.75
CA ASP A 108 22.80 1.43 -7.30
C ASP A 108 22.35 2.45 -8.34
N GLU A 109 21.20 2.17 -8.94
CA GLU A 109 20.64 3.04 -9.95
C GLU A 109 19.51 3.90 -9.36
N ILE A 110 19.31 5.05 -9.97
CA ILE A 110 18.27 5.96 -9.52
C ILE A 110 17.04 5.83 -10.43
N LEU A 111 15.89 6.18 -9.87
CA LEU A 111 14.65 6.11 -10.61
C LEU A 111 14.23 7.52 -11.03
N PRO A 112 13.62 7.60 -12.24
CA PRO A 112 13.15 8.88 -12.76
C PRO A 112 11.88 9.33 -12.05
N LYS A 113 11.41 10.51 -12.43
CA LYS A 113 10.21 11.07 -11.85
C LYS A 113 10.26 10.89 -10.32
N ALA A 114 11.47 10.84 -9.80
CA ALA A 114 11.67 10.67 -8.38
C ALA A 114 13.10 11.05 -8.01
N ASN A 115 14.05 10.39 -8.66
CA ASN A 115 15.45 10.66 -8.42
C ASN A 115 15.79 10.31 -6.97
N ALA A 116 17.00 10.67 -6.57
CA ALA A 116 17.45 10.40 -5.22
C ALA A 116 17.56 8.89 -5.01
N LYS A 117 18.54 8.50 -4.21
CA LYS A 117 18.76 7.10 -3.91
C LYS A 117 17.44 6.47 -3.44
N SER A 118 16.96 5.51 -4.23
CA SER A 118 15.73 4.83 -3.91
C SER A 118 15.76 4.33 -2.46
N SER A 119 16.89 3.75 -2.09
CA SER A 119 17.07 3.24 -0.74
C SER A 119 16.62 4.29 0.28
N ILE A 120 16.78 5.55 -0.10
CA ILE A 120 16.40 6.64 0.77
C ILE A 120 14.89 6.87 0.68
N ILE A 121 14.41 6.95 -0.56
CA ILE A 121 13.00 7.15 -0.81
C ILE A 121 12.20 6.09 -0.07
N ARG A 122 12.59 4.84 -0.28
CA ARG A 122 11.92 3.73 0.37
C ARG A 122 12.04 3.82 1.89
N ASP A 123 13.13 4.44 2.32
CA ASP A 123 13.38 4.61 3.74
C ASP A 123 12.45 5.70 4.29
N ARG A 124 12.38 6.80 3.56
CA ARG A 124 11.52 7.91 3.97
C ARG A 124 10.05 7.47 3.98
N MET A 125 9.65 6.87 2.86
CA MET A 125 8.27 6.40 2.73
C MET A 125 7.97 5.31 3.75
N SER A 126 8.89 4.38 3.87
CA SER A 126 8.73 3.28 4.81
C SER A 126 8.38 3.82 6.20
N GLY A 127 9.22 4.74 6.67
CA GLY A 127 9.00 5.34 7.97
C GLY A 127 7.59 5.92 8.08
N GLY A 128 7.15 6.55 7.00
CA GLY A 128 5.84 7.16 6.97
C GLY A 128 4.75 6.08 6.81
N TRP A 129 5.08 5.05 6.07
CA TRP A 129 4.15 3.95 5.84
C TRP A 129 3.95 3.22 7.16
N VAL A 130 5.06 3.03 7.87
CA VAL A 130 5.02 2.34 9.15
C VAL A 130 4.11 3.10 10.11
N ALA A 131 4.31 4.41 10.16
CA ALA A 131 3.51 5.25 11.03
C ALA A 131 2.07 5.30 10.50
N ILE A 132 1.96 5.61 9.22
CA ILE A 132 0.65 5.70 8.58
C ILE A 132 -0.08 4.37 8.76
N VAL A 133 0.70 3.29 8.72
CA VAL A 133 0.13 1.96 8.87
C VAL A 133 -0.29 1.75 10.32
N ASN A 134 0.41 2.44 11.22
CA ASN A 134 0.11 2.34 12.63
C ASN A 134 -0.34 3.70 13.15
N GLU A 135 -1.09 4.40 12.32
CA GLU A 135 -1.58 5.72 12.69
C GLU A 135 -3.02 5.91 12.19
N LYS A 136 -3.20 5.66 10.91
CA LYS A 136 -4.52 5.80 10.30
C LYS A 136 -5.14 4.41 10.13
N LEU A 137 -4.54 3.64 9.25
CA LEU A 137 -5.02 2.29 8.99
C LEU A 137 -5.52 1.66 10.29
N LYS A 138 -4.63 1.64 11.27
CA LYS A 138 -4.98 1.08 12.57
C LYS A 138 -6.27 1.72 13.07
N LYS A 139 -6.25 3.05 13.12
CA LYS A 139 -7.42 3.79 13.58
C LYS A 139 -8.62 3.44 12.71
N VAL A 140 -8.35 3.21 11.43
CA VAL A 140 -9.39 2.86 10.49
C VAL A 140 -10.00 1.51 10.89
N VAL A 141 -9.14 0.53 11.01
CA VAL A 141 -9.57 -0.81 11.39
C VAL A 141 -10.12 -0.78 12.81
N GLU A 142 -9.27 -0.34 13.73
CA GLU A 142 -9.65 -0.26 15.13
C GLU A 142 -10.90 0.59 15.29
N GLY A 143 -10.98 1.63 14.48
CA GLY A 143 -12.12 2.54 14.52
C GLY A 143 -13.43 1.78 14.26
N MET A 1 28.26 -16.36 5.92
CA MET A 1 27.70 -17.33 4.98
C MET A 1 27.49 -16.68 3.61
N GLU A 2 26.73 -15.60 3.59
CA GLU A 2 26.46 -14.89 2.36
C GLU A 2 25.94 -13.48 2.65
N GLN A 3 25.85 -12.69 1.59
CA GLN A 3 25.37 -11.31 1.73
C GLN A 3 24.10 -11.12 0.91
N GLN A 4 23.46 -9.98 1.12
CA GLN A 4 22.24 -9.65 0.41
C GLN A 4 22.55 -8.83 -0.83
N ASN A 5 21.64 -8.89 -1.79
CA ASN A 5 21.80 -8.15 -3.03
C ASN A 5 20.45 -7.59 -3.47
N THR A 6 20.52 -6.55 -4.29
CA THR A 6 19.31 -5.91 -4.79
C THR A 6 18.50 -5.33 -3.63
N LEU A 7 17.45 -4.61 -3.99
CA LEU A 7 16.59 -3.98 -3.00
C LEU A 7 15.53 -4.98 -2.56
N ASN A 8 14.82 -4.62 -1.49
CA ASN A 8 13.76 -5.47 -0.97
C ASN A 8 12.45 -4.70 -0.97
N ASP A 9 11.38 -5.41 -0.63
CA ASP A 9 10.06 -4.83 -0.60
C ASP A 9 9.74 -4.37 0.82
N ILE A 10 9.21 -3.16 0.92
CA ILE A 10 8.85 -2.60 2.22
C ILE A 10 7.72 -3.43 2.83
N LYS A 11 8.10 -4.51 3.50
CA LYS A 11 7.14 -5.38 4.13
C LYS A 11 6.76 -4.81 5.50
N GLN A 12 5.48 -4.89 5.82
CA GLN A 12 4.98 -4.39 7.08
C GLN A 12 3.97 -5.37 7.68
N THR A 13 4.52 -6.33 8.43
CA THR A 13 3.68 -7.34 9.06
C THR A 13 3.22 -6.85 10.45
N ILE A 14 1.90 -6.79 10.60
CA ILE A 14 1.33 -6.35 11.87
C ILE A 14 -0.01 -7.05 12.08
N VAL A 15 -0.37 -7.19 13.35
CA VAL A 15 -1.63 -7.84 13.70
C VAL A 15 -2.60 -6.79 14.26
N PHE A 16 -3.73 -6.67 13.60
CA PHE A 16 -4.75 -5.72 14.02
C PHE A 16 -5.98 -6.43 14.58
N ASN A 17 -6.64 -5.76 15.50
CA ASN A 17 -7.83 -6.32 16.12
C ASN A 17 -9.03 -6.15 15.18
N ALA A 18 -9.05 -6.98 14.15
CA ALA A 18 -10.13 -6.94 13.18
C ALA A 18 -10.15 -8.24 12.39
N SER A 19 -11.12 -8.32 11.48
CA SER A 19 -11.26 -9.52 10.64
C SER A 19 -10.76 -9.22 9.23
N ILE A 20 -10.30 -10.28 8.56
CA ILE A 20 -9.80 -10.14 7.21
C ILE A 20 -10.73 -9.23 6.40
N GLN A 21 -11.96 -9.69 6.27
CA GLN A 21 -12.96 -8.93 5.53
C GLN A 21 -13.04 -7.50 6.05
N LYS A 22 -12.72 -7.36 7.34
CA LYS A 22 -12.76 -6.05 7.98
C LYS A 22 -11.59 -5.21 7.46
N VAL A 23 -10.40 -5.75 7.60
CA VAL A 23 -9.20 -5.07 7.15
C VAL A 23 -9.26 -4.88 5.64
N TRP A 24 -9.84 -5.87 4.97
CA TRP A 24 -9.97 -5.83 3.52
C TRP A 24 -10.79 -4.58 3.16
N SER A 25 -11.91 -4.43 3.85
CA SER A 25 -12.78 -3.29 3.61
C SER A 25 -11.99 -1.99 3.74
N VAL A 26 -10.99 -2.03 4.60
CA VAL A 26 -10.15 -0.86 4.83
C VAL A 26 -9.20 -0.68 3.64
N VAL A 27 -9.21 -1.67 2.76
CA VAL A 27 -8.35 -1.64 1.59
C VAL A 27 -9.15 -2.14 0.37
N SER A 28 -10.34 -1.59 0.23
CA SER A 28 -11.21 -1.97 -0.88
C SER A 28 -12.45 -1.08 -0.91
N THR A 29 -12.25 0.16 -0.51
CA THR A 29 -13.34 1.12 -0.48
C THR A 29 -12.85 2.50 -0.95
N ALA A 30 -13.79 3.44 -0.97
CA ALA A 30 -13.47 4.80 -1.38
C ALA A 30 -13.30 5.69 -0.15
N GLU A 31 -14.23 5.53 0.78
CA GLU A 31 -14.19 6.31 2.01
C GLU A 31 -13.21 5.68 3.01
N GLY A 32 -13.23 4.36 3.07
CA GLY A 32 -12.35 3.64 3.98
C GLY A 32 -10.90 4.03 3.73
N ILE A 33 -10.48 3.91 2.48
CA ILE A 33 -9.11 4.24 2.11
C ILE A 33 -8.88 5.74 2.34
N ALA A 34 -9.84 6.53 1.88
CA ALA A 34 -9.75 7.97 2.02
C ALA A 34 -9.52 8.32 3.49
N SER A 35 -9.85 7.37 4.35
CA SER A 35 -9.69 7.56 5.78
C SER A 35 -8.26 7.21 6.20
N TRP A 36 -7.42 7.01 5.19
CA TRP A 36 -6.02 6.67 5.44
C TRP A 36 -5.31 6.60 4.09
N PHE A 37 -5.42 7.69 3.34
CA PHE A 37 -4.79 7.76 2.03
C PHE A 37 -5.04 9.12 1.38
N MET A 38 -6.30 9.34 0.99
CA MET A 38 -6.67 10.59 0.35
C MET A 38 -8.10 10.51 -0.21
N PRO A 39 -8.69 11.71 -0.43
CA PRO A 39 -10.04 11.78 -0.96
C PRO A 39 -10.06 11.46 -2.47
N ASN A 40 -10.77 10.39 -2.79
CA ASN A 40 -10.87 9.96 -4.18
C ASN A 40 -12.09 9.03 -4.33
N ASP A 41 -12.27 8.55 -5.54
CA ASP A 41 -13.38 7.65 -5.84
C ASP A 41 -12.83 6.29 -6.27
N PHE A 42 -12.42 5.51 -5.28
CA PHE A 42 -11.88 4.19 -5.54
C PHE A 42 -12.84 3.35 -6.38
N VAL A 43 -12.30 2.31 -6.98
CA VAL A 43 -13.10 1.43 -7.82
C VAL A 43 -12.52 0.01 -7.77
N LEU A 44 -13.35 -0.91 -7.33
CA LEU A 44 -12.93 -2.31 -7.23
C LEU A 44 -13.15 -3.00 -8.57
N GLU A 45 -12.41 -2.55 -9.57
CA GLU A 45 -12.52 -3.13 -10.90
C GLU A 45 -11.14 -3.23 -11.55
N VAL A 46 -10.88 -4.38 -12.14
CA VAL A 46 -9.61 -4.63 -12.80
C VAL A 46 -9.46 -3.65 -13.97
N GLY A 47 -8.23 -3.18 -14.14
CA GLY A 47 -7.93 -2.25 -15.21
C GLY A 47 -8.91 -1.06 -15.20
N HIS A 48 -9.46 -0.81 -14.03
CA HIS A 48 -10.41 0.28 -13.87
C HIS A 48 -9.72 1.46 -13.18
N GLU A 49 -8.85 2.12 -13.93
CA GLU A 49 -8.13 3.26 -13.41
C GLU A 49 -9.11 4.36 -12.96
N PHE A 50 -8.69 5.11 -11.96
CA PHE A 50 -9.50 6.18 -11.44
C PHE A 50 -8.66 7.43 -11.14
N HIS A 51 -9.33 8.44 -10.60
CA HIS A 51 -8.66 9.69 -10.27
C HIS A 51 -8.47 9.77 -8.75
N VAL A 52 -7.40 10.45 -8.36
CA VAL A 52 -7.09 10.61 -6.95
C VAL A 52 -6.67 12.06 -6.69
N GLN A 53 -6.71 12.44 -5.41
CA GLN A 53 -6.34 13.78 -5.02
C GLN A 53 -5.26 13.74 -3.93
N SER A 54 -4.09 14.25 -4.29
CA SER A 54 -2.97 14.27 -3.35
C SER A 54 -2.41 15.69 -3.25
N PRO A 55 -1.60 15.91 -2.18
CA PRO A 55 -0.99 17.21 -1.96
C PRO A 55 0.17 17.44 -2.92
N PHE A 56 0.81 16.34 -3.29
CA PHE A 56 1.94 16.42 -4.21
C PHE A 56 1.47 16.73 -5.63
N GLY A 57 0.35 16.14 -6.00
CA GLY A 57 -0.21 16.34 -7.33
C GLY A 57 -1.21 15.24 -7.68
N PRO A 58 -1.82 15.38 -8.89
CA PRO A 58 -2.79 14.41 -9.36
C PRO A 58 -2.10 13.13 -9.82
N SER A 59 -2.42 12.05 -9.11
CA SER A 59 -1.84 10.75 -9.44
C SER A 59 -2.92 9.67 -9.38
N PRO A 60 -3.45 9.32 -10.59
CA PRO A 60 -4.49 8.30 -10.68
C PRO A 60 -3.89 6.91 -10.51
N CYS A 61 -4.65 6.07 -9.81
CA CYS A 61 -4.22 4.71 -9.56
C CYS A 61 -4.97 3.77 -10.51
N LYS A 62 -4.44 2.58 -10.68
CA LYS A 62 -5.05 1.59 -11.55
C LYS A 62 -4.93 0.21 -10.91
N VAL A 63 -6.09 -0.36 -10.60
CA VAL A 63 -6.13 -1.68 -9.99
C VAL A 63 -5.42 -2.68 -10.90
N LEU A 64 -4.59 -3.51 -10.28
CA LEU A 64 -3.85 -4.51 -11.01
C LEU A 64 -4.54 -5.87 -10.87
N GLU A 65 -4.70 -6.28 -9.61
CA GLU A 65 -5.34 -7.55 -9.32
C GLU A 65 -6.41 -7.37 -8.23
N ILE A 66 -7.46 -8.15 -8.35
CA ILE A 66 -8.56 -8.09 -7.39
C ILE A 66 -8.77 -9.48 -6.77
N ASP A 67 -8.77 -9.51 -5.45
CA ASP A 67 -8.97 -10.76 -4.73
C ASP A 67 -9.34 -10.46 -3.29
N GLU A 68 -10.58 -10.02 -3.11
CA GLU A 68 -11.08 -9.69 -1.78
C GLU A 68 -10.68 -10.78 -0.78
N PRO A 69 -10.98 -12.05 -1.17
CA PRO A 69 -10.66 -13.19 -0.32
C PRO A 69 -9.16 -13.49 -0.35
N ASN A 70 -8.37 -12.47 -0.05
CA ASN A 70 -6.93 -12.61 -0.04
C ASN A 70 -6.28 -11.22 0.04
N HIS A 71 -6.34 -10.52 -1.09
CA HIS A 71 -5.77 -9.19 -1.16
C HIS A 71 -5.94 -8.64 -2.58
N LEU A 72 -5.29 -7.51 -2.83
CA LEU A 72 -5.36 -6.87 -4.13
C LEU A 72 -4.10 -6.02 -4.34
N SER A 73 -3.90 -5.62 -5.59
CA SER A 73 -2.75 -4.80 -5.93
C SER A 73 -3.18 -3.66 -6.85
N PHE A 74 -2.38 -2.60 -6.84
CA PHE A 74 -2.66 -1.43 -7.66
C PHE A 74 -1.39 -0.63 -7.93
N SER A 75 -1.39 0.03 -9.08
CA SER A 75 -0.23 0.84 -9.46
C SER A 75 -0.47 2.30 -9.07
N TRP A 76 0.63 3.04 -8.99
CA TRP A 76 0.55 4.44 -8.63
C TRP A 76 1.17 5.26 -9.77
N ASP A 77 0.42 6.23 -10.24
CA ASP A 77 0.88 7.08 -11.32
C ASP A 77 2.00 8.00 -10.81
N THR A 78 2.52 8.81 -11.71
CA THR A 78 3.59 9.73 -11.36
C THR A 78 4.54 9.09 -10.34
N ASP A 79 4.98 7.89 -10.66
CA ASP A 79 5.89 7.16 -9.79
C ASP A 79 5.76 5.66 -10.07
N GLY A 80 6.82 5.11 -10.66
CA GLY A 80 6.86 3.70 -10.98
C GLY A 80 6.94 2.84 -9.72
N TRP A 81 6.00 3.09 -8.81
CA TRP A 81 5.96 2.36 -7.56
C TRP A 81 4.63 1.61 -7.50
N VAL A 82 4.61 0.56 -6.69
CA VAL A 82 3.42 -0.26 -6.54
C VAL A 82 3.18 -0.52 -5.05
N VAL A 83 1.92 -0.40 -4.66
CA VAL A 83 1.53 -0.62 -3.28
C VAL A 83 0.44 -1.69 -3.22
N SER A 84 0.67 -2.69 -2.37
CA SER A 84 -0.29 -3.76 -2.22
C SER A 84 -0.44 -4.11 -0.72
N PHE A 85 -1.66 -4.49 -0.37
CA PHE A 85 -1.96 -4.85 1.01
C PHE A 85 -2.42 -6.31 1.10
N ASP A 86 -1.60 -7.11 1.74
CA ASP A 86 -1.92 -8.53 1.92
C ASP A 86 -2.70 -8.71 3.22
N LEU A 87 -3.54 -9.74 3.22
CA LEU A 87 -4.36 -10.04 4.39
C LEU A 87 -4.25 -11.53 4.71
N LYS A 88 -4.31 -11.83 5.99
CA LYS A 88 -4.23 -13.22 6.43
C LYS A 88 -5.19 -13.43 7.61
N ASP A 89 -6.19 -14.28 7.37
CA ASP A 89 -7.17 -14.57 8.39
C ASP A 89 -6.54 -15.44 9.47
N LEU A 90 -6.59 -14.94 10.70
CA LEU A 90 -6.03 -15.66 11.83
C LEU A 90 -7.16 -16.17 12.73
N GLY A 91 -8.12 -15.28 12.95
CA GLY A 91 -9.26 -15.63 13.79
C GLY A 91 -9.33 -14.72 15.02
N ASP A 92 -10.22 -15.08 15.93
CA ASP A 92 -10.40 -14.31 17.16
C ASP A 92 -10.57 -12.83 16.80
N ASN A 93 -11.15 -12.61 15.63
CA ASN A 93 -11.38 -11.25 15.17
C ASN A 93 -10.03 -10.56 14.93
N LYS A 94 -9.06 -11.36 14.51
CA LYS A 94 -7.74 -10.84 14.25
C LYS A 94 -7.29 -11.26 12.85
N THR A 95 -6.45 -10.43 12.25
CA THR A 95 -5.96 -10.70 10.91
C THR A 95 -4.55 -10.12 10.74
N GLU A 96 -3.71 -10.86 10.02
CA GLU A 96 -2.35 -10.44 9.77
C GLU A 96 -2.29 -9.53 8.54
N PHE A 97 -1.81 -8.32 8.75
CA PHE A 97 -1.70 -7.36 7.67
C PHE A 97 -0.24 -7.19 7.24
N THR A 98 -0.01 -7.38 5.94
CA THR A 98 1.33 -7.26 5.40
C THR A 98 1.32 -6.31 4.19
N LEU A 99 1.85 -5.12 4.41
CA LEU A 99 1.92 -4.13 3.35
C LEU A 99 3.24 -4.26 2.61
N ILE A 100 3.14 -4.24 1.28
CA ILE A 100 4.32 -4.36 0.44
C ILE A 100 4.32 -3.25 -0.61
N HIS A 101 5.42 -2.53 -0.67
CA HIS A 101 5.56 -1.43 -1.61
C HIS A 101 6.89 -1.55 -2.36
N GLY A 102 6.79 -1.85 -3.64
CA GLY A 102 7.98 -2.00 -4.47
C GLY A 102 7.92 -1.07 -5.68
N GLY A 103 8.78 -1.36 -6.65
CA GLY A 103 8.83 -0.57 -7.87
C GLY A 103 10.27 -0.33 -8.31
N TRP A 104 11.17 -0.35 -7.32
CA TRP A 104 12.58 -0.14 -7.60
C TRP A 104 13.20 -1.50 -7.94
N LYS A 105 14.51 -1.47 -8.15
CA LYS A 105 15.24 -2.69 -8.47
C LYS A 105 16.57 -2.70 -7.71
N HIS A 106 17.46 -1.83 -8.15
CA HIS A 106 18.77 -1.72 -7.52
C HIS A 106 18.82 -0.47 -6.63
N PRO A 107 19.65 -0.57 -5.56
CA PRO A 107 19.80 0.54 -4.63
C PRO A 107 20.65 1.66 -5.24
N ASP A 108 21.36 1.30 -6.30
CA ASP A 108 22.21 2.26 -6.98
C ASP A 108 21.38 3.05 -8.00
N GLU A 109 20.63 2.31 -8.81
CA GLU A 109 19.79 2.92 -9.82
C GLU A 109 18.86 3.95 -9.18
N ILE A 110 18.59 5.01 -9.92
CA ILE A 110 17.71 6.07 -9.45
C ILE A 110 16.51 6.18 -10.37
N LEU A 111 15.44 6.76 -9.84
CA LEU A 111 14.22 6.95 -10.61
C LEU A 111 14.27 8.28 -11.34
N PRO A 112 13.49 8.36 -12.46
CA PRO A 112 13.45 9.57 -13.25
C PRO A 112 12.62 10.66 -12.56
N LYS A 113 11.33 10.38 -12.44
CA LYS A 113 10.42 11.31 -11.80
C LYS A 113 10.97 11.71 -10.43
N ALA A 114 11.00 10.72 -9.54
CA ALA A 114 11.50 10.95 -8.20
C ALA A 114 12.88 11.60 -8.27
N ASN A 115 13.87 10.79 -8.60
CA ASN A 115 15.24 11.27 -8.71
C ASN A 115 15.86 11.34 -7.32
N ALA A 116 15.99 10.18 -6.70
CA ALA A 116 16.57 10.10 -5.37
C ALA A 116 16.98 8.65 -5.09
N LYS A 117 17.90 8.51 -4.15
CA LYS A 117 18.39 7.19 -3.78
C LYS A 117 17.19 6.29 -3.44
N SER A 118 17.05 5.23 -4.23
CA SER A 118 15.96 4.29 -4.03
C SER A 118 15.92 3.86 -2.57
N SER A 119 17.08 3.91 -1.93
CA SER A 119 17.18 3.52 -0.53
C SER A 119 16.65 4.63 0.37
N ILE A 120 17.11 5.84 0.08
CA ILE A 120 16.69 7.00 0.87
C ILE A 120 15.16 7.09 0.86
N ILE A 121 14.61 6.91 -0.34
CA ILE A 121 13.16 6.96 -0.50
C ILE A 121 12.52 5.78 0.23
N ARG A 122 13.19 4.64 0.13
CA ARG A 122 12.71 3.43 0.76
C ARG A 122 12.41 3.69 2.25
N ASP A 123 13.39 4.27 2.92
CA ASP A 123 13.25 4.58 4.33
C ASP A 123 12.16 5.63 4.52
N ARG A 124 12.27 6.69 3.73
CA ARG A 124 11.31 7.78 3.78
C ARG A 124 9.89 7.24 3.62
N MET A 125 9.70 6.48 2.55
CA MET A 125 8.40 5.90 2.27
C MET A 125 8.07 4.78 3.26
N SER A 126 9.11 4.06 3.65
CA SER A 126 8.94 2.97 4.60
C SER A 126 8.42 3.50 5.92
N GLY A 127 9.12 4.49 6.46
CA GLY A 127 8.74 5.09 7.72
C GLY A 127 7.30 5.62 7.66
N GLY A 128 7.10 6.59 6.78
CA GLY A 128 5.78 7.18 6.62
C GLY A 128 4.71 6.11 6.52
N TRP A 129 5.08 5.00 5.88
CA TRP A 129 4.15 3.90 5.70
C TRP A 129 3.99 3.19 7.06
N VAL A 130 5.11 3.08 7.77
CA VAL A 130 5.10 2.42 9.06
C VAL A 130 4.16 3.19 10.01
N ALA A 131 4.42 4.48 10.13
CA ALA A 131 3.62 5.33 10.99
C ALA A 131 2.17 5.30 10.50
N ILE A 132 2.01 5.60 9.21
CA ILE A 132 0.69 5.61 8.61
C ILE A 132 0.00 4.27 8.85
N VAL A 133 0.80 3.21 8.81
CA VAL A 133 0.28 1.88 9.02
C VAL A 133 -0.17 1.73 10.48
N ASN A 134 0.53 2.43 11.36
CA ASN A 134 0.22 2.38 12.77
C ASN A 134 -0.20 3.78 13.24
N GLU A 135 -0.98 4.44 12.39
CA GLU A 135 -1.45 5.78 12.70
C GLU A 135 -2.91 5.96 12.23
N LYS A 136 -3.12 5.65 10.96
CA LYS A 136 -4.44 5.76 10.38
C LYS A 136 -5.01 4.36 10.13
N LEU A 137 -4.33 3.62 9.28
CA LEU A 137 -4.75 2.27 8.95
C LEU A 137 -5.33 1.61 10.20
N LYS A 138 -4.49 1.51 11.21
CA LYS A 138 -4.90 0.89 12.47
C LYS A 138 -6.16 1.59 12.98
N LYS A 139 -6.05 2.90 13.15
CA LYS A 139 -7.18 3.69 13.63
C LYS A 139 -8.43 3.31 12.85
N VAL A 140 -8.29 3.33 11.53
CA VAL A 140 -9.41 2.99 10.66
C VAL A 140 -9.98 1.63 11.08
N VAL A 141 -9.10 0.64 11.10
CA VAL A 141 -9.51 -0.70 11.49
C VAL A 141 -10.10 -0.67 12.89
N GLU A 142 -9.30 -0.19 13.84
CA GLU A 142 -9.74 -0.09 15.22
C GLU A 142 -11.12 0.56 15.30
N GLY A 143 -11.26 1.66 14.57
CA GLY A 143 -12.51 2.40 14.55
C GLY A 143 -13.66 1.51 14.05
#